data_2MTP
#
_entry.id   2MTP
#
loop_
_entity.id
_entity.type
_entity.pdbx_description
1 polymer Filamin-A
2 polymer 'Integrin alpha-IIb'
3 polymer 'Integrin beta-3'
#
loop_
_entity_poly.entity_id
_entity_poly.type
_entity_poly.pdbx_seq_one_letter_code
_entity_poly.pdbx_strand_id
1 'polypeptide(L)'
;GGAHKVRAGGPGLERAEAGVPAEFSIWTREAGAGGLAIAVEGPSKAEISFEDRKDGSCGVAYVVQEPGDYEVSVKFNEEH
IPDSPFVVPVASPSG
;
A
2 'polypeptide(L)' WKVGFFKRNRPPLEEDDEEGE B
3 'polypeptide(L)' KKKITIHDRKEFAKFEEERARAKWDTANNPLYKEATSTFTNITYRGT C
#
# COMPACT_ATOMS: atom_id res chain seq x y z
N GLY A 1 15.83 -5.23 0.51
CA GLY A 1 14.43 -5.48 0.05
C GLY A 1 14.18 -6.98 -0.04
N GLY A 2 13.54 -7.42 -1.11
CA GLY A 2 13.25 -8.87 -1.28
C GLY A 2 11.81 -9.06 -1.75
N ALA A 3 11.42 -8.36 -2.78
CA ALA A 3 10.03 -8.49 -3.29
C ALA A 3 9.68 -9.98 -3.46
N HIS A 4 10.68 -10.83 -3.40
CA HIS A 4 10.43 -12.28 -3.57
C HIS A 4 10.08 -12.88 -2.20
N LYS A 5 10.84 -12.55 -1.19
CA LYS A 5 10.54 -13.08 0.16
C LYS A 5 9.33 -12.35 0.72
N VAL A 6 8.57 -11.72 -0.14
CA VAL A 6 7.39 -10.96 0.33
C VAL A 6 6.27 -11.93 0.74
N ARG A 7 5.59 -11.64 1.82
CA ARG A 7 4.45 -12.53 2.24
C ARG A 7 3.17 -11.92 1.68
N ALA A 8 2.26 -12.73 1.21
CA ALA A 8 1.00 -12.16 0.65
C ALA A 8 -0.11 -13.22 0.70
N GLY A 9 -1.19 -12.92 1.36
CA GLY A 9 -2.30 -13.90 1.43
C GLY A 9 -3.40 -13.35 2.35
N GLY A 10 -4.59 -13.87 2.23
CA GLY A 10 -5.70 -13.37 3.10
C GLY A 10 -7.05 -13.69 2.45
N PRO A 11 -8.10 -13.66 3.23
CA PRO A 11 -9.48 -13.95 2.73
C PRO A 11 -10.04 -12.77 1.93
N GLY A 12 -9.34 -11.65 1.95
CA GLY A 12 -9.83 -10.45 1.21
C GLY A 12 -9.14 -10.35 -0.15
N LEU A 13 -7.90 -10.76 -0.23
CA LEU A 13 -7.18 -10.66 -1.54
C LEU A 13 -7.82 -11.61 -2.54
N GLU A 14 -8.52 -12.62 -2.08
CA GLU A 14 -9.18 -13.56 -3.03
C GLU A 14 -10.53 -12.93 -3.44
N ARG A 15 -11.20 -12.35 -2.49
CA ARG A 15 -12.51 -11.69 -2.76
C ARG A 15 -13.06 -11.16 -1.45
N ALA A 16 -14.15 -10.45 -1.49
CA ALA A 16 -14.73 -9.91 -0.23
C ALA A 16 -16.20 -9.58 -0.45
N GLU A 17 -16.77 -8.73 0.37
CA GLU A 17 -18.21 -8.37 0.23
C GLU A 17 -18.33 -6.84 0.11
N ALA A 18 -19.36 -6.40 -0.55
CA ALA A 18 -19.57 -4.94 -0.71
C ALA A 18 -19.95 -4.33 0.64
N GLY A 19 -19.32 -3.25 1.02
CA GLY A 19 -19.66 -2.62 2.34
C GLY A 19 -19.17 -3.50 3.48
N VAL A 20 -18.12 -4.26 3.27
CA VAL A 20 -17.60 -5.16 4.35
C VAL A 20 -16.06 -5.04 4.43
N PRO A 21 -15.50 -4.69 5.58
CA PRO A 21 -14.03 -4.56 5.75
C PRO A 21 -13.23 -5.70 5.08
N ALA A 22 -12.64 -5.43 3.95
CA ALA A 22 -11.83 -6.50 3.28
C ALA A 22 -10.47 -6.59 3.99
N GLU A 23 -10.18 -7.70 4.63
CA GLU A 23 -8.88 -7.85 5.37
C GLU A 23 -7.86 -8.60 4.53
N PHE A 24 -6.62 -8.56 4.95
CA PHE A 24 -5.53 -9.28 4.23
C PHE A 24 -4.23 -9.12 5.00
N SER A 25 -3.14 -9.64 4.47
CA SER A 25 -1.84 -9.52 5.20
C SER A 25 -0.68 -9.54 4.20
N ILE A 26 0.26 -8.64 4.38
CA ILE A 26 1.46 -8.58 3.49
C ILE A 26 2.67 -8.28 4.36
N TRP A 27 3.39 -9.30 4.74
CA TRP A 27 4.59 -9.11 5.62
C TRP A 27 5.88 -9.21 4.79
N THR A 28 6.83 -8.37 5.09
CA THR A 28 8.10 -8.40 4.33
C THR A 28 9.18 -7.63 5.10
N ARG A 29 8.95 -7.36 6.36
CA ARG A 29 9.97 -6.61 7.15
C ARG A 29 11.21 -7.48 7.36
N GLU A 30 11.04 -8.77 7.42
CA GLU A 30 12.22 -9.66 7.62
C GLU A 30 13.00 -9.79 6.31
N ALA A 31 12.32 -9.65 5.20
CA ALA A 31 13.03 -9.75 3.88
C ALA A 31 14.23 -8.82 3.87
N GLY A 32 14.14 -7.71 4.54
CA GLY A 32 15.28 -6.74 4.57
C GLY A 32 14.74 -5.30 4.58
N ALA A 33 15.61 -4.34 4.58
CA ALA A 33 15.16 -2.92 4.59
C ALA A 33 14.37 -2.62 3.32
N GLY A 34 13.57 -1.58 3.32
CA GLY A 34 12.77 -1.23 2.10
C GLY A 34 11.48 -0.54 2.51
N GLY A 35 11.01 0.38 1.72
CA GLY A 35 9.74 1.09 2.05
C GLY A 35 8.55 0.36 1.42
N LEU A 36 7.38 0.49 1.99
CA LEU A 36 6.18 -0.20 1.42
C LEU A 36 5.42 0.76 0.49
N ALA A 37 5.00 0.27 -0.64
CA ALA A 37 4.24 1.12 -1.61
C ALA A 37 3.23 0.21 -2.29
N ILE A 38 2.00 0.62 -2.38
CA ILE A 38 0.98 -0.27 -3.02
C ILE A 38 -0.02 0.63 -3.73
N ALA A 39 -0.71 0.10 -4.70
CA ALA A 39 -1.73 0.92 -5.42
C ALA A 39 -3.09 0.31 -5.13
N VAL A 40 -3.91 0.99 -4.38
CA VAL A 40 -5.25 0.43 -4.06
C VAL A 40 -6.23 0.94 -5.12
N GLU A 41 -6.64 0.06 -5.99
CA GLU A 41 -7.58 0.43 -7.06
C GLU A 41 -8.98 -0.05 -6.69
N GLY A 42 -9.96 0.63 -7.15
CA GLY A 42 -11.35 0.21 -6.82
C GLY A 42 -12.35 1.26 -7.36
N PRO A 43 -13.51 0.85 -7.83
CA PRO A 43 -14.53 1.80 -8.35
C PRO A 43 -15.33 2.47 -7.21
N SER A 44 -14.85 2.39 -6.00
CA SER A 44 -15.57 3.02 -4.85
C SER A 44 -14.54 3.67 -3.93
N LYS A 45 -14.99 4.13 -2.80
CA LYS A 45 -14.07 4.74 -1.84
C LYS A 45 -13.15 3.65 -1.28
N ALA A 46 -12.47 3.90 -0.21
CA ALA A 46 -11.58 2.87 0.37
C ALA A 46 -10.87 3.46 1.59
N GLU A 47 -11.15 2.94 2.76
CA GLU A 47 -10.51 3.48 4.00
C GLU A 47 -9.49 2.45 4.53
N ILE A 48 -8.23 2.73 4.39
CA ILE A 48 -7.19 1.78 4.86
C ILE A 48 -7.09 1.86 6.40
N SER A 49 -6.62 0.81 7.03
CA SER A 49 -6.50 0.82 8.51
C SER A 49 -5.53 -0.28 8.94
N PHE A 50 -4.53 0.05 9.70
CA PHE A 50 -3.54 -0.98 10.15
C PHE A 50 -3.93 -1.50 11.53
N GLU A 51 -4.29 -2.76 11.63
CA GLU A 51 -4.68 -3.35 12.95
C GLU A 51 -3.56 -4.26 13.46
N ASP A 52 -3.29 -4.25 14.74
CA ASP A 52 -2.21 -5.12 15.28
C ASP A 52 -2.74 -6.55 15.42
N ARG A 53 -1.88 -7.48 15.76
CA ARG A 53 -2.30 -8.90 15.92
C ARG A 53 -1.60 -9.51 17.13
N LYS A 54 -2.08 -10.62 17.61
CA LYS A 54 -1.43 -11.26 18.79
C LYS A 54 0.01 -11.64 18.44
N ASP A 55 0.23 -12.10 17.23
CA ASP A 55 1.62 -12.47 16.83
C ASP A 55 2.39 -11.22 16.42
N GLY A 56 1.72 -10.10 16.33
CA GLY A 56 2.41 -8.84 15.93
C GLY A 56 2.50 -8.76 14.40
N SER A 57 1.80 -9.62 13.70
CA SER A 57 1.84 -9.58 12.22
C SER A 57 1.38 -8.20 11.74
N CYS A 58 1.04 -8.09 10.48
CA CYS A 58 0.58 -6.77 9.94
C CYS A 58 -0.59 -7.00 8.98
N GLY A 59 -1.77 -7.14 9.51
CA GLY A 59 -2.98 -7.37 8.65
C GLY A 59 -3.69 -6.05 8.40
N VAL A 60 -3.57 -5.51 7.22
CA VAL A 60 -4.25 -4.23 6.90
C VAL A 60 -5.61 -4.55 6.26
N ALA A 61 -6.55 -3.65 6.32
CA ALA A 61 -7.89 -3.94 5.73
C ALA A 61 -8.54 -2.65 5.23
N TYR A 62 -9.60 -2.79 4.48
CA TYR A 62 -10.30 -1.57 3.96
C TYR A 62 -11.74 -1.92 3.58
N VAL A 63 -12.64 -0.99 3.72
CA VAL A 63 -14.07 -1.24 3.36
C VAL A 63 -14.34 -0.70 1.96
N VAL A 64 -15.35 -1.20 1.31
CA VAL A 64 -15.69 -0.73 -0.07
C VAL A 64 -17.22 -0.67 -0.20
N GLN A 65 -17.73 0.21 -1.03
CA GLN A 65 -19.21 0.35 -1.18
C GLN A 65 -19.70 -0.14 -2.54
N GLU A 66 -18.86 -0.18 -3.52
CA GLU A 66 -19.32 -0.60 -4.87
C GLU A 66 -19.34 -2.14 -4.96
N PRO A 67 -20.50 -2.75 -5.17
CA PRO A 67 -20.60 -4.22 -5.31
C PRO A 67 -20.23 -4.69 -6.72
N GLY A 68 -19.30 -5.60 -6.86
CA GLY A 68 -18.93 -6.08 -8.22
C GLY A 68 -17.47 -6.52 -8.22
N ASP A 69 -16.77 -6.24 -9.28
CA ASP A 69 -15.33 -6.68 -9.37
C ASP A 69 -14.40 -5.49 -9.13
N TYR A 70 -13.78 -5.42 -7.97
CA TYR A 70 -12.81 -4.31 -7.68
C TYR A 70 -11.40 -4.88 -7.77
N GLU A 71 -10.38 -4.11 -7.53
CA GLU A 71 -9.01 -4.70 -7.65
C GLU A 71 -7.98 -3.85 -6.89
N VAL A 72 -7.12 -4.48 -6.14
CA VAL A 72 -6.06 -3.74 -5.38
C VAL A 72 -4.69 -4.13 -5.93
N SER A 73 -3.93 -3.19 -6.40
CA SER A 73 -2.59 -3.54 -6.93
C SER A 73 -1.65 -3.84 -5.76
N VAL A 74 -0.49 -4.38 -6.02
CA VAL A 74 0.46 -4.69 -4.89
C VAL A 74 1.90 -4.40 -5.33
N LYS A 75 2.65 -3.72 -4.50
CA LYS A 75 4.06 -3.39 -4.85
C LYS A 75 4.92 -3.39 -3.58
N PHE A 76 6.15 -3.81 -3.70
CA PHE A 76 7.07 -3.82 -2.51
C PHE A 76 8.28 -2.95 -2.89
N ASN A 77 8.61 -1.98 -2.08
CA ASN A 77 9.75 -1.10 -2.43
C ASN A 77 9.50 -0.55 -3.83
N GLU A 78 8.24 -0.58 -4.24
CA GLU A 78 7.87 -0.08 -5.59
C GLU A 78 8.19 -1.14 -6.64
N GLU A 79 8.05 -2.40 -6.29
CA GLU A 79 8.35 -3.51 -7.25
C GLU A 79 7.16 -4.46 -7.33
N HIS A 80 6.43 -4.41 -8.41
CA HIS A 80 5.25 -5.31 -8.57
C HIS A 80 5.68 -6.74 -8.24
N ILE A 81 5.10 -7.33 -7.23
CA ILE A 81 5.47 -8.72 -6.86
C ILE A 81 4.89 -9.69 -7.90
N PRO A 82 5.53 -10.81 -8.13
CA PRO A 82 5.04 -11.82 -9.11
C PRO A 82 3.51 -11.92 -9.15
N ASP A 83 2.97 -12.36 -10.25
CA ASP A 83 1.48 -12.50 -10.37
C ASP A 83 0.81 -11.17 -10.03
N SER A 84 1.29 -10.08 -10.58
CA SER A 84 0.68 -8.74 -10.30
C SER A 84 0.02 -8.20 -11.58
N PRO A 85 -1.01 -7.39 -11.47
CA PRO A 85 -1.62 -6.94 -10.18
C PRO A 85 -2.49 -8.03 -9.55
N PHE A 86 -2.92 -7.83 -8.33
CA PHE A 86 -3.76 -8.87 -7.65
C PHE A 86 -5.24 -8.58 -7.93
N VAL A 87 -5.88 -9.43 -8.70
CA VAL A 87 -7.32 -9.22 -8.98
C VAL A 87 -8.12 -9.60 -7.74
N VAL A 88 -9.00 -8.74 -7.29
CA VAL A 88 -9.78 -9.04 -6.06
C VAL A 88 -11.21 -8.50 -6.23
N PRO A 89 -12.17 -9.31 -6.59
CA PRO A 89 -13.56 -8.85 -6.76
C PRO A 89 -14.36 -8.91 -5.46
N VAL A 90 -15.40 -8.11 -5.35
CA VAL A 90 -16.24 -8.11 -4.11
C VAL A 90 -17.48 -8.97 -4.38
N ALA A 91 -17.72 -9.94 -3.55
CA ALA A 91 -18.91 -10.82 -3.71
C ALA A 91 -20.14 -10.10 -3.17
N SER A 92 -21.24 -10.79 -3.04
CA SER A 92 -22.48 -10.14 -2.50
C SER A 92 -22.59 -10.48 -1.01
N PRO A 93 -23.26 -9.65 -0.25
CA PRO A 93 -23.44 -9.86 1.21
C PRO A 93 -23.51 -11.34 1.59
N SER A 94 -22.70 -11.77 2.52
CA SER A 94 -22.71 -13.21 2.92
C SER A 94 -24.15 -13.66 3.10
N GLY A 95 -24.72 -14.26 2.10
CA GLY A 95 -26.13 -14.71 2.22
C GLY A 95 -26.67 -15.08 0.83
N TRP B 1 14.62 0.28 -0.40
CA TRP B 1 15.47 1.22 -1.16
C TRP B 1 15.57 0.76 -2.63
N LYS B 2 16.73 0.37 -3.08
CA LYS B 2 16.87 -0.09 -4.49
C LYS B 2 16.13 0.84 -5.43
N VAL B 3 15.93 0.44 -6.66
CA VAL B 3 15.21 1.32 -7.63
C VAL B 3 14.07 2.03 -6.92
N GLY B 4 13.58 1.46 -5.87
CA GLY B 4 12.49 2.13 -5.15
C GLY B 4 12.89 3.59 -4.83
N PHE B 5 13.50 3.78 -3.69
CA PHE B 5 13.91 5.15 -3.20
C PHE B 5 13.61 6.34 -4.15
N PHE B 6 14.11 6.38 -5.37
CA PHE B 6 13.83 7.55 -6.26
C PHE B 6 12.52 7.37 -6.99
N LYS B 7 12.29 6.23 -7.59
CA LYS B 7 11.01 6.02 -8.29
C LYS B 7 10.02 5.51 -7.27
N ARG B 8 10.47 5.43 -6.05
CA ARG B 8 9.60 4.93 -4.97
C ARG B 8 8.53 5.98 -4.68
N ASN B 9 8.93 7.23 -4.58
CA ASN B 9 7.94 8.31 -4.29
C ASN B 9 6.68 8.11 -5.14
N ARG B 10 5.69 7.42 -4.61
CA ARG B 10 4.44 7.17 -5.37
C ARG B 10 4.01 8.44 -6.13
N PRO B 11 3.76 9.56 -5.47
CA PRO B 11 3.34 10.84 -6.13
C PRO B 11 3.81 10.95 -7.58
N PRO B 12 3.00 10.53 -8.53
CA PRO B 12 3.34 10.59 -9.97
C PRO B 12 3.84 11.98 -10.40
N LEU B 13 5.14 12.19 -10.38
CA LEU B 13 5.68 13.52 -10.78
C LEU B 13 7.17 13.38 -11.12
N GLU B 14 7.62 14.05 -12.13
CA GLU B 14 9.05 13.95 -12.52
C GLU B 14 9.38 15.05 -13.54
N GLU B 15 9.50 16.27 -13.10
CA GLU B 15 9.82 17.37 -14.04
C GLU B 15 11.32 17.39 -14.32
N ASP B 16 12.12 17.07 -13.33
CA ASP B 16 13.59 17.06 -13.54
C ASP B 16 13.98 15.87 -14.42
N ASP B 17 14.95 16.05 -15.27
CA ASP B 17 15.38 14.92 -16.16
C ASP B 17 15.62 13.67 -15.31
N GLU B 18 15.03 12.57 -15.69
CA GLU B 18 15.22 11.32 -14.91
C GLU B 18 16.69 10.91 -14.97
N GLU B 19 17.38 10.91 -13.85
CA GLU B 19 18.81 10.51 -13.85
C GLU B 19 18.94 9.05 -14.29
N GLY B 20 18.95 8.14 -13.35
CA GLY B 20 19.07 6.70 -13.71
C GLY B 20 20.48 6.42 -14.21
N GLU B 21 20.83 6.92 -15.37
CA GLU B 21 22.19 6.67 -15.92
C GLU B 21 22.44 7.63 -17.09
N LYS C 1 21.31 -3.42 5.23
CA LYS C 1 19.84 -3.53 5.06
C LYS C 1 19.16 -3.41 6.42
N LYS C 2 19.12 -2.23 6.96
CA LYS C 2 18.47 -2.03 8.29
C LYS C 2 18.48 -0.55 8.65
N LYS C 3 18.52 0.32 7.67
CA LYS C 3 18.54 1.78 7.97
C LYS C 3 18.36 2.57 6.67
N ILE C 4 18.99 2.12 5.62
CA ILE C 4 18.87 2.85 4.32
C ILE C 4 17.40 3.18 4.04
N THR C 5 16.50 2.30 4.37
CA THR C 5 15.06 2.58 4.12
C THR C 5 14.55 3.58 5.16
N ILE C 6 14.88 3.38 6.41
CA ILE C 6 14.42 4.33 7.45
C ILE C 6 14.92 5.74 7.11
N HIS C 7 16.09 5.84 6.54
CA HIS C 7 16.62 7.18 6.18
C HIS C 7 15.61 7.92 5.31
N ASP C 8 14.89 7.19 4.49
CA ASP C 8 13.87 7.84 3.62
C ASP C 8 12.60 8.11 4.43
N ARG C 9 12.58 7.72 5.67
CA ARG C 9 11.37 7.95 6.50
C ARG C 9 11.25 9.44 6.84
N LYS C 10 12.35 10.09 7.07
CA LYS C 10 12.31 11.54 7.44
C LYS C 10 12.33 12.40 6.17
N GLU C 11 12.86 11.90 5.08
CA GLU C 11 12.90 12.72 3.85
C GLU C 11 11.47 13.06 3.44
N PHE C 12 10.53 12.22 3.82
CA PHE C 12 9.12 12.48 3.48
C PHE C 12 8.54 13.50 4.46
N ALA C 13 8.82 13.34 5.72
CA ALA C 13 8.31 14.30 6.73
C ALA C 13 8.69 15.73 6.33
N LYS C 14 9.83 15.90 5.73
CA LYS C 14 10.26 17.27 5.32
C LYS C 14 9.73 17.58 3.92
N PHE C 15 9.89 16.67 3.01
CA PHE C 15 9.40 16.91 1.62
C PHE C 15 7.99 17.48 1.64
N GLU C 16 7.32 17.41 2.76
CA GLU C 16 5.94 17.98 2.84
C GLU C 16 6.04 19.40 3.36
N GLU C 17 6.97 19.65 4.24
CA GLU C 17 7.15 21.02 4.76
C GLU C 17 7.87 21.81 3.69
N GLU C 18 8.35 21.11 2.71
CA GLU C 18 9.07 21.75 1.58
C GLU C 18 8.03 22.37 0.66
N ARG C 19 7.18 21.56 0.09
CA ARG C 19 6.13 22.10 -0.81
C ARG C 19 4.98 22.64 0.05
N ALA C 20 4.98 22.29 1.31
CA ALA C 20 3.90 22.77 2.22
C ALA C 20 2.54 22.58 1.54
N ARG C 21 1.53 23.25 2.02
CA ARG C 21 0.18 23.12 1.39
C ARG C 21 -0.21 21.64 1.36
N ALA C 22 -0.57 21.14 0.21
CA ALA C 22 -0.97 19.71 0.11
C ALA C 22 -1.31 19.36 -1.34
N LYS C 23 -1.84 18.20 -1.58
CA LYS C 23 -2.20 17.80 -2.97
C LYS C 23 -3.07 16.54 -2.93
N TRP C 24 -4.00 16.41 -3.84
CA TRP C 24 -4.87 15.20 -3.85
C TRP C 24 -5.74 15.21 -5.10
N ASP C 25 -6.28 14.08 -5.47
CA ASP C 25 -7.14 14.00 -6.68
C ASP C 25 -8.27 13.00 -6.44
N THR C 26 -9.45 13.30 -6.90
CA THR C 26 -10.60 12.37 -6.69
C THR C 26 -11.82 12.86 -7.47
N ALA C 27 -12.97 12.35 -7.16
CA ALA C 27 -14.21 12.80 -7.88
C ALA C 27 -14.06 12.54 -9.38
N ASN C 28 -13.33 13.39 -10.07
CA ASN C 28 -13.16 13.19 -11.54
C ASN C 28 -12.32 11.92 -11.78
N ASN C 29 -12.04 11.18 -10.74
CA ASN C 29 -11.23 9.93 -10.88
C ASN C 29 -12.07 8.71 -10.47
N PRO C 30 -12.88 8.20 -11.37
CA PRO C 30 -13.75 7.01 -11.07
C PRO C 30 -13.00 5.89 -10.37
N LEU C 31 -12.02 5.32 -11.02
CA LEU C 31 -11.23 4.23 -10.38
C LEU C 31 -10.41 4.80 -9.23
N TYR C 32 -10.72 4.44 -8.02
CA TYR C 32 -9.94 4.98 -6.86
C TYR C 32 -8.53 4.38 -6.87
N LYS C 33 -7.70 4.86 -7.74
CA LYS C 33 -6.30 4.35 -7.84
C LYS C 33 -5.43 4.95 -6.73
N GLU C 34 -5.82 4.77 -5.49
CA GLU C 34 -5.00 5.33 -4.37
C GLU C 34 -3.84 4.40 -4.07
N ALA C 35 -3.08 4.66 -3.04
CA ALA C 35 -1.93 3.80 -2.69
C ALA C 35 -1.71 3.84 -1.18
N THR C 36 -0.70 3.19 -0.68
CA THR C 36 -0.45 3.22 0.80
C THR C 36 1.05 3.22 1.07
N SER C 37 1.61 4.35 1.42
CA SER C 37 3.06 4.42 1.71
C SER C 37 3.29 4.15 3.20
N THR C 38 3.27 2.91 3.60
CA THR C 38 3.47 2.58 5.04
C THR C 38 4.96 2.54 5.36
N PHE C 39 5.35 3.07 6.49
CA PHE C 39 6.79 3.06 6.88
C PHE C 39 7.04 1.88 7.82
N THR C 40 8.23 1.35 7.82
CA THR C 40 8.53 0.20 8.72
C THR C 40 8.01 0.50 10.13
N ASN C 41 7.22 -0.36 10.69
CA ASN C 41 6.69 -0.11 12.06
C ASN C 41 6.03 1.27 12.11
N ILE C 42 4.76 1.33 11.83
CA ILE C 42 4.06 2.64 11.85
C ILE C 42 4.05 3.19 13.28
N THR C 43 3.32 4.24 13.52
CA THR C 43 3.28 4.83 14.89
C THR C 43 3.03 3.73 15.91
N TYR C 44 1.93 3.03 15.80
CA TYR C 44 1.65 1.93 16.77
C TYR C 44 2.82 0.96 16.80
N ARG C 45 3.04 0.31 17.92
CA ARG C 45 4.17 -0.65 18.01
C ARG C 45 3.73 -1.99 17.43
N GLY C 46 4.57 -2.98 17.48
CA GLY C 46 4.20 -4.32 16.92
C GLY C 46 5.20 -5.37 17.41
N THR C 47 6.45 -5.18 17.15
CA THR C 47 7.48 -6.17 17.60
C THR C 47 7.57 -6.14 19.13
N GLY A 1 16.26 -5.23 -2.03
CA GLY A 1 15.11 -5.87 -2.73
C GLY A 1 14.25 -6.63 -1.72
N GLY A 2 13.53 -7.63 -2.15
CA GLY A 2 12.67 -8.43 -1.23
C GLY A 2 11.30 -8.66 -1.89
N ALA A 3 11.06 -8.04 -3.00
CA ALA A 3 9.74 -8.24 -3.69
C ALA A 3 9.46 -9.74 -3.80
N HIS A 4 10.46 -10.55 -3.58
CA HIS A 4 10.28 -12.03 -3.66
C HIS A 4 10.05 -12.57 -2.25
N LYS A 5 10.74 -12.01 -1.28
CA LYS A 5 10.55 -12.47 0.12
C LYS A 5 9.23 -11.91 0.62
N VAL A 6 8.42 -11.42 -0.28
CA VAL A 6 7.11 -10.86 0.13
C VAL A 6 6.14 -11.99 0.51
N ARG A 7 5.40 -11.84 1.58
CA ARG A 7 4.43 -12.90 1.96
C ARG A 7 3.08 -12.51 1.37
N ALA A 8 2.59 -13.21 0.39
CA ALA A 8 1.28 -12.86 -0.22
C ALA A 8 0.19 -13.79 0.30
N GLY A 9 -0.82 -13.24 0.92
CA GLY A 9 -1.91 -14.10 1.45
C GLY A 9 -3.01 -13.24 2.07
N GLY A 10 -4.24 -13.67 1.96
CA GLY A 10 -5.35 -12.87 2.54
C GLY A 10 -6.68 -13.30 1.93
N PRO A 11 -7.76 -13.30 2.69
CA PRO A 11 -9.09 -13.70 2.16
C PRO A 11 -9.68 -12.59 1.29
N GLY A 12 -9.06 -11.44 1.30
CA GLY A 12 -9.55 -10.29 0.49
C GLY A 12 -8.83 -10.29 -0.86
N LEU A 13 -7.63 -10.78 -0.90
CA LEU A 13 -6.89 -10.81 -2.20
C LEU A 13 -7.57 -11.80 -3.14
N GLU A 14 -8.31 -12.73 -2.61
CA GLU A 14 -9.01 -13.73 -3.47
C GLU A 14 -10.40 -13.21 -3.81
N ARG A 15 -11.06 -12.61 -2.85
CA ARG A 15 -12.43 -12.06 -3.08
C ARG A 15 -12.95 -11.50 -1.75
N ALA A 16 -14.10 -10.90 -1.75
CA ALA A 16 -14.63 -10.34 -0.48
C ALA A 16 -16.08 -9.94 -0.67
N GLU A 17 -16.58 -9.07 0.17
CA GLU A 17 -18.01 -8.63 0.05
C GLU A 17 -18.07 -7.09 0.03
N ALA A 18 -19.02 -6.58 -0.69
CA ALA A 18 -19.19 -5.10 -0.77
C ALA A 18 -19.65 -4.59 0.61
N GLY A 19 -19.31 -3.39 0.98
CA GLY A 19 -19.75 -2.88 2.30
C GLY A 19 -19.26 -3.81 3.43
N VAL A 20 -18.17 -4.51 3.23
CA VAL A 20 -17.64 -5.43 4.28
C VAL A 20 -16.11 -5.27 4.38
N PRO A 21 -15.57 -4.99 5.56
CA PRO A 21 -14.09 -4.82 5.73
C PRO A 21 -13.26 -5.84 4.94
N ALA A 22 -12.66 -5.42 3.86
CA ALA A 22 -11.81 -6.37 3.08
C ALA A 22 -10.45 -6.51 3.77
N GLU A 23 -10.19 -7.63 4.39
CA GLU A 23 -8.90 -7.82 5.12
C GLU A 23 -7.90 -8.57 4.24
N PHE A 24 -6.64 -8.52 4.61
CA PHE A 24 -5.59 -9.25 3.84
C PHE A 24 -4.24 -9.14 4.57
N SER A 25 -3.22 -9.80 4.06
CA SER A 25 -1.89 -9.73 4.74
C SER A 25 -0.75 -9.72 3.72
N ILE A 26 0.13 -8.77 3.85
CA ILE A 26 1.31 -8.67 2.94
C ILE A 26 2.51 -8.30 3.81
N TRP A 27 3.19 -9.28 4.34
CA TRP A 27 4.36 -9.00 5.24
C TRP A 27 5.67 -9.07 4.44
N THR A 28 6.58 -8.17 4.71
CA THR A 28 7.88 -8.18 3.99
C THR A 28 8.93 -7.45 4.82
N ARG A 29 8.66 -7.25 6.08
CA ARG A 29 9.65 -6.55 6.94
C ARG A 29 10.86 -7.46 7.18
N GLU A 30 10.64 -8.75 7.24
CA GLU A 30 11.78 -9.69 7.47
C GLU A 30 12.73 -9.63 6.27
N ALA A 31 12.22 -9.30 5.11
CA ALA A 31 13.10 -9.23 3.92
C ALA A 31 14.26 -8.27 4.18
N GLY A 32 14.02 -7.23 4.92
CA GLY A 32 15.10 -6.25 5.23
C GLY A 32 14.51 -4.83 5.28
N ALA A 33 15.36 -3.84 5.30
CA ALA A 33 14.84 -2.43 5.35
C ALA A 33 14.22 -2.08 4.00
N GLY A 34 13.41 -1.05 3.95
CA GLY A 34 12.77 -0.64 2.67
C GLY A 34 11.36 -0.13 2.95
N GLY A 35 10.90 0.83 2.19
CA GLY A 35 9.53 1.38 2.40
C GLY A 35 8.52 0.58 1.57
N LEU A 36 7.29 0.54 2.00
CA LEU A 36 6.25 -0.22 1.24
C LEU A 36 5.62 0.69 0.18
N ALA A 37 5.33 0.15 -0.98
CA ALA A 37 4.71 0.97 -2.06
C ALA A 37 3.65 0.10 -2.73
N ILE A 38 2.40 0.32 -2.43
CA ILE A 38 1.32 -0.51 -3.04
C ILE A 38 0.28 0.42 -3.59
N ALA A 39 -0.51 -0.02 -4.53
CA ALA A 39 -1.57 0.87 -5.12
C ALA A 39 -2.93 0.21 -4.89
N VAL A 40 -3.75 0.78 -4.06
CA VAL A 40 -5.10 0.16 -3.82
C VAL A 40 -6.09 0.81 -4.78
N GLU A 41 -6.47 0.10 -5.80
CA GLU A 41 -7.40 0.65 -6.82
C GLU A 41 -8.81 0.15 -6.52
N GLY A 42 -9.80 0.80 -7.05
CA GLY A 42 -11.18 0.35 -6.78
C GLY A 42 -12.21 1.36 -7.32
N PRO A 43 -13.34 0.90 -7.79
CA PRO A 43 -14.42 1.81 -8.30
C PRO A 43 -15.15 2.52 -7.16
N SER A 44 -14.66 2.40 -5.95
CA SER A 44 -15.31 3.07 -4.77
C SER A 44 -14.22 3.65 -3.87
N LYS A 45 -14.61 4.13 -2.73
CA LYS A 45 -13.61 4.67 -1.79
C LYS A 45 -13.00 3.50 -1.02
N ALA A 46 -12.39 3.75 0.10
CA ALA A 46 -11.79 2.63 0.86
C ALA A 46 -11.11 3.19 2.12
N GLU A 47 -11.61 2.84 3.28
CA GLU A 47 -11.01 3.33 4.54
C GLU A 47 -9.84 2.43 4.93
N ILE A 48 -8.64 2.93 4.90
CA ILE A 48 -7.47 2.10 5.27
C ILE A 48 -7.35 2.01 6.79
N SER A 49 -6.83 0.91 7.28
CA SER A 49 -6.68 0.75 8.75
C SER A 49 -5.71 -0.40 9.04
N PHE A 50 -4.69 -0.15 9.81
CA PHE A 50 -3.70 -1.23 10.13
C PHE A 50 -4.11 -1.94 11.42
N GLU A 51 -4.35 -3.22 11.35
CA GLU A 51 -4.76 -3.98 12.56
C GLU A 51 -3.52 -4.59 13.23
N ASP A 52 -3.42 -4.47 14.52
CA ASP A 52 -2.24 -5.04 15.24
C ASP A 52 -2.57 -6.46 15.70
N ARG A 53 -1.57 -7.24 16.02
CA ARG A 53 -1.83 -8.64 16.47
C ARG A 53 -0.70 -9.10 17.40
N LYS A 54 -0.91 -10.15 18.13
CA LYS A 54 0.15 -10.64 19.06
C LYS A 54 1.43 -10.89 18.26
N ASP A 55 1.39 -11.81 17.33
CA ASP A 55 2.60 -12.10 16.51
C ASP A 55 3.16 -10.79 15.95
N GLY A 56 2.34 -9.77 15.89
CA GLY A 56 2.82 -8.46 15.36
C GLY A 56 2.81 -8.50 13.83
N SER A 57 2.06 -9.39 13.25
CA SER A 57 2.01 -9.46 11.76
C SER A 57 1.57 -8.09 11.21
N CYS A 58 1.21 -8.04 9.96
CA CYS A 58 0.77 -6.74 9.35
C CYS A 58 -0.42 -6.98 8.44
N GLY A 59 -1.58 -7.19 9.01
CA GLY A 59 -2.81 -7.43 8.18
C GLY A 59 -3.62 -6.14 8.11
N VAL A 60 -3.60 -5.48 6.99
CA VAL A 60 -4.37 -4.21 6.86
C VAL A 60 -5.73 -4.55 6.27
N ALA A 61 -6.71 -3.71 6.49
CA ALA A 61 -8.07 -4.01 5.95
C ALA A 61 -8.79 -2.72 5.60
N TYR A 62 -9.85 -2.82 4.84
CA TYR A 62 -10.60 -1.59 4.46
C TYR A 62 -12.00 -1.98 3.98
N VAL A 63 -12.95 -1.08 4.09
CA VAL A 63 -14.34 -1.38 3.65
C VAL A 63 -14.56 -0.79 2.25
N VAL A 64 -15.58 -1.24 1.56
CA VAL A 64 -15.87 -0.71 0.19
C VAL A 64 -17.38 -0.62 -0.01
N GLN A 65 -17.83 0.26 -0.87
CA GLN A 65 -19.29 0.42 -1.10
C GLN A 65 -19.71 -0.10 -2.47
N GLU A 66 -18.83 -0.11 -3.43
CA GLU A 66 -19.25 -0.58 -4.78
C GLU A 66 -19.20 -2.12 -4.87
N PRO A 67 -20.31 -2.78 -5.11
CA PRO A 67 -20.32 -4.26 -5.25
C PRO A 67 -19.96 -4.66 -6.68
N GLY A 68 -19.00 -5.54 -6.85
CA GLY A 68 -18.61 -5.96 -8.23
C GLY A 68 -17.13 -6.33 -8.26
N ASP A 69 -16.45 -5.96 -9.31
CA ASP A 69 -15.01 -6.29 -9.42
C ASP A 69 -14.13 -5.21 -8.79
N TYR A 70 -13.54 -5.50 -7.67
CA TYR A 70 -12.65 -4.52 -6.99
C TYR A 70 -11.21 -4.78 -7.48
N GLU A 71 -10.24 -4.05 -7.01
CA GLU A 71 -8.85 -4.32 -7.51
C GLU A 71 -7.78 -3.72 -6.58
N VAL A 72 -7.01 -4.55 -5.93
CA VAL A 72 -5.93 -4.05 -5.03
C VAL A 72 -4.60 -4.27 -5.75
N SER A 73 -3.95 -3.22 -6.19
CA SER A 73 -2.65 -3.41 -6.88
C SER A 73 -1.59 -3.76 -5.82
N VAL A 74 -0.42 -4.17 -6.22
CA VAL A 74 0.63 -4.52 -5.21
C VAL A 74 2.02 -4.22 -5.78
N LYS A 75 2.89 -3.61 -5.01
CA LYS A 75 4.24 -3.30 -5.52
C LYS A 75 5.25 -3.24 -4.36
N PHE A 76 6.47 -3.61 -4.63
CA PHE A 76 7.53 -3.57 -3.59
C PHE A 76 8.86 -3.32 -4.29
N ASN A 77 9.57 -2.30 -3.89
CA ASN A 77 10.87 -1.99 -4.56
C ASN A 77 10.60 -1.76 -6.05
N GLU A 78 9.48 -1.18 -6.38
CA GLU A 78 9.14 -0.91 -7.81
C GLU A 78 9.05 -2.23 -8.59
N GLU A 79 8.64 -3.30 -7.95
CA GLU A 79 8.54 -4.62 -8.64
C GLU A 79 7.19 -5.24 -8.34
N HIS A 80 6.28 -5.21 -9.27
CA HIS A 80 4.96 -5.83 -9.01
C HIS A 80 5.20 -7.28 -8.61
N ILE A 81 5.06 -7.58 -7.34
CA ILE A 81 5.31 -8.98 -6.88
C ILE A 81 4.64 -9.99 -7.84
N PRO A 82 5.25 -11.13 -8.06
CA PRO A 82 4.70 -12.17 -8.99
C PRO A 82 3.17 -12.25 -8.99
N ASP A 83 2.61 -12.74 -10.07
CA ASP A 83 1.13 -12.89 -10.17
C ASP A 83 0.43 -11.54 -10.05
N SER A 84 1.05 -10.46 -10.47
CA SER A 84 0.37 -9.13 -10.37
C SER A 84 -0.34 -8.82 -11.70
N PRO A 85 -1.36 -8.00 -11.67
CA PRO A 85 -1.92 -7.36 -10.44
C PRO A 85 -2.81 -8.34 -9.65
N PHE A 86 -3.16 -7.98 -8.43
CA PHE A 86 -4.01 -8.88 -7.60
C PHE A 86 -5.49 -8.56 -7.84
N VAL A 87 -6.21 -9.46 -8.45
CA VAL A 87 -7.66 -9.20 -8.72
C VAL A 87 -8.45 -9.53 -7.45
N VAL A 88 -9.59 -8.90 -7.25
CA VAL A 88 -10.39 -9.16 -6.02
C VAL A 88 -11.89 -8.96 -6.30
N PRO A 89 -12.55 -9.95 -6.83
CA PRO A 89 -14.01 -9.87 -7.12
C PRO A 89 -14.81 -9.72 -5.82
N VAL A 90 -15.43 -8.59 -5.60
CA VAL A 90 -16.22 -8.43 -4.33
C VAL A 90 -17.57 -9.13 -4.52
N ALA A 91 -17.85 -10.07 -3.68
CA ALA A 91 -19.13 -10.83 -3.77
C ALA A 91 -20.25 -10.01 -3.13
N SER A 92 -21.45 -10.53 -3.11
CA SER A 92 -22.59 -9.79 -2.48
C SER A 92 -22.67 -10.17 -1.00
N PRO A 93 -23.19 -9.31 -0.16
CA PRO A 93 -23.34 -9.57 1.28
C PRO A 93 -23.59 -11.04 1.59
N SER A 94 -22.88 -11.59 2.56
CA SER A 94 -23.09 -13.03 2.89
C SER A 94 -24.58 -13.31 2.99
N GLY A 95 -25.16 -13.80 1.92
CA GLY A 95 -26.62 -14.08 1.95
C GLY A 95 -27.14 -14.26 0.52
N TRP B 1 18.34 3.93 -2.93
CA TRP B 1 18.17 2.61 -2.27
C TRP B 1 17.34 1.68 -3.18
N LYS B 2 18.02 0.81 -3.85
CA LYS B 2 17.37 -0.17 -4.77
C LYS B 2 16.15 0.40 -5.47
N VAL B 3 16.33 0.70 -6.74
CA VAL B 3 15.25 1.23 -7.65
C VAL B 3 14.11 1.92 -6.88
N GLY B 4 13.67 1.37 -5.81
CA GLY B 4 12.59 2.04 -5.08
C GLY B 4 13.01 3.47 -4.79
N PHE B 5 13.77 3.66 -3.75
CA PHE B 5 14.24 5.02 -3.31
C PHE B 5 13.75 6.20 -4.20
N PHE B 6 14.15 6.29 -5.44
CA PHE B 6 13.71 7.44 -6.31
C PHE B 6 12.36 7.15 -6.97
N LYS B 7 12.10 5.94 -7.40
CA LYS B 7 10.78 5.62 -8.01
C LYS B 7 9.89 5.13 -6.89
N ARG B 8 10.45 5.13 -5.72
CA ARG B 8 9.72 4.66 -4.54
C ARG B 8 8.65 5.70 -4.21
N ASN B 9 9.00 6.95 -4.27
CA ASN B 9 8.02 8.02 -3.97
C ASN B 9 6.88 7.98 -4.99
N ARG B 10 6.04 6.97 -4.91
CA ARG B 10 4.89 6.86 -5.87
C ARG B 10 5.37 7.19 -7.30
N PRO B 11 5.75 6.20 -8.09
CA PRO B 11 6.22 6.44 -9.48
C PRO B 11 5.37 7.49 -10.23
N PRO B 12 5.86 8.71 -10.39
CA PRO B 12 5.11 9.79 -11.08
C PRO B 12 5.28 9.73 -12.60
N LEU B 13 4.21 9.60 -13.34
CA LEU B 13 4.30 9.55 -14.82
C LEU B 13 4.31 10.97 -15.38
N GLU B 14 4.39 11.94 -14.52
CA GLU B 14 4.40 13.36 -15.01
C GLU B 14 5.74 13.66 -15.68
N GLU B 15 6.53 12.65 -15.92
CA GLU B 15 7.85 12.89 -16.57
C GLU B 15 8.39 11.56 -17.10
N ASP B 16 8.16 10.48 -16.41
CA ASP B 16 8.66 9.16 -16.88
C ASP B 16 10.16 9.27 -17.19
N ASP B 17 10.49 9.56 -18.43
CA ASP B 17 11.93 9.68 -18.80
C ASP B 17 12.63 10.60 -17.81
N GLU B 18 13.76 10.19 -17.31
CA GLU B 18 14.51 11.04 -16.33
C GLU B 18 15.97 10.60 -16.28
N GLU B 19 16.21 9.32 -16.12
CA GLU B 19 17.62 8.83 -16.06
C GLU B 19 18.39 9.62 -15.00
N GLY B 20 18.46 9.11 -13.81
CA GLY B 20 19.21 9.83 -12.74
C GLY B 20 20.70 9.84 -13.06
N GLU B 21 21.11 10.59 -14.05
CA GLU B 21 22.55 10.64 -14.42
C GLU B 21 23.40 10.82 -13.15
N LYS C 1 20.13 -3.27 7.59
CA LYS C 1 18.70 -3.52 7.91
C LYS C 1 18.19 -2.43 8.86
N LYS C 2 16.90 -2.20 8.88
CA LYS C 2 16.35 -1.15 9.79
C LYS C 2 17.12 0.15 9.59
N LYS C 3 17.04 0.73 8.42
CA LYS C 3 17.76 2.00 8.17
C LYS C 3 17.18 2.71 6.95
N ILE C 4 16.94 1.98 5.89
CA ILE C 4 16.35 2.60 4.67
C ILE C 4 14.98 3.18 4.99
N THR C 5 14.02 2.34 5.24
CA THR C 5 12.65 2.85 5.56
C THR C 5 12.75 3.93 6.63
N ILE C 6 13.65 3.79 7.56
CA ILE C 6 13.80 4.82 8.63
C ILE C 6 14.33 6.12 8.00
N HIS C 7 15.37 6.02 7.22
CA HIS C 7 15.94 7.25 6.58
C HIS C 7 14.85 7.93 5.74
N ASP C 8 14.03 7.15 5.08
CA ASP C 8 12.95 7.74 4.24
C ASP C 8 11.78 8.15 5.14
N ARG C 9 11.90 7.93 6.42
CA ARG C 9 10.78 8.32 7.34
C ARG C 9 10.75 9.84 7.48
N LYS C 10 11.87 10.48 7.48
CA LYS C 10 11.90 11.97 7.62
C LYS C 10 11.78 12.64 6.25
N GLU C 11 12.16 11.98 5.20
CA GLU C 11 12.05 12.63 3.86
C GLU C 11 10.58 13.01 3.62
N PHE C 12 9.69 12.29 4.25
CA PHE C 12 8.25 12.61 4.09
C PHE C 12 7.90 13.83 4.92
N ALA C 13 8.35 13.86 6.14
CA ALA C 13 8.05 15.03 7.02
C ALA C 13 8.46 16.31 6.29
N LYS C 14 9.55 16.29 5.57
CA LYS C 14 9.99 17.52 4.84
C LYS C 14 9.35 17.53 3.46
N PHE C 15 8.92 16.42 2.98
CA PHE C 15 8.29 16.40 1.64
C PHE C 15 7.13 17.40 1.64
N GLU C 16 6.66 17.77 2.80
CA GLU C 16 5.55 18.75 2.88
C GLU C 16 6.14 20.15 3.04
N GLU C 17 7.23 20.26 3.76
CA GLU C 17 7.86 21.58 3.92
C GLU C 17 8.61 21.85 2.62
N GLU C 18 8.76 20.83 1.83
CA GLU C 18 9.45 20.97 0.54
C GLU C 18 8.50 21.66 -0.44
N ARG C 19 7.39 21.05 -0.73
CA ARG C 19 6.41 21.67 -1.65
C ARG C 19 5.64 22.74 -0.90
N ALA C 20 5.73 22.74 0.41
CA ALA C 20 5.00 23.76 1.23
C ALA C 20 3.57 23.92 0.71
N ARG C 21 2.74 22.93 0.93
CA ARG C 21 1.32 23.04 0.45
C ARG C 21 0.44 22.08 1.25
N ALA C 22 0.32 20.86 0.81
CA ALA C 22 -0.53 19.88 1.54
C ALA C 22 -0.37 18.49 0.93
N LYS C 23 -1.18 17.55 1.34
CA LYS C 23 -1.07 16.18 0.78
C LYS C 23 -1.32 16.21 -0.72
N TRP C 24 -2.53 15.93 -1.14
CA TRP C 24 -2.85 15.95 -2.60
C TRP C 24 -4.33 16.26 -2.80
N ASP C 25 -4.82 16.18 -4.01
CA ASP C 25 -6.26 16.47 -4.26
C ASP C 25 -7.11 15.31 -3.73
N THR C 26 -8.36 15.26 -4.12
CA THR C 26 -9.24 14.17 -3.64
C THR C 26 -10.62 14.31 -4.28
N ALA C 27 -10.68 14.43 -5.58
CA ALA C 27 -11.99 14.57 -6.25
C ALA C 27 -12.67 13.21 -6.36
N ASN C 28 -13.96 13.19 -6.54
CA ASN C 28 -14.69 11.88 -6.64
C ASN C 28 -14.36 11.24 -8.00
N ASN C 29 -13.11 11.05 -8.29
CA ASN C 29 -12.75 10.41 -9.59
C ASN C 29 -12.98 8.89 -9.51
N PRO C 30 -13.27 8.25 -10.62
CA PRO C 30 -13.51 6.78 -10.63
C PRO C 30 -12.22 5.98 -10.44
N LEU C 31 -12.32 4.72 -10.14
CA LEU C 31 -11.10 3.89 -9.95
C LEU C 31 -10.15 4.61 -8.99
N TYR C 32 -10.22 4.32 -7.72
CA TYR C 32 -9.33 5.00 -6.74
C TYR C 32 -7.89 4.50 -6.93
N LYS C 33 -7.00 4.89 -6.05
CA LYS C 33 -5.58 4.45 -6.18
C LYS C 33 -4.77 4.97 -4.99
N GLU C 34 -5.39 5.09 -3.84
CA GLU C 34 -4.64 5.60 -2.65
C GLU C 34 -3.57 4.59 -2.22
N ALA C 35 -2.37 4.72 -2.73
CA ALA C 35 -1.30 3.77 -2.37
C ALA C 35 -1.01 3.86 -0.87
N THR C 36 -0.26 2.91 -0.36
CA THR C 36 0.07 2.91 1.09
C THR C 36 1.58 3.15 1.23
N SER C 37 1.98 4.34 1.61
CA SER C 37 3.42 4.66 1.76
C SER C 37 3.79 4.67 3.25
N THR C 38 4.38 3.61 3.74
CA THR C 38 4.75 3.58 5.18
C THR C 38 5.60 2.33 5.46
N PHE C 39 5.65 1.92 6.70
CA PHE C 39 6.45 0.71 7.05
C PHE C 39 6.16 0.30 8.50
N THR C 40 4.97 -0.17 8.76
CA THR C 40 4.62 -0.58 10.14
C THR C 40 4.93 0.56 11.11
N ASN C 41 3.95 1.36 11.44
CA ASN C 41 4.20 2.49 12.38
C ASN C 41 2.85 2.95 12.98
N ILE C 42 1.94 2.04 13.16
CA ILE C 42 0.62 2.43 13.75
C ILE C 42 0.84 3.07 15.12
N THR C 43 -0.10 3.85 15.56
CA THR C 43 0.03 4.52 16.89
C THR C 43 -0.13 3.48 18.00
N TYR C 44 -1.11 2.63 17.88
CA TYR C 44 -1.34 1.59 18.93
C TYR C 44 -0.23 0.53 18.85
N ARG C 45 0.99 0.90 19.11
CA ARG C 45 2.10 -0.09 19.04
C ARG C 45 1.93 -1.12 20.15
N GLY C 46 1.47 -2.29 19.82
CA GLY C 46 1.28 -3.33 20.87
C GLY C 46 0.04 -3.02 21.71
N THR C 47 -0.94 -3.88 21.71
CA THR C 47 -2.16 -3.63 22.50
C THR C 47 -1.78 -3.23 23.93
N GLY A 1 17.01 -6.29 -2.33
CA GLY A 1 15.64 -6.43 -2.92
C GLY A 1 14.63 -6.71 -1.80
N GLY A 2 13.76 -7.66 -2.01
CA GLY A 2 12.74 -8.00 -0.97
C GLY A 2 11.37 -8.16 -1.64
N ALA A 3 11.12 -7.47 -2.72
CA ALA A 3 9.80 -7.60 -3.40
C ALA A 3 9.51 -9.09 -3.61
N HIS A 4 10.52 -9.91 -3.47
CA HIS A 4 10.34 -11.38 -3.65
C HIS A 4 10.15 -11.99 -2.26
N LYS A 5 10.81 -11.44 -1.29
CA LYS A 5 10.69 -11.97 0.10
C LYS A 5 9.35 -11.49 0.66
N VAL A 6 8.48 -11.05 -0.20
CA VAL A 6 7.15 -10.54 0.26
C VAL A 6 6.26 -11.72 0.66
N ARG A 7 5.54 -11.60 1.74
CA ARG A 7 4.62 -12.71 2.15
C ARG A 7 3.22 -12.36 1.64
N ALA A 8 2.71 -13.08 0.68
CA ALA A 8 1.34 -12.76 0.14
C ALA A 8 0.33 -13.79 0.64
N GLY A 9 -0.78 -13.34 1.15
CA GLY A 9 -1.80 -14.30 1.65
C GLY A 9 -2.94 -13.54 2.33
N GLY A 10 -4.14 -14.02 2.19
CA GLY A 10 -5.29 -13.32 2.82
C GLY A 10 -6.61 -13.84 2.23
N PRO A 11 -7.65 -13.97 3.04
CA PRO A 11 -8.96 -14.44 2.55
C PRO A 11 -9.69 -13.33 1.80
N GLY A 12 -9.13 -12.14 1.83
CA GLY A 12 -9.76 -10.99 1.13
C GLY A 12 -9.14 -10.82 -0.25
N LEU A 13 -7.89 -11.18 -0.41
CA LEU A 13 -7.25 -11.02 -1.75
C LEU A 13 -7.92 -11.97 -2.73
N GLU A 14 -8.52 -13.03 -2.25
CA GLU A 14 -9.21 -13.98 -3.18
C GLU A 14 -10.60 -13.44 -3.52
N ARG A 15 -11.27 -12.86 -2.55
CA ARG A 15 -12.63 -12.30 -2.79
C ARG A 15 -13.13 -11.69 -1.49
N ALA A 16 -14.28 -11.06 -1.50
CA ALA A 16 -14.79 -10.45 -0.25
C ALA A 16 -16.24 -10.03 -0.45
N GLU A 17 -16.72 -9.12 0.37
CA GLU A 17 -18.13 -8.65 0.23
C GLU A 17 -18.15 -7.12 0.09
N ALA A 18 -19.16 -6.64 -0.58
CA ALA A 18 -19.30 -5.16 -0.78
C ALA A 18 -19.59 -4.51 0.58
N GLY A 19 -19.03 -3.37 0.85
CA GLY A 19 -19.29 -2.69 2.15
C GLY A 19 -18.74 -3.53 3.30
N VAL A 20 -17.71 -4.30 3.05
CA VAL A 20 -17.12 -5.16 4.14
C VAL A 20 -15.58 -5.05 4.11
N PRO A 21 -14.95 -4.65 5.21
CA PRO A 21 -13.46 -4.52 5.26
C PRO A 21 -12.73 -5.67 4.57
N ALA A 22 -12.19 -5.44 3.40
CA ALA A 22 -11.44 -6.54 2.72
C ALA A 22 -10.06 -6.65 3.37
N GLU A 23 -9.87 -7.65 4.20
CA GLU A 23 -8.56 -7.80 4.91
C GLU A 23 -7.61 -8.72 4.15
N PHE A 24 -6.37 -8.70 4.52
CA PHE A 24 -5.34 -9.58 3.89
C PHE A 24 -3.98 -9.30 4.54
N SER A 25 -3.10 -10.29 4.55
CA SER A 25 -1.77 -10.09 5.20
C SER A 25 -0.66 -9.94 4.15
N ILE A 26 0.14 -8.91 4.29
CA ILE A 26 1.27 -8.68 3.35
C ILE A 26 2.47 -8.22 4.18
N TRP A 27 3.25 -9.17 4.64
CA TRP A 27 4.44 -8.83 5.49
C TRP A 27 5.72 -8.87 4.67
N THR A 28 6.60 -7.95 4.89
CA THR A 28 7.88 -7.93 4.12
C THR A 28 8.98 -7.28 4.98
N ARG A 29 8.61 -6.75 6.12
CA ARG A 29 9.64 -6.11 7.00
C ARG A 29 10.79 -7.09 7.21
N GLU A 30 10.51 -8.37 7.18
CA GLU A 30 11.59 -9.37 7.38
C GLU A 30 12.58 -9.29 6.20
N ALA A 31 12.14 -8.75 5.10
CA ALA A 31 13.05 -8.65 3.92
C ALA A 31 14.13 -7.60 4.21
N GLY A 32 14.20 -7.14 5.43
CA GLY A 32 15.24 -6.12 5.77
C GLY A 32 14.70 -4.71 5.49
N ALA A 33 15.57 -3.78 5.25
CA ALA A 33 15.12 -2.38 4.96
C ALA A 33 14.15 -2.39 3.78
N GLY A 34 13.39 -1.35 3.61
CA GLY A 34 12.42 -1.28 2.47
C GLY A 34 11.17 -0.51 2.90
N GLY A 35 10.57 0.21 1.99
CA GLY A 35 9.35 1.00 2.33
C GLY A 35 8.10 0.17 2.01
N LEU A 36 7.11 0.20 2.87
CA LEU A 36 5.87 -0.59 2.61
C LEU A 36 4.80 0.31 2.01
N ALA A 37 4.39 0.03 0.79
CA ALA A 37 3.32 0.85 0.14
C ALA A 37 2.44 -0.10 -0.65
N ILE A 38 1.20 0.23 -0.84
CA ILE A 38 0.31 -0.68 -1.62
C ILE A 38 -0.71 0.17 -2.35
N ALA A 39 -0.90 -0.06 -3.62
CA ALA A 39 -1.90 0.76 -4.38
C ALA A 39 -3.26 0.09 -4.30
N VAL A 40 -4.19 0.69 -3.60
CA VAL A 40 -5.55 0.08 -3.49
C VAL A 40 -6.46 0.64 -4.58
N GLU A 41 -6.77 -0.17 -5.57
CA GLU A 41 -7.65 0.29 -6.67
C GLU A 41 -9.08 -0.18 -6.42
N GLY A 42 -10.03 0.37 -7.10
CA GLY A 42 -11.43 -0.05 -6.89
C GLY A 42 -12.38 0.99 -7.50
N PRO A 43 -13.53 0.58 -7.99
CA PRO A 43 -14.53 1.51 -8.59
C PRO A 43 -15.35 2.22 -7.52
N SER A 44 -14.91 2.19 -6.28
CA SER A 44 -15.68 2.86 -5.19
C SER A 44 -14.69 3.54 -4.25
N LYS A 45 -15.16 3.95 -3.12
CA LYS A 45 -14.27 4.61 -2.13
C LYS A 45 -13.25 3.56 -1.64
N ALA A 46 -12.62 3.81 -0.54
CA ALA A 46 -11.62 2.85 0.00
C ALA A 46 -11.01 3.43 1.27
N GLU A 47 -11.26 2.82 2.40
CA GLU A 47 -10.70 3.35 3.69
C GLU A 47 -9.38 2.63 4.02
N ILE A 48 -8.35 3.37 4.32
CA ILE A 48 -7.04 2.74 4.67
C ILE A 48 -6.94 2.56 6.18
N SER A 49 -6.52 1.42 6.64
CA SER A 49 -6.39 1.19 8.10
C SER A 49 -5.53 -0.03 8.37
N PHE A 50 -4.60 0.07 9.30
CA PHE A 50 -3.72 -1.09 9.61
C PHE A 50 -4.31 -1.90 10.77
N GLU A 51 -4.55 -3.16 10.57
CA GLU A 51 -5.14 -3.99 11.66
C GLU A 51 -4.02 -4.61 12.49
N ASP A 52 -4.14 -4.55 13.80
CA ASP A 52 -3.08 -5.15 14.68
C ASP A 52 -3.57 -6.49 15.22
N ARG A 53 -2.67 -7.31 15.71
CA ARG A 53 -3.07 -8.64 16.25
C ARG A 53 -2.09 -9.06 17.35
N LYS A 54 -2.47 -10.00 18.17
CA LYS A 54 -1.56 -10.46 19.27
C LYS A 54 -0.22 -10.85 18.67
N ASP A 55 -0.22 -11.40 17.48
CA ASP A 55 1.06 -11.81 16.84
C ASP A 55 1.81 -10.57 16.36
N GLY A 56 1.11 -9.47 16.20
CA GLY A 56 1.78 -8.23 15.72
C GLY A 56 1.98 -8.29 14.21
N SER A 57 1.23 -9.12 13.54
CA SER A 57 1.38 -9.23 12.06
C SER A 57 1.27 -7.83 11.44
N CYS A 58 1.28 -7.76 10.12
CA CYS A 58 1.18 -6.42 9.44
C CYS A 58 0.26 -6.55 8.22
N GLY A 59 -1.01 -6.78 8.44
CA GLY A 59 -1.97 -6.90 7.29
C GLY A 59 -2.82 -5.64 7.22
N VAL A 60 -2.98 -5.10 6.04
CA VAL A 60 -3.80 -3.86 5.88
C VAL A 60 -5.22 -4.24 5.47
N ALA A 61 -6.18 -3.38 5.72
CA ALA A 61 -7.60 -3.69 5.36
C ALA A 61 -8.19 -2.55 4.53
N TYR A 62 -9.22 -2.82 3.79
CA TYR A 62 -9.83 -1.75 2.94
C TYR A 62 -11.32 -2.06 2.73
N VAL A 63 -12.18 -1.11 3.02
CA VAL A 63 -13.64 -1.32 2.81
C VAL A 63 -14.01 -0.82 1.41
N VAL A 64 -15.10 -1.30 0.87
CA VAL A 64 -15.52 -0.83 -0.48
C VAL A 64 -17.05 -0.80 -0.54
N GLN A 65 -17.62 0.11 -1.30
CA GLN A 65 -19.12 0.22 -1.36
C GLN A 65 -19.67 -0.34 -2.67
N GLU A 66 -18.89 -0.36 -3.70
CA GLU A 66 -19.40 -0.85 -5.01
C GLU A 66 -19.36 -2.39 -5.05
N PRO A 67 -20.49 -3.06 -5.22
CA PRO A 67 -20.51 -4.54 -5.31
C PRO A 67 -20.13 -4.99 -6.72
N GLY A 68 -19.18 -5.88 -6.86
CA GLY A 68 -18.79 -6.34 -8.21
C GLY A 68 -17.32 -6.78 -8.19
N ASP A 69 -16.58 -6.48 -9.22
CA ASP A 69 -15.14 -6.89 -9.27
C ASP A 69 -14.23 -5.68 -9.08
N TYR A 70 -13.65 -5.55 -7.92
CA TYR A 70 -12.71 -4.42 -7.64
C TYR A 70 -11.29 -4.97 -7.74
N GLU A 71 -10.28 -4.18 -7.48
CA GLU A 71 -8.89 -4.73 -7.63
C GLU A 71 -7.94 -3.99 -6.68
N VAL A 72 -6.94 -4.69 -6.19
CA VAL A 72 -5.95 -4.07 -5.26
C VAL A 72 -4.54 -4.22 -5.85
N SER A 73 -3.91 -3.12 -6.16
CA SER A 73 -2.54 -3.20 -6.73
C SER A 73 -1.52 -3.16 -5.58
N VAL A 74 -0.61 -4.10 -5.55
CA VAL A 74 0.41 -4.13 -4.46
C VAL A 74 1.72 -3.58 -4.99
N LYS A 75 2.48 -2.88 -4.17
CA LYS A 75 3.75 -2.29 -4.67
C LYS A 75 4.80 -2.24 -3.56
N PHE A 76 5.90 -2.92 -3.77
CA PHE A 76 7.01 -2.90 -2.77
C PHE A 76 8.18 -2.12 -3.37
N ASN A 77 8.63 -1.09 -2.73
CA ASN A 77 9.74 -0.28 -3.30
C ASN A 77 9.36 0.09 -4.73
N GLU A 78 8.08 0.07 -5.03
CA GLU A 78 7.61 0.42 -6.40
C GLU A 78 7.90 -0.76 -7.34
N GLU A 79 7.78 -1.97 -6.84
CA GLU A 79 8.04 -3.17 -7.68
C GLU A 79 6.86 -4.13 -7.55
N HIS A 80 5.92 -4.05 -8.44
CA HIS A 80 4.74 -4.96 -8.39
C HIS A 80 5.24 -6.40 -8.18
N ILE A 81 5.12 -6.91 -6.98
CA ILE A 81 5.61 -8.29 -6.71
C ILE A 81 5.02 -9.24 -7.77
N PRO A 82 5.72 -10.31 -8.11
CA PRO A 82 5.24 -11.28 -9.13
C PRO A 82 3.73 -11.55 -9.04
N ASP A 83 3.17 -12.18 -10.03
CA ASP A 83 1.71 -12.50 -10.02
C ASP A 83 0.87 -11.22 -10.05
N SER A 84 1.11 -10.31 -9.15
CA SER A 84 0.31 -9.05 -9.12
C SER A 84 0.50 -8.30 -10.45
N PRO A 85 -0.42 -7.43 -10.81
CA PRO A 85 -1.66 -7.13 -10.02
C PRO A 85 -2.71 -8.25 -10.15
N PHE A 86 -3.59 -8.37 -9.18
CA PHE A 86 -4.62 -9.45 -9.22
C PHE A 86 -6.01 -8.87 -8.94
N VAL A 87 -7.03 -9.50 -9.48
CA VAL A 87 -8.42 -9.03 -9.27
C VAL A 87 -8.97 -9.67 -7.99
N VAL A 88 -9.91 -9.02 -7.37
CA VAL A 88 -10.50 -9.55 -6.10
C VAL A 88 -12.03 -9.39 -6.15
N PRO A 89 -12.73 -10.36 -6.68
CA PRO A 89 -14.22 -10.32 -6.81
C PRO A 89 -14.94 -10.07 -5.47
N VAL A 90 -15.66 -8.97 -5.36
CA VAL A 90 -16.41 -8.70 -4.09
C VAL A 90 -17.77 -9.37 -4.23
N ALA A 91 -18.08 -10.27 -3.35
CA ALA A 91 -19.38 -10.99 -3.40
C ALA A 91 -20.47 -10.11 -2.76
N SER A 92 -21.68 -10.60 -2.70
CA SER A 92 -22.78 -9.79 -2.09
C SER A 92 -22.87 -10.13 -0.60
N PRO A 93 -23.34 -9.22 0.21
CA PRO A 93 -23.47 -9.44 1.68
C PRO A 93 -23.82 -10.88 2.02
N SER A 94 -23.21 -11.43 3.04
CA SER A 94 -23.50 -12.84 3.42
C SER A 94 -25.02 -13.04 3.44
N GLY A 95 -25.57 -13.53 2.36
CA GLY A 95 -27.04 -13.72 2.31
C GLY A 95 -27.47 -14.03 0.89
N TRP B 1 18.25 0.77 -0.29
CA TRP B 1 17.88 1.84 -1.25
C TRP B 1 17.20 1.22 -2.47
N LYS B 2 17.98 0.64 -3.34
CA LYS B 2 17.41 0.00 -4.56
C LYS B 2 16.61 1.00 -5.34
N VAL B 3 16.30 0.69 -6.59
CA VAL B 3 15.51 1.63 -7.41
C VAL B 3 14.36 2.16 -6.57
N GLY B 4 14.05 1.47 -5.52
CA GLY B 4 12.99 1.97 -4.65
C GLY B 4 13.32 3.41 -4.26
N PHE B 5 14.02 3.56 -3.17
CA PHE B 5 14.40 4.91 -2.62
C PHE B 5 13.80 6.13 -3.39
N PHE B 6 14.15 6.36 -4.63
CA PHE B 6 13.58 7.54 -5.38
C PHE B 6 12.23 7.18 -5.99
N LYS B 7 12.10 6.03 -6.59
CA LYS B 7 10.81 5.64 -7.18
C LYS B 7 10.00 4.97 -6.09
N ARG B 8 10.64 4.79 -4.97
CA ARG B 8 9.98 4.13 -3.83
C ARG B 8 8.80 5.00 -3.40
N ASN B 9 9.01 6.28 -3.27
CA ASN B 9 7.88 7.18 -2.87
C ASN B 9 6.66 6.88 -3.74
N ARG B 10 5.61 6.36 -3.17
CA ARG B 10 4.40 6.06 -3.97
C ARG B 10 4.00 7.27 -4.84
N PRO B 11 3.90 8.48 -4.30
CA PRO B 11 3.51 9.66 -5.12
C PRO B 11 4.64 10.06 -6.10
N PRO B 12 4.31 10.80 -7.14
CA PRO B 12 5.30 11.24 -8.14
C PRO B 12 6.22 12.35 -7.61
N LEU B 13 7.02 12.94 -8.46
CA LEU B 13 7.93 14.03 -8.03
C LEU B 13 7.75 15.24 -8.94
N GLU B 14 8.32 16.37 -8.60
CA GLU B 14 8.17 17.57 -9.44
C GLU B 14 9.09 17.47 -10.65
N GLU B 15 10.30 17.02 -10.45
CA GLU B 15 11.26 16.89 -11.58
C GLU B 15 10.98 15.60 -12.35
N ASP B 16 11.39 15.53 -13.58
CA ASP B 16 11.14 14.30 -14.38
C ASP B 16 12.12 13.20 -13.95
N ASP B 17 11.64 12.00 -13.79
CA ASP B 17 12.54 10.89 -13.37
C ASP B 17 13.45 10.49 -14.54
N GLU B 18 14.65 10.08 -14.26
CA GLU B 18 15.58 9.68 -15.34
C GLU B 18 16.87 9.12 -14.73
N GLU B 19 16.76 8.16 -13.85
CA GLU B 19 17.98 7.58 -13.22
C GLU B 19 18.81 8.70 -12.58
N GLY B 20 18.76 8.80 -11.28
CA GLY B 20 19.55 9.86 -10.59
C GLY B 20 18.77 11.18 -10.63
N GLU B 21 17.76 11.31 -9.82
CA GLU B 21 16.96 12.57 -9.82
C GLU B 21 16.07 12.59 -8.58
N LYS C 1 21.00 -3.94 5.33
CA LYS C 1 19.56 -4.09 4.97
C LYS C 1 18.69 -3.69 6.15
N LYS C 2 19.01 -2.60 6.80
CA LYS C 2 18.20 -2.15 7.96
C LYS C 2 18.46 -0.66 8.21
N LYS C 3 18.59 0.11 7.17
CA LYS C 3 18.86 1.57 7.34
C LYS C 3 18.83 2.25 5.97
N ILE C 4 19.32 1.56 4.96
CA ILE C 4 19.34 2.15 3.60
C ILE C 4 17.96 2.78 3.28
N THR C 5 16.90 2.16 3.71
CA THR C 5 15.55 2.73 3.45
C THR C 5 15.33 3.91 4.39
N ILE C 6 15.68 3.75 5.64
CA ILE C 6 15.49 4.86 6.61
C ILE C 6 16.02 6.17 6.01
N HIS C 7 16.93 6.07 5.09
CA HIS C 7 17.47 7.30 4.44
C HIS C 7 16.36 7.96 3.62
N ASP C 8 15.76 7.20 2.74
CA ASP C 8 14.67 7.80 1.90
C ASP C 8 13.41 7.98 2.74
N ARG C 9 13.43 7.56 3.97
CA ARG C 9 12.21 7.71 4.83
C ARG C 9 12.08 9.16 5.28
N LYS C 10 13.17 9.85 5.47
CA LYS C 10 13.10 11.27 5.93
C LYS C 10 12.86 12.21 4.74
N GLU C 11 13.28 11.83 3.56
CA GLU C 11 13.07 12.73 2.39
C GLU C 11 11.56 12.95 2.23
N PHE C 12 10.79 11.98 2.63
CA PHE C 12 9.31 12.12 2.53
C PHE C 12 8.80 13.05 3.62
N ALA C 13 9.35 12.94 4.79
CA ALA C 13 8.92 13.82 5.92
C ALA C 13 9.07 15.28 5.53
N LYS C 14 10.14 15.63 4.85
CA LYS C 14 10.33 17.06 4.45
C LYS C 14 9.64 17.32 3.12
N PHE C 15 9.41 16.30 2.34
CA PHE C 15 8.74 16.50 1.03
C PHE C 15 7.40 17.19 1.25
N GLU C 16 6.90 17.15 2.46
CA GLU C 16 5.59 17.82 2.76
C GLU C 16 5.88 19.23 3.25
N GLU C 17 6.94 19.39 3.98
CA GLU C 17 7.31 20.75 4.45
C GLU C 17 7.86 21.50 3.26
N GLU C 18 8.13 20.76 2.20
CA GLU C 18 8.66 21.37 0.96
C GLU C 18 7.49 22.04 0.23
N ARG C 19 6.50 21.26 -0.13
CA ARG C 19 5.32 21.84 -0.83
C ARG C 19 4.38 22.46 0.21
N ALA C 20 4.63 22.18 1.45
CA ALA C 20 3.76 22.73 2.53
C ALA C 20 2.28 22.49 2.18
N ARG C 21 1.38 23.16 2.83
CA ARG C 21 -0.06 22.96 2.54
C ARG C 21 -0.43 21.50 2.74
N ALA C 22 -1.02 20.86 1.75
CA ALA C 22 -1.39 19.44 1.90
C ALA C 22 -1.93 18.91 0.57
N LYS C 23 -2.45 17.72 0.55
CA LYS C 23 -3.00 17.15 -0.72
C LYS C 23 -4.31 17.84 -1.06
N TRP C 24 -4.75 17.72 -2.29
CA TRP C 24 -6.04 18.36 -2.69
C TRP C 24 -7.18 17.83 -1.81
N ASP C 25 -8.33 18.41 -1.91
CA ASP C 25 -9.49 17.93 -1.09
C ASP C 25 -9.96 16.58 -1.61
N THR C 26 -10.34 16.51 -2.85
CA THR C 26 -10.81 15.21 -3.42
C THR C 26 -11.14 15.39 -4.90
N ALA C 27 -10.85 14.42 -5.71
CA ALA C 27 -11.15 14.53 -7.17
C ALA C 27 -11.21 13.13 -7.79
N ASN C 28 -11.20 12.11 -6.97
CA ASN C 28 -11.25 10.72 -7.52
C ASN C 28 -12.69 10.38 -7.90
N ASN C 29 -13.20 10.98 -8.95
CA ASN C 29 -14.60 10.69 -9.37
C ASN C 29 -14.68 9.34 -10.11
N PRO C 30 -13.67 8.98 -10.87
CA PRO C 30 -13.67 7.70 -11.63
C PRO C 30 -13.03 6.56 -10.82
N LEU C 31 -12.53 5.54 -11.48
CA LEU C 31 -11.89 4.41 -10.75
C LEU C 31 -10.92 4.96 -9.70
N TYR C 32 -11.04 4.54 -8.48
CA TYR C 32 -10.13 5.05 -7.42
C TYR C 32 -8.73 4.47 -7.63
N LYS C 33 -7.79 4.87 -6.83
CA LYS C 33 -6.40 4.37 -6.97
C LYS C 33 -5.53 4.87 -5.82
N GLU C 34 -6.09 5.03 -4.65
CA GLU C 34 -5.28 5.52 -3.50
C GLU C 34 -4.17 4.51 -3.22
N ALA C 35 -3.35 4.75 -2.24
CA ALA C 35 -2.27 3.78 -1.93
C ALA C 35 -1.75 4.02 -0.52
N THR C 36 -0.87 3.18 -0.03
CA THR C 36 -0.33 3.37 1.34
C THR C 36 1.02 4.08 1.26
N SER C 37 1.34 4.91 2.22
CA SER C 37 2.65 5.63 2.19
C SER C 37 3.18 5.79 3.62
N THR C 38 3.74 4.75 4.17
CA THR C 38 4.29 4.84 5.55
C THR C 38 5.07 3.57 5.88
N PHE C 39 5.32 3.33 7.14
CA PHE C 39 6.09 2.11 7.53
C PHE C 39 5.51 1.54 8.84
N THR C 40 5.49 2.33 9.88
CA THR C 40 4.93 1.83 11.17
C THR C 40 3.40 1.89 11.12
N ASN C 41 2.74 1.19 12.00
CA ASN C 41 1.26 1.20 12.01
C ASN C 41 0.77 2.46 12.73
N ILE C 42 -0.41 2.41 13.31
CA ILE C 42 -0.94 3.60 14.03
C ILE C 42 -0.03 3.93 15.21
N THR C 43 -0.20 3.25 16.31
CA THR C 43 0.65 3.53 17.50
C THR C 43 0.70 2.28 18.39
N TYR C 44 -0.38 1.54 18.43
CA TYR C 44 -0.41 0.31 19.29
C TYR C 44 0.84 -0.53 19.00
N ARG C 45 1.64 -0.78 20.00
CA ARG C 45 2.87 -1.60 19.79
C ARG C 45 2.49 -2.93 19.13
N GLY C 46 3.43 -3.79 18.92
CA GLY C 46 3.12 -5.11 18.29
C GLY C 46 4.42 -5.87 18.02
N THR C 47 5.15 -6.21 19.04
CA THR C 47 6.42 -6.96 18.84
C THR C 47 6.17 -8.15 17.93
N GLY A 1 14.66 -5.36 -3.70
CA GLY A 1 14.46 -6.82 -3.92
C GLY A 1 13.56 -7.39 -2.83
N GLY A 2 13.64 -8.67 -2.59
CA GLY A 2 12.79 -9.29 -1.53
C GLY A 2 11.35 -9.42 -2.05
N ALA A 3 11.04 -8.76 -3.13
CA ALA A 3 9.65 -8.85 -3.68
C ALA A 3 9.26 -10.32 -3.81
N HIS A 4 10.22 -11.19 -3.71
CA HIS A 4 9.92 -12.66 -3.81
C HIS A 4 9.78 -13.21 -2.40
N LYS A 5 10.53 -12.66 -1.48
CA LYS A 5 10.43 -13.12 -0.07
C LYS A 5 9.16 -12.52 0.52
N VAL A 6 8.30 -12.01 -0.32
CA VAL A 6 7.05 -11.39 0.17
C VAL A 6 6.08 -12.48 0.66
N ARG A 7 5.40 -12.26 1.75
CA ARG A 7 4.43 -13.28 2.23
C ARG A 7 3.05 -12.88 1.70
N ALA A 8 2.51 -13.65 0.78
CA ALA A 8 1.17 -13.31 0.22
C ALA A 8 0.10 -14.22 0.81
N GLY A 9 -0.93 -13.65 1.39
CA GLY A 9 -2.01 -14.48 1.96
C GLY A 9 -3.07 -13.59 2.59
N GLY A 10 -4.32 -13.96 2.46
CA GLY A 10 -5.40 -13.12 3.06
C GLY A 10 -6.75 -13.51 2.45
N PRO A 11 -7.81 -13.49 3.23
CA PRO A 11 -9.17 -13.82 2.71
C PRO A 11 -9.75 -12.66 1.91
N GLY A 12 -9.09 -11.53 1.94
CA GLY A 12 -9.58 -10.33 1.19
C GLY A 12 -8.89 -10.25 -0.17
N LEU A 13 -7.66 -10.70 -0.25
CA LEU A 13 -6.96 -10.63 -1.57
C LEU A 13 -7.65 -11.57 -2.56
N GLU A 14 -8.35 -12.56 -2.07
CA GLU A 14 -9.06 -13.49 -2.99
C GLU A 14 -10.40 -12.86 -3.36
N ARG A 15 -11.06 -12.29 -2.39
CA ARG A 15 -12.37 -11.63 -2.63
C ARG A 15 -12.91 -11.11 -1.29
N ALA A 16 -14.00 -10.43 -1.31
CA ALA A 16 -14.55 -9.88 -0.03
C ALA A 16 -16.04 -9.58 -0.23
N GLU A 17 -16.60 -8.74 0.61
CA GLU A 17 -18.05 -8.40 0.50
C GLU A 17 -18.20 -6.88 0.37
N ALA A 18 -19.25 -6.46 -0.26
CA ALA A 18 -19.49 -5.00 -0.44
C ALA A 18 -19.80 -4.37 0.93
N GLY A 19 -19.04 -3.39 1.32
CA GLY A 19 -19.29 -2.73 2.64
C GLY A 19 -18.75 -3.62 3.77
N VAL A 20 -17.73 -4.39 3.49
CA VAL A 20 -17.14 -5.29 4.53
C VAL A 20 -15.61 -5.15 4.53
N PRO A 21 -14.99 -4.80 5.63
CA PRO A 21 -13.51 -4.66 5.70
C PRO A 21 -12.75 -5.75 4.93
N ALA A 22 -12.22 -5.43 3.79
CA ALA A 22 -11.44 -6.46 3.03
C ALA A 22 -10.07 -6.57 3.69
N GLU A 23 -9.89 -7.57 4.52
CA GLU A 23 -8.59 -7.74 5.24
C GLU A 23 -7.64 -8.68 4.51
N PHE A 24 -6.39 -8.64 4.86
CA PHE A 24 -5.38 -9.55 4.23
C PHE A 24 -4.02 -9.34 4.91
N SER A 25 -3.02 -10.08 4.49
CA SER A 25 -1.67 -9.93 5.13
C SER A 25 -0.56 -9.95 4.05
N ILE A 26 0.31 -8.99 4.11
CA ILE A 26 1.45 -8.93 3.14
C ILE A 26 2.68 -8.48 3.94
N TRP A 27 3.43 -9.42 4.46
CA TRP A 27 4.63 -9.08 5.27
C TRP A 27 5.90 -9.16 4.43
N THR A 28 6.79 -8.23 4.62
CA THR A 28 8.07 -8.24 3.84
C THR A 28 9.08 -7.32 4.52
N ARG A 29 8.76 -6.83 5.69
CA ARG A 29 9.71 -5.92 6.40
C ARG A 29 11.02 -6.67 6.68
N GLU A 30 10.93 -7.94 6.97
CA GLU A 30 12.16 -8.73 7.26
C GLU A 30 12.86 -9.09 5.95
N ALA A 31 12.16 -8.98 4.85
CA ALA A 31 12.78 -9.31 3.53
C ALA A 31 14.09 -8.53 3.37
N GLY A 32 14.20 -7.40 4.03
CA GLY A 32 15.45 -6.59 3.92
C GLY A 32 15.10 -5.10 3.97
N ALA A 33 15.97 -4.25 3.51
CA ALA A 33 15.69 -2.79 3.53
C ALA A 33 14.64 -2.46 2.47
N GLY A 34 13.90 -1.40 2.66
CA GLY A 34 12.85 -1.02 1.67
C GLY A 34 11.62 -0.47 2.39
N GLY A 35 10.59 -0.13 1.65
CA GLY A 35 9.35 0.43 2.28
C GLY A 35 8.13 -0.17 1.59
N LEU A 36 6.96 0.06 2.14
CA LEU A 36 5.73 -0.50 1.52
C LEU A 36 5.24 0.43 0.39
N ALA A 37 4.91 -0.12 -0.74
CA ALA A 37 4.42 0.70 -1.88
C ALA A 37 3.38 -0.12 -2.61
N ILE A 38 2.12 0.21 -2.47
CA ILE A 38 1.05 -0.59 -3.15
C ILE A 38 0.00 0.36 -3.67
N ALA A 39 -0.78 -0.06 -4.64
CA ALA A 39 -1.84 0.83 -5.20
C ALA A 39 -3.18 0.15 -4.99
N VAL A 40 -4.02 0.70 -4.15
CA VAL A 40 -5.34 0.06 -3.91
C VAL A 40 -6.35 0.68 -4.88
N GLU A 41 -6.79 -0.10 -5.82
CA GLU A 41 -7.76 0.40 -6.85
C GLU A 41 -9.16 -0.10 -6.51
N GLY A 42 -10.16 0.50 -7.07
CA GLY A 42 -11.55 0.06 -6.79
C GLY A 42 -12.53 1.13 -7.28
N PRO A 43 -13.69 0.74 -7.76
CA PRO A 43 -14.72 1.72 -8.25
C PRO A 43 -15.45 2.39 -7.08
N SER A 44 -14.90 2.29 -5.89
CA SER A 44 -15.55 2.92 -4.70
C SER A 44 -14.45 3.53 -3.82
N LYS A 45 -14.79 3.85 -2.60
CA LYS A 45 -13.81 4.44 -1.67
C LYS A 45 -13.03 3.30 -1.01
N ALA A 46 -12.39 3.56 0.08
CA ALA A 46 -11.61 2.49 0.78
C ALA A 46 -10.94 3.10 2.01
N GLU A 47 -11.33 2.66 3.18
CA GLU A 47 -10.73 3.23 4.43
C GLU A 47 -9.43 2.48 4.75
N ILE A 48 -8.35 3.21 4.92
CA ILE A 48 -7.04 2.56 5.25
C ILE A 48 -6.88 2.47 6.77
N SER A 49 -6.58 1.31 7.27
CA SER A 49 -6.41 1.15 8.75
C SER A 49 -5.65 -0.14 9.04
N PHE A 50 -4.58 -0.06 9.77
CA PHE A 50 -3.79 -1.28 10.10
C PHE A 50 -4.38 -1.97 11.33
N GLU A 51 -3.99 -3.19 11.60
CA GLU A 51 -4.52 -3.91 12.79
C GLU A 51 -3.40 -4.75 13.42
N ASP A 52 -3.27 -4.70 14.72
CA ASP A 52 -2.20 -5.49 15.40
C ASP A 52 -2.81 -6.79 15.95
N ARG A 53 -1.98 -7.64 16.49
CA ARG A 53 -2.50 -8.93 17.04
C ARG A 53 -1.45 -9.56 17.95
N LYS A 54 -1.85 -10.41 18.85
CA LYS A 54 -0.86 -11.05 19.76
C LYS A 54 0.29 -11.62 18.94
N ASP A 55 0.06 -11.90 17.69
CA ASP A 55 1.14 -12.46 16.83
C ASP A 55 2.01 -11.31 16.31
N GLY A 56 1.46 -10.13 16.20
CA GLY A 56 2.26 -8.98 15.71
C GLY A 56 2.34 -9.04 14.18
N SER A 57 1.37 -9.62 13.54
CA SER A 57 1.39 -9.70 12.06
C SER A 57 1.43 -8.29 11.47
N CYS A 58 1.38 -8.18 10.16
CA CYS A 58 1.41 -6.83 9.52
C CYS A 58 0.43 -6.82 8.35
N GLY A 59 -0.85 -6.80 8.64
CA GLY A 59 -1.89 -6.78 7.56
C GLY A 59 -2.70 -5.48 7.63
N VAL A 60 -3.29 -5.08 6.54
CA VAL A 60 -4.11 -3.84 6.50
C VAL A 60 -5.47 -4.19 5.89
N ALA A 61 -6.49 -3.41 6.16
CA ALA A 61 -7.85 -3.73 5.60
C ALA A 61 -8.45 -2.52 4.88
N TYR A 62 -9.38 -2.78 3.98
CA TYR A 62 -10.05 -1.67 3.24
C TYR A 62 -11.55 -1.95 3.13
N VAL A 63 -12.37 -1.04 3.58
CA VAL A 63 -13.85 -1.25 3.47
C VAL A 63 -14.31 -0.67 2.14
N VAL A 64 -14.91 -1.47 1.29
CA VAL A 64 -15.39 -0.98 -0.04
C VAL A 64 -16.92 -0.92 -0.03
N GLN A 65 -17.50 -0.06 -0.83
CA GLN A 65 -18.99 0.09 -0.84
C GLN A 65 -19.60 -0.36 -2.17
N GLU A 66 -18.84 -0.34 -3.23
CA GLU A 66 -19.43 -0.74 -4.54
C GLU A 66 -19.45 -2.28 -4.67
N PRO A 67 -20.61 -2.89 -4.82
CA PRO A 67 -20.70 -4.36 -4.98
C PRO A 67 -20.36 -4.78 -6.41
N GLY A 68 -19.43 -5.69 -6.58
CA GLY A 68 -19.07 -6.12 -7.96
C GLY A 68 -17.62 -6.57 -8.00
N ASP A 69 -16.92 -6.26 -9.07
CA ASP A 69 -15.50 -6.68 -9.20
C ASP A 69 -14.55 -5.49 -8.99
N TYR A 70 -13.90 -5.42 -7.85
CA TYR A 70 -12.93 -4.31 -7.60
C TYR A 70 -11.51 -4.88 -7.73
N GLU A 71 -10.48 -4.11 -7.51
CA GLU A 71 -9.12 -4.68 -7.68
C GLU A 71 -8.09 -3.86 -6.90
N VAL A 72 -7.17 -4.53 -6.25
CA VAL A 72 -6.10 -3.84 -5.47
C VAL A 72 -4.76 -4.16 -6.10
N SER A 73 -4.02 -3.17 -6.50
CA SER A 73 -2.69 -3.45 -7.11
C SER A 73 -1.72 -3.85 -6.00
N VAL A 74 -0.55 -4.33 -6.34
CA VAL A 74 0.44 -4.73 -5.28
C VAL A 74 1.85 -4.41 -5.75
N LYS A 75 2.66 -3.84 -4.88
CA LYS A 75 4.06 -3.50 -5.30
C LYS A 75 4.99 -3.50 -4.09
N PHE A 76 6.23 -3.84 -4.30
CA PHE A 76 7.22 -3.84 -3.17
C PHE A 76 8.58 -3.44 -3.73
N ASN A 77 9.26 -2.54 -3.08
CA ASN A 77 10.59 -2.10 -3.59
C ASN A 77 10.42 -1.67 -5.05
N GLU A 78 9.22 -1.33 -5.44
CA GLU A 78 8.97 -0.90 -6.84
C GLU A 78 9.02 -2.11 -7.79
N GLU A 79 8.61 -3.26 -7.31
CA GLU A 79 8.62 -4.49 -8.15
C GLU A 79 7.27 -5.19 -8.07
N HIS A 80 6.45 -5.00 -9.06
CA HIS A 80 5.12 -5.66 -9.05
C HIS A 80 5.32 -7.16 -8.78
N ILE A 81 5.06 -7.60 -7.58
CA ILE A 81 5.27 -9.03 -7.25
C ILE A 81 4.59 -9.91 -8.33
N PRO A 82 5.11 -11.09 -8.58
CA PRO A 82 4.54 -12.01 -9.60
C PRO A 82 3.00 -12.01 -9.63
N ASP A 83 2.42 -12.48 -10.71
CA ASP A 83 0.93 -12.53 -10.80
C ASP A 83 0.33 -11.16 -10.47
N SER A 84 0.86 -10.11 -11.05
CA SER A 84 0.34 -8.73 -10.77
C SER A 84 -0.35 -8.19 -12.05
N PRO A 85 -1.38 -7.37 -11.92
CA PRO A 85 -1.96 -6.92 -10.62
C PRO A 85 -2.81 -8.01 -9.95
N PHE A 86 -3.09 -7.88 -8.68
CA PHE A 86 -3.90 -8.90 -7.98
C PHE A 86 -5.39 -8.63 -8.21
N VAL A 87 -6.07 -9.52 -8.90
CA VAL A 87 -7.52 -9.33 -9.13
C VAL A 87 -8.25 -9.67 -7.84
N VAL A 88 -9.11 -8.80 -7.36
CA VAL A 88 -9.83 -9.07 -6.09
C VAL A 88 -11.26 -8.52 -6.19
N PRO A 89 -12.23 -9.33 -6.55
CA PRO A 89 -13.63 -8.85 -6.66
C PRO A 89 -14.37 -8.92 -5.33
N VAL A 90 -15.42 -8.14 -5.19
CA VAL A 90 -16.22 -8.14 -3.93
C VAL A 90 -17.44 -9.04 -4.13
N ALA A 91 -17.63 -9.99 -3.27
CA ALA A 91 -18.79 -10.91 -3.39
C ALA A 91 -20.02 -10.23 -2.76
N SER A 92 -21.12 -10.93 -2.68
CA SER A 92 -22.34 -10.33 -2.07
C SER A 92 -22.41 -10.72 -0.59
N PRO A 93 -23.09 -9.94 0.22
CA PRO A 93 -23.22 -10.21 1.68
C PRO A 93 -23.25 -11.70 2.01
N SER A 94 -22.57 -12.10 3.05
CA SER A 94 -22.56 -13.55 3.42
C SER A 94 -23.99 -14.08 3.38
N GLY A 95 -24.37 -14.67 2.29
CA GLY A 95 -25.76 -15.20 2.20
C GLY A 95 -26.06 -15.59 0.76
N TRP B 1 15.11 -1.25 -0.13
CA TRP B 1 16.01 -0.22 -0.72
C TRP B 1 16.20 -0.52 -2.21
N LYS B 2 17.38 -0.94 -2.61
CA LYS B 2 17.63 -1.25 -4.04
C LYS B 2 17.06 -0.17 -4.92
N VAL B 3 17.02 -0.39 -6.22
CA VAL B 3 16.48 0.64 -7.15
C VAL B 3 15.21 1.23 -6.53
N GLY B 4 14.62 0.52 -5.64
CA GLY B 4 13.41 1.07 -5.00
C GLY B 4 13.73 2.47 -4.46
N PHE B 5 14.16 2.52 -3.23
CA PHE B 5 14.48 3.82 -2.52
C PHE B 5 14.20 5.12 -3.34
N PHE B 6 14.84 5.34 -4.45
CA PHE B 6 14.58 6.60 -5.24
C PHE B 6 13.44 6.39 -6.23
N LYS B 7 13.36 5.25 -6.88
CA LYS B 7 12.24 5.01 -7.82
C LYS B 7 11.14 4.37 -7.00
N ARG B 8 11.41 4.22 -5.74
CA ARG B 8 10.43 3.59 -4.84
C ARG B 8 9.28 4.57 -4.63
N ASN B 9 9.60 5.82 -4.41
CA ASN B 9 8.52 6.83 -4.19
C ASN B 9 7.44 6.66 -5.27
N ARG B 10 6.22 6.40 -4.86
CA ARG B 10 5.11 6.21 -5.85
C ARG B 10 5.21 7.27 -6.96
N PRO B 11 5.05 8.53 -6.64
CA PRO B 11 5.12 9.63 -7.66
C PRO B 11 6.47 9.63 -8.41
N PRO B 12 6.54 10.30 -9.53
CA PRO B 12 7.79 10.38 -10.34
C PRO B 12 8.85 11.26 -9.67
N LEU B 13 9.87 11.63 -10.42
CA LEU B 13 10.95 12.47 -9.83
C LEU B 13 11.89 12.94 -10.94
N GLU B 14 11.67 14.13 -11.46
CA GLU B 14 12.55 14.65 -12.56
C GLU B 14 12.86 16.13 -12.31
N GLU B 15 13.35 16.45 -11.15
CA GLU B 15 13.68 17.87 -10.83
C GLU B 15 15.03 18.23 -11.46
N ASP B 16 15.41 19.48 -11.42
CA ASP B 16 16.72 19.88 -12.00
C ASP B 16 17.81 18.93 -11.50
N ASP B 17 17.84 18.67 -10.22
CA ASP B 17 18.88 17.75 -9.68
C ASP B 17 18.44 16.31 -9.88
N GLU B 18 19.27 15.51 -10.52
CA GLU B 18 18.90 14.09 -10.76
C GLU B 18 20.16 13.26 -11.00
N GLU B 19 20.71 12.69 -9.96
CA GLU B 19 21.94 11.87 -10.12
C GLU B 19 22.09 10.92 -8.93
N GLY B 20 22.59 9.74 -9.17
CA GLY B 20 22.75 8.78 -8.04
C GLY B 20 24.00 9.14 -7.24
N GLU B 21 23.90 10.12 -6.38
CA GLU B 21 25.08 10.52 -5.56
C GLU B 21 24.61 11.39 -4.39
N LYS C 1 20.08 -3.42 7.36
CA LYS C 1 19.29 -3.24 6.11
C LYS C 1 17.80 -3.19 6.45
N LYS C 2 17.42 -2.34 7.37
CA LYS C 2 15.98 -2.25 7.73
C LYS C 2 15.73 -0.92 8.46
N LYS C 3 16.43 0.12 8.07
CA LYS C 3 16.23 1.44 8.72
C LYS C 3 16.60 2.56 7.75
N ILE C 4 17.11 2.21 6.60
CA ILE C 4 17.49 3.26 5.61
C ILE C 4 16.23 3.80 4.91
N THR C 5 15.56 2.98 4.16
CA THR C 5 14.32 3.44 3.46
C THR C 5 13.42 4.18 4.46
N ILE C 6 13.56 3.88 5.73
CA ILE C 6 12.71 4.57 6.73
C ILE C 6 13.11 6.03 6.83
N HIS C 7 14.35 6.35 6.55
CA HIS C 7 14.79 7.77 6.62
C HIS C 7 14.08 8.56 5.53
N ASP C 8 13.54 7.88 4.55
CA ASP C 8 12.83 8.58 3.44
C ASP C 8 11.37 8.83 3.86
N ARG C 9 10.95 8.24 4.95
CA ARG C 9 9.55 8.45 5.40
C ARG C 9 9.42 9.85 6.01
N LYS C 10 10.45 10.32 6.64
CA LYS C 10 10.39 11.67 7.27
C LYS C 10 10.79 12.75 6.26
N GLU C 11 11.56 12.41 5.25
CA GLU C 11 11.96 13.43 4.26
C GLU C 11 10.69 14.00 3.61
N PHE C 12 9.66 13.22 3.58
CA PHE C 12 8.39 13.69 2.98
C PHE C 12 7.67 14.60 3.97
N ALA C 13 7.70 14.24 5.22
CA ALA C 13 7.01 15.08 6.24
C ALA C 13 7.58 16.50 6.24
N LYS C 14 8.86 16.65 5.98
CA LYS C 14 9.46 18.01 5.96
C LYS C 14 9.43 18.58 4.55
N PHE C 15 9.38 17.74 3.56
CA PHE C 15 9.34 18.24 2.16
C PHE C 15 8.10 19.13 1.99
N GLU C 16 7.17 19.04 2.89
CA GLU C 16 5.95 19.88 2.80
C GLU C 16 6.19 21.15 3.62
N GLU C 17 6.88 21.02 4.72
CA GLU C 17 7.19 22.21 5.53
C GLU C 17 8.26 22.99 4.78
N GLU C 18 8.82 22.36 3.79
CA GLU C 18 9.85 23.01 2.96
C GLU C 18 9.16 23.96 1.98
N ARG C 19 8.30 23.44 1.16
CA ARG C 19 7.56 24.31 0.20
C ARG C 19 6.38 24.94 0.92
N ALA C 20 6.08 24.46 2.11
CA ALA C 20 4.95 25.03 2.89
C ALA C 20 3.68 25.01 2.02
N ARG C 21 2.70 25.79 2.37
CA ARG C 21 1.44 25.82 1.58
C ARG C 21 0.80 24.42 1.60
N ALA C 22 0.24 24.01 0.50
CA ALA C 22 -0.40 22.66 0.47
C ALA C 22 -0.62 22.25 -0.99
N LYS C 23 -1.06 21.04 -1.21
CA LYS C 23 -1.30 20.57 -2.60
C LYS C 23 -2.59 21.21 -3.14
N TRP C 24 -3.03 20.80 -4.29
CA TRP C 24 -4.28 21.37 -4.86
C TRP C 24 -4.82 20.44 -5.96
N ASP C 25 -3.95 19.67 -6.56
CA ASP C 25 -4.40 18.76 -7.65
C ASP C 25 -5.26 17.65 -7.05
N THR C 26 -6.16 17.99 -6.16
CA THR C 26 -7.03 16.96 -5.55
C THR C 26 -7.93 16.33 -6.61
N ALA C 27 -7.35 15.55 -7.49
CA ALA C 27 -8.16 14.90 -8.57
C ALA C 27 -8.79 13.62 -8.02
N ASN C 28 -9.95 13.26 -8.51
CA ASN C 28 -10.62 12.02 -8.04
C ASN C 28 -11.38 11.36 -9.20
N ASN C 29 -10.68 10.61 -10.01
CA ASN C 29 -11.35 9.94 -11.15
C ASN C 29 -12.24 8.81 -10.63
N PRO C 30 -13.29 8.46 -11.35
CA PRO C 30 -14.22 7.37 -10.93
C PRO C 30 -13.48 6.22 -10.24
N LEU C 31 -12.62 5.54 -10.95
CA LEU C 31 -11.87 4.41 -10.33
C LEU C 31 -10.85 4.96 -9.33
N TYR C 32 -10.85 4.44 -8.13
CA TYR C 32 -9.86 4.94 -7.12
C TYR C 32 -8.49 4.36 -7.42
N LYS C 33 -7.50 4.69 -6.63
CA LYS C 33 -6.12 4.19 -6.89
C LYS C 33 -5.18 4.64 -5.77
N GLU C 34 -5.69 4.93 -4.61
CA GLU C 34 -4.80 5.36 -3.50
C GLU C 34 -3.67 4.35 -3.34
N ALA C 35 -2.70 4.61 -2.50
CA ALA C 35 -1.59 3.65 -2.32
C ALA C 35 -1.13 3.67 -0.87
N THR C 36 -0.55 2.60 -0.39
CA THR C 36 -0.09 2.58 1.03
C THR C 36 1.38 3.02 1.05
N SER C 37 1.64 4.28 1.30
CA SER C 37 3.04 4.78 1.35
C SER C 37 3.44 5.06 2.80
N THR C 38 4.14 4.13 3.41
CA THR C 38 4.55 4.34 4.83
C THR C 38 5.61 3.30 5.21
N PHE C 39 5.45 2.68 6.35
CA PHE C 39 6.45 1.65 6.78
C PHE C 39 5.80 0.74 7.83
N THR C 40 4.57 1.02 8.19
CA THR C 40 3.88 0.18 9.21
C THR C 40 4.82 -0.08 10.40
N ASN C 41 5.29 0.98 11.02
CA ASN C 41 6.20 0.80 12.19
C ASN C 41 5.37 0.37 13.40
N ILE C 42 4.33 -0.39 13.19
CA ILE C 42 3.47 -0.84 14.31
C ILE C 42 4.12 -2.03 15.01
N THR C 43 3.88 -2.19 16.28
CA THR C 43 4.49 -3.34 17.01
C THR C 43 3.77 -3.52 18.35
N TYR C 44 2.59 -2.99 18.49
CA TYR C 44 1.85 -3.13 19.77
C TYR C 44 1.43 -4.58 19.96
N ARG C 45 1.73 -5.16 21.09
CA ARG C 45 1.35 -6.58 21.34
C ARG C 45 -0.16 -6.66 21.58
N GLY C 46 -0.85 -5.55 21.50
CA GLY C 46 -2.32 -5.57 21.74
C GLY C 46 -2.83 -4.14 21.94
N THR C 47 -3.97 -3.81 21.38
CA THR C 47 -4.50 -2.44 21.55
C THR C 47 -4.72 -2.14 23.04
N GLY A 1 16.38 -5.83 -3.07
CA GLY A 1 15.02 -6.12 -3.60
C GLY A 1 14.11 -6.52 -2.45
N GLY A 2 13.70 -7.77 -2.40
CA GLY A 2 12.80 -8.26 -1.30
C GLY A 2 11.39 -8.47 -1.86
N ALA A 3 11.06 -7.81 -2.93
CA ALA A 3 9.71 -7.98 -3.52
C ALA A 3 9.41 -9.47 -3.65
N HIS A 4 10.42 -10.29 -3.53
CA HIS A 4 10.22 -11.76 -3.64
C HIS A 4 10.11 -12.31 -2.22
N LYS A 5 10.84 -11.74 -1.30
CA LYS A 5 10.77 -12.20 0.11
C LYS A 5 9.46 -11.68 0.70
N VAL A 6 8.60 -11.17 -0.14
CA VAL A 6 7.32 -10.63 0.35
C VAL A 6 6.39 -11.80 0.73
N ARG A 7 5.70 -11.71 1.83
CA ARG A 7 4.76 -12.79 2.20
C ARG A 7 3.38 -12.40 1.69
N ALA A 8 2.85 -13.09 0.71
CA ALA A 8 1.51 -12.72 0.18
C ALA A 8 0.46 -13.69 0.72
N GLY A 9 -0.51 -13.17 1.42
CA GLY A 9 -1.56 -14.05 1.98
C GLY A 9 -2.65 -13.20 2.64
N GLY A 10 -3.89 -13.61 2.52
CA GLY A 10 -4.98 -12.83 3.15
C GLY A 10 -6.33 -13.29 2.56
N PRO A 11 -7.38 -13.32 3.35
CA PRO A 11 -8.72 -13.73 2.86
C PRO A 11 -9.38 -12.59 2.10
N GLY A 12 -8.80 -11.42 2.15
CA GLY A 12 -9.39 -10.25 1.44
C GLY A 12 -8.78 -10.11 0.05
N LEU A 13 -7.52 -10.41 -0.10
CA LEU A 13 -6.89 -10.27 -1.45
C LEU A 13 -7.49 -11.30 -2.41
N GLU A 14 -8.03 -12.38 -1.88
CA GLU A 14 -8.64 -13.41 -2.78
C GLU A 14 -10.05 -12.94 -3.15
N ARG A 15 -10.75 -12.35 -2.21
CA ARG A 15 -12.13 -11.85 -2.46
C ARG A 15 -12.66 -11.26 -1.16
N ALA A 16 -13.84 -10.71 -1.19
CA ALA A 16 -14.40 -10.12 0.07
C ALA A 16 -15.85 -9.72 -0.18
N GLU A 17 -16.38 -8.84 0.62
CA GLU A 17 -17.79 -8.41 0.44
C GLU A 17 -17.85 -6.88 0.32
N ALA A 18 -18.84 -6.40 -0.38
CA ALA A 18 -19.00 -4.93 -0.56
C ALA A 18 -19.35 -4.31 0.80
N GLY A 19 -18.79 -3.17 1.11
CA GLY A 19 -19.12 -2.52 2.41
C GLY A 19 -18.59 -3.38 3.58
N VAL A 20 -17.54 -4.13 3.35
CA VAL A 20 -16.98 -5.00 4.44
C VAL A 20 -15.45 -4.87 4.48
N PRO A 21 -14.87 -4.48 5.60
CA PRO A 21 -13.39 -4.33 5.73
C PRO A 21 -12.61 -5.49 5.09
N ALA A 22 -12.01 -5.26 3.94
CA ALA A 22 -11.22 -6.35 3.30
C ALA A 22 -9.86 -6.44 4.00
N GLU A 23 -9.64 -7.47 4.78
CA GLU A 23 -8.35 -7.60 5.52
C GLU A 23 -7.37 -8.50 4.76
N PHE A 24 -6.12 -8.49 5.16
CA PHE A 24 -5.11 -9.35 4.50
C PHE A 24 -3.76 -9.19 5.21
N SER A 25 -2.81 -10.04 4.90
CA SER A 25 -1.47 -9.96 5.57
C SER A 25 -0.36 -9.87 4.52
N ILE A 26 0.54 -8.93 4.69
CA ILE A 26 1.68 -8.76 3.75
C ILE A 26 2.94 -8.44 4.57
N TRP A 27 3.68 -9.45 4.93
CA TRP A 27 4.92 -9.25 5.75
C TRP A 27 6.12 -9.12 4.82
N THR A 28 7.01 -8.22 5.13
CA THR A 28 8.22 -8.03 4.27
C THR A 28 9.30 -7.31 5.08
N ARG A 29 9.16 -7.25 6.38
CA ARG A 29 10.18 -6.57 7.21
C ARG A 29 11.45 -7.42 7.27
N GLU A 30 11.29 -8.71 7.27
CA GLU A 30 12.49 -9.61 7.32
C GLU A 30 13.31 -9.43 6.04
N ALA A 31 12.72 -8.84 5.04
CA ALA A 31 13.46 -8.63 3.76
C ALA A 31 14.56 -7.58 3.97
N GLY A 32 14.75 -7.15 5.19
CA GLY A 32 15.81 -6.12 5.46
C GLY A 32 15.23 -4.72 5.23
N ALA A 33 16.07 -3.75 5.00
CA ALA A 33 15.57 -2.38 4.77
C ALA A 33 14.57 -2.38 3.61
N GLY A 34 13.72 -1.40 3.52
CA GLY A 34 12.73 -1.35 2.40
C GLY A 34 11.44 -0.70 2.88
N GLY A 35 10.51 -0.47 1.99
CA GLY A 35 9.21 0.16 2.38
C GLY A 35 8.08 -0.43 1.54
N LEU A 36 6.85 -0.18 1.92
CA LEU A 36 5.69 -0.73 1.15
C LEU A 36 5.20 0.32 0.15
N ALA A 37 4.93 -0.10 -1.06
CA ALA A 37 4.43 0.86 -2.09
C ALA A 37 3.44 0.11 -3.00
N ILE A 38 2.19 0.49 -2.99
CA ILE A 38 1.21 -0.23 -3.85
C ILE A 38 0.18 0.79 -4.35
N ALA A 39 -0.54 0.44 -5.37
CA ALA A 39 -1.60 1.35 -5.90
C ALA A 39 -2.94 0.68 -5.61
N VAL A 40 -3.76 1.30 -4.79
CA VAL A 40 -5.07 0.67 -4.46
C VAL A 40 -6.12 1.19 -5.44
N GLU A 41 -6.53 0.33 -6.34
CA GLU A 41 -7.54 0.72 -7.35
C GLU A 41 -8.91 0.23 -6.88
N GLY A 42 -9.93 0.85 -7.34
CA GLY A 42 -11.30 0.44 -6.94
C GLY A 42 -12.31 1.47 -7.47
N PRO A 43 -13.47 1.06 -7.91
CA PRO A 43 -14.50 2.01 -8.44
C PRO A 43 -15.31 2.65 -7.30
N SER A 44 -14.82 2.55 -6.08
CA SER A 44 -15.52 3.16 -4.92
C SER A 44 -14.47 3.77 -4.00
N LYS A 45 -14.89 4.35 -2.92
CA LYS A 45 -13.93 4.95 -1.97
C LYS A 45 -13.03 3.83 -1.45
N ALA A 46 -12.32 4.05 -0.39
CA ALA A 46 -11.43 3.00 0.16
C ALA A 46 -10.68 3.57 1.37
N GLU A 47 -10.93 3.05 2.54
CA GLU A 47 -10.24 3.55 3.77
C GLU A 47 -8.99 2.73 4.03
N ILE A 48 -7.84 3.37 4.06
CA ILE A 48 -6.57 2.63 4.31
C ILE A 48 -6.20 2.77 5.79
N SER A 49 -6.05 1.68 6.50
CA SER A 49 -5.69 1.76 7.94
C SER A 49 -5.02 0.46 8.37
N PHE A 50 -3.89 0.56 9.03
CA PHE A 50 -3.18 -0.67 9.49
C PHE A 50 -3.87 -1.21 10.75
N GLU A 51 -3.63 -2.45 11.07
CA GLU A 51 -4.28 -3.04 12.29
C GLU A 51 -3.39 -4.15 12.85
N ASP A 52 -3.23 -4.18 14.15
CA ASP A 52 -2.39 -5.25 14.78
C ASP A 52 -3.28 -6.41 15.23
N ARG A 53 -2.68 -7.45 15.76
CA ARG A 53 -3.49 -8.62 16.22
C ARG A 53 -2.82 -9.23 17.45
N LYS A 54 -3.54 -10.03 18.20
CA LYS A 54 -2.95 -10.64 19.42
C LYS A 54 -1.60 -11.26 19.07
N ASP A 55 -1.44 -11.75 17.87
CA ASP A 55 -0.14 -12.36 17.47
C ASP A 55 0.84 -11.25 17.07
N GLY A 56 0.36 -10.04 16.96
CA GLY A 56 1.27 -8.91 16.58
C GLY A 56 1.54 -8.98 15.08
N SER A 57 0.70 -9.64 14.33
CA SER A 57 0.91 -9.75 12.86
C SER A 57 1.04 -8.34 12.27
N CYS A 58 1.20 -8.25 10.98
CA CYS A 58 1.33 -6.91 10.32
C CYS A 58 0.55 -6.92 9.00
N GLY A 59 -0.76 -6.89 9.09
CA GLY A 59 -1.62 -6.90 7.86
C GLY A 59 -2.40 -5.59 7.77
N VAL A 60 -2.65 -5.14 6.57
CA VAL A 60 -3.42 -3.87 6.39
C VAL A 60 -4.82 -4.22 5.90
N ALA A 61 -5.78 -3.36 6.09
CA ALA A 61 -7.17 -3.68 5.64
C ALA A 61 -7.88 -2.40 5.16
N TYR A 62 -8.99 -2.56 4.51
CA TYR A 62 -9.74 -1.37 4.02
C TYR A 62 -11.19 -1.76 3.71
N VAL A 63 -12.06 -0.80 3.54
CA VAL A 63 -13.49 -1.09 3.22
C VAL A 63 -13.81 -0.60 1.80
N VAL A 64 -14.88 -1.09 1.23
CA VAL A 64 -15.27 -0.65 -0.15
C VAL A 64 -16.80 -0.59 -0.23
N GLN A 65 -17.34 0.26 -1.06
CA GLN A 65 -18.83 0.40 -1.15
C GLN A 65 -19.38 -0.17 -2.46
N GLU A 66 -18.58 -0.22 -3.48
CA GLU A 66 -19.12 -0.75 -4.78
C GLU A 66 -19.11 -2.28 -4.81
N PRO A 67 -20.24 -2.93 -4.96
CA PRO A 67 -20.29 -4.41 -5.04
C PRO A 67 -19.95 -4.88 -6.46
N GLY A 68 -19.02 -5.77 -6.61
CA GLY A 68 -18.66 -6.23 -7.99
C GLY A 68 -17.19 -6.62 -8.03
N ASP A 69 -16.52 -6.30 -9.10
CA ASP A 69 -15.08 -6.67 -9.22
C ASP A 69 -14.20 -5.42 -9.09
N TYR A 70 -13.59 -5.25 -7.95
CA TYR A 70 -12.68 -4.09 -7.72
C TYR A 70 -11.25 -4.64 -7.79
N GLU A 71 -10.23 -3.84 -7.57
CA GLU A 71 -8.86 -4.41 -7.68
C GLU A 71 -7.83 -3.55 -6.95
N VAL A 72 -6.97 -4.17 -6.18
CA VAL A 72 -5.90 -3.44 -5.46
C VAL A 72 -4.56 -3.80 -6.09
N SER A 73 -3.81 -2.83 -6.52
CA SER A 73 -2.51 -3.14 -7.16
C SER A 73 -1.49 -3.54 -6.09
N VAL A 74 -0.53 -4.35 -6.44
CA VAL A 74 0.51 -4.79 -5.45
C VAL A 74 1.91 -4.46 -6.01
N LYS A 75 2.71 -3.73 -5.28
CA LYS A 75 4.06 -3.39 -5.78
C LYS A 75 5.01 -3.20 -4.60
N PHE A 76 6.29 -3.28 -4.84
CA PHE A 76 7.28 -3.10 -3.74
C PHE A 76 8.60 -2.61 -4.33
N ASN A 77 9.09 -1.50 -3.87
CA ASN A 77 10.37 -0.97 -4.42
C ASN A 77 10.25 -0.89 -5.95
N GLU A 78 9.10 -0.49 -6.44
CA GLU A 78 8.89 -0.38 -7.92
C GLU A 78 9.01 -1.76 -8.58
N GLU A 79 8.51 -2.79 -7.94
CA GLU A 79 8.60 -4.16 -8.53
C GLU A 79 7.26 -4.88 -8.39
N HIS A 80 6.46 -4.87 -9.41
CA HIS A 80 5.15 -5.57 -9.33
C HIS A 80 5.41 -7.01 -8.89
N ILE A 81 5.14 -7.32 -7.65
CA ILE A 81 5.38 -8.70 -7.16
C ILE A 81 4.69 -9.71 -8.12
N PRO A 82 5.23 -10.90 -8.26
CA PRO A 82 4.65 -11.94 -9.15
C PRO A 82 3.11 -11.98 -9.10
N ASP A 83 2.48 -12.51 -10.11
CA ASP A 83 1.00 -12.60 -10.13
C ASP A 83 0.38 -11.23 -9.89
N SER A 84 0.86 -10.21 -10.57
CA SER A 84 0.30 -8.83 -10.40
C SER A 84 -0.40 -8.41 -11.70
N PRO A 85 -1.43 -7.57 -11.64
CA PRO A 85 -2.00 -7.01 -10.38
C PRO A 85 -2.86 -8.04 -9.62
N PHE A 86 -3.10 -7.82 -8.36
CA PHE A 86 -3.92 -8.78 -7.57
C PHE A 86 -5.41 -8.50 -7.78
N VAL A 87 -6.09 -9.36 -8.50
CA VAL A 87 -7.56 -9.16 -8.72
C VAL A 87 -8.28 -9.56 -7.45
N VAL A 88 -9.35 -8.88 -7.10
CA VAL A 88 -10.07 -9.22 -5.84
C VAL A 88 -11.58 -9.03 -6.02
N PRO A 89 -12.29 -10.03 -6.47
CA PRO A 89 -13.77 -9.94 -6.66
C PRO A 89 -14.52 -9.74 -5.33
N VAL A 90 -15.28 -8.67 -5.21
CA VAL A 90 -16.04 -8.45 -3.93
C VAL A 90 -17.38 -9.20 -4.05
N ALA A 91 -17.61 -10.11 -3.15
CA ALA A 91 -18.88 -10.89 -3.19
C ALA A 91 -20.01 -10.03 -2.62
N SER A 92 -21.21 -10.54 -2.59
CA SER A 92 -22.35 -9.76 -2.05
C SER A 92 -22.48 -10.04 -0.54
N PRO A 93 -22.98 -9.09 0.22
CA PRO A 93 -23.15 -9.25 1.69
C PRO A 93 -23.49 -10.69 2.08
N SER A 94 -22.96 -11.16 3.18
CA SER A 94 -23.25 -12.56 3.61
C SER A 94 -24.76 -12.79 3.52
N GLY A 95 -25.21 -13.35 2.42
CA GLY A 95 -26.67 -13.58 2.27
C GLY A 95 -26.98 -13.90 0.81
N TRP B 1 14.35 1.18 0.93
CA TRP B 1 13.39 1.44 -0.17
C TRP B 1 14.06 1.08 -1.51
N LYS B 2 15.35 1.20 -1.57
CA LYS B 2 16.09 0.87 -2.83
C LYS B 2 15.48 1.63 -3.99
N VAL B 3 15.54 1.07 -5.18
CA VAL B 3 15.00 1.76 -6.38
C VAL B 3 13.70 2.48 -6.01
N GLY B 4 13.06 2.04 -4.97
CA GLY B 4 11.82 2.75 -4.57
C GLY B 4 12.08 4.25 -4.50
N PHE B 5 12.44 4.73 -3.34
CA PHE B 5 12.69 6.20 -3.08
C PHE B 5 12.42 7.14 -4.30
N PHE B 6 13.15 7.03 -5.38
CA PHE B 6 12.90 7.94 -6.55
C PHE B 6 11.82 7.37 -7.48
N LYS B 7 11.79 6.07 -7.69
CA LYS B 7 10.73 5.49 -8.56
C LYS B 7 9.59 5.13 -7.62
N ARG B 8 9.81 5.37 -6.37
CA ARG B 8 8.79 5.04 -5.36
C ARG B 8 7.60 5.99 -5.57
N ASN B 9 7.89 7.24 -5.80
CA ASN B 9 6.79 8.24 -6.00
C ASN B 9 5.73 7.65 -6.93
N ARG B 10 4.70 7.06 -6.37
CA ARG B 10 3.62 6.45 -7.21
C ARG B 10 3.25 7.38 -8.38
N PRO B 11 2.89 8.63 -8.15
CA PRO B 11 2.53 9.57 -9.27
C PRO B 11 3.65 9.63 -10.35
N PRO B 12 3.32 10.11 -11.52
CA PRO B 12 4.29 10.22 -12.64
C PRO B 12 5.28 11.39 -12.45
N LEU B 13 5.45 11.85 -11.25
CA LEU B 13 6.40 12.98 -11.02
C LEU B 13 7.80 12.55 -11.42
N GLU B 14 8.66 12.29 -10.46
CA GLU B 14 10.04 11.87 -10.79
C GLU B 14 10.62 12.78 -11.87
N GLU B 15 10.10 13.96 -12.00
CA GLU B 15 10.62 14.92 -13.03
C GLU B 15 10.42 14.30 -14.43
N ASP B 16 10.09 15.11 -15.39
CA ASP B 16 9.88 14.58 -16.77
C ASP B 16 11.24 14.36 -17.45
N ASP B 17 12.19 13.86 -16.71
CA ASP B 17 13.54 13.62 -17.31
C ASP B 17 14.39 12.80 -16.34
N GLU B 18 14.68 11.57 -16.69
CA GLU B 18 15.49 10.72 -15.79
C GLU B 18 16.88 11.35 -15.60
N GLU B 19 17.26 11.61 -14.38
CA GLU B 19 18.59 12.24 -14.13
C GLU B 19 18.89 12.23 -12.63
N GLY B 20 20.14 12.09 -12.27
CA GLY B 20 20.49 12.07 -10.82
C GLY B 20 19.86 13.28 -10.13
N GLU B 21 20.35 14.46 -10.42
CA GLU B 21 19.77 15.68 -9.78
C GLU B 21 20.30 16.92 -10.49
N LYS C 1 21.98 -2.95 4.78
CA LYS C 1 20.61 -3.44 4.46
C LYS C 1 19.72 -3.33 5.70
N LYS C 2 19.75 -2.20 6.35
CA LYS C 2 18.92 -2.01 7.56
C LYS C 2 18.98 -0.55 8.01
N LYS C 3 18.91 0.37 7.09
CA LYS C 3 18.98 1.81 7.46
C LYS C 3 18.33 2.65 6.35
N ILE C 4 18.44 2.20 5.12
CA ILE C 4 17.84 2.97 3.98
C ILE C 4 16.45 3.48 4.37
N THR C 5 15.48 2.61 4.45
CA THR C 5 14.11 3.07 4.81
C THR C 5 14.17 3.90 6.10
N ILE C 6 14.72 3.35 7.14
CA ILE C 6 14.80 4.10 8.42
C ILE C 6 15.38 5.50 8.16
N HIS C 7 16.31 5.61 7.25
CA HIS C 7 16.91 6.94 6.96
C HIS C 7 15.88 7.83 6.25
N ASP C 8 15.36 7.38 5.15
CA ASP C 8 14.36 8.19 4.40
C ASP C 8 13.04 8.22 5.18
N ARG C 9 12.90 7.36 6.16
CA ARG C 9 11.63 7.33 6.95
C ARG C 9 11.30 8.74 7.44
N LYS C 10 12.26 9.43 8.01
CA LYS C 10 11.97 10.80 8.51
C LYS C 10 11.91 11.78 7.34
N GLU C 11 12.86 11.74 6.45
CA GLU C 11 12.83 12.66 5.29
C GLU C 11 11.44 12.58 4.65
N PHE C 12 10.89 11.41 4.63
CA PHE C 12 9.54 11.22 4.04
C PHE C 12 8.51 11.88 4.96
N ALA C 13 8.67 11.73 6.24
CA ALA C 13 7.71 12.35 7.19
C ALA C 13 7.58 13.84 6.89
N LYS C 14 8.69 14.53 6.77
CA LYS C 14 8.63 15.99 6.48
C LYS C 14 8.08 16.19 5.07
N PHE C 15 8.51 15.39 4.13
CA PHE C 15 8.02 15.54 2.74
C PHE C 15 6.50 15.64 2.72
N GLU C 16 5.85 15.38 3.83
CA GLU C 16 4.37 15.47 3.87
C GLU C 16 3.98 16.90 4.30
N GLU C 17 4.73 17.48 5.20
CA GLU C 17 4.43 18.86 5.62
C GLU C 17 4.78 19.78 4.46
N GLU C 18 5.48 19.21 3.52
CA GLU C 18 5.86 19.98 2.30
C GLU C 18 4.60 20.14 1.46
N ARG C 19 4.19 19.09 0.81
CA ARG C 19 2.97 19.15 -0.02
C ARG C 19 1.75 19.24 0.89
N ALA C 20 1.94 19.04 2.18
CA ALA C 20 0.80 19.10 3.13
C ALA C 20 -0.17 17.94 2.86
N ARG C 21 -1.40 18.07 3.26
CA ARG C 21 -2.38 16.97 3.04
C ARG C 21 -3.80 17.52 3.12
N ALA C 22 -4.54 17.14 4.12
CA ALA C 22 -5.93 17.65 4.25
C ALA C 22 -6.71 17.35 2.97
N LYS C 23 -7.95 17.77 2.90
CA LYS C 23 -8.75 17.51 1.67
C LYS C 23 -7.95 17.94 0.44
N TRP C 24 -7.81 17.06 -0.52
CA TRP C 24 -7.04 17.42 -1.74
C TRP C 24 -7.88 18.36 -2.61
N ASP C 25 -7.32 18.88 -3.67
CA ASP C 25 -8.07 19.81 -4.54
C ASP C 25 -9.18 19.05 -5.26
N THR C 26 -9.14 18.98 -6.56
CA THR C 26 -10.20 18.26 -7.32
C THR C 26 -10.46 16.90 -6.67
N ALA C 27 -11.68 16.59 -6.36
CA ALA C 27 -12.00 15.28 -5.72
C ALA C 27 -11.67 14.15 -6.70
N ASN C 28 -12.15 12.96 -6.43
CA ASN C 28 -11.88 11.80 -7.32
C ASN C 28 -13.13 10.93 -7.42
N ASN C 29 -14.10 11.36 -8.18
CA ASN C 29 -15.35 10.56 -8.32
C ASN C 29 -15.13 9.34 -9.24
N PRO C 30 -14.30 9.47 -10.26
CA PRO C 30 -14.03 8.34 -11.20
C PRO C 30 -13.50 7.09 -10.48
N LEU C 31 -12.60 6.38 -11.08
CA LEU C 31 -12.05 5.15 -10.42
C LEU C 31 -10.97 5.58 -9.42
N TYR C 32 -11.15 5.27 -8.17
CA TYR C 32 -10.13 5.66 -7.15
C TYR C 32 -8.76 5.07 -7.54
N LYS C 33 -7.75 5.38 -6.79
CA LYS C 33 -6.39 4.86 -7.10
C LYS C 33 -5.42 5.21 -5.97
N GLU C 34 -5.87 5.17 -4.74
CA GLU C 34 -4.96 5.51 -3.61
C GLU C 34 -3.70 4.64 -3.71
N ALA C 35 -2.82 4.73 -2.75
CA ALA C 35 -1.59 3.91 -2.81
C ALA C 35 -0.99 3.82 -1.40
N THR C 36 -0.32 2.73 -1.09
CA THR C 36 0.28 2.61 0.26
C THR C 36 1.61 3.38 0.29
N SER C 37 2.13 3.64 1.46
CA SER C 37 3.42 4.38 1.52
C SER C 37 3.98 4.33 2.96
N THR C 38 5.23 3.98 3.09
CA THR C 38 5.86 3.92 4.45
C THR C 38 5.35 2.68 5.19
N PHE C 39 5.40 2.69 6.49
CA PHE C 39 4.93 1.51 7.27
C PHE C 39 4.92 1.87 8.76
N THR C 40 5.90 2.60 9.21
CA THR C 40 5.94 2.99 10.65
C THR C 40 5.05 4.20 10.88
N ASN C 41 3.84 4.00 11.32
CA ASN C 41 2.92 5.14 11.56
C ASN C 41 1.82 4.71 12.54
N ILE C 42 1.53 3.43 12.59
CA ILE C 42 0.47 2.95 13.52
C ILE C 42 1.04 2.84 14.94
N THR C 43 0.22 2.99 15.94
CA THR C 43 0.71 2.90 17.34
C THR C 43 -0.36 2.25 18.22
N TYR C 44 -0.22 0.97 18.46
CA TYR C 44 -1.23 0.27 19.31
C TYR C 44 -0.63 -1.06 19.80
N ARG C 45 0.15 -1.01 20.85
CA ARG C 45 0.76 -2.26 21.39
C ARG C 45 -0.34 -3.20 21.86
N GLY C 46 -0.11 -4.48 21.82
CA GLY C 46 -1.14 -5.46 22.27
C GLY C 46 -1.55 -5.13 23.70
N THR C 47 -2.84 -5.02 23.95
CA THR C 47 -3.30 -4.71 25.33
C THR C 47 -3.22 -5.95 26.20
N GLY A 1 16.41 -6.05 -1.92
CA GLY A 1 14.96 -5.80 -2.19
C GLY A 1 14.11 -6.74 -1.32
N GLY A 2 13.47 -7.70 -1.93
CA GLY A 2 12.61 -8.65 -1.15
C GLY A 2 11.28 -8.86 -1.88
N ALA A 3 11.07 -8.16 -2.96
CA ALA A 3 9.77 -8.33 -3.71
C ALA A 3 9.54 -9.82 -3.94
N HIS A 4 10.57 -10.62 -3.78
CA HIS A 4 10.44 -12.08 -3.98
C HIS A 4 10.21 -12.74 -2.62
N LYS A 5 10.87 -12.25 -1.61
CA LYS A 5 10.70 -12.82 -0.25
C LYS A 5 9.45 -12.22 0.38
N VAL A 6 8.61 -11.65 -0.43
CA VAL A 6 7.37 -11.03 0.12
C VAL A 6 6.39 -12.12 0.55
N ARG A 7 5.73 -11.95 1.67
CA ARG A 7 4.74 -12.97 2.10
C ARG A 7 3.36 -12.52 1.61
N ALA A 8 2.78 -13.21 0.67
CA ALA A 8 1.43 -12.79 0.16
C ALA A 8 0.37 -13.74 0.70
N GLY A 9 -0.59 -13.22 1.42
CA GLY A 9 -1.65 -14.09 1.96
C GLY A 9 -2.72 -13.24 2.65
N GLY A 10 -3.94 -13.69 2.63
CA GLY A 10 -5.03 -12.90 3.28
C GLY A 10 -6.39 -13.43 2.82
N PRO A 11 -7.38 -13.47 3.69
CA PRO A 11 -8.73 -13.94 3.30
C PRO A 11 -9.48 -12.88 2.51
N GLY A 12 -8.91 -11.69 2.44
CA GLY A 12 -9.56 -10.58 1.69
C GLY A 12 -8.97 -10.47 0.29
N LEU A 13 -7.72 -10.81 0.11
CA LEU A 13 -7.11 -10.70 -1.24
C LEU A 13 -7.77 -11.72 -2.17
N GLU A 14 -8.34 -12.76 -1.62
CA GLU A 14 -9.03 -13.77 -2.49
C GLU A 14 -10.41 -13.23 -2.87
N ARG A 15 -11.06 -12.57 -1.96
CA ARG A 15 -12.41 -12.00 -2.24
C ARG A 15 -12.91 -11.30 -0.98
N ALA A 16 -14.04 -10.67 -1.03
CA ALA A 16 -14.56 -9.97 0.18
C ALA A 16 -16.00 -9.56 -0.05
N GLU A 17 -16.49 -8.60 0.71
CA GLU A 17 -17.90 -8.15 0.55
C GLU A 17 -17.93 -6.63 0.35
N ALA A 18 -18.92 -6.16 -0.34
CA ALA A 18 -19.04 -4.70 -0.59
C ALA A 18 -19.30 -3.99 0.74
N GLY A 19 -18.62 -2.90 1.00
CA GLY A 19 -18.83 -2.17 2.28
C GLY A 19 -18.27 -2.98 3.44
N VAL A 20 -17.26 -3.78 3.20
CA VAL A 20 -16.66 -4.61 4.30
C VAL A 20 -15.12 -4.51 4.24
N PRO A 21 -14.47 -4.05 5.30
CA PRO A 21 -12.99 -3.93 5.33
C PRO A 21 -12.27 -5.13 4.69
N ALA A 22 -11.73 -4.98 3.52
CA ALA A 22 -11.00 -6.12 2.90
C ALA A 22 -9.62 -6.22 3.56
N GLU A 23 -9.43 -7.18 4.43
CA GLU A 23 -8.12 -7.31 5.15
C GLU A 23 -7.23 -8.36 4.51
N PHE A 24 -6.00 -8.43 4.95
CA PHE A 24 -5.04 -9.43 4.42
C PHE A 24 -3.69 -9.23 5.12
N SER A 25 -2.64 -9.84 4.61
CA SER A 25 -1.30 -9.68 5.27
C SER A 25 -0.20 -9.69 4.21
N ILE A 26 0.70 -8.74 4.29
CA ILE A 26 1.83 -8.66 3.33
C ILE A 26 3.09 -8.30 4.13
N TRP A 27 3.80 -9.29 4.60
CA TRP A 27 5.02 -9.04 5.42
C TRP A 27 6.29 -9.22 4.57
N THR A 28 7.24 -8.37 4.76
CA THR A 28 8.52 -8.47 3.99
C THR A 28 9.66 -7.89 4.83
N ARG A 29 9.44 -7.72 6.11
CA ARG A 29 10.51 -7.17 6.98
C ARG A 29 11.64 -8.19 7.12
N GLU A 30 11.31 -9.45 7.13
CA GLU A 30 12.37 -10.49 7.25
C GLU A 30 13.28 -10.44 6.02
N ALA A 31 12.75 -10.02 4.90
CA ALA A 31 13.58 -9.95 3.66
C ALA A 31 14.76 -9.01 3.91
N GLY A 32 14.55 -7.95 4.65
CA GLY A 32 15.66 -6.99 4.92
C GLY A 32 15.09 -5.58 4.97
N ALA A 33 15.93 -4.59 4.83
CA ALA A 33 15.43 -3.19 4.86
C ALA A 33 14.50 -2.94 3.67
N GLY A 34 13.67 -1.94 3.75
CA GLY A 34 12.73 -1.65 2.61
C GLY A 34 11.44 -1.06 3.15
N GLY A 35 10.52 -0.73 2.28
CA GLY A 35 9.22 -0.14 2.73
C GLY A 35 8.09 -0.70 1.88
N LEU A 36 6.87 -0.70 2.38
CA LEU A 36 5.73 -1.24 1.60
C LEU A 36 5.16 -0.16 0.68
N ALA A 37 4.92 -0.50 -0.56
CA ALA A 37 4.35 0.48 -1.53
C ALA A 37 3.43 -0.28 -2.47
N ILE A 38 2.17 0.09 -2.53
CA ILE A 38 1.24 -0.67 -3.42
C ILE A 38 0.24 0.32 -4.00
N ALA A 39 -0.40 -0.06 -5.08
CA ALA A 39 -1.41 0.83 -5.71
C ALA A 39 -2.80 0.29 -5.36
N VAL A 40 -3.59 1.03 -4.63
CA VAL A 40 -4.94 0.52 -4.26
C VAL A 40 -5.94 0.98 -5.32
N GLU A 41 -6.38 0.05 -6.14
CA GLU A 41 -7.35 0.38 -7.22
C GLU A 41 -8.76 0.01 -6.75
N GLY A 42 -9.76 0.52 -7.40
CA GLY A 42 -11.14 0.19 -6.99
C GLY A 42 -12.12 1.20 -7.62
N PRO A 43 -13.23 0.76 -8.16
CA PRO A 43 -14.23 1.68 -8.78
C PRO A 43 -15.07 2.39 -7.70
N SER A 44 -14.63 2.37 -6.47
CA SER A 44 -15.40 3.04 -5.37
C SER A 44 -14.42 3.78 -4.45
N LYS A 45 -14.82 4.00 -3.24
CA LYS A 45 -13.94 4.69 -2.28
C LYS A 45 -12.85 3.71 -1.83
N ALA A 46 -12.18 4.00 -0.76
CA ALA A 46 -11.12 3.08 -0.28
C ALA A 46 -10.45 3.71 0.96
N GLU A 47 -10.60 3.08 2.10
CA GLU A 47 -9.99 3.63 3.36
C GLU A 47 -8.72 2.85 3.69
N ILE A 48 -7.59 3.51 3.65
CA ILE A 48 -6.30 2.81 3.98
C ILE A 48 -6.05 2.87 5.48
N SER A 49 -5.75 1.76 6.09
CA SER A 49 -5.50 1.76 7.56
C SER A 49 -4.75 0.50 7.96
N PHE A 50 -3.69 0.62 8.71
CA PHE A 50 -2.90 -0.57 9.13
C PHE A 50 -3.53 -1.17 10.39
N GLU A 51 -3.20 -2.40 10.71
CA GLU A 51 -3.78 -3.06 11.91
C GLU A 51 -2.77 -4.07 12.47
N ASP A 52 -2.57 -4.07 13.76
CA ASP A 52 -1.60 -5.02 14.38
C ASP A 52 -2.38 -6.20 14.98
N ARG A 53 -1.67 -7.16 15.52
CA ARG A 53 -2.37 -8.35 16.12
C ARG A 53 -1.50 -8.91 17.25
N LYS A 54 -2.07 -9.72 18.10
CA LYS A 54 -1.28 -10.31 19.22
C LYS A 54 0.02 -10.90 18.68
N ASP A 55 0.00 -11.36 17.45
CA ASP A 55 1.23 -11.96 16.86
C ASP A 55 2.12 -10.84 16.31
N GLY A 56 1.61 -9.63 16.24
CA GLY A 56 2.43 -8.51 15.72
C GLY A 56 2.43 -8.54 14.18
N SER A 57 1.47 -9.22 13.60
CA SER A 57 1.41 -9.29 12.11
C SER A 57 1.49 -7.88 11.53
N CYS A 58 1.61 -7.77 10.23
CA CYS A 58 1.69 -6.42 9.59
C CYS A 58 0.85 -6.42 8.31
N GLY A 59 -0.45 -6.40 8.44
CA GLY A 59 -1.35 -6.39 7.24
C GLY A 59 -2.05 -5.04 7.13
N VAL A 60 -2.96 -4.90 6.20
CA VAL A 60 -3.70 -3.61 6.03
C VAL A 60 -5.17 -3.88 5.71
N ALA A 61 -6.03 -2.92 5.98
CA ALA A 61 -7.49 -3.11 5.71
C ALA A 61 -7.99 -2.06 4.73
N TYR A 62 -8.86 -2.44 3.84
CA TYR A 62 -9.40 -1.48 2.83
C TYR A 62 -10.92 -1.71 2.67
N VAL A 63 -11.71 -0.69 2.87
CA VAL A 63 -13.19 -0.86 2.72
C VAL A 63 -13.58 -0.42 1.32
N VAL A 64 -14.68 -0.91 0.81
CA VAL A 64 -15.12 -0.51 -0.56
C VAL A 64 -16.66 -0.46 -0.58
N GLN A 65 -17.23 0.38 -1.40
CA GLN A 65 -18.73 0.50 -1.43
C GLN A 65 -19.31 -0.09 -2.72
N GLU A 66 -18.54 -0.16 -3.75
CA GLU A 66 -19.08 -0.69 -5.04
C GLU A 66 -19.07 -2.23 -5.02
N PRO A 67 -20.22 -2.87 -5.14
CA PRO A 67 -20.27 -4.36 -5.18
C PRO A 67 -19.88 -4.86 -6.57
N GLY A 68 -18.94 -5.77 -6.66
CA GLY A 68 -18.53 -6.27 -8.00
C GLY A 68 -17.07 -6.67 -7.95
N ASP A 69 -16.32 -6.39 -8.99
CA ASP A 69 -14.87 -6.76 -9.01
C ASP A 69 -13.99 -5.53 -8.84
N TYR A 70 -13.45 -5.36 -7.66
CA TYR A 70 -12.53 -4.22 -7.40
C TYR A 70 -11.10 -4.79 -7.42
N GLU A 71 -10.08 -4.01 -7.18
CA GLU A 71 -8.72 -4.60 -7.24
C GLU A 71 -7.68 -3.74 -6.51
N VAL A 72 -6.80 -4.39 -5.79
CA VAL A 72 -5.72 -3.67 -5.05
C VAL A 72 -4.39 -4.14 -5.63
N SER A 73 -3.57 -3.24 -6.12
CA SER A 73 -2.28 -3.68 -6.70
C SER A 73 -1.32 -4.06 -5.58
N VAL A 74 -0.38 -4.94 -5.86
CA VAL A 74 0.61 -5.38 -4.82
C VAL A 74 2.03 -5.12 -5.34
N LYS A 75 2.69 -4.09 -4.86
CA LYS A 75 4.06 -3.76 -5.35
C LYS A 75 5.04 -3.61 -4.19
N PHE A 76 6.30 -3.71 -4.48
CA PHE A 76 7.35 -3.57 -3.44
C PHE A 76 8.66 -3.18 -4.12
N ASN A 77 9.20 -2.05 -3.77
CA ASN A 77 10.48 -1.61 -4.41
C ASN A 77 10.26 -1.42 -5.92
N GLU A 78 9.10 -0.97 -6.31
CA GLU A 78 8.81 -0.75 -7.75
C GLU A 78 8.87 -2.09 -8.51
N GLU A 79 8.56 -3.18 -7.85
CA GLU A 79 8.59 -4.52 -8.52
C GLU A 79 7.27 -5.24 -8.26
N HIS A 80 6.35 -5.18 -9.18
CA HIS A 80 5.06 -5.89 -8.96
C HIS A 80 5.35 -7.34 -8.60
N ILE A 81 5.19 -7.69 -7.35
CA ILE A 81 5.48 -9.08 -6.93
C ILE A 81 4.82 -10.08 -7.91
N PRO A 82 5.42 -11.22 -8.14
CA PRO A 82 4.89 -12.24 -9.08
C PRO A 82 3.35 -12.33 -9.08
N ASP A 83 2.78 -12.66 -10.22
CA ASP A 83 1.30 -12.80 -10.32
C ASP A 83 0.59 -11.49 -9.98
N SER A 84 1.05 -10.38 -10.51
CA SER A 84 0.37 -9.07 -10.22
C SER A 84 -0.36 -8.59 -11.48
N PRO A 85 -1.39 -7.78 -11.35
CA PRO A 85 -1.95 -7.32 -10.04
C PRO A 85 -2.81 -8.39 -9.36
N PHE A 86 -3.17 -8.18 -8.11
CA PHE A 86 -4.00 -9.18 -7.38
C PHE A 86 -5.48 -8.83 -7.54
N VAL A 87 -6.21 -9.63 -8.28
CA VAL A 87 -7.67 -9.36 -8.46
C VAL A 87 -8.38 -9.78 -7.18
N VAL A 88 -9.45 -9.11 -6.81
CA VAL A 88 -10.17 -9.46 -5.56
C VAL A 88 -11.68 -9.24 -5.74
N PRO A 89 -12.40 -10.22 -6.22
CA PRO A 89 -13.88 -10.11 -6.42
C PRO A 89 -14.64 -9.83 -5.12
N VAL A 90 -15.37 -8.74 -5.05
CA VAL A 90 -16.14 -8.45 -3.79
C VAL A 90 -17.49 -9.15 -3.91
N ALA A 91 -17.78 -10.02 -2.98
CA ALA A 91 -19.06 -10.76 -3.00
C ALA A 91 -20.18 -9.87 -2.44
N SER A 92 -21.37 -10.40 -2.32
CA SER A 92 -22.50 -9.59 -1.79
C SER A 92 -22.59 -9.81 -0.27
N PRO A 93 -23.13 -8.86 0.45
CA PRO A 93 -23.27 -8.96 1.93
C PRO A 93 -23.52 -10.38 2.40
N SER A 94 -22.87 -10.79 3.47
CA SER A 94 -23.07 -12.18 3.98
C SER A 94 -24.57 -12.49 4.02
N GLY A 95 -25.08 -13.11 3.00
CA GLY A 95 -26.53 -13.41 2.98
C GLY A 95 -26.95 -13.88 1.59
N TRP B 1 14.55 0.55 0.62
CA TRP B 1 13.46 0.64 -0.40
C TRP B 1 14.08 0.48 -1.79
N LYS B 2 15.35 0.74 -1.91
CA LYS B 2 16.03 0.61 -3.23
C LYS B 2 15.31 1.46 -4.26
N VAL B 3 15.23 1.02 -5.50
CA VAL B 3 14.57 1.81 -6.56
C VAL B 3 13.32 2.50 -6.00
N GLY B 4 12.79 2.00 -4.95
CA GLY B 4 11.61 2.66 -4.35
C GLY B 4 11.89 4.16 -4.19
N PHE B 5 12.37 4.54 -3.04
CA PHE B 5 12.65 5.99 -2.69
C PHE B 5 12.27 7.02 -3.80
N PHE B 6 12.89 6.99 -4.95
CA PHE B 6 12.54 8.00 -6.02
C PHE B 6 11.37 7.49 -6.88
N LYS B 7 11.32 6.23 -7.22
CA LYS B 7 10.18 5.72 -8.03
C LYS B 7 9.12 5.28 -7.03
N ARG B 8 9.46 5.42 -5.79
CA ARG B 8 8.54 5.02 -4.72
C ARG B 8 7.35 5.97 -4.76
N ASN B 9 7.61 7.25 -4.87
CA ASN B 9 6.49 8.24 -4.92
C ASN B 9 5.61 7.92 -6.12
N ARG B 10 4.71 6.97 -5.98
CA ARG B 10 3.81 6.61 -7.12
C ARG B 10 4.60 6.57 -8.44
N PRO B 11 5.14 5.42 -8.82
CA PRO B 11 5.93 5.29 -10.09
C PRO B 11 5.25 6.02 -11.27
N PRO B 12 5.76 7.16 -11.69
CA PRO B 12 5.17 7.93 -12.83
C PRO B 12 4.85 7.03 -14.03
N LEU B 13 3.65 6.52 -14.11
CA LEU B 13 3.28 5.63 -15.25
C LEU B 13 3.71 6.29 -16.56
N GLU B 14 3.52 7.58 -16.67
CA GLU B 14 3.92 8.28 -17.93
C GLU B 14 5.39 8.02 -18.21
N GLU B 15 5.70 7.40 -19.33
CA GLU B 15 7.12 7.12 -19.66
C GLU B 15 7.78 8.40 -20.16
N ASP B 16 9.02 8.61 -19.81
CA ASP B 16 9.73 9.84 -20.26
C ASP B 16 11.23 9.55 -20.35
N ASP B 17 11.95 10.30 -21.15
CA ASP B 17 13.42 10.07 -21.28
C ASP B 17 14.12 10.58 -20.02
N GLU B 18 14.87 9.73 -19.35
CA GLU B 18 15.57 10.18 -18.12
C GLU B 18 16.65 9.14 -17.76
N GLU B 19 17.88 9.44 -18.04
CA GLU B 19 18.97 8.47 -17.70
C GLU B 19 19.32 8.59 -16.22
N GLY B 20 18.34 8.56 -15.35
CA GLY B 20 18.62 8.68 -13.89
C GLY B 20 19.53 9.89 -13.65
N GLU B 21 19.02 11.07 -13.78
CA GLU B 21 19.86 12.28 -13.54
C GLU B 21 21.13 12.17 -14.38
N LYS C 1 21.84 -3.44 5.65
CA LYS C 1 20.51 -4.02 5.35
C LYS C 1 19.53 -3.63 6.46
N LYS C 2 19.70 -2.47 7.02
CA LYS C 2 18.76 -2.01 8.09
C LYS C 2 18.96 -0.51 8.34
N LYS C 3 18.64 0.29 7.36
CA LYS C 3 18.81 1.77 7.52
C LYS C 3 18.12 2.49 6.36
N ILE C 4 18.21 1.94 5.18
CA ILE C 4 17.57 2.59 4.00
C ILE C 4 16.14 3.01 4.35
N THR C 5 15.26 2.05 4.52
CA THR C 5 13.85 2.38 4.85
C THR C 5 13.79 3.34 6.03
N ILE C 6 14.51 3.06 7.09
CA ILE C 6 14.48 3.97 8.27
C ILE C 6 14.84 5.38 7.83
N HIS C 7 15.84 5.53 6.99
CA HIS C 7 16.23 6.89 6.53
C HIS C 7 15.03 7.57 5.88
N ASP C 8 14.33 6.88 5.02
CA ASP C 8 13.16 7.49 4.35
C ASP C 8 12.03 7.71 5.37
N ARG C 9 12.15 7.13 6.53
CA ARG C 9 11.10 7.31 7.56
C ARG C 9 10.75 8.79 7.73
N LYS C 10 11.67 9.56 8.23
CA LYS C 10 11.39 11.02 8.43
C LYS C 10 11.04 11.68 7.09
N GLU C 11 11.79 11.41 6.07
CA GLU C 11 11.48 12.02 4.73
C GLU C 11 10.01 11.85 4.44
N PHE C 12 9.46 10.75 4.85
CA PHE C 12 8.02 10.49 4.61
C PHE C 12 7.18 11.30 5.61
N ALA C 13 7.61 11.34 6.83
CA ALA C 13 6.85 12.09 7.87
C ALA C 13 6.62 13.54 7.41
N LYS C 14 7.58 14.14 6.75
CA LYS C 14 7.41 15.55 6.31
C LYS C 14 6.83 15.58 4.88
N PHE C 15 7.06 14.56 4.12
CA PHE C 15 6.52 14.55 2.73
C PHE C 15 5.00 14.68 2.78
N GLU C 16 4.41 14.48 3.92
CA GLU C 16 2.94 14.60 4.06
C GLU C 16 2.62 16.01 4.52
N GLU C 17 3.44 16.52 5.39
CA GLU C 17 3.24 17.91 5.87
C GLU C 17 3.60 18.83 4.71
N GLU C 18 4.21 18.24 3.71
CA GLU C 18 4.61 19.02 2.51
C GLU C 18 3.39 19.18 1.61
N ARG C 19 2.82 18.10 1.18
CA ARG C 19 1.61 18.18 0.32
C ARG C 19 0.37 18.31 1.20
N ALA C 20 0.54 18.18 2.49
CA ALA C 20 -0.62 18.30 3.42
C ALA C 20 -1.61 17.17 3.13
N ARG C 21 -1.19 15.94 3.28
CA ARG C 21 -2.10 14.80 3.02
C ARG C 21 -3.40 14.99 3.82
N ALA C 22 -3.32 14.87 5.12
CA ALA C 22 -4.54 15.05 5.96
C ALA C 22 -5.58 14.00 5.58
N LYS C 23 -6.67 13.94 6.31
CA LYS C 23 -7.72 12.94 5.99
C LYS C 23 -8.53 13.42 4.79
N TRP C 24 -9.09 12.49 4.04
CA TRP C 24 -9.89 12.89 2.85
C TRP C 24 -9.05 13.81 1.94
N ASP C 25 -7.91 13.34 1.52
CA ASP C 25 -7.05 14.19 0.64
C ASP C 25 -7.77 14.45 -0.68
N THR C 26 -7.30 15.40 -1.46
CA THR C 26 -7.95 15.71 -2.76
C THR C 26 -8.24 14.41 -3.51
N ALA C 27 -9.33 14.36 -4.23
CA ALA C 27 -9.66 13.12 -5.00
C ALA C 27 -10.66 13.46 -6.11
N ASN C 28 -11.93 13.39 -5.82
CA ASN C 28 -12.95 13.72 -6.85
C ASN C 28 -12.71 12.88 -8.11
N ASN C 29 -11.77 11.96 -8.05
CA ASN C 29 -11.48 11.11 -9.24
C ASN C 29 -12.43 9.90 -9.24
N PRO C 30 -12.75 9.36 -10.39
CA PRO C 30 -13.66 8.17 -10.49
C PRO C 30 -12.98 6.89 -9.99
N LEU C 31 -12.38 6.15 -10.88
CA LEU C 31 -11.69 4.90 -10.46
C LEU C 31 -10.57 5.24 -9.48
N TYR C 32 -10.73 4.88 -8.23
CA TYR C 32 -9.67 5.19 -7.24
C TYR C 32 -8.35 4.57 -7.71
N LYS C 33 -7.26 4.93 -7.08
CA LYS C 33 -5.94 4.39 -7.48
C LYS C 33 -4.85 4.92 -6.55
N GLU C 34 -5.20 5.27 -5.34
CA GLU C 34 -4.17 5.79 -4.39
C GLU C 34 -3.08 4.72 -4.22
N ALA C 35 -2.26 4.83 -3.22
CA ALA C 35 -1.20 3.81 -3.02
C ALA C 35 -0.73 3.82 -1.58
N THR C 36 -0.02 2.79 -1.18
CA THR C 36 0.47 2.73 0.23
C THR C 36 1.85 3.39 0.30
N SER C 37 2.23 3.90 1.45
CA SER C 37 3.56 4.55 1.56
C SER C 37 3.92 4.74 3.04
N THR C 38 4.46 3.72 3.66
CA THR C 38 4.84 3.85 5.10
C THR C 38 5.52 2.56 5.55
N PHE C 39 6.44 2.66 6.47
CA PHE C 39 7.15 1.44 6.95
C PHE C 39 6.15 0.51 7.65
N THR C 40 6.00 0.65 8.95
CA THR C 40 5.04 -0.23 9.68
C THR C 40 4.59 0.48 10.96
N ASN C 41 5.52 0.94 11.76
CA ASN C 41 5.14 1.64 13.02
C ASN C 41 4.63 3.04 12.69
N ILE C 42 3.58 3.14 11.94
CA ILE C 42 3.03 4.48 11.59
C ILE C 42 2.41 5.12 12.84
N THR C 43 1.85 4.32 13.71
CA THR C 43 1.23 4.89 14.95
C THR C 43 0.88 3.74 15.91
N TYR C 44 0.67 2.56 15.38
CA TYR C 44 0.32 1.41 16.26
C TYR C 44 1.60 0.78 16.81
N ARG C 45 2.17 1.36 17.83
CA ARG C 45 3.41 0.79 18.41
C ARG C 45 3.10 -0.53 19.11
N GLY C 46 3.49 -1.63 18.51
CA GLY C 46 3.21 -2.95 19.14
C GLY C 46 3.67 -2.94 20.60
N THR C 47 3.34 -3.95 21.34
CA THR C 47 3.75 -3.99 22.77
C THR C 47 5.27 -4.01 22.86
N GLY A 1 15.37 -3.53 -0.24
CA GLY A 1 14.21 -3.99 -1.06
C GLY A 1 13.91 -5.45 -0.76
N GLY A 2 13.35 -6.16 -1.70
CA GLY A 2 13.03 -7.61 -1.47
C GLY A 2 11.62 -7.90 -2.02
N ALA A 3 11.22 -7.23 -3.05
CA ALA A 3 9.87 -7.48 -3.62
C ALA A 3 9.67 -8.98 -3.82
N HIS A 4 10.73 -9.73 -3.75
CA HIS A 4 10.62 -11.21 -3.93
C HIS A 4 10.36 -11.86 -2.58
N LYS A 5 11.08 -11.47 -1.57
CA LYS A 5 10.88 -12.05 -0.22
C LYS A 5 9.61 -11.44 0.37
N VAL A 6 8.76 -10.90 -0.47
CA VAL A 6 7.52 -10.27 0.03
C VAL A 6 6.52 -11.35 0.47
N ARG A 7 5.83 -11.14 1.56
CA ARG A 7 4.81 -12.14 2.01
C ARG A 7 3.45 -11.69 1.47
N ALA A 8 2.61 -12.59 1.06
CA ALA A 8 1.29 -12.18 0.51
C ALA A 8 0.28 -13.31 0.68
N GLY A 9 -0.88 -13.01 1.19
CA GLY A 9 -1.92 -14.05 1.38
C GLY A 9 -3.07 -13.49 2.22
N GLY A 10 -4.26 -14.00 2.06
CA GLY A 10 -5.40 -13.47 2.86
C GLY A 10 -6.73 -13.79 2.16
N PRO A 11 -7.82 -13.72 2.88
CA PRO A 11 -9.17 -13.98 2.32
C PRO A 11 -9.64 -12.84 1.42
N GLY A 12 -8.98 -11.72 1.49
CA GLY A 12 -9.37 -10.56 0.65
C GLY A 12 -8.63 -10.62 -0.69
N LEU A 13 -7.44 -11.15 -0.71
CA LEU A 13 -6.67 -11.23 -1.98
C LEU A 13 -7.38 -12.22 -2.91
N GLU A 14 -8.21 -13.08 -2.37
CA GLU A 14 -8.93 -14.08 -3.23
C GLU A 14 -10.32 -13.54 -3.57
N ARG A 15 -10.96 -12.88 -2.64
CA ARG A 15 -12.32 -12.31 -2.88
C ARG A 15 -12.82 -11.69 -1.59
N ALA A 16 -13.97 -11.08 -1.62
CA ALA A 16 -14.50 -10.45 -0.38
C ALA A 16 -15.96 -10.09 -0.59
N GLU A 17 -16.49 -9.18 0.20
CA GLU A 17 -17.92 -8.78 0.04
C GLU A 17 -18.02 -7.25 0.01
N ALA A 18 -18.98 -6.76 -0.70
CA ALA A 18 -19.19 -5.29 -0.79
C ALA A 18 -19.60 -4.78 0.59
N GLY A 19 -19.16 -3.62 0.97
CA GLY A 19 -19.54 -3.09 2.32
C GLY A 19 -18.96 -3.96 3.43
N VAL A 20 -17.86 -4.64 3.16
CA VAL A 20 -17.24 -5.51 4.21
C VAL A 20 -15.71 -5.31 4.21
N PRO A 21 -15.11 -4.94 5.34
CA PRO A 21 -13.65 -4.73 5.41
C PRO A 21 -12.84 -5.79 4.65
N ALA A 22 -12.27 -5.42 3.53
CA ALA A 22 -11.46 -6.42 2.77
C ALA A 22 -10.09 -6.55 3.46
N GLU A 23 -9.90 -7.61 4.19
CA GLU A 23 -8.61 -7.79 4.94
C GLU A 23 -7.59 -8.56 4.09
N PHE A 24 -6.38 -8.57 4.55
CA PHE A 24 -5.30 -9.32 3.85
C PHE A 24 -3.99 -9.14 4.60
N SER A 25 -2.99 -9.91 4.27
CA SER A 25 -1.67 -9.80 4.97
C SER A 25 -0.54 -9.67 3.94
N ILE A 26 0.27 -8.65 4.10
CA ILE A 26 1.42 -8.43 3.17
C ILE A 26 2.61 -8.01 4.03
N TRP A 27 3.42 -8.97 4.42
CA TRP A 27 4.60 -8.65 5.29
C TRP A 27 5.88 -8.70 4.46
N THR A 28 6.78 -7.78 4.72
CA THR A 28 8.06 -7.75 3.97
C THR A 28 9.13 -7.04 4.80
N ARG A 29 8.89 -6.89 6.08
CA ARG A 29 9.90 -6.21 6.95
C ARG A 29 11.09 -7.15 7.16
N GLU A 30 10.84 -8.42 7.27
CA GLU A 30 11.96 -9.38 7.47
C GLU A 30 12.82 -9.43 6.21
N ALA A 31 12.32 -8.90 5.13
CA ALA A 31 13.12 -8.91 3.86
C ALA A 31 14.28 -7.92 3.99
N GLY A 32 14.58 -7.48 5.18
CA GLY A 32 15.71 -6.52 5.37
C GLY A 32 15.17 -5.09 5.27
N ALA A 33 16.03 -4.12 5.09
CA ALA A 33 15.56 -2.72 4.99
C ALA A 33 14.56 -2.60 3.85
N GLY A 34 13.76 -1.56 3.86
CA GLY A 34 12.74 -1.37 2.78
C GLY A 34 11.45 -0.79 3.37
N GLY A 35 10.48 -0.51 2.55
CA GLY A 35 9.20 0.05 3.08
C GLY A 35 8.02 -0.47 2.23
N LEU A 36 6.81 -0.22 2.66
CA LEU A 36 5.62 -0.71 1.90
C LEU A 36 5.07 0.43 1.04
N ALA A 37 4.68 0.13 -0.17
CA ALA A 37 4.09 1.16 -1.09
C ALA A 37 3.00 0.47 -1.90
N ILE A 38 1.76 0.75 -1.63
CA ILE A 38 0.68 0.06 -2.39
C ILE A 38 -0.52 1.00 -2.49
N ALA A 39 -1.30 0.86 -3.51
CA ALA A 39 -2.50 1.72 -3.68
C ALA A 39 -3.72 0.81 -3.80
N VAL A 40 -4.78 1.16 -3.13
CA VAL A 40 -6.00 0.31 -3.21
C VAL A 40 -6.85 0.86 -4.35
N GLU A 41 -7.01 0.09 -5.38
CA GLU A 41 -7.80 0.55 -6.55
C GLU A 41 -9.20 0.01 -6.42
N GLY A 42 -10.16 0.61 -7.05
CA GLY A 42 -11.52 0.07 -6.91
C GLY A 42 -12.55 1.00 -7.56
N PRO A 43 -13.66 0.47 -8.02
CA PRO A 43 -14.74 1.27 -8.65
C PRO A 43 -15.59 2.01 -7.59
N SER A 44 -15.13 2.05 -6.36
CA SER A 44 -15.88 2.75 -5.28
C SER A 44 -14.90 3.49 -4.38
N LYS A 45 -15.37 3.93 -3.25
CA LYS A 45 -14.48 4.62 -2.30
C LYS A 45 -13.65 3.57 -1.58
N ALA A 46 -13.09 3.89 -0.45
CA ALA A 46 -12.26 2.88 0.28
C ALA A 46 -11.70 3.53 1.55
N GLU A 47 -12.11 3.05 2.69
CA GLU A 47 -11.61 3.64 3.98
C GLU A 47 -10.27 3.01 4.34
N ILE A 48 -9.31 3.82 4.74
CA ILE A 48 -7.97 3.28 5.12
C ILE A 48 -7.98 2.91 6.60
N SER A 49 -7.62 1.70 6.93
CA SER A 49 -7.60 1.29 8.36
C SER A 49 -6.68 0.09 8.55
N PHE A 50 -5.78 0.15 9.50
CA PHE A 50 -4.84 -0.99 9.75
C PHE A 50 -5.34 -1.82 10.92
N GLU A 51 -4.84 -3.02 11.08
CA GLU A 51 -5.30 -3.88 12.21
C GLU A 51 -4.17 -4.82 12.62
N ASP A 52 -3.92 -4.95 13.90
CA ASP A 52 -2.83 -5.85 14.39
C ASP A 52 -3.44 -7.17 14.84
N ARG A 53 -2.62 -8.11 15.26
CA ARG A 53 -3.15 -9.43 15.72
C ARG A 53 -2.27 -9.94 16.88
N LYS A 54 -2.77 -10.89 17.62
CA LYS A 54 -1.98 -11.43 18.76
C LYS A 54 -0.58 -11.79 18.28
N ASP A 55 -0.45 -12.23 17.06
CA ASP A 55 0.89 -12.59 16.52
C ASP A 55 1.64 -11.33 16.11
N GLY A 56 0.98 -10.21 16.14
CA GLY A 56 1.66 -8.94 15.76
C GLY A 56 1.85 -8.90 14.24
N SER A 57 1.06 -9.65 13.52
CA SER A 57 1.19 -9.65 12.03
C SER A 57 1.12 -8.21 11.51
N CYS A 58 1.15 -8.04 10.22
CA CYS A 58 1.09 -6.67 9.63
C CYS A 58 0.18 -6.68 8.39
N GLY A 59 -1.11 -6.77 8.59
CA GLY A 59 -2.06 -6.78 7.44
C GLY A 59 -2.95 -5.54 7.49
N VAL A 60 -3.32 -5.02 6.35
CA VAL A 60 -4.18 -3.80 6.30
C VAL A 60 -5.57 -4.20 5.81
N ALA A 61 -6.58 -3.41 6.11
CA ALA A 61 -7.97 -3.74 5.67
C ALA A 61 -8.61 -2.54 4.96
N TYR A 62 -9.57 -2.80 4.12
CA TYR A 62 -10.24 -1.69 3.38
C TYR A 62 -11.72 -2.05 3.13
N VAL A 63 -12.62 -1.14 3.38
CA VAL A 63 -14.07 -1.42 3.14
C VAL A 63 -14.45 -0.88 1.76
N VAL A 64 -15.53 -1.36 1.18
CA VAL A 64 -15.94 -0.85 -0.16
C VAL A 64 -17.47 -0.85 -0.26
N GLN A 65 -18.01 -0.11 -1.20
CA GLN A 65 -19.50 -0.04 -1.35
C GLN A 65 -19.94 -0.60 -2.70
N GLU A 66 -19.10 -0.57 -3.68
CA GLU A 66 -19.52 -1.09 -5.02
C GLU A 66 -19.39 -2.61 -5.08
N PRO A 67 -20.47 -3.35 -5.28
CA PRO A 67 -20.39 -4.83 -5.37
C PRO A 67 -19.95 -5.26 -6.77
N GLY A 68 -18.93 -6.08 -6.88
CA GLY A 68 -18.48 -6.51 -8.24
C GLY A 68 -17.00 -6.82 -8.21
N ASP A 69 -16.29 -6.45 -9.26
CA ASP A 69 -14.84 -6.72 -9.32
C ASP A 69 -14.06 -5.60 -8.63
N TYR A 70 -13.46 -5.90 -7.50
CA TYR A 70 -12.66 -4.88 -6.77
C TYR A 70 -11.20 -5.05 -7.17
N GLU A 71 -10.31 -4.29 -6.59
CA GLU A 71 -8.88 -4.44 -6.99
C GLU A 71 -7.96 -3.84 -5.93
N VAL A 72 -6.79 -4.41 -5.77
CA VAL A 72 -5.81 -3.89 -4.77
C VAL A 72 -4.41 -3.89 -5.40
N SER A 73 -3.80 -2.75 -5.55
CA SER A 73 -2.44 -2.71 -6.16
C SER A 73 -1.43 -3.23 -5.14
N VAL A 74 -0.55 -4.11 -5.55
CA VAL A 74 0.47 -4.67 -4.60
C VAL A 74 1.87 -4.29 -5.11
N LYS A 75 2.35 -3.12 -4.75
CA LYS A 75 3.70 -2.68 -5.22
C LYS A 75 4.69 -2.64 -4.05
N PHE A 76 5.94 -2.87 -4.34
CA PHE A 76 6.97 -2.83 -3.28
C PHE A 76 8.32 -2.53 -3.93
N ASN A 77 9.02 -1.54 -3.44
CA ASN A 77 10.34 -1.19 -4.04
C ASN A 77 10.11 -0.83 -5.52
N GLU A 78 8.94 -0.33 -5.84
CA GLU A 78 8.63 0.05 -7.26
C GLU A 78 8.64 -1.20 -8.13
N GLU A 79 8.38 -2.34 -7.56
CA GLU A 79 8.37 -3.61 -8.36
C GLU A 79 7.08 -4.38 -8.12
N HIS A 80 6.15 -4.27 -9.02
CA HIS A 80 4.87 -5.02 -8.85
C HIS A 80 5.21 -6.48 -8.53
N ILE A 81 5.10 -6.88 -7.30
CA ILE A 81 5.44 -8.27 -6.94
C ILE A 81 4.78 -9.25 -7.92
N PRO A 82 5.39 -10.38 -8.20
CA PRO A 82 4.83 -11.39 -9.14
C PRO A 82 3.31 -11.54 -9.04
N ASP A 83 2.70 -12.11 -10.03
CA ASP A 83 1.22 -12.30 -9.99
C ASP A 83 0.51 -10.97 -9.71
N SER A 84 0.90 -9.92 -10.40
CA SER A 84 0.26 -8.58 -10.17
C SER A 84 -0.45 -8.14 -11.46
N PRO A 85 -1.50 -7.34 -11.37
CA PRO A 85 -2.07 -6.82 -10.09
C PRO A 85 -2.92 -7.88 -9.37
N PHE A 86 -2.99 -7.83 -8.07
CA PHE A 86 -3.81 -8.82 -7.32
C PHE A 86 -5.30 -8.53 -7.56
N VAL A 87 -6.00 -9.44 -8.18
CA VAL A 87 -7.45 -9.24 -8.43
C VAL A 87 -8.23 -9.63 -7.17
N VAL A 88 -9.39 -9.05 -6.96
CA VAL A 88 -10.19 -9.39 -5.74
C VAL A 88 -11.68 -9.24 -6.03
N PRO A 89 -12.29 -10.24 -6.61
CA PRO A 89 -13.74 -10.23 -6.92
C PRO A 89 -14.58 -10.06 -5.65
N VAL A 90 -15.29 -8.96 -5.50
CA VAL A 90 -16.11 -8.78 -4.26
C VAL A 90 -17.44 -9.52 -4.45
N ALA A 91 -17.71 -10.45 -3.58
CA ALA A 91 -18.96 -11.23 -3.67
C ALA A 91 -20.11 -10.39 -3.08
N SER A 92 -21.31 -10.91 -3.09
CA SER A 92 -22.45 -10.13 -2.52
C SER A 92 -22.55 -10.44 -1.02
N PRO A 93 -23.08 -9.52 -0.24
CA PRO A 93 -23.23 -9.71 1.23
C PRO A 93 -23.56 -11.16 1.58
N SER A 94 -23.01 -11.65 2.67
CA SER A 94 -23.29 -13.06 3.06
C SER A 94 -24.80 -13.30 2.98
N GLY A 95 -25.26 -13.82 1.89
CA GLY A 95 -26.72 -14.05 1.76
C GLY A 95 -27.06 -14.36 0.29
N TRP B 1 14.12 1.41 1.34
CA TRP B 1 13.18 1.67 0.21
C TRP B 1 13.93 1.46 -1.13
N LYS B 2 15.18 1.84 -1.19
CA LYS B 2 15.95 1.67 -2.45
C LYS B 2 15.17 2.30 -3.59
N VAL B 3 15.55 1.99 -4.82
CA VAL B 3 14.89 2.57 -6.05
C VAL B 3 13.59 3.27 -5.68
N GLY B 4 12.72 2.61 -4.98
CA GLY B 4 11.45 3.26 -4.58
C GLY B 4 11.71 4.72 -4.12
N PHE B 5 11.92 4.92 -2.85
CA PHE B 5 12.13 6.29 -2.24
C PHE B 5 11.81 7.47 -3.20
N PHE B 6 12.60 7.73 -4.20
CA PHE B 6 12.31 8.88 -5.12
C PHE B 6 11.24 8.49 -6.15
N LYS B 7 11.29 7.29 -6.66
CA LYS B 7 10.28 6.85 -7.64
C LYS B 7 9.20 6.13 -6.86
N ARG B 8 9.40 6.02 -5.58
CA ARG B 8 8.42 5.35 -4.72
C ARG B 8 7.13 6.17 -4.73
N ASN B 9 7.26 7.47 -4.75
CA ASN B 9 6.06 8.35 -4.76
C ASN B 9 4.99 7.77 -5.69
N ARG B 10 3.92 7.25 -5.14
CA ARG B 10 2.84 6.66 -5.98
C ARG B 10 2.59 7.51 -7.24
N PRO B 11 2.25 8.78 -7.11
CA PRO B 11 2.01 9.67 -8.28
C PRO B 11 2.99 9.38 -9.44
N PRO B 12 2.57 8.67 -10.46
CA PRO B 12 3.45 8.33 -11.62
C PRO B 12 4.22 9.55 -12.14
N LEU B 13 5.31 9.89 -11.51
CA LEU B 13 6.10 11.07 -11.97
C LEU B 13 7.05 10.64 -13.08
N GLU B 14 6.77 11.02 -14.29
CA GLU B 14 7.66 10.64 -15.44
C GLU B 14 7.31 11.48 -16.66
N GLU B 15 6.10 11.95 -16.75
CA GLU B 15 5.72 12.79 -17.92
C GLU B 15 6.47 14.12 -17.88
N ASP B 16 6.58 14.71 -16.72
CA ASP B 16 7.29 16.01 -16.61
C ASP B 16 8.81 15.75 -16.62
N ASP B 17 9.57 16.69 -17.12
CA ASP B 17 11.05 16.51 -17.18
C ASP B 17 11.64 16.81 -15.80
N GLU B 18 11.48 15.91 -14.86
CA GLU B 18 12.04 16.15 -13.50
C GLU B 18 13.51 16.54 -13.63
N GLU B 19 13.94 17.49 -12.85
CA GLU B 19 15.36 17.93 -12.91
C GLU B 19 16.24 16.93 -12.17
N GLY B 20 16.08 15.66 -12.45
CA GLY B 20 16.91 14.64 -11.74
C GLY B 20 18.39 14.97 -11.94
N GLU B 21 18.92 14.73 -13.11
CA GLU B 21 20.36 15.04 -13.36
C GLU B 21 20.67 14.87 -14.84
N LYS C 1 21.73 -3.81 6.60
CA LYS C 1 20.54 -3.87 5.71
C LYS C 1 19.28 -3.66 6.55
N LYS C 2 19.27 -2.65 7.38
CA LYS C 2 18.08 -2.39 8.22
C LYS C 2 18.04 -0.90 8.60
N LYS C 3 18.76 -0.08 7.88
CA LYS C 3 18.79 1.39 8.18
C LYS C 3 18.44 2.17 6.91
N ILE C 4 18.69 1.60 5.77
CA ILE C 4 18.38 2.30 4.48
C ILE C 4 16.99 2.96 4.57
N THR C 5 15.97 2.20 4.83
CA THR C 5 14.60 2.78 4.90
C THR C 5 14.54 3.80 6.05
N ILE C 6 15.04 3.45 7.20
CA ILE C 6 14.99 4.41 8.34
C ILE C 6 15.72 5.70 7.96
N HIS C 7 16.96 5.59 7.53
CA HIS C 7 17.71 6.82 7.15
C HIS C 7 16.92 7.60 6.10
N ASP C 8 16.30 6.92 5.18
CA ASP C 8 15.52 7.64 4.13
C ASP C 8 14.16 8.06 4.71
N ARG C 9 13.88 7.69 5.92
CA ARG C 9 12.57 8.07 6.52
C ARG C 9 12.54 9.59 6.76
N LYS C 10 13.65 10.18 7.09
CA LYS C 10 13.68 11.65 7.33
C LYS C 10 13.87 12.41 6.01
N GLU C 11 14.59 11.88 5.08
CA GLU C 11 14.79 12.62 3.80
C GLU C 11 13.41 12.80 3.15
N PHE C 12 12.51 11.91 3.43
CA PHE C 12 11.14 12.02 2.87
C PHE C 12 10.34 13.04 3.68
N ALA C 13 10.51 13.03 4.97
CA ALA C 13 9.78 13.99 5.83
C ALA C 13 10.15 15.42 5.46
N LYS C 14 11.36 15.66 5.04
CA LYS C 14 11.78 17.04 4.66
C LYS C 14 11.58 17.26 3.16
N PHE C 15 11.60 16.21 2.39
CA PHE C 15 11.40 16.38 0.93
C PHE C 15 10.02 16.99 0.67
N GLU C 16 9.18 16.99 1.66
CA GLU C 16 7.82 17.59 1.50
C GLU C 16 7.89 19.03 1.97
N GLU C 17 8.61 19.25 3.02
CA GLU C 17 8.77 20.64 3.53
C GLU C 17 9.65 21.37 2.54
N GLU C 18 10.23 20.62 1.66
CA GLU C 18 11.10 21.22 0.62
C GLU C 18 10.22 21.77 -0.50
N ARG C 19 9.44 20.92 -1.12
CA ARG C 19 8.54 21.38 -2.21
C ARG C 19 7.27 21.94 -1.58
N ALA C 20 7.10 21.76 -0.30
CA ALA C 20 5.87 22.28 0.38
C ALA C 20 4.63 21.72 -0.32
N ARG C 21 3.97 20.77 0.29
CA ARG C 21 2.76 20.19 -0.33
C ARG C 21 1.59 21.17 -0.18
N ALA C 22 0.38 20.68 -0.23
CA ALA C 22 -0.80 21.57 -0.09
C ALA C 22 -2.07 20.73 0.09
N LYS C 23 -3.21 21.36 0.11
CA LYS C 23 -4.47 20.60 0.29
C LYS C 23 -4.72 19.72 -0.95
N TRP C 24 -5.92 19.26 -1.13
CA TRP C 24 -6.22 18.40 -2.31
C TRP C 24 -7.73 18.45 -2.61
N ASP C 25 -8.11 19.14 -3.66
CA ASP C 25 -9.55 19.22 -4.00
C ASP C 25 -10.08 17.83 -4.36
N THR C 26 -11.23 17.77 -4.97
CA THR C 26 -11.80 16.45 -5.34
C THR C 26 -10.72 15.61 -6.03
N ALA C 27 -10.38 14.47 -5.47
CA ALA C 27 -9.34 13.60 -6.10
C ALA C 27 -9.97 12.82 -7.26
N ASN C 28 -9.25 11.88 -7.80
CA ASN C 28 -9.80 11.07 -8.93
C ASN C 28 -11.03 10.33 -8.46
N ASN C 29 -12.18 10.65 -9.00
CA ASN C 29 -13.43 9.95 -8.58
C ASN C 29 -13.51 8.55 -9.21
N PRO C 30 -13.00 8.36 -10.42
CA PRO C 30 -13.05 7.03 -11.09
C PRO C 30 -12.38 5.92 -10.26
N LEU C 31 -11.67 5.04 -10.89
CA LEU C 31 -11.00 3.94 -10.13
C LEU C 31 -10.10 4.55 -9.06
N TYR C 32 -10.40 4.33 -7.81
CA TYR C 32 -9.56 4.90 -6.72
C TYR C 32 -8.14 4.33 -6.84
N LYS C 33 -7.27 4.69 -5.90
CA LYS C 33 -5.86 4.20 -5.93
C LYS C 33 -5.04 4.92 -4.83
N GLU C 34 -5.60 5.07 -3.66
CA GLU C 34 -4.85 5.78 -2.57
C GLU C 34 -3.65 4.96 -2.08
N ALA C 35 -2.45 5.47 -2.24
CA ALA C 35 -1.24 4.76 -1.79
C ALA C 35 -1.45 4.23 -0.37
N THR C 36 -0.52 3.47 0.14
CA THR C 36 -0.66 2.92 1.51
C THR C 36 0.73 2.69 2.09
N SER C 37 1.38 3.71 2.55
CA SER C 37 2.75 3.57 3.12
C SER C 37 2.65 3.10 4.57
N THR C 38 3.57 2.29 5.01
CA THR C 38 3.53 1.79 6.41
C THR C 38 4.88 1.18 6.79
N PHE C 39 5.26 1.30 8.04
CA PHE C 39 6.56 0.72 8.47
C PHE C 39 6.66 0.81 10.00
N THR C 40 5.98 1.74 10.60
CA THR C 40 6.05 1.87 12.09
C THR C 40 4.87 2.72 12.57
N ASN C 41 5.14 3.76 13.31
CA ASN C 41 4.04 4.63 13.82
C ASN C 41 3.08 3.80 14.69
N ILE C 42 2.24 3.02 14.10
CA ILE C 42 1.29 2.19 14.89
C ILE C 42 2.05 1.43 15.98
N THR C 43 2.04 1.92 17.18
CA THR C 43 2.76 1.23 18.30
C THR C 43 1.89 0.11 18.87
N TYR C 44 0.66 0.03 18.44
CA TYR C 44 -0.24 -1.03 18.97
C TYR C 44 0.10 -2.37 18.30
N ARG C 45 1.35 -2.75 18.33
CA ARG C 45 1.75 -4.04 17.71
C ARG C 45 1.30 -5.20 18.59
N GLY C 46 0.44 -4.94 19.54
CA GLY C 46 -0.04 -6.03 20.44
C GLY C 46 1.02 -6.31 21.51
N THR C 47 0.92 -7.43 22.17
CA THR C 47 1.91 -7.76 23.23
C THR C 47 3.25 -8.13 22.57
N GLY A 1 16.32 -5.31 -1.48
CA GLY A 1 15.31 -5.99 -2.35
C GLY A 1 14.35 -6.80 -1.48
N GLY A 2 13.69 -7.76 -2.07
CA GLY A 2 12.73 -8.61 -1.29
C GLY A 2 11.44 -8.80 -2.09
N ALA A 3 11.31 -8.11 -3.20
CA ALA A 3 10.07 -8.26 -4.02
C ALA A 3 9.78 -9.75 -4.20
N HIS A 4 10.76 -10.58 -3.97
CA HIS A 4 10.56 -12.05 -4.12
C HIS A 4 10.27 -12.65 -2.74
N LYS A 5 10.98 -12.20 -1.73
CA LYS A 5 10.73 -12.72 -0.36
C LYS A 5 9.46 -12.07 0.18
N VAL A 6 8.65 -11.55 -0.70
CA VAL A 6 7.40 -10.88 -0.25
C VAL A 6 6.33 -11.91 0.09
N ARG A 7 5.62 -11.73 1.18
CA ARG A 7 4.53 -12.69 1.53
C ARG A 7 3.23 -12.09 1.00
N ALA A 8 2.25 -12.89 0.68
CA ALA A 8 0.97 -12.32 0.17
C ALA A 8 -0.17 -13.31 0.37
N GLY A 9 -1.22 -12.90 1.02
CA GLY A 9 -2.37 -13.83 1.24
C GLY A 9 -3.34 -13.22 2.24
N GLY A 10 -4.54 -13.76 2.33
CA GLY A 10 -5.53 -13.21 3.30
C GLY A 10 -6.95 -13.53 2.82
N PRO A 11 -7.92 -13.26 3.65
CA PRO A 11 -9.35 -13.51 3.33
C PRO A 11 -9.94 -12.46 2.38
N GLY A 12 -9.29 -11.33 2.27
CA GLY A 12 -9.79 -10.26 1.36
C GLY A 12 -9.05 -10.33 0.03
N LEU A 13 -7.87 -10.88 0.05
CA LEU A 13 -7.08 -11.00 -1.21
C LEU A 13 -7.80 -12.00 -2.13
N GLU A 14 -8.62 -12.85 -1.56
CA GLU A 14 -9.35 -13.86 -2.37
C GLU A 14 -10.76 -13.33 -2.71
N ARG A 15 -11.44 -12.79 -1.73
CA ARG A 15 -12.80 -12.24 -1.97
C ARG A 15 -13.28 -11.56 -0.70
N ALA A 16 -14.43 -10.93 -0.74
CA ALA A 16 -14.94 -10.25 0.48
C ALA A 16 -16.36 -9.75 0.23
N GLU A 17 -16.80 -8.77 0.99
CA GLU A 17 -18.18 -8.22 0.80
C GLU A 17 -18.08 -6.71 0.56
N ALA A 18 -19.08 -6.17 -0.09
CA ALA A 18 -19.10 -4.71 -0.37
C ALA A 18 -19.38 -3.95 0.93
N GLY A 19 -18.77 -2.81 1.12
CA GLY A 19 -19.02 -2.05 2.38
C GLY A 19 -18.50 -2.85 3.58
N VAL A 20 -17.50 -3.68 3.38
CA VAL A 20 -16.95 -4.51 4.50
C VAL A 20 -15.41 -4.43 4.49
N PRO A 21 -14.78 -4.06 5.59
CA PRO A 21 -13.29 -3.97 5.66
C PRO A 21 -12.57 -5.11 4.91
N ALA A 22 -11.99 -4.81 3.78
CA ALA A 22 -11.26 -5.87 3.02
C ALA A 22 -9.88 -6.07 3.66
N GLU A 23 -9.69 -7.17 4.34
CA GLU A 23 -8.37 -7.40 5.02
C GLU A 23 -7.40 -8.15 4.10
N PHE A 24 -6.15 -8.15 4.46
CA PHE A 24 -5.13 -8.88 3.66
C PHE A 24 -3.79 -8.82 4.41
N SER A 25 -2.75 -9.37 3.86
CA SER A 25 -1.44 -9.34 4.57
C SER A 25 -0.28 -9.44 3.56
N ILE A 26 0.69 -8.59 3.73
CA ILE A 26 1.88 -8.59 2.82
C ILE A 26 3.12 -8.34 3.70
N TRP A 27 3.87 -9.36 3.96
CA TRP A 27 5.09 -9.23 4.83
C TRP A 27 6.35 -9.25 3.96
N THR A 28 7.31 -8.43 4.31
CA THR A 28 8.56 -8.38 3.53
C THR A 28 9.65 -7.69 4.35
N ARG A 29 9.45 -7.58 5.64
CA ARG A 29 10.47 -6.93 6.49
C ARG A 29 11.65 -7.89 6.69
N GLU A 30 11.44 -9.16 6.44
CA GLU A 30 12.53 -10.15 6.62
C GLU A 30 13.59 -9.92 5.52
N ALA A 31 13.17 -9.49 4.36
CA ALA A 31 14.14 -9.25 3.26
C ALA A 31 15.26 -8.35 3.76
N GLY A 32 14.92 -7.30 4.46
CA GLY A 32 15.97 -6.36 4.98
C GLY A 32 15.42 -4.93 4.95
N ALA A 33 16.27 -3.96 5.18
CA ALA A 33 15.80 -2.54 5.16
C ALA A 33 15.13 -2.26 3.81
N GLY A 34 14.34 -1.21 3.74
CA GLY A 34 13.66 -0.87 2.44
C GLY A 34 12.25 -0.37 2.72
N GLY A 35 11.77 0.55 1.92
CA GLY A 35 10.40 1.09 2.13
C GLY A 35 9.37 0.09 1.60
N LEU A 36 8.11 0.31 1.90
CA LEU A 36 7.03 -0.62 1.43
C LEU A 36 5.86 0.22 0.91
N ALA A 37 5.37 -0.06 -0.26
CA ALA A 37 4.22 0.70 -0.81
C ALA A 37 3.28 -0.26 -1.52
N ILE A 38 2.06 0.13 -1.72
CA ILE A 38 1.10 -0.77 -2.41
C ILE A 38 0.16 0.11 -3.20
N ALA A 39 -0.21 -0.29 -4.38
CA ALA A 39 -1.13 0.54 -5.20
C ALA A 39 -2.55 0.03 -4.99
N VAL A 40 -3.39 0.80 -4.34
CA VAL A 40 -4.79 0.33 -4.10
C VAL A 40 -5.69 0.88 -5.20
N GLU A 41 -6.11 0.01 -6.10
CA GLU A 41 -7.02 0.44 -7.21
C GLU A 41 -8.43 -0.03 -6.87
N GLY A 42 -9.41 0.53 -7.51
CA GLY A 42 -10.81 0.10 -7.21
C GLY A 42 -11.80 1.12 -7.78
N PRO A 43 -12.97 0.68 -8.21
CA PRO A 43 -14.02 1.58 -8.75
C PRO A 43 -14.74 2.38 -7.65
N SER A 44 -14.29 2.24 -6.42
CA SER A 44 -14.93 2.97 -5.29
C SER A 44 -13.83 3.64 -4.46
N LYS A 45 -14.19 4.13 -3.32
CA LYS A 45 -13.18 4.77 -2.44
C LYS A 45 -12.39 3.67 -1.74
N ALA A 46 -11.69 3.98 -0.70
CA ALA A 46 -10.90 2.93 0.01
C ALA A 46 -10.13 3.58 1.17
N GLU A 47 -10.48 3.23 2.38
CA GLU A 47 -9.78 3.82 3.56
C GLU A 47 -8.71 2.84 4.07
N ILE A 48 -7.47 3.19 3.93
CA ILE A 48 -6.39 2.27 4.39
C ILE A 48 -6.24 2.38 5.92
N SER A 49 -5.88 1.30 6.56
CA SER A 49 -5.71 1.33 8.04
C SER A 49 -4.86 0.14 8.48
N PHE A 50 -3.80 0.38 9.21
CA PHE A 50 -2.92 -0.74 9.66
C PHE A 50 -3.47 -1.32 10.97
N GLU A 51 -3.92 -2.54 10.94
CA GLU A 51 -4.46 -3.19 12.17
C GLU A 51 -3.40 -4.09 12.80
N ASP A 52 -3.37 -4.17 14.11
CA ASP A 52 -2.36 -5.03 14.78
C ASP A 52 -2.88 -6.47 14.84
N ARG A 53 -2.11 -7.38 15.36
CA ARG A 53 -2.57 -8.79 15.45
C ARG A 53 -1.76 -9.54 16.51
N LYS A 54 -2.24 -10.65 16.98
CA LYS A 54 -1.50 -11.42 18.01
C LYS A 54 -0.08 -11.71 17.52
N ASP A 55 0.03 -12.29 16.35
CA ASP A 55 1.39 -12.60 15.80
C ASP A 55 2.12 -11.29 15.48
N GLY A 56 1.46 -10.18 15.60
CA GLY A 56 2.12 -8.88 15.29
C GLY A 56 2.44 -8.81 13.80
N SER A 57 1.82 -9.64 13.01
CA SER A 57 2.09 -9.62 11.55
C SER A 57 1.76 -8.23 11.00
N CYS A 58 1.60 -8.11 9.70
CA CYS A 58 1.28 -6.79 9.08
C CYS A 58 0.00 -6.94 8.25
N GLY A 59 -1.11 -7.16 8.90
CA GLY A 59 -2.39 -7.32 8.15
C GLY A 59 -3.08 -5.96 8.00
N VAL A 60 -2.98 -5.36 6.85
CA VAL A 60 -3.63 -4.05 6.63
C VAL A 60 -5.02 -4.30 6.03
N ALA A 61 -5.94 -3.38 6.17
CA ALA A 61 -7.31 -3.61 5.62
C ALA A 61 -7.93 -2.29 5.17
N TYR A 62 -9.01 -2.38 4.43
CA TYR A 62 -9.68 -1.15 3.95
C TYR A 62 -11.12 -1.46 3.52
N VAL A 63 -12.01 -0.52 3.64
CA VAL A 63 -13.43 -0.77 3.26
C VAL A 63 -13.69 -0.32 1.82
N VAL A 64 -14.75 -0.81 1.22
CA VAL A 64 -15.09 -0.41 -0.19
C VAL A 64 -16.62 -0.34 -0.30
N GLN A 65 -17.14 0.57 -1.09
CA GLN A 65 -18.62 0.72 -1.21
C GLN A 65 -19.14 0.11 -2.51
N GLU A 66 -18.33 -0.01 -3.51
CA GLU A 66 -18.85 -0.56 -4.80
C GLU A 66 -18.88 -2.10 -4.75
N PRO A 67 -20.04 -2.71 -4.91
CA PRO A 67 -20.15 -4.19 -4.92
C PRO A 67 -19.71 -4.77 -6.26
N GLY A 68 -18.82 -5.73 -6.25
CA GLY A 68 -18.33 -6.32 -7.52
C GLY A 68 -16.90 -6.79 -7.28
N ASP A 69 -16.04 -6.61 -8.24
CA ASP A 69 -14.62 -7.04 -8.08
C ASP A 69 -13.68 -5.83 -8.18
N TYR A 70 -13.08 -5.42 -7.09
CA TYR A 70 -12.14 -4.28 -7.16
C TYR A 70 -10.76 -4.85 -7.45
N GLU A 71 -9.75 -4.04 -7.48
CA GLU A 71 -8.38 -4.57 -7.77
C GLU A 71 -7.36 -3.87 -6.88
N VAL A 72 -6.57 -4.64 -6.17
CA VAL A 72 -5.52 -4.07 -5.27
C VAL A 72 -4.16 -4.33 -5.91
N SER A 73 -3.57 -3.31 -6.48
CA SER A 73 -2.24 -3.52 -7.13
C SER A 73 -1.14 -3.44 -6.07
N VAL A 74 -0.28 -4.42 -6.02
CA VAL A 74 0.82 -4.43 -5.00
C VAL A 74 2.14 -4.07 -5.66
N LYS A 75 3.01 -3.39 -4.94
CA LYS A 75 4.31 -3.00 -5.53
C LYS A 75 5.37 -2.85 -4.41
N PHE A 76 6.41 -3.63 -4.48
CA PHE A 76 7.50 -3.54 -3.47
C PHE A 76 8.72 -2.95 -4.15
N ASN A 77 9.42 -2.06 -3.50
CA ASN A 77 10.61 -1.45 -4.17
C ASN A 77 10.18 -0.92 -5.54
N GLU A 78 8.91 -0.70 -5.71
CA GLU A 78 8.39 -0.18 -7.01
C GLU A 78 8.49 -1.30 -8.07
N GLU A 79 8.32 -2.54 -7.66
CA GLU A 79 8.42 -3.68 -8.61
C GLU A 79 7.21 -4.60 -8.43
N HIS A 80 6.25 -4.51 -9.31
CA HIS A 80 5.04 -5.38 -9.21
C HIS A 80 5.52 -6.82 -8.96
N ILE A 81 5.38 -7.30 -7.76
CA ILE A 81 5.83 -8.68 -7.45
C ILE A 81 5.17 -9.66 -8.43
N PRO A 82 5.81 -10.77 -8.75
CA PRO A 82 5.24 -11.78 -9.69
C PRO A 82 3.74 -12.06 -9.45
N ASP A 83 3.14 -12.81 -10.33
CA ASP A 83 1.69 -13.17 -10.18
C ASP A 83 0.78 -11.93 -10.18
N SER A 84 1.05 -10.97 -9.34
CA SER A 84 0.16 -9.75 -9.30
C SER A 84 -0.09 -9.25 -10.73
N PRO A 85 -1.10 -8.43 -10.92
CA PRO A 85 -2.03 -7.95 -9.85
C PRO A 85 -3.04 -9.03 -9.42
N PHE A 86 -3.70 -8.83 -8.30
CA PHE A 86 -4.69 -9.85 -7.81
C PHE A 86 -6.13 -9.32 -7.92
N VAL A 87 -7.03 -10.16 -8.35
CA VAL A 87 -8.46 -9.76 -8.47
C VAL A 87 -9.15 -10.12 -7.15
N VAL A 88 -10.21 -9.43 -6.80
CA VAL A 88 -10.92 -9.73 -5.52
C VAL A 88 -12.42 -9.55 -5.68
N PRO A 89 -13.12 -10.58 -6.11
CA PRO A 89 -14.60 -10.51 -6.29
C PRO A 89 -15.33 -10.24 -4.97
N VAL A 90 -15.75 -9.01 -4.73
CA VAL A 90 -16.46 -8.73 -3.46
C VAL A 90 -17.87 -9.29 -3.56
N ALA A 91 -18.22 -10.16 -2.68
CA ALA A 91 -19.55 -10.79 -2.70
C ALA A 91 -20.59 -9.80 -2.17
N SER A 92 -21.83 -10.21 -2.03
CA SER A 92 -22.88 -9.29 -1.52
C SER A 92 -22.98 -9.43 0.00
N PRO A 93 -23.37 -8.40 0.71
CA PRO A 93 -23.51 -8.44 2.19
C PRO A 93 -23.97 -9.80 2.70
N SER A 94 -23.43 -10.25 3.81
CA SER A 94 -23.85 -11.58 4.35
C SER A 94 -25.37 -11.66 4.34
N GLY A 95 -25.93 -12.24 3.31
CA GLY A 95 -27.41 -12.32 3.24
C GLY A 95 -27.84 -12.78 1.84
N TRP B 1 14.09 -0.08 -0.45
CA TRP B 1 14.90 1.05 -0.97
C TRP B 1 15.25 0.79 -2.45
N LYS B 2 16.50 0.62 -2.77
CA LYS B 2 16.89 0.37 -4.19
C LYS B 2 16.17 1.35 -5.09
N VAL B 3 16.11 1.09 -6.37
CA VAL B 3 15.42 2.03 -7.30
C VAL B 3 14.15 2.57 -6.64
N GLY B 4 13.65 1.85 -5.70
CA GLY B 4 12.45 2.35 -5.01
C GLY B 4 12.69 3.77 -4.52
N PHE B 5 13.16 3.89 -3.31
CA PHE B 5 13.41 5.22 -2.63
C PHE B 5 13.04 6.49 -3.47
N PHE B 6 13.62 6.70 -4.61
CA PHE B 6 13.28 7.93 -5.41
C PHE B 6 12.11 7.64 -6.36
N LYS B 7 12.06 6.48 -6.95
CA LYS B 7 10.90 6.15 -7.84
C LYS B 7 9.88 5.47 -6.96
N ARG B 8 10.21 5.38 -5.70
CA ARG B 8 9.31 4.71 -4.74
C ARG B 8 8.14 5.65 -4.44
N ASN B 9 8.42 6.92 -4.31
CA ASN B 9 7.33 7.90 -4.01
C ASN B 9 6.25 7.86 -5.10
N ARG B 10 5.43 6.83 -5.10
CA ARG B 10 4.34 6.71 -6.11
C ARG B 10 4.82 7.23 -7.49
N PRO B 11 5.32 6.36 -8.35
CA PRO B 11 5.81 6.79 -9.70
C PRO B 11 4.80 7.72 -10.41
N PRO B 12 5.09 9.00 -10.52
CA PRO B 12 4.17 9.96 -11.18
C PRO B 12 4.39 10.01 -12.71
N LEU B 13 5.07 11.00 -13.19
CA LEU B 13 5.31 11.09 -14.67
C LEU B 13 6.24 12.28 -14.95
N GLU B 14 5.74 13.48 -14.83
CA GLU B 14 6.60 14.67 -15.09
C GLU B 14 7.14 14.61 -16.54
N GLU B 15 8.42 14.73 -16.70
CA GLU B 15 9.01 14.68 -18.06
C GLU B 15 9.15 13.22 -18.51
N ASP B 16 8.68 12.90 -19.68
CA ASP B 16 8.79 11.49 -20.16
C ASP B 16 10.24 11.03 -20.08
N ASP B 17 11.08 11.53 -20.95
CA ASP B 17 12.51 11.11 -20.91
C ASP B 17 13.18 11.69 -19.66
N GLU B 18 13.12 10.98 -18.57
CA GLU B 18 13.74 11.48 -17.32
C GLU B 18 15.27 11.31 -17.41
N GLU B 19 15.72 10.28 -18.06
CA GLU B 19 17.19 10.06 -18.19
C GLU B 19 17.81 10.04 -16.79
N GLY B 20 17.50 9.06 -16.00
CA GLY B 20 18.08 8.98 -14.62
C GLY B 20 19.60 8.94 -14.71
N GLU B 21 20.22 10.08 -14.85
CA GLU B 21 21.72 10.11 -14.94
C GLU B 21 22.17 9.11 -16.01
N LYS C 1 21.04 -3.92 7.36
CA LYS C 1 19.66 -4.36 7.02
C LYS C 1 18.69 -3.85 8.08
N LYS C 2 17.43 -3.76 7.75
CA LYS C 2 16.44 -3.26 8.74
C LYS C 2 16.92 -1.93 9.33
N LYS C 3 16.98 -0.91 8.52
CA LYS C 3 17.45 0.41 9.04
C LYS C 3 17.24 1.49 7.96
N ILE C 4 17.80 1.29 6.79
CA ILE C 4 17.64 2.29 5.71
C ILE C 4 16.17 2.71 5.60
N THR C 5 15.27 1.78 5.73
CA THR C 5 13.81 2.13 5.64
C THR C 5 13.52 3.32 6.55
N ILE C 6 14.09 3.34 7.72
CA ILE C 6 13.84 4.46 8.66
C ILE C 6 14.35 5.77 8.03
N HIS C 7 15.22 5.68 7.07
CA HIS C 7 15.73 6.91 6.42
C HIS C 7 14.59 7.64 5.72
N ASP C 8 13.76 6.91 5.01
CA ASP C 8 12.62 7.56 4.31
C ASP C 8 11.60 8.05 5.33
N ARG C 9 11.70 7.59 6.55
CA ARG C 9 10.73 8.01 7.60
C ARG C 9 10.60 9.54 7.60
N LYS C 10 11.67 10.24 7.85
CA LYS C 10 11.59 11.72 7.88
C LYS C 10 11.24 12.26 6.49
N GLU C 11 11.89 11.79 5.47
CA GLU C 11 11.58 12.27 4.09
C GLU C 11 10.06 12.24 3.89
N PHE C 12 9.45 11.25 4.47
CA PHE C 12 7.98 11.12 4.34
C PHE C 12 7.30 12.15 5.24
N ALA C 13 7.79 12.31 6.44
CA ALA C 13 7.19 13.30 7.36
C ALA C 13 7.13 14.67 6.69
N LYS C 14 8.12 15.00 5.89
CA LYS C 14 8.13 16.32 5.21
C LYS C 14 7.35 16.22 3.90
N PHE C 15 7.60 15.20 3.13
CA PHE C 15 6.89 15.05 1.83
C PHE C 15 5.39 15.31 2.00
N GLU C 16 4.91 15.34 3.21
CA GLU C 16 3.46 15.61 3.44
C GLU C 16 3.29 17.11 3.69
N GLU C 17 4.25 17.71 4.34
CA GLU C 17 4.17 19.17 4.59
C GLU C 17 4.47 19.83 3.26
N GLU C 18 4.95 19.06 2.34
CA GLU C 18 5.27 19.58 0.98
C GLU C 18 3.98 19.72 0.20
N ARG C 19 3.27 18.64 0.02
CA ARG C 19 1.98 18.71 -0.73
C ARG C 19 0.89 19.20 0.22
N ALA C 20 1.18 19.22 1.50
CA ALA C 20 0.17 19.68 2.49
C ALA C 20 -1.02 18.72 2.49
N ARG C 21 -0.84 17.54 3.03
CA ARG C 21 -1.95 16.56 3.08
C ARG C 21 -3.21 17.25 3.62
N ALA C 22 -4.34 16.59 3.55
CA ALA C 22 -5.59 17.21 4.06
C ALA C 22 -5.80 18.58 3.41
N LYS C 23 -6.72 19.35 3.91
CA LYS C 23 -6.98 20.70 3.33
C LYS C 23 -7.20 20.57 1.82
N TRP C 24 -6.22 20.94 1.03
CA TRP C 24 -6.38 20.84 -0.44
C TRP C 24 -6.34 19.36 -0.86
N ASP C 25 -7.40 18.65 -0.64
CA ASP C 25 -7.43 17.21 -1.02
C ASP C 25 -7.65 17.09 -2.53
N THR C 26 -8.61 16.31 -2.94
CA THR C 26 -8.88 16.14 -4.39
C THR C 26 -10.14 15.30 -4.59
N ALA C 27 -10.46 14.97 -5.82
CA ALA C 27 -11.67 14.15 -6.07
C ALA C 27 -11.52 13.42 -7.42
N ASN C 28 -11.91 12.19 -7.48
CA ASN C 28 -11.78 11.42 -8.75
C ASN C 28 -12.97 10.46 -8.90
N ASN C 29 -13.75 10.61 -9.93
CA ASN C 29 -14.92 9.72 -10.13
C ASN C 29 -14.50 8.41 -10.83
N PRO C 30 -13.53 8.45 -11.72
CA PRO C 30 -13.06 7.23 -12.44
C PRO C 30 -12.59 6.14 -11.48
N LEU C 31 -11.78 5.23 -11.94
CA LEU C 31 -11.28 4.14 -11.05
C LEU C 31 -10.21 4.70 -10.12
N TYR C 32 -10.37 4.53 -8.84
CA TYR C 32 -9.36 5.05 -7.88
C TYR C 32 -7.99 4.47 -8.25
N LYS C 33 -6.97 4.85 -7.54
CA LYS C 33 -5.61 4.34 -7.86
C LYS C 33 -4.60 4.86 -6.81
N GLU C 34 -5.05 5.17 -5.63
CA GLU C 34 -4.12 5.67 -4.59
C GLU C 34 -3.10 4.57 -4.26
N ALA C 35 -2.13 4.85 -3.43
CA ALA C 35 -1.13 3.83 -3.08
C ALA C 35 -0.56 4.15 -1.70
N THR C 36 0.26 3.28 -1.15
CA THR C 36 0.84 3.56 0.20
C THR C 36 2.28 4.05 0.05
N SER C 37 2.78 4.74 1.04
CA SER C 37 4.19 5.24 0.97
C SER C 37 4.74 5.40 2.38
N THR C 38 4.87 4.31 3.11
CA THR C 38 5.39 4.40 4.50
C THR C 38 5.93 3.02 4.91
N PHE C 39 6.63 2.97 6.02
CA PHE C 39 7.20 1.66 6.49
C PHE C 39 7.05 1.56 8.01
N THR C 40 7.51 2.55 8.72
CA THR C 40 7.39 2.51 10.21
C THR C 40 5.93 2.34 10.61
N ASN C 41 5.67 1.65 11.69
CA ASN C 41 4.27 1.45 12.13
C ASN C 41 3.75 2.70 12.84
N ILE C 42 2.50 2.73 13.20
CA ILE C 42 1.95 3.93 13.89
C ILE C 42 2.75 4.19 15.18
N THR C 43 2.43 3.50 16.23
CA THR C 43 3.16 3.71 17.52
C THR C 43 2.94 2.49 18.43
N TYR C 44 1.81 1.86 18.32
CA TYR C 44 1.53 0.68 19.18
C TYR C 44 2.72 -0.28 19.12
N ARG C 45 2.79 -1.22 20.03
CA ARG C 45 3.92 -2.19 20.02
C ARG C 45 3.56 -3.37 19.11
N GLY C 46 4.53 -4.15 18.73
CA GLY C 46 4.25 -5.32 17.84
C GLY C 46 5.52 -6.14 17.65
N THR C 47 6.27 -6.34 18.71
CA THR C 47 7.52 -7.13 18.60
C THR C 47 7.19 -8.61 18.74
N GLY A 1 15.27 -5.60 -4.39
CA GLY A 1 15.14 -7.08 -4.29
C GLY A 1 14.09 -7.43 -3.23
N GLY A 2 13.99 -8.68 -2.89
CA GLY A 2 12.99 -9.09 -1.87
C GLY A 2 11.58 -9.05 -2.49
N ALA A 3 11.38 -8.24 -3.49
CA ALA A 3 10.04 -8.17 -4.14
C ALA A 3 9.59 -9.60 -4.46
N HIS A 4 10.51 -10.52 -4.45
CA HIS A 4 10.16 -11.95 -4.73
C HIS A 4 9.97 -12.66 -3.39
N LYS A 5 10.77 -12.31 -2.42
CA LYS A 5 10.64 -12.92 -1.08
C LYS A 5 9.44 -12.31 -0.38
N VAL A 6 8.55 -11.72 -1.13
CA VAL A 6 7.36 -11.07 -0.52
C VAL A 6 6.38 -12.14 -0.03
N ARG A 7 5.56 -11.79 0.92
CA ARG A 7 4.54 -12.75 1.44
C ARG A 7 3.18 -12.08 1.32
N ALA A 8 2.22 -12.72 0.71
CA ALA A 8 0.87 -12.09 0.55
C ALA A 8 -0.21 -13.17 0.50
N GLY A 9 -1.24 -13.02 1.28
CA GLY A 9 -2.33 -14.02 1.27
C GLY A 9 -3.42 -13.59 2.25
N GLY A 10 -4.62 -14.08 2.09
CA GLY A 10 -5.71 -13.66 3.01
C GLY A 10 -7.06 -14.08 2.43
N PRO A 11 -8.07 -14.09 3.27
CA PRO A 11 -9.46 -14.47 2.84
C PRO A 11 -10.13 -13.35 2.05
N GLY A 12 -9.52 -12.20 2.01
CA GLY A 12 -10.12 -11.05 1.27
C GLY A 12 -9.46 -10.92 -0.11
N LEU A 13 -8.22 -11.29 -0.25
CA LEU A 13 -7.56 -11.17 -1.57
C LEU A 13 -8.22 -12.13 -2.56
N GLU A 14 -8.84 -13.17 -2.07
CA GLU A 14 -9.52 -14.12 -2.99
C GLU A 14 -10.87 -13.53 -3.39
N ARG A 15 -11.54 -12.91 -2.47
CA ARG A 15 -12.87 -12.29 -2.76
C ARG A 15 -13.40 -11.67 -1.47
N ALA A 16 -14.51 -11.01 -1.52
CA ALA A 16 -15.05 -10.39 -0.27
C ALA A 16 -16.50 -9.98 -0.50
N GLU A 17 -17.00 -9.08 0.30
CA GLU A 17 -18.41 -8.62 0.13
C GLU A 17 -18.44 -7.09 0.03
N ALA A 18 -19.38 -6.60 -0.71
CA ALA A 18 -19.52 -5.12 -0.86
C ALA A 18 -19.95 -4.52 0.48
N GLY A 19 -19.35 -3.44 0.89
CA GLY A 19 -19.73 -2.84 2.20
C GLY A 19 -19.26 -3.72 3.34
N VAL A 20 -18.20 -4.46 3.15
CA VAL A 20 -17.68 -5.37 4.24
C VAL A 20 -16.15 -5.26 4.31
N PRO A 21 -15.58 -4.95 5.46
CA PRO A 21 -14.10 -4.83 5.63
C PRO A 21 -13.32 -5.91 4.88
N ALA A 22 -12.68 -5.57 3.79
CA ALA A 22 -11.88 -6.58 3.06
C ALA A 22 -10.53 -6.76 3.79
N GLU A 23 -10.34 -7.90 4.41
CA GLU A 23 -9.07 -8.14 5.17
C GLU A 23 -8.01 -8.81 4.29
N PHE A 24 -6.79 -8.80 4.75
CA PHE A 24 -5.69 -9.47 4.02
C PHE A 24 -4.42 -9.41 4.86
N SER A 25 -3.32 -9.88 4.34
CA SER A 25 -2.05 -9.85 5.14
C SER A 25 -0.82 -9.90 4.23
N ILE A 26 0.20 -9.16 4.57
CA ILE A 26 1.46 -9.15 3.78
C ILE A 26 2.64 -9.02 4.76
N TRP A 27 3.34 -10.10 5.01
CA TRP A 27 4.49 -10.06 5.98
C TRP A 27 5.82 -10.23 5.23
N THR A 28 6.66 -9.24 5.24
CA THR A 28 7.95 -9.38 4.51
C THR A 28 8.93 -8.30 4.98
N ARG A 29 8.67 -7.66 6.09
CA ARG A 29 9.61 -6.61 6.58
C ARG A 29 11.04 -7.15 6.53
N GLU A 30 11.18 -8.45 6.43
CA GLU A 30 12.55 -9.05 6.37
C GLU A 30 13.16 -8.80 5.00
N ALA A 31 12.40 -8.28 4.08
CA ALA A 31 12.94 -8.00 2.72
C ALA A 31 14.22 -7.17 2.84
N GLY A 32 14.53 -6.71 4.03
CA GLY A 32 15.77 -5.89 4.22
C GLY A 32 15.39 -4.40 4.23
N ALA A 33 16.36 -3.54 4.09
CA ALA A 33 16.06 -2.08 4.09
C ALA A 33 15.02 -1.78 3.01
N GLY A 34 14.15 -0.83 3.25
CA GLY A 34 13.10 -0.48 2.24
C GLY A 34 11.78 -0.18 2.96
N GLY A 35 10.76 0.16 2.21
CA GLY A 35 9.44 0.47 2.83
C GLY A 35 8.33 -0.20 2.02
N LEU A 36 7.32 -0.71 2.70
CA LEU A 36 6.21 -1.38 1.97
C LEU A 36 5.24 -0.33 1.43
N ALA A 37 5.00 -0.34 0.14
CA ALA A 37 4.06 0.64 -0.48
C ALA A 37 3.04 -0.15 -1.30
N ILE A 38 1.79 0.17 -1.18
CA ILE A 38 0.76 -0.57 -1.95
C ILE A 38 -0.38 0.39 -2.27
N ALA A 39 -0.96 0.26 -3.43
CA ALA A 39 -2.08 1.18 -3.82
C ALA A 39 -3.38 0.38 -3.84
N VAL A 40 -4.40 0.89 -3.23
CA VAL A 40 -5.70 0.16 -3.21
C VAL A 40 -6.53 0.70 -4.37
N GLU A 41 -6.72 -0.12 -5.37
CA GLU A 41 -7.52 0.30 -6.54
C GLU A 41 -8.94 -0.23 -6.36
N GLY A 42 -9.88 0.43 -6.93
CA GLY A 42 -11.28 -0.03 -6.80
C GLY A 42 -12.23 1.03 -7.39
N PRO A 43 -13.39 0.64 -7.82
CA PRO A 43 -14.39 1.59 -8.40
C PRO A 43 -15.16 2.33 -7.29
N SER A 44 -14.73 2.18 -6.05
CA SER A 44 -15.41 2.87 -4.91
C SER A 44 -14.34 3.49 -4.02
N LYS A 45 -14.72 3.90 -2.85
CA LYS A 45 -13.74 4.49 -1.90
C LYS A 45 -12.99 3.35 -1.23
N ALA A 46 -12.36 3.61 -0.12
CA ALA A 46 -11.61 2.52 0.57
C ALA A 46 -10.93 3.09 1.82
N GLU A 47 -11.33 2.65 2.98
CA GLU A 47 -10.72 3.16 4.24
C GLU A 47 -9.58 2.21 4.65
N ILE A 48 -8.49 2.76 5.14
CA ILE A 48 -7.33 1.88 5.55
C ILE A 48 -7.38 1.67 7.06
N SER A 49 -6.88 0.55 7.53
CA SER A 49 -6.89 0.28 8.98
C SER A 49 -5.94 -0.87 9.31
N PHE A 50 -5.01 -0.67 10.21
CA PHE A 50 -4.03 -1.74 10.57
C PHE A 50 -4.40 -2.34 11.93
N GLU A 51 -4.78 -3.58 11.96
CA GLU A 51 -5.15 -4.25 13.25
C GLU A 51 -4.03 -5.21 13.67
N ASP A 52 -3.65 -5.19 14.91
CA ASP A 52 -2.57 -6.10 15.39
C ASP A 52 -3.16 -7.47 15.73
N ARG A 53 -2.33 -8.41 16.11
CA ARG A 53 -2.85 -9.77 16.45
C ARG A 53 -1.92 -10.41 17.48
N LYS A 54 -2.39 -11.43 18.16
CA LYS A 54 -1.54 -12.10 19.18
C LYS A 54 -0.21 -12.51 18.55
N ASP A 55 -0.24 -12.99 17.34
CA ASP A 55 1.03 -13.41 16.66
C ASP A 55 1.84 -12.17 16.29
N GLY A 56 1.23 -11.01 16.32
CA GLY A 56 1.98 -9.77 15.97
C GLY A 56 2.08 -9.64 14.45
N SER A 57 1.35 -10.46 13.73
CA SER A 57 1.41 -10.38 12.24
C SER A 57 1.00 -8.97 11.79
N CYS A 58 0.66 -8.81 10.54
CA CYS A 58 0.25 -7.46 10.03
C CYS A 58 -0.94 -7.63 9.08
N GLY A 59 -2.12 -7.83 9.61
CA GLY A 59 -3.32 -7.99 8.73
C GLY A 59 -4.05 -6.66 8.62
N VAL A 60 -3.90 -5.98 7.52
CA VAL A 60 -4.60 -4.68 7.33
C VAL A 60 -5.91 -4.95 6.60
N ALA A 61 -6.88 -4.08 6.73
CA ALA A 61 -8.19 -4.32 6.04
C ALA A 61 -8.79 -3.00 5.56
N TYR A 62 -9.80 -3.08 4.74
CA TYR A 62 -10.44 -1.84 4.22
C TYR A 62 -11.87 -2.17 3.76
N VAL A 63 -12.75 -1.21 3.83
CA VAL A 63 -14.17 -1.45 3.40
C VAL A 63 -14.40 -0.90 1.98
N VAL A 64 -15.42 -1.38 1.31
CA VAL A 64 -15.73 -0.88 -0.06
C VAL A 64 -17.25 -0.83 -0.20
N GLN A 65 -17.76 0.09 -0.99
CA GLN A 65 -19.26 0.23 -1.14
C GLN A 65 -19.73 -0.25 -2.50
N GLU A 66 -18.89 -0.24 -3.48
CA GLU A 66 -19.35 -0.66 -4.83
C GLU A 66 -19.32 -2.20 -4.97
N PRO A 67 -20.45 -2.83 -5.21
CA PRO A 67 -20.50 -4.31 -5.38
C PRO A 67 -20.10 -4.73 -6.80
N GLY A 68 -19.16 -5.64 -6.96
CA GLY A 68 -18.76 -6.06 -8.33
C GLY A 68 -17.33 -6.58 -8.30
N ASP A 69 -16.56 -6.26 -9.32
CA ASP A 69 -15.15 -6.75 -9.38
C ASP A 69 -14.19 -5.58 -9.20
N TYR A 70 -13.59 -5.48 -8.03
CA TYR A 70 -12.61 -4.40 -7.76
C TYR A 70 -11.21 -5.02 -7.80
N GLU A 71 -10.18 -4.27 -7.53
CA GLU A 71 -8.82 -4.87 -7.60
C GLU A 71 -7.84 -4.12 -6.67
N VAL A 72 -6.99 -4.87 -6.01
CA VAL A 72 -5.99 -4.24 -5.09
C VAL A 72 -4.62 -4.33 -5.73
N SER A 73 -3.93 -3.22 -5.85
CA SER A 73 -2.58 -3.26 -6.48
C SER A 73 -1.54 -3.57 -5.41
N VAL A 74 -0.43 -4.16 -5.80
CA VAL A 74 0.65 -4.50 -4.81
C VAL A 74 2.00 -4.09 -5.40
N LYS A 75 2.85 -3.49 -4.61
CA LYS A 75 4.17 -3.06 -5.12
C LYS A 75 5.19 -3.03 -3.97
N PHE A 76 6.41 -3.38 -4.26
CA PHE A 76 7.49 -3.35 -3.22
C PHE A 76 8.69 -2.61 -3.82
N ASN A 77 9.22 -1.64 -3.12
CA ASN A 77 10.37 -0.88 -3.69
C ASN A 77 9.98 -0.40 -5.09
N GLU A 78 8.70 -0.20 -5.31
CA GLU A 78 8.21 0.25 -6.64
C GLU A 78 8.43 -0.84 -7.68
N GLU A 79 8.26 -2.09 -7.30
CA GLU A 79 8.45 -3.23 -8.24
C GLU A 79 7.24 -4.14 -8.20
N HIS A 80 6.29 -3.93 -9.09
CA HIS A 80 5.07 -4.79 -9.11
C HIS A 80 5.51 -6.26 -9.03
N ILE A 81 5.37 -6.88 -7.89
CA ILE A 81 5.78 -8.30 -7.75
C ILE A 81 5.13 -9.10 -8.90
N PRO A 82 5.49 -10.35 -9.10
CA PRO A 82 4.91 -11.18 -10.21
C PRO A 82 3.47 -11.62 -9.91
N ASP A 83 2.85 -12.28 -10.85
CA ASP A 83 1.45 -12.76 -10.64
C ASP A 83 0.53 -11.59 -10.23
N SER A 84 1.04 -10.39 -10.26
CA SER A 84 0.20 -9.21 -9.88
C SER A 84 -0.21 -8.45 -11.15
N PRO A 85 -1.23 -7.61 -11.07
CA PRO A 85 -2.01 -7.35 -9.82
C PRO A 85 -3.02 -8.49 -9.54
N PHE A 86 -3.35 -8.71 -8.29
CA PHE A 86 -4.30 -9.80 -7.95
C PHE A 86 -5.74 -9.29 -8.03
N VAL A 87 -6.59 -10.00 -8.73
CA VAL A 87 -8.01 -9.59 -8.85
C VAL A 87 -8.74 -10.03 -7.57
N VAL A 88 -9.77 -9.33 -7.20
CA VAL A 88 -10.50 -9.69 -5.94
C VAL A 88 -12.00 -9.41 -6.12
N PRO A 89 -12.75 -10.34 -6.65
CA PRO A 89 -14.21 -10.16 -6.87
C PRO A 89 -14.99 -9.92 -5.56
N VAL A 90 -15.68 -8.80 -5.44
CA VAL A 90 -16.46 -8.56 -4.18
C VAL A 90 -17.83 -9.21 -4.36
N ALA A 91 -18.17 -10.11 -3.49
CA ALA A 91 -19.48 -10.81 -3.60
C ALA A 91 -20.58 -9.91 -3.03
N SER A 92 -21.80 -10.39 -3.00
CA SER A 92 -22.92 -9.57 -2.45
C SER A 92 -23.07 -9.88 -0.96
N PRO A 93 -23.58 -8.94 -0.19
CA PRO A 93 -23.79 -9.14 1.28
C PRO A 93 -24.16 -10.57 1.62
N SER A 94 -23.59 -11.11 2.67
CA SER A 94 -23.92 -12.51 3.06
C SER A 94 -25.43 -12.69 3.03
N GLY A 95 -25.95 -13.19 1.95
CA GLY A 95 -27.42 -13.36 1.87
C GLY A 95 -27.83 -13.70 0.43
N TRP B 1 15.88 0.10 1.06
CA TRP B 1 16.69 0.97 0.16
C TRP B 1 16.51 0.51 -1.29
N LYS B 2 17.57 0.13 -1.92
CA LYS B 2 17.49 -0.35 -3.34
C LYS B 2 16.75 0.65 -4.19
N VAL B 3 16.64 0.38 -5.47
CA VAL B 3 15.94 1.30 -6.42
C VAL B 3 14.71 1.86 -5.71
N GLY B 4 14.21 1.18 -4.74
CA GLY B 4 13.05 1.73 -4.03
C GLY B 4 13.36 3.17 -3.60
N PHE B 5 13.92 3.31 -2.43
CA PHE B 5 14.25 4.67 -1.84
C PHE B 5 13.80 5.90 -2.70
N PHE B 6 14.34 6.09 -3.87
CA PHE B 6 13.93 7.29 -4.69
C PHE B 6 12.69 6.98 -5.54
N LYS B 7 12.62 5.82 -6.13
CA LYS B 7 11.42 5.48 -6.93
C LYS B 7 10.43 4.85 -5.99
N ARG B 8 10.84 4.72 -4.76
CA ARG B 8 9.98 4.11 -3.75
C ARG B 8 8.80 5.05 -3.48
N ASN B 9 9.08 6.32 -3.34
CA ASN B 9 7.98 7.30 -3.06
C ASN B 9 6.79 7.02 -3.99
N ARG B 10 5.72 6.49 -3.46
CA ARG B 10 4.54 6.19 -4.31
C ARG B 10 4.18 7.42 -5.19
N PRO B 11 4.04 8.61 -4.63
CA PRO B 11 3.69 9.81 -5.44
C PRO B 11 4.86 10.27 -6.32
N PRO B 12 4.59 11.04 -7.34
CA PRO B 12 5.63 11.55 -8.27
C PRO B 12 6.94 11.90 -7.55
N LEU B 13 6.96 12.98 -6.81
CA LEU B 13 8.20 13.37 -6.09
C LEU B 13 9.39 13.31 -7.06
N GLU B 14 9.59 14.35 -7.83
CA GLU B 14 10.72 14.37 -8.81
C GLU B 14 11.96 14.96 -8.14
N GLU B 15 11.77 15.79 -7.15
CA GLU B 15 12.94 16.41 -6.45
C GLU B 15 13.68 17.35 -7.42
N ASP B 16 14.08 16.85 -8.56
CA ASP B 16 14.80 17.73 -9.53
C ASP B 16 14.79 17.06 -10.91
N ASP B 17 13.64 16.93 -11.51
CA ASP B 17 13.56 16.29 -12.86
C ASP B 17 14.07 14.85 -12.77
N GLU B 18 13.49 13.95 -13.53
CA GLU B 18 13.93 12.53 -13.49
C GLU B 18 15.04 12.32 -14.53
N GLU B 19 16.17 11.83 -14.10
CA GLU B 19 17.30 11.59 -15.05
C GLU B 19 18.37 10.74 -14.38
N GLY B 20 18.23 9.44 -14.44
CA GLY B 20 19.25 8.56 -13.80
C GLY B 20 20.65 8.97 -14.27
N GLU B 21 21.04 8.57 -15.44
CA GLU B 21 22.39 8.94 -15.95
C GLU B 21 22.46 8.65 -17.45
N LYS C 1 22.07 -2.10 7.00
CA LYS C 1 20.83 -2.30 6.20
C LYS C 1 19.62 -2.30 7.12
N LYS C 2 19.23 -1.14 7.61
CA LYS C 2 18.06 -1.08 8.52
C LYS C 2 17.66 0.38 8.73
N LYS C 3 18.61 1.29 8.68
CA LYS C 3 18.30 2.73 8.87
C LYS C 3 18.18 3.42 7.51
N ILE C 4 19.08 3.12 6.61
CA ILE C 4 19.03 3.76 5.26
C ILE C 4 17.60 3.70 4.72
N THR C 5 16.82 2.76 5.17
CA THR C 5 15.41 2.67 4.67
C THR C 5 14.60 3.84 5.22
N ILE C 6 14.75 4.13 6.48
CA ILE C 6 14.00 5.26 7.09
C ILE C 6 14.33 6.56 6.33
N HIS C 7 15.54 6.70 5.86
CA HIS C 7 15.90 7.94 5.11
C HIS C 7 14.83 8.22 4.06
N ASP C 8 14.46 7.22 3.30
CA ASP C 8 13.41 7.42 2.25
C ASP C 8 12.22 8.18 2.86
N ARG C 9 12.00 8.02 4.13
CA ARG C 9 10.84 8.71 4.78
C ARG C 9 11.06 10.23 4.79
N LYS C 10 12.12 10.68 5.41
CA LYS C 10 12.38 12.15 5.47
C LYS C 10 12.17 12.79 4.09
N GLU C 11 12.60 12.14 3.05
CA GLU C 11 12.41 12.70 1.69
C GLU C 11 10.97 13.20 1.54
N PHE C 12 10.06 12.46 2.08
CA PHE C 12 8.62 12.86 2.00
C PHE C 12 8.38 13.99 2.99
N ALA C 13 8.97 13.91 4.14
CA ALA C 13 8.79 14.98 5.17
C ALA C 13 9.38 16.29 4.66
N LYS C 14 10.46 16.25 3.95
CA LYS C 14 11.08 17.52 3.45
C LYS C 14 10.53 17.86 2.06
N PHE C 15 10.14 16.89 1.30
CA PHE C 15 9.61 17.17 -0.05
C PHE C 15 8.40 18.10 0.06
N GLU C 16 7.87 18.26 1.24
CA GLU C 16 6.70 19.17 1.43
C GLU C 16 7.22 20.52 1.87
N GLU C 17 8.23 20.50 2.67
CA GLU C 17 8.83 21.79 3.13
C GLU C 17 9.62 22.33 1.95
N GLU C 18 9.76 21.53 0.95
CA GLU C 18 10.49 21.95 -0.27
C GLU C 18 9.56 22.78 -1.14
N ARG C 19 8.48 22.20 -1.58
CA ARG C 19 7.51 22.96 -2.41
C ARG C 19 6.54 23.71 -1.50
N ALA C 20 6.61 23.46 -0.21
CA ALA C 20 5.70 24.16 0.73
C ALA C 20 4.27 24.11 0.20
N ARG C 21 3.36 24.81 0.82
CA ARG C 21 1.95 24.81 0.35
C ARG C 21 1.44 23.37 0.25
N ALA C 22 1.69 22.71 -0.84
CA ALA C 22 1.22 21.29 -0.99
C ALA C 22 -0.31 21.25 -0.86
N LYS C 23 -0.93 20.25 -1.43
CA LYS C 23 -2.41 20.15 -1.33
C LYS C 23 -2.86 18.73 -1.71
N TRP C 24 -4.12 18.55 -2.01
CA TRP C 24 -4.60 17.19 -2.39
C TRP C 24 -4.13 16.85 -3.81
N ASP C 25 -4.31 15.64 -4.23
CA ASP C 25 -3.87 15.24 -5.59
C ASP C 25 -4.94 15.64 -6.61
N THR C 26 -4.78 15.24 -7.84
CA THR C 26 -5.78 15.59 -8.88
C THR C 26 -7.17 15.17 -8.42
N ALA C 27 -8.15 15.25 -9.30
CA ALA C 27 -9.53 14.85 -8.91
C ALA C 27 -9.57 13.34 -8.67
N ASN C 28 -10.69 12.84 -8.21
CA ASN C 28 -10.80 11.37 -7.95
C ASN C 28 -11.21 10.65 -9.24
N ASN C 29 -10.26 10.26 -10.04
CA ASN C 29 -10.61 9.56 -11.31
C ASN C 29 -11.51 8.35 -10.98
N PRO C 30 -12.34 7.93 -11.90
CA PRO C 30 -13.25 6.78 -11.69
C PRO C 30 -12.61 5.67 -10.82
N LEU C 31 -11.65 4.98 -11.35
CA LEU C 31 -10.99 3.90 -10.55
C LEU C 31 -10.19 4.55 -9.43
N TYR C 32 -10.37 4.09 -8.22
CA TYR C 32 -9.62 4.69 -7.07
C TYR C 32 -8.17 4.18 -7.07
N LYS C 33 -7.38 4.70 -6.18
CA LYS C 33 -5.94 4.29 -6.09
C LYS C 33 -5.26 5.11 -4.98
N GLU C 34 -5.00 4.50 -3.85
CA GLU C 34 -4.36 5.24 -2.71
C GLU C 34 -3.22 4.41 -2.11
N ALA C 35 -2.02 4.94 -2.10
CA ALA C 35 -0.86 4.21 -1.51
C ALA C 35 -1.27 3.61 -0.17
N THR C 36 -0.46 2.77 0.40
CA THR C 36 -0.83 2.17 1.71
C THR C 36 0.39 1.48 2.31
N SER C 37 0.34 1.12 3.57
CA SER C 37 1.50 0.46 4.21
C SER C 37 2.71 1.41 4.22
N THR C 38 3.83 0.95 4.72
CA THR C 38 5.04 1.81 4.78
C THR C 38 6.18 1.02 5.44
N PHE C 39 6.67 1.48 6.55
CA PHE C 39 7.77 0.75 7.25
C PHE C 39 7.17 -0.26 8.22
N THR C 40 7.15 0.04 9.49
CA THR C 40 6.59 -0.91 10.49
C THR C 40 6.38 -0.19 11.82
N ASN C 41 7.17 0.80 12.10
CA ASN C 41 7.03 1.54 13.38
C ASN C 41 5.85 2.52 13.27
N ILE C 42 4.85 2.17 12.51
CA ILE C 42 3.68 3.08 12.38
C ILE C 42 3.17 3.49 13.77
N THR C 43 2.47 4.58 13.86
CA THR C 43 1.94 5.02 15.18
C THR C 43 1.21 3.87 15.85
N TYR C 44 0.21 3.33 15.23
CA TYR C 44 -0.54 2.20 15.83
C TYR C 44 0.44 1.11 16.25
N ARG C 45 0.11 0.36 17.27
CA ARG C 45 1.03 -0.72 17.72
C ARG C 45 1.24 -1.72 16.58
N GLY C 46 2.16 -2.63 16.73
CA GLY C 46 2.42 -3.63 15.65
C GLY C 46 3.55 -4.57 16.08
N THR C 47 4.77 -4.20 15.80
CA THR C 47 5.90 -5.09 16.19
C THR C 47 5.80 -5.43 17.68
N GLY A 1 16.46 -5.86 -2.35
CA GLY A 1 15.10 -6.10 -2.93
C GLY A 1 14.22 -6.80 -1.90
N GLY A 2 13.53 -7.84 -2.30
CA GLY A 2 12.64 -8.58 -1.35
C GLY A 2 11.30 -8.86 -2.04
N ALA A 3 11.04 -8.23 -3.16
CA ALA A 3 9.75 -8.48 -3.86
C ALA A 3 9.55 -9.99 -4.01
N HIS A 4 10.59 -10.74 -3.78
CA HIS A 4 10.50 -12.23 -3.90
C HIS A 4 10.27 -12.79 -2.50
N LYS A 5 10.89 -12.18 -1.51
CA LYS A 5 10.71 -12.65 -0.12
C LYS A 5 9.40 -12.09 0.41
N VAL A 6 8.55 -11.63 -0.48
CA VAL A 6 7.26 -11.04 -0.04
C VAL A 6 6.28 -12.17 0.32
N ARG A 7 5.58 -12.02 1.40
CA ARG A 7 4.58 -13.08 1.79
C ARG A 7 3.22 -12.63 1.26
N ALA A 8 2.69 -13.33 0.28
CA ALA A 8 1.37 -12.92 -0.30
C ALA A 8 0.27 -13.82 0.27
N GLY A 9 -0.72 -13.24 0.89
CA GLY A 9 -1.83 -14.06 1.45
C GLY A 9 -2.86 -13.15 2.09
N GLY A 10 -4.11 -13.52 2.03
CA GLY A 10 -5.16 -12.65 2.63
C GLY A 10 -6.55 -13.08 2.15
N PRO A 11 -7.55 -13.01 2.99
CA PRO A 11 -8.93 -13.40 2.59
C PRO A 11 -9.53 -12.34 1.67
N GLY A 12 -8.87 -11.22 1.54
CA GLY A 12 -9.37 -10.14 0.64
C GLY A 12 -8.75 -10.30 -0.74
N LEU A 13 -7.57 -10.84 -0.81
CA LEU A 13 -6.93 -11.02 -2.15
C LEU A 13 -7.72 -12.06 -2.94
N GLU A 14 -8.54 -12.84 -2.26
CA GLU A 14 -9.36 -13.88 -2.95
C GLU A 14 -10.80 -13.39 -3.14
N ARG A 15 -11.34 -12.71 -2.15
CA ARG A 15 -12.74 -12.20 -2.26
C ARG A 15 -13.11 -11.47 -0.97
N ALA A 16 -14.28 -10.89 -0.91
CA ALA A 16 -14.68 -10.15 0.32
C ALA A 16 -16.13 -9.71 0.18
N GLU A 17 -16.55 -8.72 0.93
CA GLU A 17 -17.95 -8.21 0.83
C GLU A 17 -17.94 -6.70 0.56
N ALA A 18 -19.00 -6.21 -0.01
CA ALA A 18 -19.10 -4.76 -0.31
C ALA A 18 -19.39 -4.01 0.99
N GLY A 19 -18.86 -2.82 1.14
CA GLY A 19 -19.12 -2.07 2.40
C GLY A 19 -18.56 -2.85 3.59
N VAL A 20 -17.54 -3.65 3.37
CA VAL A 20 -16.95 -4.45 4.49
C VAL A 20 -15.41 -4.35 4.43
N PRO A 21 -14.75 -3.94 5.50
CA PRO A 21 -13.27 -3.81 5.53
C PRO A 21 -12.54 -4.93 4.77
N ALA A 22 -12.00 -4.63 3.63
CA ALA A 22 -11.25 -5.67 2.86
C ALA A 22 -9.87 -5.82 3.49
N GLU A 23 -9.60 -6.95 4.10
CA GLU A 23 -8.28 -7.14 4.79
C GLU A 23 -7.37 -8.07 3.98
N PHE A 24 -6.11 -8.07 4.30
CA PHE A 24 -5.13 -8.98 3.62
C PHE A 24 -3.76 -8.82 4.26
N SER A 25 -2.90 -9.80 4.07
CA SER A 25 -1.53 -9.75 4.70
C SER A 25 -0.44 -9.73 3.63
N ILE A 26 0.46 -8.79 3.76
CA ILE A 26 1.62 -8.68 2.81
C ILE A 26 2.84 -8.30 3.65
N TRP A 27 3.53 -9.30 4.15
CA TRP A 27 4.71 -9.03 5.02
C TRP A 27 6.00 -9.06 4.21
N THR A 28 6.91 -8.18 4.51
CA THR A 28 8.20 -8.14 3.75
C THR A 28 9.21 -7.30 4.54
N ARG A 29 8.94 -7.05 5.79
CA ARG A 29 9.88 -6.24 6.61
C ARG A 29 11.25 -6.93 6.63
N GLU A 30 11.27 -8.23 6.56
CA GLU A 30 12.58 -8.96 6.57
C GLU A 30 13.37 -8.59 5.32
N ALA A 31 12.72 -8.01 4.35
CA ALA A 31 13.43 -7.62 3.09
C ALA A 31 14.58 -6.67 3.44
N GLY A 32 14.71 -6.30 4.69
CA GLY A 32 15.81 -5.38 5.08
C GLY A 32 15.33 -3.93 4.96
N ALA A 33 16.24 -2.99 5.01
CA ALA A 33 15.82 -1.56 4.90
C ALA A 33 15.04 -1.35 3.60
N GLY A 34 14.08 -0.46 3.61
CA GLY A 34 13.27 -0.21 2.37
C GLY A 34 11.84 0.10 2.76
N GLY A 35 11.18 0.95 2.00
CA GLY A 35 9.76 1.31 2.32
C GLY A 35 8.82 0.53 1.40
N LEU A 36 7.61 0.30 1.83
CA LEU A 36 6.63 -0.45 1.00
C LEU A 36 5.85 0.54 0.13
N ALA A 37 5.55 0.15 -1.09
CA ALA A 37 4.78 1.06 -2.01
C ALA A 37 3.68 0.24 -2.66
N ILE A 38 2.44 0.55 -2.39
CA ILE A 38 1.32 -0.21 -2.99
C ILE A 38 0.16 0.75 -3.18
N ALA A 39 -0.61 0.55 -4.21
CA ALA A 39 -1.76 1.45 -4.49
C ALA A 39 -3.04 0.62 -4.50
N VAL A 40 -4.05 1.07 -3.80
CA VAL A 40 -5.34 0.33 -3.79
C VAL A 40 -6.21 0.93 -4.87
N GLU A 41 -6.45 0.17 -5.91
CA GLU A 41 -7.29 0.66 -7.02
C GLU A 41 -8.71 0.14 -6.82
N GLY A 42 -9.66 0.87 -7.25
CA GLY A 42 -11.05 0.40 -7.11
C GLY A 42 -12.02 1.41 -7.75
N PRO A 43 -13.25 1.02 -7.98
CA PRO A 43 -14.28 1.91 -8.57
C PRO A 43 -15.08 2.65 -7.49
N SER A 44 -14.63 2.59 -6.26
CA SER A 44 -15.35 3.27 -5.14
C SER A 44 -14.31 3.96 -4.27
N LYS A 45 -14.74 4.49 -3.16
CA LYS A 45 -13.80 5.16 -2.26
C LYS A 45 -12.84 4.10 -1.69
N ALA A 46 -12.17 4.40 -0.61
CA ALA A 46 -11.22 3.41 -0.01
C ALA A 46 -10.55 4.05 1.20
N GLU A 47 -10.80 3.53 2.38
CA GLU A 47 -10.19 4.11 3.61
C GLU A 47 -9.02 3.24 4.05
N ILE A 48 -7.83 3.77 4.07
CA ILE A 48 -6.65 2.96 4.49
C ILE A 48 -6.66 2.79 6.02
N SER A 49 -6.28 1.64 6.50
CA SER A 49 -6.27 1.42 7.98
C SER A 49 -5.40 0.19 8.30
N PHE A 50 -4.44 0.35 9.18
CA PHE A 50 -3.56 -0.80 9.54
C PHE A 50 -4.17 -1.55 10.72
N GLU A 51 -4.51 -2.80 10.53
CA GLU A 51 -5.11 -3.59 11.65
C GLU A 51 -4.00 -4.30 12.42
N ASP A 52 -4.05 -4.25 13.73
CA ASP A 52 -3.00 -4.93 14.56
C ASP A 52 -3.42 -6.37 14.81
N ARG A 53 -2.58 -7.14 15.46
CA ARG A 53 -2.95 -8.55 15.74
C ARG A 53 -2.13 -9.07 16.93
N LYS A 54 -2.68 -9.96 17.71
CA LYS A 54 -1.93 -10.50 18.88
C LYS A 54 -0.54 -10.93 18.43
N ASP A 55 -0.44 -11.52 17.27
CA ASP A 55 0.89 -11.97 16.77
C ASP A 55 1.68 -10.74 16.28
N GLY A 56 1.01 -9.66 16.05
CA GLY A 56 1.72 -8.44 15.57
C GLY A 56 2.00 -8.56 14.06
N SER A 57 1.17 -9.28 13.36
CA SER A 57 1.39 -9.43 11.89
C SER A 57 1.47 -8.06 11.24
N CYS A 58 1.48 -8.00 9.94
CA CYS A 58 1.56 -6.69 9.22
C CYS A 58 0.62 -6.69 8.02
N GLY A 59 -0.67 -6.68 8.27
CA GLY A 59 -1.67 -6.69 7.15
C GLY A 59 -2.47 -5.39 7.18
N VAL A 60 -2.63 -4.76 6.04
CA VAL A 60 -3.41 -3.50 5.96
C VAL A 60 -4.80 -3.81 5.42
N ALA A 61 -5.77 -2.98 5.67
CA ALA A 61 -7.15 -3.27 5.18
C ALA A 61 -7.86 -1.97 4.79
N TYR A 62 -8.97 -2.09 4.11
CA TYR A 62 -9.73 -0.87 3.70
C TYR A 62 -11.17 -1.24 3.34
N VAL A 63 -12.09 -0.32 3.51
CA VAL A 63 -13.52 -0.61 3.20
C VAL A 63 -13.83 -0.17 1.76
N VAL A 64 -14.89 -0.71 1.19
CA VAL A 64 -15.27 -0.31 -0.20
C VAL A 64 -16.81 -0.28 -0.30
N GLN A 65 -17.36 0.63 -1.05
CA GLN A 65 -18.85 0.73 -1.14
C GLN A 65 -19.39 0.09 -2.42
N GLU A 66 -18.60 0.00 -3.45
CA GLU A 66 -19.13 -0.57 -4.72
C GLU A 66 -19.12 -2.11 -4.67
N PRO A 67 -20.25 -2.76 -4.80
CA PRO A 67 -20.30 -4.26 -4.81
C PRO A 67 -19.89 -4.80 -6.19
N GLY A 68 -18.96 -5.71 -6.24
CA GLY A 68 -18.51 -6.25 -7.55
C GLY A 68 -17.07 -6.73 -7.40
N ASP A 69 -16.25 -6.49 -8.39
CA ASP A 69 -14.83 -6.95 -8.30
C ASP A 69 -13.88 -5.76 -8.53
N TYR A 70 -13.28 -5.27 -7.49
CA TYR A 70 -12.32 -4.14 -7.65
C TYR A 70 -10.93 -4.74 -7.83
N GLU A 71 -9.91 -3.92 -7.92
CA GLU A 71 -8.53 -4.46 -8.14
C GLU A 71 -7.54 -3.72 -7.25
N VAL A 72 -6.70 -4.45 -6.54
CA VAL A 72 -5.69 -3.81 -5.64
C VAL A 72 -4.32 -3.94 -6.28
N SER A 73 -3.69 -2.84 -6.61
CA SER A 73 -2.34 -2.93 -7.21
C SER A 73 -1.32 -3.12 -6.09
N VAL A 74 -0.49 -4.12 -6.18
CA VAL A 74 0.55 -4.37 -5.13
C VAL A 74 1.93 -4.11 -5.73
N LYS A 75 2.83 -3.52 -4.98
CA LYS A 75 4.19 -3.25 -5.55
C LYS A 75 5.24 -3.20 -4.43
N PHE A 76 6.43 -3.61 -4.74
CA PHE A 76 7.53 -3.58 -3.73
C PHE A 76 8.85 -3.30 -4.45
N ASN A 77 9.52 -2.25 -4.08
CA ASN A 77 10.81 -1.92 -4.77
C ASN A 77 10.52 -1.68 -6.26
N GLU A 78 9.35 -1.18 -6.56
CA GLU A 78 8.96 -0.92 -7.98
C GLU A 78 8.92 -2.24 -8.75
N GLU A 79 8.56 -3.32 -8.10
CA GLU A 79 8.50 -4.65 -8.79
C GLU A 79 7.18 -5.34 -8.47
N HIS A 80 6.21 -5.20 -9.34
CA HIS A 80 4.89 -5.86 -9.11
C HIS A 80 5.15 -7.33 -8.72
N ILE A 81 5.04 -7.65 -7.47
CA ILE A 81 5.30 -9.06 -7.06
C ILE A 81 4.50 -10.02 -7.97
N PRO A 82 5.04 -11.16 -8.34
CA PRO A 82 4.33 -12.14 -9.22
C PRO A 82 2.85 -12.32 -8.84
N ASP A 83 2.12 -13.04 -9.65
CA ASP A 83 0.68 -13.31 -9.37
C ASP A 83 -0.10 -12.01 -9.13
N SER A 84 0.42 -10.88 -9.55
CA SER A 84 -0.31 -9.59 -9.33
C SER A 84 -0.19 -8.72 -10.59
N PRO A 85 -1.06 -7.74 -10.76
CA PRO A 85 -2.16 -7.42 -9.79
C PRO A 85 -3.35 -8.39 -9.93
N PHE A 86 -3.92 -8.82 -8.83
CA PHE A 86 -5.08 -9.77 -8.90
C PHE A 86 -6.40 -9.04 -8.63
N VAL A 87 -7.49 -9.67 -9.02
CA VAL A 87 -8.84 -9.07 -8.81
C VAL A 87 -9.43 -9.62 -7.53
N VAL A 88 -10.31 -8.88 -6.90
CA VAL A 88 -10.93 -9.34 -5.61
C VAL A 88 -12.46 -9.26 -5.72
N PRO A 89 -13.10 -10.31 -6.18
CA PRO A 89 -14.58 -10.34 -6.32
C PRO A 89 -15.28 -10.09 -4.97
N VAL A 90 -15.75 -8.89 -4.73
CA VAL A 90 -16.43 -8.62 -3.43
C VAL A 90 -17.84 -9.23 -3.52
N ALA A 91 -18.13 -10.11 -2.61
CA ALA A 91 -19.47 -10.77 -2.60
C ALA A 91 -20.49 -9.84 -1.95
N SER A 92 -21.71 -10.29 -1.79
CA SER A 92 -22.75 -9.42 -1.17
C SER A 92 -22.74 -9.66 0.35
N PRO A 93 -23.13 -8.68 1.14
CA PRO A 93 -23.17 -8.81 2.62
C PRO A 93 -23.53 -10.22 3.07
N SER A 94 -22.87 -10.71 4.10
CA SER A 94 -23.18 -12.08 4.59
C SER A 94 -24.70 -12.23 4.70
N GLY A 95 -25.32 -12.78 3.69
CA GLY A 95 -26.79 -12.93 3.74
C GLY A 95 -27.32 -13.28 2.35
N TRP B 1 14.07 -0.12 -0.42
CA TRP B 1 14.89 0.96 -1.02
C TRP B 1 15.32 0.54 -2.43
N LYS B 2 16.60 0.32 -2.65
CA LYS B 2 17.07 -0.09 -4.01
C LYS B 2 16.41 0.78 -5.05
N VAL B 3 16.38 0.35 -6.29
CA VAL B 3 15.75 1.18 -7.37
C VAL B 3 14.47 1.80 -6.82
N GLY B 4 13.91 1.21 -5.82
CA GLY B 4 12.70 1.80 -5.24
C GLY B 4 12.95 3.29 -4.93
N PHE B 5 13.38 3.56 -3.73
CA PHE B 5 13.62 4.97 -3.23
C PHE B 5 13.30 6.10 -4.25
N PHE B 6 13.94 6.17 -5.39
CA PHE B 6 13.64 7.27 -6.36
C PHE B 6 12.50 6.88 -7.30
N LYS B 7 12.45 5.64 -7.74
CA LYS B 7 11.34 5.21 -8.62
C LYS B 7 10.26 4.67 -7.69
N ARG B 8 10.56 4.71 -6.42
CA ARG B 8 9.61 4.20 -5.43
C ARG B 8 8.43 5.18 -5.35
N ASN B 9 8.72 6.45 -5.37
CA ASN B 9 7.62 7.46 -5.30
C ASN B 9 6.49 7.06 -6.25
N ARG B 10 5.49 6.37 -5.75
CA ARG B 10 4.36 5.94 -6.62
C ARG B 10 3.94 7.09 -7.58
N PRO B 11 3.55 8.25 -7.09
CA PRO B 11 3.15 9.37 -7.98
C PRO B 11 4.21 9.65 -9.06
N PRO B 12 3.86 10.41 -10.06
CA PRO B 12 4.79 10.76 -11.17
C PRO B 12 5.91 11.69 -10.72
N LEU B 13 6.16 11.75 -9.43
CA LEU B 13 7.24 12.64 -8.90
C LEU B 13 8.47 11.77 -8.57
N GLU B 14 9.64 12.30 -8.73
CA GLU B 14 10.87 11.50 -8.42
C GLU B 14 12.10 12.40 -8.52
N GLU B 15 11.92 13.69 -8.40
CA GLU B 15 13.08 14.61 -8.49
C GLU B 15 13.84 14.38 -9.79
N ASP B 16 13.72 15.29 -10.72
CA ASP B 16 14.44 15.13 -12.02
C ASP B 16 15.95 15.23 -11.78
N ASP B 17 16.36 15.28 -10.55
CA ASP B 17 17.82 15.38 -10.26
C ASP B 17 18.49 14.04 -10.54
N GLU B 18 17.84 13.18 -11.29
CA GLU B 18 18.43 11.85 -11.61
C GLU B 18 17.98 11.41 -13.01
N GLU B 19 18.89 11.31 -13.93
CA GLU B 19 18.51 10.89 -15.31
C GLU B 19 17.96 9.46 -15.27
N GLY B 20 16.68 9.32 -15.12
CA GLY B 20 16.07 7.95 -15.08
C GLY B 20 15.93 7.41 -16.51
N GLU B 21 16.70 7.93 -17.44
CA GLU B 21 16.59 7.45 -18.84
C GLU B 21 15.14 7.50 -19.29
N LYS C 1 20.55 -3.19 7.08
CA LYS C 1 19.13 -3.64 7.14
C LYS C 1 18.35 -2.73 8.09
N LYS C 2 17.16 -2.36 7.72
CA LYS C 2 16.35 -1.47 8.61
C LYS C 2 17.16 -0.23 8.98
N LYS C 3 17.40 0.64 8.04
CA LYS C 3 18.19 1.87 8.33
C LYS C 3 18.09 2.84 7.15
N ILE C 4 18.22 2.34 5.95
CA ILE C 4 18.13 3.24 4.76
C ILE C 4 16.74 3.88 4.70
N THR C 5 15.72 3.06 4.74
CA THR C 5 14.33 3.62 4.68
C THR C 5 14.15 4.61 5.84
N ILE C 6 14.71 4.32 6.98
CA ILE C 6 14.56 5.25 8.14
C ILE C 6 15.09 6.64 7.74
N HIS C 7 15.91 6.70 6.73
CA HIS C 7 16.45 8.02 6.29
C HIS C 7 15.36 8.82 5.61
N ASP C 8 14.75 8.27 4.58
CA ASP C 8 13.67 9.01 3.87
C ASP C 8 12.46 9.17 4.80
N ARG C 9 12.43 8.43 5.87
CA ARG C 9 11.28 8.54 6.81
C ARG C 9 11.06 10.00 7.20
N LYS C 10 12.11 10.69 7.58
CA LYS C 10 11.96 12.11 7.97
C LYS C 10 11.82 12.99 6.72
N GLU C 11 12.65 12.78 5.74
CA GLU C 11 12.55 13.58 4.50
C GLU C 11 11.11 13.54 4.01
N PHE C 12 10.47 12.43 4.19
CA PHE C 12 9.05 12.28 3.76
C PHE C 12 8.15 13.00 4.75
N ALA C 13 8.45 12.90 6.01
CA ALA C 13 7.61 13.56 7.05
C ALA C 13 7.59 15.07 6.82
N LYS C 14 8.68 15.65 6.39
CA LYS C 14 8.70 17.13 6.17
C LYS C 14 8.34 17.44 4.73
N PHE C 15 8.59 16.55 3.81
CA PHE C 15 8.25 16.82 2.41
C PHE C 15 6.75 17.12 2.28
N GLU C 16 6.00 16.81 3.31
CA GLU C 16 4.53 17.08 3.28
C GLU C 16 4.30 18.42 3.94
N GLU C 17 5.03 18.69 4.98
CA GLU C 17 4.89 19.99 5.67
C GLU C 17 5.54 21.03 4.77
N GLU C 18 6.23 20.56 3.77
CA GLU C 18 6.91 21.46 2.82
C GLU C 18 5.86 21.98 1.83
N ARG C 19 5.26 21.08 1.09
CA ARG C 19 4.22 21.51 0.11
C ARG C 19 2.88 21.62 0.84
N ALA C 20 2.84 21.19 2.08
CA ALA C 20 1.55 21.26 2.83
C ALA C 20 0.44 20.56 2.05
N ARG C 21 -0.79 20.72 2.47
CA ARG C 21 -1.90 20.06 1.75
C ARG C 21 -3.23 20.66 2.21
N ALA C 22 -4.29 19.89 2.17
CA ALA C 22 -5.61 20.43 2.60
C ALA C 22 -6.53 19.26 2.98
N LYS C 23 -7.78 19.54 3.24
CA LYS C 23 -8.72 18.45 3.61
C LYS C 23 -8.70 17.35 2.55
N TRP C 24 -9.31 17.59 1.42
CA TRP C 24 -9.32 16.56 0.34
C TRP C 24 -9.60 17.23 -1.01
N ASP C 25 -8.77 18.16 -1.40
CA ASP C 25 -9.00 18.85 -2.70
C ASP C 25 -8.89 17.84 -3.83
N THR C 26 -7.96 16.92 -3.74
CA THR C 26 -7.81 15.91 -4.82
C THR C 26 -9.17 15.32 -5.18
N ALA C 27 -9.34 14.87 -6.39
CA ALA C 27 -10.65 14.29 -6.81
C ALA C 27 -10.44 13.37 -8.03
N ASN C 28 -10.78 12.12 -7.90
CA ASN C 28 -10.61 11.18 -9.04
C ASN C 28 -11.77 10.19 -9.07
N ASN C 29 -12.64 10.30 -10.04
CA ASN C 29 -13.80 9.37 -10.12
C ASN C 29 -13.38 8.02 -10.75
N PRO C 30 -12.46 8.02 -11.68
CA PRO C 30 -11.99 6.76 -12.34
C PRO C 30 -11.46 5.75 -11.32
N LEU C 31 -10.49 4.97 -11.70
CA LEU C 31 -9.94 3.96 -10.75
C LEU C 31 -9.46 4.68 -9.49
N TYR C 32 -9.98 4.31 -8.35
CA TYR C 32 -9.55 4.98 -7.08
C TYR C 32 -8.16 4.47 -6.67
N LYS C 33 -7.15 4.95 -7.34
CA LYS C 33 -5.75 4.51 -7.00
C LYS C 33 -5.24 5.35 -5.83
N GLU C 34 -4.44 4.77 -4.97
CA GLU C 34 -3.91 5.55 -3.81
C GLU C 34 -2.72 4.82 -3.19
N ALA C 35 -1.51 5.26 -3.48
CA ALA C 35 -0.31 4.62 -2.92
C ALA C 35 -0.52 4.33 -1.42
N THR C 36 0.32 3.52 -0.83
CA THR C 36 0.15 3.21 0.62
C THR C 36 1.54 2.94 1.20
N SER C 37 2.17 3.96 1.72
CA SER C 37 3.54 3.79 2.30
C SER C 37 3.44 3.30 3.75
N THR C 38 4.29 2.38 4.13
CA THR C 38 4.26 1.86 5.52
C THR C 38 5.67 1.40 5.91
N PHE C 39 5.95 1.32 7.18
CA PHE C 39 7.31 0.90 7.63
C PHE C 39 7.18 -0.03 8.86
N THR C 40 8.28 -0.54 9.34
CA THR C 40 8.22 -1.44 10.53
C THR C 40 7.66 -0.67 11.73
N ASN C 41 7.72 -1.25 12.89
CA ASN C 41 7.19 -0.56 14.10
C ASN C 41 5.71 -0.24 13.91
N ILE C 42 5.15 -0.62 12.78
CA ILE C 42 3.71 -0.34 12.54
C ILE C 42 2.86 -1.37 13.25
N THR C 43 3.47 -2.37 13.82
CA THR C 43 2.69 -3.42 14.54
C THR C 43 2.11 -2.83 15.83
N TYR C 44 1.90 -1.55 15.87
CA TYR C 44 1.34 -0.91 17.10
C TYR C 44 2.17 -1.34 18.31
N ARG C 45 3.22 -0.64 18.60
CA ARG C 45 4.07 -1.01 19.78
C ARG C 45 4.33 -2.51 19.77
N GLY C 46 3.85 -3.22 20.75
CA GLY C 46 4.08 -4.69 20.79
C GLY C 46 3.39 -5.28 22.03
N THR C 47 4.13 -5.99 22.85
CA THR C 47 3.52 -6.60 24.07
C THR C 47 4.60 -6.80 25.13
N GLY A 1 16.06 -5.20 -1.34
CA GLY A 1 14.69 -5.38 -1.90
C GLY A 1 13.92 -6.39 -1.03
N GLY A 2 13.37 -7.41 -1.63
CA GLY A 2 12.61 -8.44 -0.86
C GLY A 2 11.30 -8.77 -1.58
N ALA A 3 11.05 -8.13 -2.70
CA ALA A 3 9.80 -8.43 -3.46
C ALA A 3 9.69 -9.94 -3.65
N HIS A 4 10.75 -10.65 -3.41
CA HIS A 4 10.73 -12.13 -3.55
C HIS A 4 10.47 -12.76 -2.19
N LYS A 5 11.05 -12.20 -1.16
CA LYS A 5 10.83 -12.73 0.21
C LYS A 5 9.49 -12.22 0.70
N VAL A 6 8.68 -11.72 -0.19
CA VAL A 6 7.35 -11.19 0.22
C VAL A 6 6.41 -12.35 0.54
N ARG A 7 5.66 -12.26 1.60
CA ARG A 7 4.70 -13.36 1.92
C ARG A 7 3.35 -12.94 1.36
N ALA A 8 2.87 -13.62 0.35
CA ALA A 8 1.56 -13.23 -0.26
C ALA A 8 0.45 -14.11 0.30
N GLY A 9 -0.54 -13.51 0.92
CA GLY A 9 -1.65 -14.32 1.48
C GLY A 9 -2.68 -13.39 2.14
N GLY A 10 -3.94 -13.73 2.07
CA GLY A 10 -4.97 -12.86 2.69
C GLY A 10 -6.35 -13.17 2.07
N PRO A 11 -7.40 -13.11 2.84
CA PRO A 11 -8.77 -13.37 2.32
C PRO A 11 -9.25 -12.21 1.44
N GLY A 12 -8.49 -11.14 1.42
CA GLY A 12 -8.87 -9.95 0.59
C GLY A 12 -8.22 -10.08 -0.78
N LEU A 13 -7.09 -10.72 -0.86
CA LEU A 13 -6.42 -10.87 -2.17
C LEU A 13 -7.25 -11.80 -3.06
N GLU A 14 -8.10 -12.59 -2.45
CA GLU A 14 -8.96 -13.54 -3.24
C GLU A 14 -10.32 -12.90 -3.49
N ARG A 15 -10.85 -12.21 -2.52
CA ARG A 15 -12.20 -11.55 -2.68
C ARG A 15 -12.56 -10.87 -1.37
N ALA A 16 -13.67 -10.19 -1.32
CA ALA A 16 -14.08 -9.51 -0.07
C ALA A 16 -15.56 -9.16 -0.15
N GLU A 17 -16.01 -8.22 0.65
CA GLU A 17 -17.44 -7.83 0.64
C GLU A 17 -17.55 -6.31 0.57
N ALA A 18 -18.58 -5.84 -0.07
CA ALA A 18 -18.80 -4.37 -0.19
C ALA A 18 -19.15 -3.82 1.20
N GLY A 19 -18.68 -2.66 1.53
CA GLY A 19 -19.00 -2.09 2.88
C GLY A 19 -18.48 -3.01 3.98
N VAL A 20 -17.43 -3.76 3.70
CA VAL A 20 -16.86 -4.69 4.73
C VAL A 20 -15.32 -4.60 4.72
N PRO A 21 -14.68 -4.30 5.84
CA PRO A 21 -13.20 -4.19 5.91
C PRO A 21 -12.47 -5.28 5.10
N ALA A 22 -11.93 -4.94 3.97
CA ALA A 22 -11.18 -5.96 3.17
C ALA A 22 -9.79 -6.12 3.80
N GLU A 23 -9.52 -7.26 4.41
CA GLU A 23 -8.21 -7.47 5.08
C GLU A 23 -7.27 -8.33 4.22
N PHE A 24 -6.01 -8.36 4.59
CA PHE A 24 -5.03 -9.20 3.86
C PHE A 24 -3.69 -9.17 4.59
N SER A 25 -2.82 -10.12 4.29
CA SER A 25 -1.48 -10.17 4.98
C SER A 25 -0.34 -10.15 3.96
N ILE A 26 0.60 -9.26 4.17
CA ILE A 26 1.78 -9.15 3.25
C ILE A 26 3.03 -8.91 4.10
N TRP A 27 3.69 -9.96 4.51
CA TRP A 27 4.91 -9.81 5.37
C TRP A 27 6.15 -9.72 4.47
N THR A 28 7.08 -8.87 4.81
CA THR A 28 8.31 -8.75 3.98
C THR A 28 9.40 -8.04 4.78
N ARG A 29 9.05 -7.49 5.91
CA ARG A 29 10.08 -6.78 6.73
C ARG A 29 11.25 -7.72 7.00
N GLU A 30 11.06 -9.00 6.79
CA GLU A 30 12.16 -9.98 7.03
C GLU A 30 13.27 -9.74 6.01
N ALA A 31 12.93 -9.38 4.80
CA ALA A 31 13.98 -9.14 3.77
C ALA A 31 15.01 -8.16 4.31
N GLY A 32 14.58 -7.17 5.06
CA GLY A 32 15.53 -6.18 5.63
C GLY A 32 14.86 -4.80 5.65
N ALA A 33 15.64 -3.76 5.73
CA ALA A 33 15.03 -2.39 5.76
C ALA A 33 14.18 -2.19 4.52
N GLY A 34 13.27 -1.25 4.56
CA GLY A 34 12.39 -1.00 3.38
C GLY A 34 11.01 -0.52 3.86
N GLY A 35 10.12 -0.27 2.93
CA GLY A 35 8.76 0.19 3.32
C GLY A 35 7.73 -0.36 2.32
N LEU A 36 6.47 -0.21 2.61
CA LEU A 36 5.42 -0.74 1.68
C LEU A 36 4.94 0.37 0.74
N ALA A 37 4.73 0.03 -0.51
CA ALA A 37 4.25 1.04 -1.50
C ALA A 37 3.33 0.30 -2.47
N ILE A 38 2.08 0.70 -2.55
CA ILE A 38 1.16 -0.03 -3.47
C ILE A 38 0.16 0.96 -4.04
N ALA A 39 -0.46 0.61 -5.14
CA ALA A 39 -1.49 1.50 -5.75
C ALA A 39 -2.85 0.85 -5.50
N VAL A 40 -3.69 1.46 -4.73
CA VAL A 40 -5.02 0.83 -4.47
C VAL A 40 -6.02 1.33 -5.50
N GLU A 41 -6.37 0.46 -6.41
CA GLU A 41 -7.32 0.84 -7.50
C GLU A 41 -8.72 0.35 -7.11
N GLY A 42 -9.73 0.91 -7.70
CA GLY A 42 -11.09 0.46 -7.35
C GLY A 42 -12.12 1.50 -7.80
N PRO A 43 -13.33 1.08 -8.07
CA PRO A 43 -14.41 2.02 -8.50
C PRO A 43 -15.00 2.81 -7.32
N SER A 44 -14.45 2.66 -6.14
CA SER A 44 -14.98 3.41 -4.94
C SER A 44 -13.81 4.01 -4.16
N LYS A 45 -14.07 4.39 -2.95
CA LYS A 45 -13.02 4.95 -2.08
C LYS A 45 -12.33 3.78 -1.37
N ALA A 46 -11.60 4.05 -0.33
CA ALA A 46 -10.90 2.95 0.39
C ALA A 46 -10.07 3.55 1.54
N GLU A 47 -10.44 3.25 2.75
CA GLU A 47 -9.69 3.81 3.92
C GLU A 47 -8.63 2.79 4.35
N ILE A 48 -7.37 3.12 4.18
CA ILE A 48 -6.30 2.17 4.59
C ILE A 48 -6.18 2.16 6.12
N SER A 49 -5.90 1.02 6.70
CA SER A 49 -5.77 0.94 8.17
C SER A 49 -4.90 -0.26 8.54
N PHE A 50 -3.87 -0.05 9.31
CA PHE A 50 -2.97 -1.18 9.71
C PHE A 50 -3.53 -1.85 10.97
N GLU A 51 -3.28 -3.12 11.13
CA GLU A 51 -3.80 -3.83 12.34
C GLU A 51 -3.00 -5.12 12.57
N ASP A 52 -2.62 -5.39 13.78
CA ASP A 52 -1.85 -6.62 14.08
C ASP A 52 -2.81 -7.77 14.38
N ARG A 53 -2.28 -8.95 14.62
CA ARG A 53 -3.16 -10.14 14.92
C ARG A 53 -2.59 -10.88 16.13
N LYS A 54 -3.33 -11.83 16.65
CA LYS A 54 -2.83 -12.59 17.83
C LYS A 54 -1.41 -13.09 17.55
N ASP A 55 -1.11 -13.42 16.33
CA ASP A 55 0.27 -13.91 16.00
C ASP A 55 1.21 -12.70 15.88
N GLY A 56 0.67 -11.51 15.87
CA GLY A 56 1.55 -10.30 15.76
C GLY A 56 1.99 -10.13 14.31
N SER A 57 1.22 -10.60 13.37
CA SER A 57 1.60 -10.47 11.94
C SER A 57 1.50 -9.00 11.52
N CYS A 58 1.57 -8.72 10.24
CA CYS A 58 1.47 -7.31 9.76
C CYS A 58 0.62 -7.27 8.49
N GLY A 59 -0.69 -7.23 8.64
CA GLY A 59 -1.60 -7.20 7.45
C GLY A 59 -2.38 -5.88 7.47
N VAL A 60 -2.53 -5.27 6.33
CA VAL A 60 -3.28 -3.98 6.25
C VAL A 60 -4.70 -4.28 5.77
N ALA A 61 -5.64 -3.40 6.05
CA ALA A 61 -7.06 -3.67 5.62
C ALA A 61 -7.74 -2.35 5.25
N TYR A 62 -8.87 -2.44 4.59
CA TYR A 62 -9.60 -1.20 4.20
C TYR A 62 -11.06 -1.53 3.87
N VAL A 63 -11.94 -0.57 3.98
CA VAL A 63 -13.38 -0.81 3.68
C VAL A 63 -13.72 -0.25 2.29
N VAL A 64 -14.82 -0.68 1.72
CA VAL A 64 -15.20 -0.17 0.36
C VAL A 64 -16.72 -0.02 0.29
N GLN A 65 -17.21 0.80 -0.60
CA GLN A 65 -18.69 1.03 -0.71
C GLN A 65 -19.23 0.48 -2.04
N GLU A 66 -18.43 0.42 -3.06
CA GLU A 66 -18.96 -0.08 -4.36
C GLU A 66 -18.96 -1.61 -4.39
N PRO A 67 -20.11 -2.25 -4.53
CA PRO A 67 -20.17 -3.73 -4.60
C PRO A 67 -19.90 -4.21 -6.04
N GLY A 68 -18.98 -5.11 -6.23
CA GLY A 68 -18.69 -5.58 -7.61
C GLY A 68 -17.22 -5.97 -7.73
N ASP A 69 -16.61 -5.67 -8.84
CA ASP A 69 -15.18 -6.02 -9.03
C ASP A 69 -14.26 -4.92 -8.48
N TYR A 70 -13.58 -5.18 -7.40
CA TYR A 70 -12.65 -4.17 -6.82
C TYR A 70 -11.23 -4.52 -7.29
N GLU A 71 -10.23 -3.80 -6.88
CA GLU A 71 -8.85 -4.13 -7.33
C GLU A 71 -7.82 -3.57 -6.35
N VAL A 72 -6.72 -4.27 -6.18
CA VAL A 72 -5.65 -3.79 -5.25
C VAL A 72 -4.28 -4.04 -5.89
N SER A 73 -3.64 -3.03 -6.40
CA SER A 73 -2.32 -3.25 -7.02
C SER A 73 -1.29 -3.48 -5.91
N VAL A 74 -0.53 -4.54 -5.98
CA VAL A 74 0.49 -4.81 -4.91
C VAL A 74 1.90 -4.52 -5.48
N LYS A 75 2.65 -3.64 -4.86
CA LYS A 75 4.00 -3.30 -5.38
C LYS A 75 5.00 -3.22 -4.24
N PHE A 76 6.21 -3.67 -4.48
CA PHE A 76 7.26 -3.61 -3.43
C PHE A 76 8.62 -3.47 -4.13
N ASN A 77 9.49 -2.65 -3.61
CA ASN A 77 10.82 -2.48 -4.26
C ASN A 77 10.60 -2.13 -5.73
N GLU A 78 9.48 -1.53 -6.05
CA GLU A 78 9.19 -1.16 -7.46
C GLU A 78 9.08 -2.42 -8.32
N GLU A 79 8.75 -3.54 -7.72
CA GLU A 79 8.65 -4.82 -8.49
C GLU A 79 7.31 -5.49 -8.19
N HIS A 80 6.35 -5.35 -9.06
CA HIS A 80 5.04 -6.01 -8.84
C HIS A 80 5.31 -7.48 -8.50
N ILE A 81 5.21 -7.84 -7.25
CA ILE A 81 5.49 -9.24 -6.84
C ILE A 81 4.81 -10.22 -7.82
N PRO A 82 5.47 -11.31 -8.20
CA PRO A 82 4.88 -12.30 -9.16
C PRO A 82 3.40 -12.60 -8.92
N ASP A 83 2.73 -13.13 -9.92
CA ASP A 83 1.30 -13.49 -9.79
C ASP A 83 0.44 -12.26 -9.45
N SER A 84 0.87 -11.08 -9.81
CA SER A 84 0.05 -9.86 -9.49
C SER A 84 0.06 -8.93 -10.72
N PRO A 85 -0.68 -7.84 -10.72
CA PRO A 85 -1.58 -7.39 -9.59
C PRO A 85 -2.71 -8.39 -9.28
N PHE A 86 -3.04 -8.53 -8.02
CA PHE A 86 -4.11 -9.49 -7.64
C PHE A 86 -5.49 -8.85 -7.81
N VAL A 87 -6.42 -9.58 -8.37
CA VAL A 87 -7.79 -9.04 -8.55
C VAL A 87 -8.59 -9.39 -7.29
N VAL A 88 -9.36 -8.46 -6.78
CA VAL A 88 -10.15 -8.74 -5.53
C VAL A 88 -11.63 -8.48 -5.77
N PRO A 89 -12.33 -9.44 -6.32
CA PRO A 89 -13.80 -9.30 -6.56
C PRO A 89 -14.56 -9.13 -5.25
N VAL A 90 -15.25 -8.03 -5.06
CA VAL A 90 -15.98 -7.84 -3.78
C VAL A 90 -17.32 -8.58 -3.87
N ALA A 91 -17.54 -9.49 -2.96
CA ALA A 91 -18.81 -10.26 -2.97
C ALA A 91 -19.91 -9.43 -2.30
N SER A 92 -21.05 -10.03 -2.06
CA SER A 92 -22.17 -9.27 -1.40
C SER A 92 -22.11 -9.52 0.11
N PRO A 93 -22.59 -8.60 0.91
CA PRO A 93 -22.59 -8.73 2.39
C PRO A 93 -22.77 -10.18 2.85
N SER A 94 -21.96 -10.63 3.78
CA SER A 94 -22.10 -12.04 4.26
C SER A 94 -23.57 -12.34 4.51
N GLY A 95 -24.23 -12.94 3.55
CA GLY A 95 -25.66 -13.24 3.75
C GLY A 95 -26.30 -13.63 2.41
N TRP B 1 14.90 0.54 1.16
CA TRP B 1 13.89 0.42 0.07
C TRP B 1 14.62 0.15 -1.26
N LYS B 2 15.88 0.48 -1.31
CA LYS B 2 16.65 0.26 -2.57
C LYS B 2 15.93 0.94 -3.72
N VAL B 3 16.09 0.43 -4.92
CA VAL B 3 15.44 1.05 -6.14
C VAL B 3 14.23 1.88 -5.76
N GLY B 4 13.43 1.43 -4.84
CA GLY B 4 12.27 2.24 -4.43
C GLY B 4 12.65 3.71 -4.25
N PHE B 5 12.95 4.10 -3.03
CA PHE B 5 13.31 5.54 -2.68
C PHE B 5 13.11 6.57 -3.84
N PHE B 6 13.89 6.53 -4.89
CA PHE B 6 13.70 7.53 -6.00
C PHE B 6 12.61 7.07 -6.97
N LYS B 7 12.50 5.81 -7.26
CA LYS B 7 11.42 5.33 -8.18
C LYS B 7 10.25 4.96 -7.28
N ARG B 8 10.49 4.99 -6.01
CA ARG B 8 9.45 4.64 -5.05
C ARG B 8 8.29 5.62 -5.23
N ASN B 9 8.61 6.88 -5.43
CA ASN B 9 7.55 7.90 -5.62
C ASN B 9 6.45 7.35 -6.53
N ARG B 10 5.43 6.77 -5.95
CA ARG B 10 4.31 6.20 -6.78
C ARG B 10 3.92 7.18 -7.90
N PRO B 11 3.58 8.41 -7.56
CA PRO B 11 3.17 9.43 -8.59
C PRO B 11 4.02 9.30 -9.88
N PRO B 12 3.50 9.78 -10.99
CA PRO B 12 4.23 9.72 -12.29
C PRO B 12 5.37 10.75 -12.38
N LEU B 13 5.98 11.08 -11.28
CA LEU B 13 7.10 12.07 -11.32
C LEU B 13 8.34 11.39 -11.89
N GLU B 14 8.56 11.53 -13.17
CA GLU B 14 9.76 10.90 -13.79
C GLU B 14 9.96 11.50 -15.19
N GLU B 15 9.07 12.35 -15.61
CA GLU B 15 9.21 12.98 -16.95
C GLU B 15 10.10 14.22 -16.86
N ASP B 16 10.23 14.78 -15.69
CA ASP B 16 11.08 15.99 -15.53
C ASP B 16 12.55 15.61 -15.70
N ASP B 17 13.07 14.81 -14.80
CA ASP B 17 14.50 14.40 -14.91
C ASP B 17 14.79 13.28 -13.92
N GLU B 18 15.08 12.10 -14.41
CA GLU B 18 15.37 10.95 -13.48
C GLU B 18 16.30 11.41 -12.35
N GLU B 19 15.89 11.24 -11.13
CA GLU B 19 16.75 11.66 -9.98
C GLU B 19 17.84 10.62 -9.76
N GLY B 20 18.66 10.38 -10.74
CA GLY B 20 19.75 9.37 -10.59
C GLY B 20 20.95 10.00 -9.87
N GLU B 21 21.78 10.70 -10.59
CA GLU B 21 22.95 11.35 -9.95
C GLU B 21 23.71 10.31 -9.12
N LYS C 1 21.06 -2.33 5.06
CA LYS C 1 19.58 -2.46 5.18
C LYS C 1 19.18 -2.33 6.66
N LYS C 2 19.10 -1.13 7.16
CA LYS C 2 18.72 -0.94 8.58
C LYS C 2 18.49 0.55 8.86
N LYS C 3 18.23 1.32 7.84
CA LYS C 3 18.00 2.77 8.04
C LYS C 3 17.57 3.41 6.71
N ILE C 4 18.06 2.88 5.62
CA ILE C 4 17.69 3.43 4.27
C ILE C 4 16.19 3.76 4.23
N THR C 5 15.38 2.96 4.88
CA THR C 5 13.92 3.22 4.87
C THR C 5 13.58 4.29 5.92
N ILE C 6 14.11 4.16 7.10
CA ILE C 6 13.82 5.16 8.17
C ILE C 6 14.20 6.56 7.65
N HIS C 7 15.26 6.65 6.90
CA HIS C 7 15.67 7.98 6.37
C HIS C 7 14.52 8.58 5.55
N ASP C 8 13.94 7.80 4.67
CA ASP C 8 12.82 8.32 3.84
C ASP C 8 11.60 8.59 4.72
N ARG C 9 11.63 8.14 5.95
CA ARG C 9 10.47 8.36 6.86
C ARG C 9 10.10 9.84 6.88
N LYS C 10 10.94 10.68 7.41
CA LYS C 10 10.62 12.13 7.47
C LYS C 10 10.40 12.68 6.07
N GLU C 11 11.22 12.33 5.13
CA GLU C 11 11.04 12.84 3.73
C GLU C 11 9.59 12.64 3.33
N PHE C 12 9.02 11.58 3.76
CA PHE C 12 7.59 11.29 3.43
C PHE C 12 6.70 12.20 4.27
N ALA C 13 6.98 12.32 5.53
CA ALA C 13 6.16 13.19 6.40
C ALA C 13 6.07 14.60 5.82
N LYS C 14 7.10 15.03 5.14
CA LYS C 14 7.09 16.39 4.55
C LYS C 14 6.48 16.33 3.14
N PHE C 15 6.90 15.38 2.36
CA PHE C 15 6.37 15.26 0.97
C PHE C 15 4.84 15.41 0.97
N GLU C 16 4.22 15.35 2.11
CA GLU C 16 2.73 15.51 2.16
C GLU C 16 2.43 16.96 2.50
N GLU C 17 3.24 17.52 3.34
CA GLU C 17 3.05 18.95 3.70
C GLU C 17 3.40 19.75 2.46
N GLU C 18 3.94 19.07 1.50
CA GLU C 18 4.33 19.72 0.23
C GLU C 18 3.10 19.80 -0.68
N ARG C 19 2.50 18.68 -0.97
CA ARG C 19 1.29 18.69 -1.83
C ARG C 19 0.07 19.08 -1.00
N ALA C 20 0.18 19.06 0.31
CA ALA C 20 -0.98 19.42 1.17
C ALA C 20 -0.92 20.92 1.50
N ARG C 21 -0.21 21.68 0.71
CA ARG C 21 -0.13 23.15 0.97
C ARG C 21 -1.53 23.75 1.02
N ALA C 22 -1.92 24.46 -0.01
CA ALA C 22 -3.28 25.07 -0.01
C ALA C 22 -4.33 23.97 -0.15
N LYS C 23 -5.56 24.26 0.17
CA LYS C 23 -6.64 23.24 0.07
C LYS C 23 -7.10 23.14 -1.38
N TRP C 24 -7.17 21.94 -1.91
CA TRP C 24 -7.61 21.78 -3.33
C TRP C 24 -9.14 21.75 -3.38
N ASP C 25 -9.71 21.76 -4.55
CA ASP C 25 -11.19 21.75 -4.67
C ASP C 25 -11.70 20.31 -4.56
N THR C 26 -12.47 20.00 -3.56
CA THR C 26 -12.98 18.61 -3.40
C THR C 26 -13.55 18.12 -4.73
N ALA C 27 -13.15 16.95 -5.16
CA ALA C 27 -13.66 16.41 -6.46
C ALA C 27 -13.47 14.90 -6.48
N ASN C 28 -14.52 14.15 -6.29
CA ASN C 28 -14.40 12.67 -6.32
C ASN C 28 -14.26 12.18 -7.77
N ASN C 29 -13.06 11.89 -8.19
CA ASN C 29 -12.86 11.42 -9.59
C ASN C 29 -13.23 9.93 -9.67
N PRO C 30 -13.65 9.47 -10.82
CA PRO C 30 -14.04 8.03 -11.01
C PRO C 30 -12.81 7.10 -10.96
N LEU C 31 -13.02 5.83 -10.76
CA LEU C 31 -11.88 4.88 -10.69
C LEU C 31 -10.81 5.44 -9.76
N TYR C 32 -10.83 5.06 -8.52
CA TYR C 32 -9.81 5.57 -7.56
C TYR C 32 -8.44 5.01 -7.92
N LYS C 33 -7.43 5.36 -7.17
CA LYS C 33 -6.05 4.87 -7.47
C LYS C 33 -5.07 5.39 -6.42
N GLU C 34 -5.52 5.63 -5.21
CA GLU C 34 -4.58 6.12 -4.16
C GLU C 34 -3.44 5.11 -4.01
N ALA C 35 -2.67 5.21 -2.96
CA ALA C 35 -1.55 4.24 -2.78
C ALA C 35 -1.17 4.17 -1.31
N THR C 36 -0.44 3.14 -0.93
CA THR C 36 -0.03 3.00 0.49
C THR C 36 1.37 3.58 0.66
N SER C 37 1.74 3.96 1.87
CA SER C 37 3.10 4.52 2.06
C SER C 37 3.42 4.56 3.56
N THR C 38 3.59 3.42 4.17
CA THR C 38 3.90 3.38 5.63
C THR C 38 4.60 2.07 5.97
N PHE C 39 4.78 1.78 7.23
CA PHE C 39 5.45 0.52 7.64
C PHE C 39 4.83 0.01 8.95
N THR C 40 5.43 -0.96 9.56
CA THR C 40 4.86 -1.50 10.84
C THR C 40 4.85 -0.40 11.89
N ASN C 41 3.91 0.50 11.81
CA ASN C 41 3.84 1.59 12.82
C ASN C 41 3.18 1.08 14.10
N ILE C 42 1.95 0.65 14.02
CA ILE C 42 1.26 0.13 15.23
C ILE C 42 1.83 -1.24 15.58
N THR C 43 2.61 -1.32 16.63
CA THR C 43 3.19 -2.62 17.04
C THR C 43 2.14 -3.44 17.79
N TYR C 44 1.15 -2.79 18.34
CA TYR C 44 0.10 -3.53 19.09
C TYR C 44 0.76 -4.42 20.16
N ARG C 45 0.96 -3.88 21.33
CA ARG C 45 1.59 -4.68 22.42
C ARG C 45 0.88 -6.03 22.54
N GLY C 46 1.54 -7.02 23.07
CA GLY C 46 0.91 -8.36 23.21
C GLY C 46 -0.24 -8.27 24.22
N THR C 47 -1.15 -9.21 24.19
CA THR C 47 -2.29 -9.17 25.15
C THR C 47 -1.77 -9.41 26.56
N GLY A 1 15.61 -5.04 -3.17
CA GLY A 1 15.11 -6.38 -3.62
C GLY A 1 14.09 -6.91 -2.60
N GLY A 2 14.05 -8.20 -2.41
CA GLY A 2 13.09 -8.77 -1.43
C GLY A 2 11.68 -8.77 -2.04
N ALA A 3 11.46 -7.97 -3.07
CA ALA A 3 10.12 -7.93 -3.70
C ALA A 3 9.67 -9.36 -4.00
N HIS A 4 10.60 -10.29 -3.96
CA HIS A 4 10.27 -11.72 -4.22
C HIS A 4 10.04 -12.40 -2.87
N LYS A 5 10.80 -12.01 -1.89
CA LYS A 5 10.64 -12.61 -0.54
C LYS A 5 9.41 -11.98 0.12
N VAL A 6 8.55 -11.41 -0.68
CA VAL A 6 7.34 -10.75 -0.11
C VAL A 6 6.35 -11.83 0.35
N ARG A 7 5.71 -11.62 1.47
CA ARG A 7 4.71 -12.61 1.95
C ARG A 7 3.33 -12.15 1.48
N ALA A 8 2.72 -12.86 0.56
CA ALA A 8 1.38 -12.44 0.05
C ALA A 8 0.31 -13.40 0.55
N GLY A 9 -0.76 -12.88 1.08
CA GLY A 9 -1.85 -13.75 1.58
C GLY A 9 -2.94 -12.89 2.22
N GLY A 10 -4.17 -13.33 2.17
CA GLY A 10 -5.26 -12.52 2.78
C GLY A 10 -6.61 -13.04 2.29
N PRO A 11 -7.62 -13.01 3.12
CA PRO A 11 -8.98 -13.48 2.71
C PRO A 11 -9.67 -12.45 1.81
N GLY A 12 -9.17 -11.24 1.80
CA GLY A 12 -9.77 -10.18 0.95
C GLY A 12 -9.12 -10.18 -0.43
N LEU A 13 -7.84 -10.48 -0.50
CA LEU A 13 -7.16 -10.51 -1.82
C LEU A 13 -7.73 -11.65 -2.67
N GLU A 14 -8.41 -12.57 -2.06
CA GLU A 14 -9.00 -13.72 -2.83
C GLU A 14 -10.47 -13.43 -3.13
N ARG A 15 -11.16 -12.78 -2.21
CA ARG A 15 -12.61 -12.45 -2.39
C ARG A 15 -13.14 -11.87 -1.09
N ALA A 16 -14.37 -11.44 -1.07
CA ALA A 16 -14.94 -10.86 0.19
C ALA A 16 -16.37 -10.37 -0.10
N GLU A 17 -16.90 -9.49 0.72
CA GLU A 17 -18.28 -8.96 0.49
C GLU A 17 -18.22 -7.45 0.32
N ALA A 18 -19.23 -6.88 -0.30
CA ALA A 18 -19.26 -5.41 -0.49
C ALA A 18 -19.56 -4.73 0.85
N GLY A 19 -19.00 -3.58 1.09
CA GLY A 19 -19.26 -2.89 2.39
C GLY A 19 -18.70 -3.73 3.55
N VAL A 20 -17.67 -4.50 3.31
CA VAL A 20 -17.08 -5.35 4.40
C VAL A 20 -15.54 -5.15 4.44
N PRO A 21 -14.99 -4.75 5.57
CA PRO A 21 -13.52 -4.54 5.70
C PRO A 21 -12.68 -5.61 5.00
N ALA A 22 -12.08 -5.27 3.88
CA ALA A 22 -11.23 -6.27 3.17
C ALA A 22 -9.88 -6.34 3.87
N GLU A 23 -9.63 -7.38 4.62
CA GLU A 23 -8.33 -7.50 5.35
C GLU A 23 -7.35 -8.37 4.57
N PHE A 24 -6.08 -8.32 4.94
CA PHE A 24 -5.06 -9.15 4.26
C PHE A 24 -3.71 -8.98 4.95
N SER A 25 -2.75 -9.80 4.60
CA SER A 25 -1.40 -9.72 5.24
C SER A 25 -0.31 -9.58 4.16
N ILE A 26 0.53 -8.59 4.30
CA ILE A 26 1.64 -8.39 3.32
C ILE A 26 2.88 -7.98 4.12
N TRP A 27 3.66 -8.96 4.53
CA TRP A 27 4.88 -8.68 5.34
C TRP A 27 6.12 -8.67 4.45
N THR A 28 7.02 -7.76 4.68
CA THR A 28 8.26 -7.70 3.84
C THR A 28 9.34 -6.92 4.59
N ARG A 29 9.17 -6.71 5.87
CA ARG A 29 10.19 -5.95 6.64
C ARG A 29 11.49 -6.74 6.68
N GLU A 30 11.41 -8.03 6.87
CA GLU A 30 12.64 -8.87 6.92
C GLU A 30 13.14 -9.10 5.49
N ALA A 31 12.28 -8.92 4.52
CA ALA A 31 12.69 -9.14 3.11
C ALA A 31 13.63 -8.01 2.66
N GLY A 32 13.85 -7.03 3.51
CA GLY A 32 14.75 -5.90 3.14
C GLY A 32 14.23 -4.60 3.74
N ALA A 33 15.11 -3.70 4.06
CA ALA A 33 14.67 -2.39 4.66
C ALA A 33 14.14 -1.49 3.55
N GLY A 34 13.39 -0.47 3.90
CA GLY A 34 12.83 0.46 2.87
C GLY A 34 11.39 0.81 3.21
N GLY A 35 10.81 1.74 2.50
CA GLY A 35 9.39 2.15 2.77
C GLY A 35 8.45 1.33 1.89
N LEU A 36 7.17 1.35 2.19
CA LEU A 36 6.18 0.57 1.38
C LEU A 36 5.53 1.51 0.36
N ALA A 37 5.27 1.01 -0.83
CA ALA A 37 4.61 1.85 -1.87
C ALA A 37 3.62 0.95 -2.61
N ILE A 38 2.35 1.16 -2.42
CA ILE A 38 1.33 0.30 -3.09
C ILE A 38 0.27 1.22 -3.68
N ALA A 39 -0.45 0.75 -4.66
CA ALA A 39 -1.52 1.59 -5.30
C ALA A 39 -2.86 0.88 -5.11
N VAL A 40 -3.73 1.44 -4.31
CA VAL A 40 -5.05 0.77 -4.09
C VAL A 40 -6.06 1.32 -5.11
N GLU A 41 -6.47 0.49 -6.03
CA GLU A 41 -7.45 0.91 -7.08
C GLU A 41 -8.81 0.30 -6.74
N GLY A 42 -9.86 0.91 -7.22
CA GLY A 42 -11.20 0.35 -6.93
C GLY A 42 -12.29 1.38 -7.32
N PRO A 43 -13.22 1.03 -8.20
CA PRO A 43 -14.32 1.98 -8.59
C PRO A 43 -15.05 2.58 -7.37
N SER A 44 -14.64 2.23 -6.16
CA SER A 44 -15.29 2.76 -4.94
C SER A 44 -14.23 3.44 -4.09
N LYS A 45 -14.62 3.89 -2.94
CA LYS A 45 -13.64 4.54 -2.04
C LYS A 45 -12.87 3.45 -1.31
N ALA A 46 -12.24 3.76 -0.22
CA ALA A 46 -11.47 2.71 0.51
C ALA A 46 -10.81 3.34 1.73
N GLU A 47 -11.21 2.95 2.90
CA GLU A 47 -10.61 3.51 4.14
C GLU A 47 -9.42 2.66 4.54
N ILE A 48 -8.22 3.17 4.35
CA ILE A 48 -7.01 2.38 4.71
C ILE A 48 -6.74 2.48 6.22
N SER A 49 -6.34 1.41 6.83
CA SER A 49 -6.06 1.44 8.29
C SER A 49 -5.24 0.21 8.68
N PHE A 50 -4.13 0.40 9.33
CA PHE A 50 -3.28 -0.76 9.73
C PHE A 50 -3.89 -1.42 10.98
N GLU A 51 -3.60 -2.67 11.21
CA GLU A 51 -4.14 -3.36 12.41
C GLU A 51 -3.20 -4.49 12.82
N ASP A 52 -2.94 -4.64 14.09
CA ASP A 52 -2.03 -5.72 14.56
C ASP A 52 -2.84 -6.96 14.90
N ARG A 53 -2.31 -8.13 14.62
CA ARG A 53 -3.05 -9.39 14.93
C ARG A 53 -2.60 -9.91 16.29
N LYS A 54 -3.25 -10.92 16.81
CA LYS A 54 -2.86 -11.47 18.14
C LYS A 54 -1.35 -11.74 18.14
N ASP A 55 -0.81 -12.16 17.03
CA ASP A 55 0.66 -12.44 16.97
C ASP A 55 1.41 -11.14 16.66
N GLY A 56 0.69 -10.09 16.38
CA GLY A 56 1.36 -8.79 16.07
C GLY A 56 1.81 -8.77 14.60
N SER A 57 1.13 -9.50 13.76
CA SER A 57 1.52 -9.53 12.33
C SER A 57 1.49 -8.10 11.77
N CYS A 58 1.54 -7.96 10.47
CA CYS A 58 1.51 -6.60 9.84
C CYS A 58 0.62 -6.63 8.59
N GLY A 59 -0.67 -6.68 8.77
CA GLY A 59 -1.60 -6.70 7.60
C GLY A 59 -2.46 -5.44 7.59
N VAL A 60 -2.75 -4.93 6.42
CA VAL A 60 -3.59 -3.70 6.32
C VAL A 60 -5.00 -4.10 5.86
N ALA A 61 -5.98 -3.29 6.12
CA ALA A 61 -7.37 -3.66 5.70
C ALA A 61 -8.13 -2.40 5.28
N TYR A 62 -9.22 -2.57 4.58
CA TYR A 62 -10.01 -1.39 4.15
C TYR A 62 -11.42 -1.82 3.74
N VAL A 63 -12.37 -0.93 3.82
CA VAL A 63 -13.78 -1.28 3.44
C VAL A 63 -14.05 -0.80 2.01
N VAL A 64 -15.04 -1.38 1.36
CA VAL A 64 -15.38 -0.97 -0.04
C VAL A 64 -16.91 -0.97 -0.20
N GLN A 65 -17.44 -0.07 -0.99
CA GLN A 65 -18.94 0.02 -1.17
C GLN A 65 -19.40 -0.55 -2.51
N GLU A 66 -18.53 -0.59 -3.48
CA GLU A 66 -18.97 -1.10 -4.81
C GLU A 66 -18.99 -2.63 -4.84
N PRO A 67 -20.14 -3.25 -5.06
CA PRO A 67 -20.23 -4.73 -5.14
C PRO A 67 -19.76 -5.22 -6.51
N GLY A 68 -18.83 -6.13 -6.55
CA GLY A 68 -18.33 -6.63 -7.87
C GLY A 68 -16.86 -6.98 -7.71
N ASP A 69 -16.05 -6.67 -8.70
CA ASP A 69 -14.60 -7.01 -8.61
C ASP A 69 -13.74 -5.75 -8.73
N TYR A 70 -13.24 -5.26 -7.64
CA TYR A 70 -12.34 -4.08 -7.69
C TYR A 70 -10.92 -4.61 -7.80
N GLU A 71 -9.92 -3.77 -7.77
CA GLU A 71 -8.54 -4.29 -7.90
C GLU A 71 -7.57 -3.43 -7.09
N VAL A 72 -6.75 -4.06 -6.28
CA VAL A 72 -5.76 -3.32 -5.46
C VAL A 72 -4.37 -3.57 -6.05
N SER A 73 -3.72 -2.55 -6.52
CA SER A 73 -2.37 -2.77 -7.10
C SER A 73 -1.39 -3.03 -5.95
N VAL A 74 -0.18 -3.43 -6.25
CA VAL A 74 0.80 -3.71 -5.16
C VAL A 74 2.23 -3.49 -5.69
N LYS A 75 3.06 -2.85 -4.93
CA LYS A 75 4.46 -2.60 -5.40
C LYS A 75 5.40 -2.48 -4.19
N PHE A 76 6.63 -2.86 -4.39
CA PHE A 76 7.66 -2.76 -3.31
C PHE A 76 8.90 -2.10 -3.90
N ASN A 77 9.39 -1.06 -3.30
CA ASN A 77 10.59 -0.37 -3.87
C ASN A 77 10.32 -0.08 -5.36
N GLU A 78 9.07 -0.02 -5.73
CA GLU A 78 8.70 0.25 -7.15
C GLU A 78 8.90 -1.03 -7.99
N GLU A 79 8.61 -2.17 -7.42
CA GLU A 79 8.78 -3.46 -8.16
C GLU A 79 7.51 -4.31 -8.03
N HIS A 80 6.63 -4.21 -9.00
CA HIS A 80 5.38 -5.03 -8.95
C HIS A 80 5.75 -6.47 -8.57
N ILE A 81 5.40 -6.90 -7.39
CA ILE A 81 5.73 -8.30 -6.98
C ILE A 81 5.02 -9.29 -7.92
N PRO A 82 5.65 -10.39 -8.28
CA PRO A 82 5.02 -11.39 -9.19
C PRO A 82 3.57 -11.74 -8.82
N ASP A 83 2.86 -12.35 -9.73
CA ASP A 83 1.45 -12.76 -9.46
C ASP A 83 0.56 -11.56 -9.13
N SER A 84 0.76 -10.44 -9.79
CA SER A 84 -0.11 -9.24 -9.51
C SER A 84 -0.45 -8.56 -10.85
N PRO A 85 -1.39 -7.63 -10.88
CA PRO A 85 -2.16 -7.15 -9.68
C PRO A 85 -3.14 -8.22 -9.14
N PHE A 86 -3.44 -8.17 -7.87
CA PHE A 86 -4.37 -9.19 -7.30
C PHE A 86 -5.83 -8.79 -7.56
N VAL A 87 -6.57 -9.68 -8.17
CA VAL A 87 -8.01 -9.40 -8.45
C VAL A 87 -8.82 -9.78 -7.21
N VAL A 88 -9.96 -9.17 -7.01
CA VAL A 88 -10.77 -9.51 -5.78
C VAL A 88 -12.27 -9.41 -6.08
N PRO A 89 -12.95 -10.52 -6.32
CA PRO A 89 -14.41 -10.50 -6.58
C PRO A 89 -15.20 -10.40 -5.28
N VAL A 90 -15.66 -9.23 -4.94
CA VAL A 90 -16.43 -9.08 -3.69
C VAL A 90 -17.81 -9.72 -3.91
N ALA A 91 -18.16 -10.65 -3.07
CA ALA A 91 -19.46 -11.34 -3.19
C ALA A 91 -20.57 -10.44 -2.63
N SER A 92 -21.77 -10.93 -2.58
CA SER A 92 -22.89 -10.10 -2.03
C SER A 92 -23.03 -10.39 -0.53
N PRO A 93 -23.51 -9.43 0.24
CA PRO A 93 -23.70 -9.58 1.70
C PRO A 93 -24.05 -11.02 2.09
N SER A 94 -23.42 -11.53 3.12
CA SER A 94 -23.71 -12.93 3.55
C SER A 94 -25.22 -13.12 3.59
N GLY A 95 -25.78 -13.65 2.54
CA GLY A 95 -27.25 -13.84 2.53
C GLY A 95 -27.72 -14.07 1.09
N TRP B 1 14.65 0.09 0.31
CA TRP B 1 15.55 1.12 -0.27
C TRP B 1 15.95 0.69 -1.69
N LYS B 2 17.20 0.36 -1.90
CA LYS B 2 17.67 -0.07 -3.25
C LYS B 2 17.04 0.81 -4.31
N VAL B 3 16.97 0.36 -5.54
CA VAL B 3 16.38 1.19 -6.62
C VAL B 3 15.12 1.87 -6.07
N GLY B 4 14.56 1.32 -5.05
CA GLY B 4 13.37 1.97 -4.48
C GLY B 4 13.67 3.44 -4.19
N PHE B 5 14.12 3.72 -3.01
CA PHE B 5 14.42 5.14 -2.54
C PHE B 5 14.13 6.27 -3.57
N PHE B 6 14.75 6.29 -4.72
CA PHE B 6 14.48 7.39 -5.71
C PHE B 6 13.31 7.01 -6.63
N LYS B 7 13.26 5.78 -7.07
CA LYS B 7 12.13 5.36 -7.94
C LYS B 7 11.04 4.88 -7.01
N ARG B 8 11.32 4.95 -5.75
CA ARG B 8 10.36 4.48 -4.74
C ARG B 8 9.21 5.50 -4.69
N ASN B 9 9.54 6.76 -4.65
CA ASN B 9 8.47 7.80 -4.60
C ASN B 9 7.46 7.54 -5.71
N ARG B 10 6.25 7.16 -5.35
CA ARG B 10 5.19 6.86 -6.37
C ARG B 10 5.31 7.79 -7.58
N PRO B 11 5.91 7.35 -8.67
CA PRO B 11 6.09 8.18 -9.89
C PRO B 11 4.90 8.05 -10.86
N PRO B 12 4.10 9.10 -11.04
CA PRO B 12 2.94 9.04 -11.98
C PRO B 12 3.31 8.46 -13.34
N LEU B 13 2.38 8.47 -14.27
CA LEU B 13 2.68 7.92 -15.62
C LEU B 13 3.99 8.50 -16.13
N GLU B 14 5.03 7.71 -16.17
CA GLU B 14 6.34 8.23 -16.67
C GLU B 14 6.32 8.28 -18.20
N GLU B 15 6.92 9.28 -18.78
CA GLU B 15 6.93 9.37 -20.26
C GLU B 15 7.88 10.49 -20.69
N ASP B 16 7.84 11.62 -20.02
CA ASP B 16 8.74 12.74 -20.40
C ASP B 16 10.21 12.31 -20.24
N ASP B 17 11.12 13.09 -20.74
CA ASP B 17 12.56 12.73 -20.62
C ASP B 17 12.91 12.53 -19.14
N GLU B 18 13.07 11.31 -18.71
CA GLU B 18 13.42 11.05 -17.28
C GLU B 18 14.92 11.27 -17.08
N GLU B 19 15.27 12.20 -16.22
CA GLU B 19 16.72 12.45 -15.97
C GLU B 19 17.30 11.33 -15.10
N GLY B 20 16.70 10.17 -15.13
CA GLY B 20 17.21 9.04 -14.30
C GLY B 20 18.38 8.37 -15.01
N GLU B 21 19.43 9.11 -15.26
CA GLU B 21 20.61 8.51 -15.94
C GLU B 21 21.77 9.51 -15.94
N LYS C 1 19.33 -5.28 7.04
CA LYS C 1 18.11 -5.41 6.20
C LYS C 1 16.89 -4.95 6.98
N LYS C 2 17.11 -4.22 8.05
CA LYS C 2 15.96 -3.72 8.87
C LYS C 2 16.38 -2.45 9.59
N LYS C 3 16.72 -1.42 8.85
CA LYS C 3 17.14 -0.15 9.49
C LYS C 3 16.98 1.00 8.49
N ILE C 4 17.34 0.78 7.25
CA ILE C 4 17.20 1.86 6.23
C ILE C 4 15.74 2.25 6.08
N THR C 5 14.84 1.39 6.50
CA THR C 5 13.39 1.72 6.39
C THR C 5 13.12 3.01 7.15
N ILE C 6 13.32 2.99 8.43
CA ILE C 6 13.08 4.21 9.27
C ILE C 6 13.96 5.34 8.76
N HIS C 7 15.13 5.05 8.27
CA HIS C 7 16.01 6.14 7.77
C HIS C 7 15.22 7.02 6.79
N ASP C 8 14.33 6.43 6.04
CA ASP C 8 13.52 7.22 5.08
C ASP C 8 12.42 7.97 5.85
N ARG C 9 12.19 7.60 7.08
CA ARG C 9 11.14 8.27 7.88
C ARG C 9 11.34 9.79 7.82
N LYS C 10 12.51 10.26 8.14
CA LYS C 10 12.76 11.73 8.10
C LYS C 10 12.74 12.21 6.65
N GLU C 11 13.45 11.56 5.78
CA GLU C 11 13.46 11.97 4.35
C GLU C 11 12.01 12.14 3.90
N PHE C 12 11.16 11.32 4.41
CA PHE C 12 9.72 11.40 4.05
C PHE C 12 9.10 12.58 4.78
N ALA C 13 9.47 12.78 6.01
CA ALA C 13 8.90 13.91 6.80
C ALA C 13 9.16 15.23 6.09
N LYS C 14 10.32 15.40 5.49
CA LYS C 14 10.61 16.69 4.80
C LYS C 14 10.18 16.61 3.33
N PHE C 15 10.34 15.48 2.71
CA PHE C 15 9.94 15.36 1.29
C PHE C 15 8.46 15.72 1.13
N GLU C 16 7.76 15.86 2.21
CA GLU C 16 6.31 16.23 2.13
C GLU C 16 6.19 17.74 2.28
N GLU C 17 7.03 18.33 3.10
CA GLU C 17 6.98 19.81 3.27
C GLU C 17 7.42 20.38 1.94
N GLU C 18 7.93 19.52 1.10
CA GLU C 18 8.40 19.94 -0.24
C GLU C 18 7.18 20.03 -1.17
N ARG C 19 6.46 18.96 -1.31
CA ARG C 19 5.25 18.98 -2.19
C ARG C 19 4.06 19.52 -1.40
N ALA C 20 4.23 19.71 -0.13
CA ALA C 20 3.10 20.23 0.70
C ALA C 20 2.47 21.44 0.01
N ARG C 21 1.39 21.95 0.55
CA ARG C 21 0.72 23.12 -0.06
C ARG C 21 0.27 22.76 -1.49
N ALA C 22 0.64 23.57 -2.45
CA ALA C 22 0.24 23.27 -3.86
C ALA C 22 -1.28 23.13 -3.93
N LYS C 23 -1.79 22.72 -5.06
CA LYS C 23 -3.27 22.56 -5.19
C LYS C 23 -3.58 21.64 -6.38
N TRP C 24 -4.75 21.06 -6.39
CA TRP C 24 -5.11 20.15 -7.51
C TRP C 24 -6.61 19.87 -7.48
N ASP C 25 -7.29 20.11 -8.56
CA ASP C 25 -8.76 19.86 -8.60
C ASP C 25 -9.02 18.37 -8.82
N THR C 26 -10.02 17.82 -8.19
CA THR C 26 -10.31 16.38 -8.37
C THR C 26 -10.31 16.02 -9.86
N ALA C 27 -10.41 14.76 -10.18
CA ALA C 27 -10.39 14.36 -11.61
C ALA C 27 -11.04 12.98 -11.75
N ASN C 28 -10.25 11.94 -11.85
CA ASN C 28 -10.83 10.57 -11.99
C ASN C 28 -11.36 10.10 -10.64
N ASN C 29 -12.53 10.55 -10.27
CA ASN C 29 -13.11 10.12 -8.97
C ASN C 29 -13.63 8.67 -9.04
N PRO C 30 -14.16 8.25 -10.18
CA PRO C 30 -14.68 6.86 -10.33
C PRO C 30 -13.63 5.80 -10.00
N LEU C 31 -12.63 5.65 -10.82
CA LEU C 31 -11.57 4.64 -10.55
C LEU C 31 -10.58 5.20 -9.54
N TYR C 32 -10.70 4.80 -8.30
CA TYR C 32 -9.75 5.32 -7.27
C TYR C 32 -8.34 4.80 -7.59
N LYS C 33 -7.37 5.17 -6.79
CA LYS C 33 -5.97 4.71 -7.05
C LYS C 33 -5.03 5.24 -5.95
N GLU C 34 -5.55 5.57 -4.81
CA GLU C 34 -4.67 6.06 -3.71
C GLU C 34 -3.50 5.08 -3.54
N ALA C 35 -2.55 5.41 -2.69
CA ALA C 35 -1.40 4.50 -2.48
C ALA C 35 -0.96 4.59 -1.02
N THR C 36 -0.29 3.58 -0.50
CA THR C 36 0.15 3.66 0.92
C THR C 36 1.59 4.19 0.95
N SER C 37 1.76 5.46 1.19
CA SER C 37 3.13 6.05 1.24
C SER C 37 3.61 6.10 2.69
N THR C 38 3.84 4.96 3.30
CA THR C 38 4.31 4.94 4.70
C THR C 38 4.79 3.55 5.08
N PHE C 39 5.64 3.44 6.07
CA PHE C 39 6.15 2.10 6.48
C PHE C 39 5.26 1.54 7.60
N THR C 40 5.04 2.32 8.63
CA THR C 40 4.18 1.83 9.74
C THR C 40 3.79 3.01 10.64
N ASN C 41 2.83 2.82 11.51
CA ASN C 41 2.41 3.92 12.41
C ASN C 41 1.79 3.34 13.69
N ILE C 42 1.24 2.16 13.60
CA ILE C 42 0.63 1.54 14.80
C ILE C 42 1.70 1.36 15.88
N THR C 43 1.92 2.38 16.67
CA THR C 43 2.95 2.26 17.75
C THR C 43 2.31 1.62 18.98
N TYR C 44 2.25 0.33 19.01
CA TYR C 44 1.65 -0.37 20.19
C TYR C 44 1.88 -1.88 20.07
N ARG C 45 3.03 -2.34 20.46
CA ARG C 45 3.33 -3.80 20.37
C ARG C 45 2.37 -4.57 21.29
N GLY C 46 2.48 -5.88 21.30
CA GLY C 46 1.59 -6.68 22.18
C GLY C 46 2.00 -6.48 23.65
N THR C 47 2.00 -7.53 24.43
CA THR C 47 2.39 -7.40 25.85
C THR C 47 2.90 -8.75 26.38
N GLY A 1 14.75 -4.78 -4.02
CA GLY A 1 14.68 -6.27 -3.99
C GLY A 1 13.66 -6.72 -2.94
N GLY A 2 13.72 -7.96 -2.54
CA GLY A 2 12.75 -8.45 -1.52
C GLY A 2 11.38 -8.64 -2.16
N ALA A 3 11.11 -7.92 -3.21
CA ALA A 3 9.78 -8.07 -3.89
C ALA A 3 9.52 -9.56 -4.14
N HIS A 4 10.55 -10.35 -4.05
CA HIS A 4 10.40 -11.81 -4.26
C HIS A 4 10.25 -12.47 -2.88
N LYS A 5 10.91 -11.94 -1.90
CA LYS A 5 10.79 -12.49 -0.53
C LYS A 5 9.51 -11.97 0.09
N VAL A 6 8.63 -11.43 -0.73
CA VAL A 6 7.36 -10.89 -0.21
C VAL A 6 6.42 -12.03 0.20
N ARG A 7 5.73 -11.90 1.29
CA ARG A 7 4.76 -12.97 1.69
C ARG A 7 3.38 -12.55 1.17
N ALA A 8 2.85 -13.25 0.21
CA ALA A 8 1.52 -12.88 -0.35
C ALA A 8 0.44 -13.81 0.22
N GLY A 9 -0.56 -13.25 0.84
CA GLY A 9 -1.65 -14.09 1.40
C GLY A 9 -2.70 -13.21 2.07
N GLY A 10 -3.94 -13.55 1.91
CA GLY A 10 -5.02 -12.74 2.52
C GLY A 10 -6.38 -13.12 1.92
N PRO A 11 -7.43 -13.14 2.71
CA PRO A 11 -8.79 -13.48 2.19
C PRO A 11 -9.39 -12.29 1.45
N GLY A 12 -8.72 -11.17 1.50
CA GLY A 12 -9.23 -9.94 0.82
C GLY A 12 -8.58 -9.81 -0.55
N LEU A 13 -7.57 -10.60 -0.84
CA LEU A 13 -6.91 -10.53 -2.18
C LEU A 13 -7.57 -11.55 -3.10
N GLU A 14 -8.29 -12.49 -2.54
CA GLU A 14 -8.97 -13.53 -3.37
C GLU A 14 -10.46 -13.20 -3.51
N ARG A 15 -10.99 -12.47 -2.57
CA ARG A 15 -12.44 -12.08 -2.61
C ARG A 15 -12.79 -11.34 -1.33
N ALA A 16 -13.99 -10.87 -1.21
CA ALA A 16 -14.37 -10.15 0.04
C ALA A 16 -15.86 -9.81 -0.05
N GLU A 17 -16.32 -8.84 0.72
CA GLU A 17 -17.76 -8.47 0.68
C GLU A 17 -17.90 -6.97 0.48
N ALA A 18 -18.96 -6.57 -0.15
CA ALA A 18 -19.20 -5.12 -0.39
C ALA A 18 -19.53 -4.45 0.95
N GLY A 19 -18.92 -3.34 1.24
CA GLY A 19 -19.22 -2.65 2.53
C GLY A 19 -18.62 -3.46 3.70
N VAL A 20 -17.56 -4.18 3.46
CA VAL A 20 -16.93 -5.01 4.54
C VAL A 20 -15.40 -4.86 4.49
N PRO A 21 -14.76 -4.47 5.58
CA PRO A 21 -13.27 -4.30 5.62
C PRO A 21 -12.51 -5.41 4.88
N ALA A 22 -11.98 -5.13 3.73
CA ALA A 22 -11.20 -6.18 3.00
C ALA A 22 -9.81 -6.27 3.63
N GLU A 23 -9.54 -7.34 4.35
CA GLU A 23 -8.21 -7.48 5.03
C GLU A 23 -7.28 -8.40 4.25
N PHE A 24 -6.03 -8.40 4.60
CA PHE A 24 -5.04 -9.29 3.93
C PHE A 24 -3.66 -9.12 4.59
N SER A 25 -2.72 -9.97 4.26
CA SER A 25 -1.36 -9.87 4.87
C SER A 25 -0.27 -9.83 3.79
N ILE A 26 0.63 -8.88 3.92
CA ILE A 26 1.75 -8.75 2.95
C ILE A 26 3.01 -8.39 3.75
N TRP A 27 3.74 -9.38 4.20
CA TRP A 27 4.95 -9.12 5.03
C TRP A 27 6.21 -9.17 4.18
N THR A 28 7.13 -8.29 4.43
CA THR A 28 8.40 -8.28 3.64
C THR A 28 9.48 -7.52 4.42
N ARG A 29 9.27 -7.31 5.69
CA ARG A 29 10.27 -6.58 6.51
C ARG A 29 11.53 -7.44 6.65
N GLU A 30 11.36 -8.72 6.87
CA GLU A 30 12.56 -9.61 7.02
C GLU A 30 13.33 -9.65 5.69
N ALA A 31 12.71 -9.20 4.63
CA ALA A 31 13.39 -9.20 3.31
C ALA A 31 14.56 -8.21 3.34
N GLY A 32 14.41 -7.14 4.07
CA GLY A 32 15.50 -6.12 4.15
C GLY A 32 14.90 -4.72 4.24
N ALA A 33 15.71 -3.70 4.24
CA ALA A 33 15.18 -2.32 4.33
C ALA A 33 14.25 -2.05 3.15
N GLY A 34 13.36 -1.09 3.29
CA GLY A 34 12.42 -0.77 2.18
C GLY A 34 11.05 -0.41 2.77
N GLY A 35 10.33 0.48 2.14
CA GLY A 35 8.99 0.89 2.64
C GLY A 35 7.91 0.23 1.79
N LEU A 36 6.68 0.28 2.24
CA LEU A 36 5.58 -0.35 1.45
C LEU A 36 5.12 0.61 0.35
N ALA A 37 4.80 0.09 -0.80
CA ALA A 37 4.34 0.94 -1.93
C ALA A 37 3.23 0.19 -2.67
N ILE A 38 2.00 0.50 -2.40
CA ILE A 38 0.88 -0.20 -3.10
C ILE A 38 -0.24 0.80 -3.31
N ALA A 39 -1.06 0.58 -4.31
CA ALA A 39 -2.19 1.52 -4.58
C ALA A 39 -3.50 0.76 -4.46
N VAL A 40 -4.44 1.31 -3.77
CA VAL A 40 -5.76 0.62 -3.62
C VAL A 40 -6.68 1.10 -4.72
N GLU A 41 -6.95 0.23 -5.66
CA GLU A 41 -7.85 0.59 -6.79
C GLU A 41 -9.23 0.06 -6.46
N GLY A 42 -10.23 0.70 -6.96
CA GLY A 42 -11.60 0.23 -6.68
C GLY A 42 -12.61 1.21 -7.30
N PRO A 43 -13.69 0.73 -7.88
CA PRO A 43 -14.72 1.61 -8.48
C PRO A 43 -15.59 2.28 -7.41
N SER A 44 -15.15 2.25 -6.17
CA SER A 44 -15.92 2.87 -5.07
C SER A 44 -14.98 3.68 -4.18
N LYS A 45 -15.34 3.85 -2.94
CA LYS A 45 -14.46 4.59 -2.00
C LYS A 45 -13.36 3.65 -1.52
N ALA A 46 -12.68 3.99 -0.48
CA ALA A 46 -11.60 3.10 0.04
C ALA A 46 -10.93 3.80 1.23
N GLU A 47 -11.06 3.24 2.40
CA GLU A 47 -10.44 3.86 3.62
C GLU A 47 -9.23 3.01 4.05
N ILE A 48 -8.06 3.58 4.04
CA ILE A 48 -6.84 2.82 4.44
C ILE A 48 -6.83 2.63 5.96
N SER A 49 -6.31 1.52 6.41
CA SER A 49 -6.26 1.28 7.88
C SER A 49 -5.29 0.14 8.18
N PHE A 50 -4.33 0.37 9.05
CA PHE A 50 -3.35 -0.71 9.39
C PHE A 50 -3.86 -1.50 10.59
N GLU A 51 -4.11 -2.77 10.40
CA GLU A 51 -4.62 -3.60 11.53
C GLU A 51 -3.43 -4.22 12.29
N ASP A 52 -3.46 -4.17 13.59
CA ASP A 52 -2.34 -4.75 14.41
C ASP A 52 -2.78 -6.09 14.98
N ARG A 53 -1.92 -6.77 15.68
CA ARG A 53 -2.30 -8.08 16.27
C ARG A 53 -1.33 -8.44 17.40
N LYS A 54 -1.77 -9.22 18.34
CA LYS A 54 -0.87 -9.61 19.47
C LYS A 54 0.46 -10.11 18.91
N ASP A 55 0.45 -10.77 17.79
CA ASP A 55 1.71 -11.27 17.20
C ASP A 55 2.43 -10.12 16.49
N GLY A 56 1.76 -9.01 16.32
CA GLY A 56 2.40 -7.86 15.63
C GLY A 56 2.41 -8.09 14.12
N SER A 57 1.46 -8.83 13.63
CA SER A 57 1.40 -9.09 12.16
C SER A 57 1.54 -7.77 11.40
N CYS A 58 1.59 -7.82 10.09
CA CYS A 58 1.73 -6.57 9.29
C CYS A 58 0.83 -6.65 8.05
N GLY A 59 -0.46 -6.64 8.25
CA GLY A 59 -1.41 -6.71 7.09
C GLY A 59 -2.21 -5.41 7.01
N VAL A 60 -2.53 -4.99 5.82
CA VAL A 60 -3.31 -3.73 5.63
C VAL A 60 -4.75 -4.09 5.28
N ALA A 61 -5.67 -3.21 5.51
CA ALA A 61 -7.09 -3.53 5.19
C ALA A 61 -7.87 -2.25 4.85
N TYR A 62 -8.98 -2.41 4.20
CA TYR A 62 -9.81 -1.21 3.84
C TYR A 62 -11.24 -1.65 3.50
N VAL A 63 -12.16 -0.73 3.51
CA VAL A 63 -13.59 -1.08 3.20
C VAL A 63 -13.94 -0.60 1.78
N VAL A 64 -14.99 -1.16 1.22
CA VAL A 64 -15.43 -0.74 -0.14
C VAL A 64 -16.97 -0.75 -0.18
N GLN A 65 -17.58 0.09 -0.97
CA GLN A 65 -19.07 0.16 -1.01
C GLN A 65 -19.64 -0.43 -2.30
N GLU A 66 -18.87 -0.46 -3.35
CA GLU A 66 -19.43 -0.99 -4.63
C GLU A 66 -19.38 -2.53 -4.66
N PRO A 67 -20.50 -3.19 -4.77
CA PRO A 67 -20.52 -4.69 -4.85
C PRO A 67 -20.19 -5.17 -6.27
N GLY A 68 -19.25 -6.07 -6.42
CA GLY A 68 -18.90 -6.57 -7.78
C GLY A 68 -17.41 -6.86 -7.84
N ASP A 69 -16.78 -6.55 -8.94
CA ASP A 69 -15.32 -6.82 -9.10
C ASP A 69 -14.50 -5.54 -8.93
N TYR A 70 -13.75 -5.47 -7.86
CA TYR A 70 -12.87 -4.29 -7.61
C TYR A 70 -11.44 -4.74 -7.90
N GLU A 71 -10.44 -3.91 -7.68
CA GLU A 71 -9.05 -4.35 -8.00
C GLU A 71 -8.06 -3.71 -7.02
N VAL A 72 -7.12 -4.47 -6.52
CA VAL A 72 -6.12 -3.93 -5.56
C VAL A 72 -4.73 -4.03 -6.16
N SER A 73 -4.00 -2.96 -6.18
CA SER A 73 -2.62 -3.02 -6.74
C SER A 73 -1.68 -3.49 -5.63
N VAL A 74 -0.70 -4.30 -5.95
CA VAL A 74 0.24 -4.81 -4.90
C VAL A 74 1.68 -4.67 -5.40
N LYS A 75 2.42 -3.73 -4.86
CA LYS A 75 3.82 -3.53 -5.30
C LYS A 75 4.73 -3.25 -4.10
N PHE A 76 6.01 -3.47 -4.26
CA PHE A 76 6.99 -3.21 -3.17
C PHE A 76 8.23 -2.57 -3.80
N ASN A 77 8.74 -1.53 -3.21
CA ASN A 77 9.93 -0.85 -3.80
C ASN A 77 9.62 -0.53 -5.26
N GLU A 78 8.37 -0.37 -5.59
CA GLU A 78 7.96 -0.04 -6.99
C GLU A 78 8.19 -1.25 -7.90
N GLU A 79 7.96 -2.45 -7.40
CA GLU A 79 8.16 -3.68 -8.22
C GLU A 79 6.91 -4.55 -8.11
N HIS A 80 5.98 -4.39 -9.01
CA HIS A 80 4.75 -5.22 -8.93
C HIS A 80 5.14 -6.69 -8.78
N ILE A 81 5.01 -7.21 -7.59
CA ILE A 81 5.39 -8.63 -7.35
C ILE A 81 4.82 -9.52 -8.47
N PRO A 82 5.47 -10.60 -8.81
CA PRO A 82 5.01 -11.51 -9.90
C PRO A 82 3.48 -11.60 -10.00
N ASP A 83 2.97 -11.69 -11.21
CA ASP A 83 1.50 -11.81 -11.43
C ASP A 83 0.74 -10.65 -10.77
N SER A 84 1.16 -9.41 -11.01
CA SER A 84 0.44 -8.25 -10.40
C SER A 84 0.26 -7.14 -11.46
N PRO A 85 -0.80 -6.35 -11.40
CA PRO A 85 -1.87 -6.43 -10.37
C PRO A 85 -2.95 -7.45 -10.75
N PHE A 86 -3.82 -7.81 -9.82
CA PHE A 86 -4.90 -8.80 -10.14
C PHE A 86 -6.27 -8.27 -9.67
N VAL A 87 -7.32 -8.80 -10.24
CA VAL A 87 -8.69 -8.36 -9.86
C VAL A 87 -9.18 -9.25 -8.71
N VAL A 88 -10.08 -8.74 -7.91
CA VAL A 88 -10.61 -9.52 -6.75
C VAL A 88 -12.15 -9.34 -6.68
N PRO A 89 -12.93 -10.41 -6.73
CA PRO A 89 -14.41 -10.30 -6.68
C PRO A 89 -14.97 -10.09 -5.27
N VAL A 90 -15.71 -9.03 -5.07
CA VAL A 90 -16.32 -8.76 -3.74
C VAL A 90 -17.68 -9.46 -3.71
N ALA A 91 -17.87 -10.33 -2.77
CA ALA A 91 -19.15 -11.07 -2.68
C ALA A 91 -20.22 -10.17 -2.05
N SER A 92 -21.41 -10.68 -1.84
CA SER A 92 -22.48 -9.84 -1.23
C SER A 92 -22.46 -10.03 0.30
N PRO A 93 -22.90 -9.05 1.05
CA PRO A 93 -22.93 -9.13 2.54
C PRO A 93 -23.23 -10.54 3.04
N SER A 94 -22.57 -10.96 4.09
CA SER A 94 -22.83 -12.33 4.62
C SER A 94 -24.33 -12.55 4.72
N GLY A 95 -24.91 -13.17 3.73
CA GLY A 95 -26.37 -13.39 3.76
C GLY A 95 -26.86 -13.85 2.39
N TRP B 1 15.10 0.33 0.98
CA TRP B 1 16.03 1.21 0.22
C TRP B 1 16.24 0.62 -1.19
N LYS B 2 17.45 0.23 -1.50
CA LYS B 2 17.73 -0.35 -2.84
C LYS B 2 17.09 0.48 -3.91
N VAL B 3 17.06 -0.01 -5.14
CA VAL B 3 16.44 0.76 -6.25
C VAL B 3 15.16 1.42 -5.75
N GLY B 4 14.59 0.88 -4.73
CA GLY B 4 13.38 1.51 -4.18
C GLY B 4 13.65 3.00 -3.94
N PHE B 5 14.07 3.32 -2.76
CA PHE B 5 14.33 4.75 -2.33
C PHE B 5 14.01 5.84 -3.40
N PHE B 6 14.65 5.86 -4.53
CA PHE B 6 14.35 6.92 -5.56
C PHE B 6 13.19 6.49 -6.46
N LYS B 7 13.15 5.25 -6.88
CA LYS B 7 12.03 4.79 -7.73
C LYS B 7 10.95 4.32 -6.79
N ARG B 8 11.27 4.33 -5.53
CA ARG B 8 10.31 3.88 -4.52
C ARG B 8 9.12 4.83 -4.53
N ASN B 9 9.38 6.11 -4.54
CA ASN B 9 8.26 7.10 -4.55
C ASN B 9 7.25 6.69 -5.63
N ARG B 10 6.05 6.36 -5.24
CA ARG B 10 5.01 5.95 -6.25
C ARG B 10 5.05 6.92 -7.45
N PRO B 11 4.71 8.17 -7.25
CA PRO B 11 4.72 9.19 -8.36
C PRO B 11 6.13 9.37 -8.94
N PRO B 12 6.22 9.94 -10.12
CA PRO B 12 7.53 10.19 -10.79
C PRO B 12 8.30 11.36 -10.16
N LEU B 13 9.28 11.07 -9.35
CA LEU B 13 10.05 12.16 -8.70
C LEU B 13 11.06 12.72 -9.71
N GLU B 14 11.77 11.86 -10.39
CA GLU B 14 12.77 12.35 -11.39
C GLU B 14 12.06 12.66 -12.72
N GLU B 15 11.97 13.91 -13.07
CA GLU B 15 11.30 14.28 -14.35
C GLU B 15 12.24 13.98 -15.52
N ASP B 16 13.52 13.92 -15.26
CA ASP B 16 14.49 13.63 -16.36
C ASP B 16 15.82 13.20 -15.76
N ASP B 17 16.64 12.51 -16.52
CA ASP B 17 17.96 12.06 -15.99
C ASP B 17 17.74 11.31 -14.67
N GLU B 18 17.76 10.01 -14.72
CA GLU B 18 17.56 9.21 -13.47
C GLU B 18 18.79 9.33 -12.58
N GLU B 19 19.61 8.32 -12.55
CA GLU B 19 20.84 8.37 -11.69
C GLU B 19 20.44 8.75 -10.26
N GLY B 20 20.39 10.01 -9.96
CA GLY B 20 20.01 10.43 -8.58
C GLY B 20 19.73 11.93 -8.56
N GLU B 21 20.76 12.74 -8.50
CA GLU B 21 20.54 14.22 -8.48
C GLU B 21 19.52 14.56 -7.40
N LYS C 1 20.50 -3.58 6.80
CA LYS C 1 19.46 -3.49 5.74
C LYS C 1 18.07 -3.58 6.39
N LYS C 2 17.81 -2.79 7.39
CA LYS C 2 16.48 -2.83 8.05
C LYS C 2 16.20 -1.49 8.72
N LYS C 3 16.97 -0.48 8.40
CA LYS C 3 16.76 0.86 9.02
C LYS C 3 17.16 1.96 8.04
N ILE C 4 17.65 1.57 6.89
CA ILE C 4 18.06 2.59 5.88
C ILE C 4 16.81 3.34 5.38
N THR C 5 15.78 2.63 5.04
CA THR C 5 14.55 3.31 4.53
C THR C 5 13.93 4.15 5.65
N ILE C 6 14.05 3.72 6.87
CA ILE C 6 13.44 4.51 7.99
C ILE C 6 13.81 5.99 7.85
N HIS C 7 15.08 6.31 7.79
CA HIS C 7 15.46 7.75 7.67
C HIS C 7 14.71 8.37 6.49
N ASP C 8 14.40 7.60 5.49
CA ASP C 8 13.66 8.15 4.31
C ASP C 8 12.21 8.44 4.73
N ARG C 9 11.79 7.90 5.83
CA ARG C 9 10.39 8.13 6.29
C ARG C 9 10.15 9.62 6.56
N LYS C 10 10.91 10.19 7.45
CA LYS C 10 10.72 11.63 7.77
C LYS C 10 10.73 12.46 6.48
N GLU C 11 11.65 12.20 5.59
CA GLU C 11 11.69 12.97 4.32
C GLU C 11 10.29 12.98 3.71
N PHE C 12 9.60 11.90 3.86
CA PHE C 12 8.22 11.80 3.32
C PHE C 12 7.26 12.50 4.26
N ALA C 13 7.42 12.29 5.55
CA ALA C 13 6.51 12.93 6.54
C ALA C 13 6.44 14.44 6.28
N LYS C 14 7.51 15.02 5.82
CA LYS C 14 7.51 16.50 5.56
C LYS C 14 7.03 16.74 4.13
N PHE C 15 7.53 16.01 3.19
CA PHE C 15 7.13 16.20 1.77
C PHE C 15 5.61 16.34 1.65
N GLU C 16 4.89 15.99 2.69
CA GLU C 16 3.40 16.13 2.62
C GLU C 16 3.03 17.46 3.25
N GLU C 17 3.74 17.83 4.27
CA GLU C 17 3.48 19.14 4.92
C GLU C 17 3.97 20.20 3.95
N GLU C 18 4.68 19.76 2.95
CA GLU C 18 5.21 20.69 1.93
C GLU C 18 4.10 21.00 0.93
N ARG C 19 3.58 19.99 0.30
CA ARG C 19 2.47 20.22 -0.67
C ARG C 19 1.15 20.34 0.09
N ALA C 20 1.16 20.01 1.36
CA ALA C 20 -0.09 20.10 2.16
C ALA C 20 -1.18 19.24 1.51
N ARG C 21 -0.94 17.98 1.35
CA ARG C 21 -1.95 17.09 0.72
C ARG C 21 -3.25 17.16 1.53
N ALA C 22 -4.33 16.64 0.99
CA ALA C 22 -5.62 16.70 1.74
C ALA C 22 -6.56 15.61 1.20
N LYS C 23 -7.54 15.23 1.96
CA LYS C 23 -8.49 14.18 1.50
C LYS C 23 -9.58 14.80 0.63
N TRP C 24 -9.31 15.95 0.05
CA TRP C 24 -10.33 16.60 -0.81
C TRP C 24 -9.63 17.59 -1.75
N ASP C 25 -9.22 17.13 -2.90
CA ASP C 25 -8.53 18.04 -3.87
C ASP C 25 -8.93 17.65 -5.30
N THR C 26 -8.41 16.57 -5.79
CA THR C 26 -8.76 16.13 -7.18
C THR C 26 -10.26 16.17 -7.36
N ALA C 27 -10.73 16.09 -8.58
CA ALA C 27 -12.20 16.12 -8.83
C ALA C 27 -12.78 14.72 -8.63
N ASN C 28 -13.94 14.47 -9.14
CA ASN C 28 -14.56 13.12 -8.98
C ASN C 28 -13.67 12.07 -9.63
N ASN C 29 -13.36 11.01 -8.92
CA ASN C 29 -12.49 9.94 -9.48
C ASN C 29 -13.07 8.56 -9.10
N PRO C 30 -14.10 8.14 -9.78
CA PRO C 30 -14.75 6.83 -9.50
C PRO C 30 -13.73 5.69 -9.38
N LEU C 31 -12.80 5.63 -10.28
CA LEU C 31 -11.76 4.55 -10.22
C LEU C 31 -10.70 4.95 -9.20
N TYR C 32 -10.97 4.71 -7.94
CA TYR C 32 -9.98 5.08 -6.89
C TYR C 32 -8.60 4.49 -7.23
N LYS C 33 -7.59 4.87 -6.51
CA LYS C 33 -6.22 4.36 -6.77
C LYS C 33 -5.25 4.96 -5.75
N GLU C 34 -5.49 4.76 -4.49
CA GLU C 34 -4.59 5.32 -3.44
C GLU C 34 -3.13 4.96 -3.72
N ALA C 35 -2.25 5.28 -2.80
CA ALA C 35 -0.82 4.97 -2.98
C ALA C 35 -0.20 4.84 -1.57
N THR C 36 0.17 3.66 -1.18
CA THR C 36 0.74 3.48 0.17
C THR C 36 2.16 4.03 0.20
N SER C 37 2.30 5.33 0.30
CA SER C 37 3.67 5.94 0.33
C SER C 37 4.08 6.21 1.78
N THR C 38 4.37 5.17 2.52
CA THR C 38 4.78 5.37 3.94
C THR C 38 5.22 4.03 4.53
N PHE C 39 5.28 3.94 5.84
CA PHE C 39 5.71 2.67 6.48
C PHE C 39 5.22 2.64 7.93
N THR C 40 4.31 1.76 8.25
CA THR C 40 3.79 1.69 9.64
C THR C 40 3.43 3.10 10.13
N ASN C 41 2.19 3.49 9.96
CA ASN C 41 1.78 4.86 10.40
C ASN C 41 1.59 4.86 11.93
N ILE C 42 0.68 4.08 12.42
CA ILE C 42 0.46 4.04 13.90
C ILE C 42 1.79 3.79 14.61
N THR C 43 2.00 4.43 15.73
CA THR C 43 3.27 4.23 16.47
C THR C 43 3.22 2.92 17.25
N TYR C 44 2.31 2.05 16.92
CA TYR C 44 2.20 0.76 17.65
C TYR C 44 3.55 0.04 17.62
N ARG C 45 4.10 -0.26 18.77
CA ARG C 45 5.42 -0.96 18.80
C ARG C 45 5.24 -2.41 18.37
N GLY C 46 5.82 -3.33 19.09
CA GLY C 46 5.68 -4.76 18.72
C GLY C 46 6.04 -5.64 19.93
N THR C 47 7.30 -5.76 20.23
CA THR C 47 7.71 -6.60 21.39
C THR C 47 7.34 -5.88 22.69
N GLY A 1 14.57 -4.01 -1.05
CA GLY A 1 14.55 -5.16 -2.00
C GLY A 1 13.68 -6.29 -1.41
N GLY A 2 13.84 -7.49 -1.90
CA GLY A 2 13.05 -8.62 -1.38
C GLY A 2 11.67 -8.65 -2.04
N ALA A 3 11.48 -7.87 -3.07
CA ALA A 3 10.15 -7.87 -3.76
C ALA A 3 9.75 -9.31 -4.07
N HIS A 4 10.69 -10.22 -4.00
CA HIS A 4 10.39 -11.65 -4.28
C HIS A 4 10.13 -12.37 -2.95
N LYS A 5 10.93 -12.09 -1.96
CA LYS A 5 10.73 -12.73 -0.64
C LYS A 5 9.62 -11.99 0.11
N VAL A 6 8.82 -11.27 -0.62
CA VAL A 6 7.72 -10.49 0.01
C VAL A 6 6.60 -11.44 0.45
N ARG A 7 5.94 -11.14 1.53
CA ARG A 7 4.80 -12.00 2.00
C ARG A 7 3.52 -11.39 1.46
N ALA A 8 2.56 -12.18 1.08
CA ALA A 8 1.30 -11.61 0.54
C ALA A 8 0.16 -12.62 0.67
N GLY A 9 -0.90 -12.25 1.32
CA GLY A 9 -2.03 -13.19 1.48
C GLY A 9 -3.04 -12.64 2.50
N GLY A 10 -4.19 -13.24 2.60
CA GLY A 10 -5.21 -12.75 3.56
C GLY A 10 -6.61 -13.15 3.09
N PRO A 11 -7.61 -12.86 3.88
CA PRO A 11 -9.02 -13.19 3.57
C PRO A 11 -9.63 -12.22 2.56
N GLY A 12 -9.00 -11.08 2.36
CA GLY A 12 -9.53 -10.07 1.39
C GLY A 12 -8.79 -10.20 0.07
N LEU A 13 -7.58 -10.69 0.09
CA LEU A 13 -6.80 -10.84 -1.16
C LEU A 13 -7.47 -11.93 -2.01
N GLU A 14 -8.21 -12.81 -1.38
CA GLU A 14 -8.90 -13.89 -2.15
C GLU A 14 -10.34 -13.46 -2.49
N ARG A 15 -11.02 -12.86 -1.56
CA ARG A 15 -12.41 -12.39 -1.82
C ARG A 15 -12.94 -11.68 -0.58
N ALA A 16 -14.13 -11.15 -0.63
CA ALA A 16 -14.68 -10.43 0.55
C ALA A 16 -16.12 -10.01 0.25
N GLU A 17 -16.62 -9.03 0.96
CA GLU A 17 -18.03 -8.58 0.74
C GLU A 17 -18.03 -7.08 0.42
N ALA A 18 -19.04 -6.64 -0.27
CA ALA A 18 -19.15 -5.19 -0.62
C ALA A 18 -19.49 -4.41 0.65
N GLY A 19 -18.96 -3.23 0.81
CA GLY A 19 -19.27 -2.45 2.04
C GLY A 19 -18.73 -3.17 3.28
N VAL A 20 -17.68 -3.93 3.12
CA VAL A 20 -17.09 -4.68 4.28
C VAL A 20 -15.55 -4.51 4.28
N PRO A 21 -14.96 -4.06 5.38
CA PRO A 21 -13.48 -3.89 5.45
C PRO A 21 -12.69 -5.01 4.78
N ALA A 22 -12.12 -4.75 3.62
CA ALA A 22 -11.32 -5.81 2.94
C ALA A 22 -9.94 -5.88 3.60
N GLU A 23 -9.65 -6.94 4.32
CA GLU A 23 -8.33 -7.06 5.02
C GLU A 23 -7.31 -7.76 4.15
N PHE A 24 -6.07 -7.68 4.52
CA PHE A 24 -4.98 -8.37 3.78
C PHE A 24 -3.66 -8.19 4.53
N SER A 25 -2.59 -8.74 4.03
CA SER A 25 -1.28 -8.61 4.76
C SER A 25 -0.11 -8.68 3.78
N ILE A 26 0.83 -7.80 3.94
CA ILE A 26 2.03 -7.79 3.06
C ILE A 26 3.23 -7.46 3.94
N TRP A 27 3.97 -8.45 4.34
CA TRP A 27 5.15 -8.23 5.23
C TRP A 27 6.46 -8.39 4.47
N THR A 28 7.42 -7.55 4.73
CA THR A 28 8.73 -7.65 4.02
C THR A 28 9.80 -6.94 4.86
N ARG A 29 9.51 -6.64 6.09
CA ARG A 29 10.52 -5.96 6.96
C ARG A 29 11.84 -6.72 6.89
N GLU A 30 11.82 -8.00 7.20
CA GLU A 30 13.07 -8.79 7.16
C GLU A 30 13.40 -9.17 5.71
N ALA A 31 12.40 -9.26 4.87
CA ALA A 31 12.65 -9.62 3.45
C ALA A 31 13.72 -8.70 2.87
N GLY A 32 14.06 -7.64 3.56
CA GLY A 32 15.10 -6.70 3.07
C GLY A 32 14.73 -5.26 3.45
N ALA A 33 15.66 -4.53 3.99
CA ALA A 33 15.37 -3.13 4.40
C ALA A 33 14.89 -2.34 3.18
N GLY A 34 14.25 -1.21 3.40
CA GLY A 34 13.76 -0.37 2.26
C GLY A 34 12.37 0.19 2.58
N GLY A 35 11.71 0.76 1.61
CA GLY A 35 10.35 1.34 1.85
C GLY A 35 9.28 0.35 1.38
N LEU A 36 8.04 0.59 1.74
CA LEU A 36 6.92 -0.32 1.33
C LEU A 36 5.73 0.51 0.85
N ALA A 37 5.21 0.23 -0.32
CA ALA A 37 4.05 0.99 -0.84
C ALA A 37 3.12 0.00 -1.55
N ILE A 38 1.89 0.35 -1.75
CA ILE A 38 0.97 -0.57 -2.46
C ILE A 38 0.02 0.28 -3.26
N ALA A 39 -0.35 -0.14 -4.43
CA ALA A 39 -1.28 0.67 -5.26
C ALA A 39 -2.69 0.11 -5.10
N VAL A 40 -3.56 0.85 -4.45
CA VAL A 40 -4.96 0.34 -4.25
C VAL A 40 -5.84 0.85 -5.39
N GLU A 41 -6.25 -0.04 -6.25
CA GLU A 41 -7.12 0.34 -7.38
C GLU A 41 -8.51 -0.26 -7.16
N GLY A 42 -9.51 0.42 -7.63
CA GLY A 42 -10.89 -0.10 -7.46
C GLY A 42 -11.88 0.85 -8.17
N PRO A 43 -13.09 0.41 -8.38
CA PRO A 43 -14.14 1.22 -9.05
C PRO A 43 -14.96 2.04 -8.04
N SER A 44 -14.69 1.85 -6.76
CA SER A 44 -15.44 2.59 -5.70
C SER A 44 -14.44 3.37 -4.86
N LYS A 45 -14.88 3.86 -3.75
CA LYS A 45 -13.97 4.61 -2.87
C LYS A 45 -13.08 3.59 -2.14
N ALA A 46 -12.44 3.98 -1.09
CA ALA A 46 -11.56 3.03 -0.36
C ALA A 46 -10.89 3.75 0.81
N GLU A 47 -11.22 3.37 2.03
CA GLU A 47 -10.62 4.04 3.21
C GLU A 47 -9.41 3.23 3.69
N ILE A 48 -8.24 3.81 3.67
CA ILE A 48 -7.03 3.07 4.12
C ILE A 48 -6.94 3.12 5.65
N SER A 49 -6.53 2.04 6.26
CA SER A 49 -6.41 2.02 7.74
C SER A 49 -5.45 0.89 8.16
N PHE A 50 -4.51 1.19 9.00
CA PHE A 50 -3.53 0.15 9.45
C PHE A 50 -4.06 -0.53 10.72
N GLU A 51 -4.35 -1.80 10.65
CA GLU A 51 -4.87 -2.54 11.83
C GLU A 51 -3.70 -3.18 12.58
N ASP A 52 -3.71 -3.12 13.88
CA ASP A 52 -2.60 -3.74 14.68
C ASP A 52 -2.95 -5.19 15.00
N ARG A 53 -1.96 -5.99 15.33
CA ARG A 53 -2.24 -7.43 15.67
C ARG A 53 -1.36 -7.84 16.85
N LYS A 54 -1.69 -8.92 17.50
CA LYS A 54 -0.89 -9.37 18.66
C LYS A 54 0.54 -9.66 18.20
N ASP A 55 0.71 -10.15 17.01
CA ASP A 55 2.08 -10.44 16.51
C ASP A 55 2.74 -9.14 16.05
N GLY A 56 1.96 -8.12 15.85
CA GLY A 56 2.54 -6.82 15.40
C GLY A 56 2.78 -6.86 13.89
N SER A 57 2.21 -7.81 13.22
CA SER A 57 2.41 -7.90 11.74
C SER A 57 1.92 -6.60 11.10
N CYS A 58 1.68 -6.61 9.81
CA CYS A 58 1.19 -5.37 9.11
C CYS A 58 -0.03 -5.72 8.27
N GLY A 59 -1.14 -6.00 8.91
CA GLY A 59 -2.38 -6.33 8.15
C GLY A 59 -3.16 -5.06 7.90
N VAL A 60 -3.05 -4.50 6.73
CA VAL A 60 -3.80 -3.25 6.42
C VAL A 60 -5.13 -3.63 5.79
N ALA A 61 -6.15 -2.84 5.97
CA ALA A 61 -7.49 -3.18 5.40
C ALA A 61 -8.18 -1.93 4.87
N TYR A 62 -9.23 -2.12 4.12
CA TYR A 62 -9.98 -0.95 3.57
C TYR A 62 -11.40 -1.38 3.18
N VAL A 63 -12.34 -0.47 3.25
CA VAL A 63 -13.75 -0.82 2.90
C VAL A 63 -14.04 -0.44 1.45
N VAL A 64 -15.06 -1.02 0.86
CA VAL A 64 -15.41 -0.69 -0.56
C VAL A 64 -16.94 -0.71 -0.68
N GLN A 65 -17.50 0.14 -1.51
CA GLN A 65 -19.00 0.19 -1.65
C GLN A 65 -19.46 -0.49 -2.93
N GLU A 66 -18.64 -0.59 -3.91
CA GLU A 66 -19.09 -1.22 -5.18
C GLU A 66 -19.02 -2.75 -5.09
N PRO A 67 -20.13 -3.45 -5.25
CA PRO A 67 -20.14 -4.94 -5.21
C PRO A 67 -19.66 -5.53 -6.54
N GLY A 68 -18.70 -6.42 -6.51
CA GLY A 68 -18.20 -7.00 -7.78
C GLY A 68 -16.76 -7.43 -7.56
N ASP A 69 -15.91 -7.23 -8.54
CA ASP A 69 -14.48 -7.62 -8.40
C ASP A 69 -13.58 -6.42 -8.65
N TYR A 70 -13.02 -5.86 -7.62
CA TYR A 70 -12.10 -4.70 -7.79
C TYR A 70 -10.69 -5.26 -7.95
N GLU A 71 -9.69 -4.41 -8.05
CA GLU A 71 -8.31 -4.92 -8.23
C GLU A 71 -7.33 -4.11 -7.36
N VAL A 72 -6.59 -4.79 -6.52
CA VAL A 72 -5.60 -4.11 -5.64
C VAL A 72 -4.22 -4.32 -6.24
N SER A 73 -3.58 -3.26 -6.67
CA SER A 73 -2.22 -3.43 -7.28
C SER A 73 -1.16 -3.35 -6.18
N VAL A 74 -0.28 -4.32 -6.13
CA VAL A 74 0.79 -4.32 -5.09
C VAL A 74 2.11 -3.87 -5.74
N LYS A 75 2.90 -3.10 -5.03
CA LYS A 75 4.17 -2.61 -5.61
C LYS A 75 5.20 -2.35 -4.50
N PHE A 76 6.30 -3.05 -4.53
CA PHE A 76 7.36 -2.82 -3.51
C PHE A 76 8.45 -1.97 -4.16
N ASN A 77 8.84 -0.89 -3.54
CA ASN A 77 9.88 -0.02 -4.16
C ASN A 77 9.46 0.30 -5.60
N GLU A 78 8.16 0.39 -5.83
CA GLU A 78 7.65 0.68 -7.19
C GLU A 78 8.00 -0.47 -8.14
N GLU A 79 7.92 -1.68 -7.67
CA GLU A 79 8.25 -2.86 -8.53
C GLU A 79 7.13 -3.89 -8.45
N HIS A 80 6.19 -3.83 -9.37
CA HIS A 80 5.07 -4.82 -9.36
C HIS A 80 5.65 -6.22 -9.15
N ILE A 81 5.53 -6.75 -7.97
CA ILE A 81 6.07 -8.11 -7.70
C ILE A 81 5.54 -9.07 -8.79
N PRO A 82 6.03 -10.30 -8.85
CA PRO A 82 5.57 -11.27 -9.89
C PRO A 82 4.13 -11.76 -9.66
N ASP A 83 3.57 -12.44 -10.64
CA ASP A 83 2.18 -12.96 -10.51
C ASP A 83 1.17 -11.80 -10.40
N SER A 84 1.38 -10.90 -9.49
CA SER A 84 0.42 -9.75 -9.34
C SER A 84 0.16 -9.13 -10.71
N PRO A 85 -0.86 -8.31 -10.84
CA PRO A 85 -1.81 -7.94 -9.74
C PRO A 85 -2.76 -9.10 -9.38
N PHE A 86 -3.49 -8.95 -8.29
CA PHE A 86 -4.42 -10.04 -7.85
C PHE A 86 -5.88 -9.56 -7.92
N VAL A 87 -6.76 -10.44 -8.32
CA VAL A 87 -8.20 -10.08 -8.41
C VAL A 87 -8.87 -10.38 -7.07
N VAL A 88 -9.93 -9.69 -6.74
CA VAL A 88 -10.61 -9.93 -5.42
C VAL A 88 -12.14 -9.83 -5.61
N PRO A 89 -12.77 -10.91 -6.00
CA PRO A 89 -14.26 -10.94 -6.19
C PRO A 89 -15.01 -10.63 -4.89
N VAL A 90 -15.48 -9.43 -4.71
CA VAL A 90 -16.23 -9.11 -3.46
C VAL A 90 -17.61 -9.75 -3.57
N ALA A 91 -17.92 -10.60 -2.64
CA ALA A 91 -19.22 -11.31 -2.65
C ALA A 91 -20.32 -10.36 -2.17
N SER A 92 -21.53 -10.84 -2.03
CA SER A 92 -22.64 -9.96 -1.56
C SER A 92 -22.74 -10.07 -0.03
N PRO A 93 -23.21 -9.05 0.64
CA PRO A 93 -23.35 -9.05 2.12
C PRO A 93 -23.71 -10.45 2.66
N SER A 94 -23.05 -10.86 3.71
CA SER A 94 -23.36 -12.21 4.29
C SER A 94 -24.88 -12.37 4.39
N GLY A 95 -25.47 -12.99 3.41
CA GLY A 95 -26.95 -13.16 3.46
C GLY A 95 -27.46 -13.63 2.10
N TRP B 1 13.88 0.82 -0.21
CA TRP B 1 14.68 1.87 -0.90
C TRP B 1 15.04 1.38 -2.31
N LYS B 2 16.30 1.18 -2.60
CA LYS B 2 16.69 0.71 -3.96
C LYS B 2 15.98 1.56 -4.99
N VAL B 3 15.83 1.09 -6.21
CA VAL B 3 15.13 1.91 -7.25
C VAL B 3 13.90 2.56 -6.61
N GLY B 4 13.44 2.01 -5.55
CA GLY B 4 12.29 2.63 -4.88
C GLY B 4 12.58 4.11 -4.63
N PHE B 5 13.11 4.42 -3.47
CA PHE B 5 13.41 5.85 -3.04
C PHE B 5 12.99 6.95 -4.05
N PHE B 6 13.52 6.99 -5.25
CA PHE B 6 13.11 8.06 -6.22
C PHE B 6 11.88 7.64 -7.00
N LYS B 7 11.81 6.40 -7.41
CA LYS B 7 10.61 5.93 -8.16
C LYS B 7 9.64 5.42 -7.12
N ARG B 8 10.06 5.48 -5.89
CA ARG B 8 9.22 4.98 -4.79
C ARG B 8 8.03 5.94 -4.62
N ASN B 9 8.29 7.22 -4.68
CA ASN B 9 7.19 8.22 -4.53
C ASN B 9 5.97 7.78 -5.35
N ARG B 10 5.08 7.04 -4.76
CA ARG B 10 3.87 6.57 -5.53
C ARG B 10 3.27 7.75 -6.33
N PRO B 11 2.91 8.84 -5.68
CA PRO B 11 2.33 10.02 -6.38
C PRO B 11 3.01 10.27 -7.73
N PRO B 12 2.34 10.94 -8.64
CA PRO B 12 2.90 11.26 -9.99
C PRO B 12 3.98 12.34 -9.92
N LEU B 13 5.22 11.96 -10.08
CA LEU B 13 6.33 12.96 -10.01
C LEU B 13 7.42 12.56 -11.01
N GLU B 14 7.35 13.05 -12.22
CA GLU B 14 8.38 12.69 -13.23
C GLU B 14 8.17 13.52 -14.49
N GLU B 15 7.23 14.43 -14.46
CA GLU B 15 6.98 15.28 -15.66
C GLU B 15 8.23 16.08 -16.01
N ASP B 16 8.97 16.48 -15.00
CA ASP B 16 10.21 17.27 -15.27
C ASP B 16 11.29 16.34 -15.83
N ASP B 17 12.16 15.84 -15.01
CA ASP B 17 13.23 14.93 -15.49
C ASP B 17 14.05 14.42 -14.31
N GLU B 18 13.63 13.33 -13.73
CA GLU B 18 14.38 12.77 -12.56
C GLU B 18 15.52 11.88 -13.07
N GLU B 19 15.19 10.71 -13.56
CA GLU B 19 16.25 9.80 -14.08
C GLU B 19 17.43 9.74 -13.09
N GLY B 20 17.23 10.19 -11.88
CA GLY B 20 18.34 10.16 -10.89
C GLY B 20 19.45 11.12 -11.34
N GLU B 21 19.31 12.38 -11.04
CA GLU B 21 20.35 13.37 -11.46
C GLU B 21 20.38 14.52 -10.44
N LYS C 1 19.99 -5.51 5.90
CA LYS C 1 18.59 -5.90 5.58
C LYS C 1 17.66 -5.44 6.70
N LYS C 2 18.11 -4.54 7.53
CA LYS C 2 17.26 -4.05 8.64
C LYS C 2 17.75 -2.68 9.10
N LYS C 3 17.88 -1.75 8.19
CA LYS C 3 18.36 -0.40 8.57
C LYS C 3 17.94 0.60 7.49
N ILE C 4 18.11 0.26 6.24
CA ILE C 4 17.73 1.18 5.14
C ILE C 4 16.23 1.48 5.23
N THR C 5 15.48 0.65 5.92
CA THR C 5 14.02 0.90 6.05
C THR C 5 13.81 2.09 6.99
N ILE C 6 14.60 2.17 8.03
CA ILE C 6 14.45 3.31 8.98
C ILE C 6 14.66 4.62 8.24
N HIS C 7 15.66 4.70 7.40
CA HIS C 7 15.91 5.96 6.65
C HIS C 7 14.61 6.41 5.96
N ASP C 8 13.83 5.48 5.48
CA ASP C 8 12.56 5.87 4.81
C ASP C 8 11.56 6.34 5.86
N ARG C 9 11.90 6.25 7.11
CA ARG C 9 10.96 6.69 8.17
C ARG C 9 10.92 8.22 8.21
N LYS C 10 12.05 8.85 8.04
CA LYS C 10 12.10 10.34 8.08
C LYS C 10 11.77 10.92 6.70
N GLU C 11 11.91 10.16 5.65
CA GLU C 11 11.61 10.70 4.30
C GLU C 11 10.15 11.17 4.30
N PHE C 12 9.31 10.50 5.03
CA PHE C 12 7.88 10.91 5.08
C PHE C 12 7.75 12.13 5.99
N ALA C 13 8.39 12.08 7.12
CA ALA C 13 8.32 13.24 8.06
C ALA C 13 8.85 14.49 7.36
N LYS C 14 9.83 14.33 6.51
CA LYS C 14 10.39 15.51 5.80
C LYS C 14 9.54 15.81 4.56
N PHE C 15 9.21 14.80 3.81
CA PHE C 15 8.39 15.01 2.58
C PHE C 15 7.21 15.93 2.87
N GLU C 16 6.92 16.17 4.11
CA GLU C 16 5.79 17.09 4.46
C GLU C 16 6.36 18.48 4.66
N GLU C 17 7.55 18.57 5.20
CA GLU C 17 8.18 19.90 5.39
C GLU C 17 8.64 20.35 4.01
N GLU C 18 8.60 19.44 3.08
CA GLU C 18 9.02 19.75 1.70
C GLU C 18 7.89 20.53 1.02
N ARG C 19 6.75 19.92 0.88
CA ARG C 19 5.60 20.63 0.25
C ARG C 19 4.94 21.52 1.30
N ALA C 20 5.29 21.35 2.54
CA ALA C 20 4.70 22.18 3.62
C ALA C 20 3.17 22.24 3.44
N ARG C 21 2.53 21.11 3.38
CA ARG C 21 1.05 21.10 3.19
C ARG C 21 0.46 19.82 3.81
N ALA C 22 -0.82 19.80 4.03
CA ALA C 22 -1.48 18.59 4.63
C ALA C 22 -2.47 18.00 3.62
N LYS C 23 -3.22 17.01 4.02
CA LYS C 23 -4.20 16.40 3.09
C LYS C 23 -3.51 16.02 1.78
N TRP C 24 -4.22 15.43 0.86
CA TRP C 24 -3.60 15.04 -0.44
C TRP C 24 -4.66 14.42 -1.36
N ASP C 25 -5.84 14.98 -1.36
CA ASP C 25 -6.92 14.42 -2.23
C ASP C 25 -6.49 14.50 -3.70
N THR C 26 -5.82 13.49 -4.18
CA THR C 26 -5.37 13.51 -5.60
C THR C 26 -6.54 13.90 -6.50
N ALA C 27 -7.41 12.98 -6.81
CA ALA C 27 -8.57 13.31 -7.70
C ALA C 27 -9.73 12.36 -7.38
N ASN C 28 -10.65 12.21 -8.29
CA ASN C 28 -11.82 11.31 -8.05
C ASN C 28 -12.27 10.68 -9.38
N ASN C 29 -11.34 10.45 -10.27
CA ASN C 29 -11.73 9.85 -11.59
C ASN C 29 -12.46 8.53 -11.33
N PRO C 30 -13.33 8.13 -12.23
CA PRO C 30 -14.09 6.85 -12.10
C PRO C 30 -13.25 5.74 -11.46
N LEU C 31 -12.28 5.23 -12.17
CA LEU C 31 -11.43 4.14 -11.60
C LEU C 31 -10.49 4.73 -10.55
N TYR C 32 -10.69 4.40 -9.31
CA TYR C 32 -9.80 4.96 -8.25
C TYR C 32 -8.37 4.45 -8.47
N LYS C 33 -7.45 4.84 -7.63
CA LYS C 33 -6.04 4.39 -7.80
C LYS C 33 -5.21 4.78 -6.58
N GLU C 34 -5.83 4.90 -5.44
CA GLU C 34 -5.07 5.27 -4.22
C GLU C 34 -3.89 4.33 -4.05
N ALA C 35 -3.00 4.62 -3.14
CA ALA C 35 -1.82 3.75 -2.93
C ALA C 35 -1.26 4.01 -1.54
N THR C 36 -0.08 3.52 -1.23
CA THR C 36 0.48 3.78 0.13
C THR C 36 1.97 4.14 0.01
N SER C 37 2.53 4.78 1.00
CA SER C 37 3.96 5.16 0.94
C SER C 37 4.46 5.51 2.33
N THR C 38 4.53 4.53 3.21
CA THR C 38 5.00 4.80 4.60
C THR C 38 5.69 3.55 5.15
N PHE C 39 5.72 3.40 6.45
CA PHE C 39 6.37 2.19 7.04
C PHE C 39 5.97 2.08 8.52
N THR C 40 6.23 3.09 9.29
CA THR C 40 5.87 3.04 10.74
C THR C 40 5.95 4.45 11.33
N ASN C 41 4.85 5.14 11.39
CA ASN C 41 4.86 6.52 11.96
C ASN C 41 3.45 6.89 12.43
N ILE C 42 2.58 5.92 12.51
CA ILE C 42 1.18 6.21 12.96
C ILE C 42 1.18 6.37 14.49
N THR C 43 0.30 5.67 15.17
CA THR C 43 0.26 5.79 16.67
C THR C 43 -0.18 4.46 17.27
N TYR C 44 -0.59 3.52 16.47
CA TYR C 44 -1.02 2.20 17.00
C TYR C 44 0.22 1.38 17.40
N ARG C 45 1.34 1.63 16.76
CA ARG C 45 2.57 0.87 17.09
C ARG C 45 2.26 -0.63 17.12
N GLY C 46 3.08 -1.40 17.78
CA GLY C 46 2.82 -2.87 17.84
C GLY C 46 3.59 -3.47 19.02
N THR C 47 4.88 -3.59 18.89
CA THR C 47 5.69 -4.17 20.01
C THR C 47 5.68 -3.21 21.20
N GLY A 1 15.80 -5.61 -3.66
CA GLY A 1 14.64 -6.33 -4.28
C GLY A 1 13.71 -6.82 -3.18
N GLY A 2 13.63 -8.11 -2.99
CA GLY A 2 12.72 -8.66 -1.93
C GLY A 2 11.29 -8.68 -2.45
N ALA A 3 10.98 -7.86 -3.42
CA ALA A 3 9.60 -7.85 -3.98
C ALA A 3 9.19 -9.28 -4.32
N HIS A 4 10.15 -10.17 -4.36
CA HIS A 4 9.85 -11.60 -4.67
C HIS A 4 9.73 -12.34 -3.34
N LYS A 5 10.47 -11.92 -2.36
CA LYS A 5 10.39 -12.57 -1.03
C LYS A 5 9.15 -12.05 -0.32
N VAL A 6 8.23 -11.52 -1.08
CA VAL A 6 6.99 -10.97 -0.47
C VAL A 6 6.10 -12.12 0.01
N ARG A 7 5.44 -11.96 1.14
CA ARG A 7 4.53 -13.04 1.63
C ARG A 7 3.13 -12.70 1.14
N ALA A 8 2.60 -13.46 0.22
CA ALA A 8 1.22 -13.16 -0.29
C ALA A 8 0.21 -14.12 0.35
N GLY A 9 -0.76 -13.59 1.04
CA GLY A 9 -1.77 -14.48 1.67
C GLY A 9 -2.85 -13.64 2.35
N GLY A 10 -4.07 -14.09 2.31
CA GLY A 10 -5.17 -13.32 2.94
C GLY A 10 -6.52 -13.87 2.44
N PRO A 11 -7.52 -13.92 3.29
CA PRO A 11 -8.86 -14.41 2.88
C PRO A 11 -9.62 -13.34 2.08
N GLY A 12 -9.07 -12.16 2.02
CA GLY A 12 -9.71 -11.06 1.26
C GLY A 12 -9.15 -10.98 -0.16
N LEU A 13 -7.91 -11.31 -0.34
CA LEU A 13 -7.31 -11.25 -1.72
C LEU A 13 -7.96 -12.31 -2.60
N GLU A 14 -8.51 -13.34 -2.02
CA GLU A 14 -9.17 -14.40 -2.84
C GLU A 14 -10.62 -14.00 -3.14
N ARG A 15 -11.23 -13.27 -2.25
CA ARG A 15 -12.64 -12.82 -2.46
C ARG A 15 -13.11 -12.11 -1.18
N ALA A 16 -14.28 -11.56 -1.20
CA ALA A 16 -14.79 -10.85 0.01
C ALA A 16 -16.24 -10.47 -0.22
N GLU A 17 -16.75 -9.51 0.51
CA GLU A 17 -18.16 -9.08 0.35
C GLU A 17 -18.22 -7.56 0.17
N ALA A 18 -19.18 -7.11 -0.58
CA ALA A 18 -19.34 -5.65 -0.81
C ALA A 18 -19.69 -4.97 0.52
N GLY A 19 -19.07 -3.86 0.82
CA GLY A 19 -19.39 -3.16 2.09
C GLY A 19 -18.83 -3.96 3.28
N VAL A 20 -17.77 -4.71 3.07
CA VAL A 20 -17.17 -5.52 4.18
C VAL A 20 -15.64 -5.36 4.17
N PRO A 21 -15.03 -4.94 5.26
CA PRO A 21 -13.55 -4.77 5.32
C PRO A 21 -12.78 -5.91 4.63
N ALA A 22 -12.22 -5.66 3.48
CA ALA A 22 -11.43 -6.74 2.81
C ALA A 22 -10.06 -6.83 3.50
N GLU A 23 -9.84 -7.88 4.26
CA GLU A 23 -8.55 -8.01 5.00
C GLU A 23 -7.60 -8.98 4.30
N PHE A 24 -6.34 -8.91 4.66
CA PHE A 24 -5.32 -9.82 4.09
C PHE A 24 -3.96 -9.47 4.70
N SER A 25 -2.91 -10.18 4.35
CA SER A 25 -1.57 -9.88 4.94
C SER A 25 -0.48 -9.93 3.87
N ILE A 26 0.40 -8.96 3.89
CA ILE A 26 1.53 -8.91 2.91
C ILE A 26 2.79 -8.50 3.66
N TRP A 27 3.57 -9.46 4.07
CA TRP A 27 4.81 -9.15 4.84
C TRP A 27 6.02 -9.07 3.90
N THR A 28 6.87 -8.11 4.11
CA THR A 28 8.07 -7.97 3.25
C THR A 28 9.07 -7.04 3.94
N ARG A 29 8.82 -6.66 5.17
CA ARG A 29 9.75 -5.76 5.89
C ARG A 29 11.11 -6.45 6.03
N GLU A 30 11.12 -7.69 6.46
CA GLU A 30 12.42 -8.41 6.61
C GLU A 30 13.02 -8.67 5.23
N ALA A 31 12.20 -8.63 4.21
CA ALA A 31 12.72 -8.88 2.83
C ALA A 31 13.93 -7.97 2.58
N GLY A 32 14.13 -6.99 3.42
CA GLY A 32 15.29 -6.06 3.24
C GLY A 32 14.88 -4.65 3.66
N ALA A 33 15.76 -3.70 3.53
CA ALA A 33 15.42 -2.30 3.92
C ALA A 33 14.58 -1.65 2.81
N GLY A 34 13.81 -0.66 3.14
CA GLY A 34 12.97 0.02 2.11
C GLY A 34 11.71 0.59 2.76
N GLY A 35 10.65 0.73 2.01
CA GLY A 35 9.38 1.28 2.56
C GLY A 35 8.19 0.60 1.88
N LEU A 36 7.09 0.49 2.57
CA LEU A 36 5.89 -0.17 1.96
C LEU A 36 5.12 0.86 1.12
N ALA A 37 4.62 0.45 -0.02
CA ALA A 37 3.84 1.38 -0.89
C ALA A 37 2.75 0.57 -1.60
N ILE A 38 1.51 0.88 -1.38
CA ILE A 38 0.42 0.13 -2.04
C ILE A 38 -0.73 1.09 -2.29
N ALA A 39 -1.43 0.90 -3.36
CA ALA A 39 -2.58 1.80 -3.68
C ALA A 39 -3.82 0.96 -3.88
N VAL A 40 -4.90 1.33 -3.26
CA VAL A 40 -6.15 0.55 -3.42
C VAL A 40 -6.94 1.15 -4.57
N GLU A 41 -6.96 0.45 -5.68
CA GLU A 41 -7.70 0.95 -6.88
C GLU A 41 -9.03 0.24 -6.90
N GLY A 42 -10.09 0.97 -7.05
CA GLY A 42 -11.41 0.30 -7.08
C GLY A 42 -12.48 1.25 -7.63
N PRO A 43 -13.55 0.72 -8.17
CA PRO A 43 -14.67 1.53 -8.72
C PRO A 43 -15.60 2.04 -7.60
N SER A 44 -15.16 1.99 -6.36
CA SER A 44 -16.00 2.46 -5.23
C SER A 44 -15.12 3.20 -4.24
N LYS A 45 -15.65 3.48 -3.09
CA LYS A 45 -14.87 4.17 -2.05
C LYS A 45 -13.74 3.25 -1.60
N ALA A 46 -13.13 3.52 -0.48
CA ALA A 46 -12.03 2.65 0.02
C ALA A 46 -11.48 3.25 1.31
N GLU A 47 -11.64 2.57 2.41
CA GLU A 47 -11.15 3.10 3.72
C GLU A 47 -9.78 2.49 4.04
N ILE A 48 -8.85 3.31 4.47
CA ILE A 48 -7.50 2.79 4.81
C ILE A 48 -7.40 2.59 6.33
N SER A 49 -6.93 1.45 6.76
CA SER A 49 -6.82 1.22 8.23
C SER A 49 -5.90 0.02 8.49
N PHE A 50 -5.32 -0.05 9.67
CA PHE A 50 -4.41 -1.17 10.02
C PHE A 50 -4.95 -1.92 11.24
N GLU A 51 -5.33 -3.16 11.09
CA GLU A 51 -5.87 -3.93 12.25
C GLU A 51 -4.72 -4.64 12.96
N ASP A 52 -4.74 -4.63 14.27
CA ASP A 52 -3.64 -5.31 15.04
C ASP A 52 -4.02 -6.77 15.26
N ARG A 53 -3.13 -7.54 15.83
CA ARG A 53 -3.43 -8.98 16.07
C ARG A 53 -2.46 -9.52 17.13
N LYS A 54 -2.88 -10.52 17.86
CA LYS A 54 -1.99 -11.11 18.90
C LYS A 54 -0.61 -11.40 18.29
N ASP A 55 -0.59 -11.81 17.06
CA ASP A 55 0.72 -12.13 16.40
C ASP A 55 1.41 -10.81 16.01
N GLY A 56 0.65 -9.78 15.76
CA GLY A 56 1.26 -8.48 15.37
C GLY A 56 1.60 -8.49 13.88
N SER A 57 1.11 -9.46 13.16
CA SER A 57 1.40 -9.54 11.69
C SER A 57 1.05 -8.20 11.05
N CYS A 58 1.31 -8.05 9.77
CA CYS A 58 0.99 -6.77 9.06
C CYS A 58 -0.27 -6.96 8.24
N GLY A 59 -1.40 -7.14 8.88
CA GLY A 59 -2.68 -7.34 8.14
C GLY A 59 -3.42 -6.02 8.00
N VAL A 60 -3.46 -5.48 6.80
CA VAL A 60 -4.18 -4.20 6.58
C VAL A 60 -5.61 -4.51 6.14
N ALA A 61 -6.52 -3.59 6.32
CA ALA A 61 -7.94 -3.85 5.93
C ALA A 61 -8.49 -2.70 5.07
N TYR A 62 -9.42 -3.00 4.20
CA TYR A 62 -10.02 -1.94 3.34
C TYR A 62 -11.47 -2.30 3.02
N VAL A 63 -12.37 -1.35 3.14
CA VAL A 63 -13.80 -1.63 2.84
C VAL A 63 -14.13 -1.17 1.42
N VAL A 64 -15.19 -1.69 0.85
CA VAL A 64 -15.58 -1.29 -0.53
C VAL A 64 -17.11 -1.31 -0.63
N GLN A 65 -17.69 -0.50 -1.49
CA GLN A 65 -19.18 -0.44 -1.60
C GLN A 65 -19.67 -1.04 -2.91
N GLU A 66 -18.85 -1.07 -3.91
CA GLU A 66 -19.31 -1.62 -5.21
C GLU A 66 -19.25 -3.16 -5.21
N PRO A 67 -20.36 -3.84 -5.38
CA PRO A 67 -20.37 -5.33 -5.42
C PRO A 67 -19.89 -5.85 -6.78
N GLY A 68 -18.92 -6.74 -6.79
CA GLY A 68 -18.41 -7.26 -8.09
C GLY A 68 -16.91 -7.46 -7.99
N ASP A 69 -16.18 -7.14 -9.04
CA ASP A 69 -14.71 -7.31 -9.00
C ASP A 69 -14.02 -5.99 -8.69
N TYR A 70 -13.54 -5.84 -7.50
CA TYR A 70 -12.81 -4.60 -7.11
C TYR A 70 -11.32 -4.92 -7.21
N GLU A 71 -10.44 -4.03 -6.85
CA GLU A 71 -8.98 -4.33 -7.02
C GLU A 71 -8.11 -3.66 -5.94
N VAL A 72 -7.02 -4.28 -5.62
CA VAL A 72 -6.07 -3.73 -4.60
C VAL A 72 -4.65 -3.81 -5.16
N SER A 73 -4.01 -2.68 -5.34
CA SER A 73 -2.62 -2.71 -5.88
C SER A 73 -1.68 -3.21 -4.79
N VAL A 74 -0.78 -4.11 -5.13
CA VAL A 74 0.17 -4.66 -4.11
C VAL A 74 1.61 -4.45 -4.59
N LYS A 75 2.22 -3.33 -4.25
CA LYS A 75 3.61 -3.05 -4.69
C LYS A 75 4.55 -2.92 -3.49
N PHE A 76 5.76 -3.41 -3.64
CA PHE A 76 6.78 -3.32 -2.55
C PHE A 76 7.94 -2.49 -3.07
N ASN A 77 8.39 -1.52 -2.32
CA ASN A 77 9.52 -0.67 -2.81
C ASN A 77 9.16 -0.15 -4.21
N GLU A 78 7.89 -0.06 -4.48
CA GLU A 78 7.42 0.43 -5.82
C GLU A 78 7.67 -0.64 -6.89
N GLU A 79 7.60 -1.89 -6.51
CA GLU A 79 7.83 -3.00 -7.48
C GLU A 79 6.59 -3.88 -7.51
N HIS A 80 5.70 -3.65 -8.44
CA HIS A 80 4.48 -4.49 -8.48
C HIS A 80 4.87 -5.97 -8.42
N ILE A 81 4.65 -6.61 -7.31
CA ILE A 81 5.03 -8.03 -7.18
C ILE A 81 4.46 -8.82 -8.38
N PRO A 82 5.13 -9.86 -8.82
CA PRO A 82 4.69 -10.68 -9.98
C PRO A 82 3.16 -10.85 -10.06
N ASP A 83 2.64 -10.92 -11.24
CA ASP A 83 1.17 -11.11 -11.43
C ASP A 83 0.39 -9.96 -10.78
N SER A 84 0.78 -8.74 -11.00
CA SER A 84 0.04 -7.58 -10.39
C SER A 84 -0.72 -6.84 -11.51
N PRO A 85 -1.81 -6.16 -11.18
CA PRO A 85 -2.38 -6.07 -9.80
C PRO A 85 -3.15 -7.34 -9.41
N PHE A 86 -3.38 -7.54 -8.14
CA PHE A 86 -4.11 -8.76 -7.69
C PHE A 86 -5.62 -8.54 -7.88
N VAL A 87 -6.26 -9.41 -8.62
CA VAL A 87 -7.72 -9.29 -8.84
C VAL A 87 -8.45 -9.93 -7.65
N VAL A 88 -9.59 -9.42 -7.28
CA VAL A 88 -10.33 -10.00 -6.11
C VAL A 88 -11.84 -9.86 -6.34
N PRO A 89 -12.57 -10.95 -6.51
CA PRO A 89 -14.05 -10.89 -6.72
C PRO A 89 -14.82 -10.72 -5.40
N VAL A 90 -15.46 -9.59 -5.22
CA VAL A 90 -16.24 -9.38 -3.97
C VAL A 90 -17.58 -10.10 -4.12
N ALA A 91 -17.89 -11.00 -3.22
CA ALA A 91 -19.16 -11.74 -3.31
C ALA A 91 -20.30 -10.88 -2.74
N SER A 92 -21.49 -11.39 -2.72
CA SER A 92 -22.64 -10.59 -2.19
C SER A 92 -22.77 -10.87 -0.69
N PRO A 93 -23.35 -9.95 0.06
CA PRO A 93 -23.54 -10.11 1.52
C PRO A 93 -23.81 -11.55 1.93
N SER A 94 -23.28 -11.98 3.05
CA SER A 94 -23.51 -13.39 3.49
C SER A 94 -25.01 -13.69 3.37
N GLY A 95 -25.42 -14.28 2.28
CA GLY A 95 -26.85 -14.58 2.11
C GLY A 95 -27.13 -14.98 0.66
N TRP B 1 18.08 0.33 0.78
CA TRP B 1 17.62 1.36 -0.19
C TRP B 1 17.12 0.67 -1.46
N LYS B 2 18.02 0.23 -2.29
CA LYS B 2 17.64 -0.46 -3.55
C LYS B 2 16.69 0.39 -4.35
N VAL B 3 16.42 -0.02 -5.58
CA VAL B 3 15.51 0.74 -6.49
C VAL B 3 14.43 1.43 -5.69
N GLY B 4 14.05 0.89 -4.59
CA GLY B 4 13.03 1.57 -3.78
C GLY B 4 13.42 3.04 -3.60
N PHE B 5 14.21 3.32 -2.60
CA PHE B 5 14.66 4.73 -2.28
C PHE B 5 14.14 5.85 -3.22
N PHE B 6 14.51 5.88 -4.48
CA PHE B 6 14.03 6.98 -5.39
C PHE B 6 12.66 6.66 -5.98
N LYS B 7 12.41 5.45 -6.39
CA LYS B 7 11.08 5.11 -6.95
C LYS B 7 10.21 4.71 -5.78
N ARG B 8 10.83 4.65 -4.64
CA ARG B 8 10.10 4.25 -3.42
C ARG B 8 9.02 5.30 -3.16
N ASN B 9 9.39 6.55 -3.23
CA ASN B 9 8.38 7.63 -2.99
C ASN B 9 7.19 7.42 -3.93
N ARG B 10 6.18 6.71 -3.48
CA ARG B 10 4.98 6.44 -4.33
C ARG B 10 4.62 7.69 -5.16
N PRO B 11 4.94 7.73 -6.44
CA PRO B 11 4.64 8.89 -7.31
C PRO B 11 3.22 8.82 -7.90
N PRO B 12 2.69 9.94 -8.34
CA PRO B 12 1.33 9.99 -8.95
C PRO B 12 1.30 9.36 -10.34
N LEU B 13 0.32 9.70 -11.15
CA LEU B 13 0.23 9.13 -12.53
C LEU B 13 0.06 10.27 -13.54
N GLU B 14 1.13 10.90 -13.92
CA GLU B 14 1.04 12.02 -14.91
C GLU B 14 2.36 12.14 -15.67
N GLU B 15 3.43 11.69 -15.08
CA GLU B 15 4.76 11.77 -15.76
C GLU B 15 5.64 10.61 -15.30
N ASP B 16 6.78 10.44 -15.89
CA ASP B 16 7.69 9.33 -15.48
C ASP B 16 7.85 9.34 -13.95
N ASP B 17 8.23 8.23 -13.39
CA ASP B 17 8.41 8.18 -11.90
C ASP B 17 9.54 9.11 -11.49
N GLU B 18 10.54 9.26 -12.32
CA GLU B 18 11.68 10.16 -11.97
C GLU B 18 12.61 10.28 -13.17
N GLU B 19 12.51 9.37 -14.11
CA GLU B 19 13.40 9.43 -15.30
C GLU B 19 14.87 9.47 -14.86
N GLY B 20 15.37 8.38 -14.34
CA GLY B 20 16.79 8.36 -13.89
C GLY B 20 17.70 8.72 -15.06
N GLU B 21 17.89 7.82 -15.99
CA GLU B 21 18.78 8.11 -17.15
C GLU B 21 18.63 7.00 -18.18
N LYS C 1 21.42 -3.51 7.37
CA LYS C 1 20.15 -3.27 6.63
C LYS C 1 19.00 -3.06 7.62
N LYS C 2 17.79 -3.08 7.15
CA LYS C 2 16.63 -2.89 8.08
C LYS C 2 16.78 -1.55 8.80
N LYS C 3 17.33 -0.56 8.14
CA LYS C 3 17.49 0.77 8.79
C LYS C 3 17.95 1.78 7.75
N ILE C 4 18.87 1.41 6.90
CA ILE C 4 19.38 2.35 5.85
C ILE C 4 18.19 3.05 5.18
N THR C 5 17.03 2.44 5.22
CA THR C 5 15.84 3.07 4.58
C THR C 5 15.31 4.19 5.48
N ILE C 6 15.18 3.91 6.76
CA ILE C 6 14.66 4.95 7.70
C ILE C 6 15.51 6.22 7.56
N HIS C 7 16.63 6.13 6.89
CA HIS C 7 17.49 7.34 6.72
C HIS C 7 16.89 8.23 5.64
N ASP C 8 16.93 7.80 4.40
CA ASP C 8 16.36 8.63 3.30
C ASP C 8 14.85 8.76 3.49
N ARG C 9 14.32 8.16 4.51
CA ARG C 9 12.85 8.24 4.74
C ARG C 9 12.49 9.65 5.23
N LYS C 10 13.34 10.26 5.99
CA LYS C 10 13.03 11.63 6.53
C LYS C 10 13.42 12.71 5.51
N GLU C 11 14.41 12.45 4.68
CA GLU C 11 14.80 13.49 3.69
C GLU C 11 13.60 13.80 2.80
N PHE C 12 12.74 12.84 2.62
CA PHE C 12 11.54 13.06 1.77
C PHE C 12 10.48 13.78 2.58
N ALA C 13 10.32 13.42 3.82
CA ALA C 13 9.30 14.08 4.68
C ALA C 13 9.56 15.58 4.74
N LYS C 14 10.80 16.00 4.69
CA LYS C 14 11.10 17.47 4.76
C LYS C 14 11.20 18.04 3.36
N PHE C 15 11.54 17.24 2.39
CA PHE C 15 11.65 17.75 1.01
C PHE C 15 10.29 18.26 0.55
N GLU C 16 9.26 17.93 1.27
CA GLU C 16 7.89 18.42 0.90
C GLU C 16 7.62 19.69 1.67
N GLU C 17 8.05 19.73 2.89
CA GLU C 17 7.86 20.95 3.72
C GLU C 17 8.80 22.00 3.16
N GLU C 18 9.68 21.56 2.30
CA GLU C 18 10.66 22.48 1.67
C GLU C 18 9.96 23.19 0.50
N ARG C 19 9.48 22.43 -0.44
CA ARG C 19 8.78 23.04 -1.61
C ARG C 19 7.32 23.27 -1.23
N ALA C 20 6.91 22.78 -0.10
CA ALA C 20 5.49 22.98 0.32
C ALA C 20 4.56 22.41 -0.75
N ARG C 21 3.26 22.57 -0.58
CA ARG C 21 2.31 22.02 -1.59
C ARG C 21 0.92 22.60 -1.33
N ALA C 22 -0.10 21.92 -1.77
CA ALA C 22 -1.49 22.43 -1.56
C ALA C 22 -2.48 21.27 -1.66
N LYS C 23 -3.75 21.56 -1.63
CA LYS C 23 -4.77 20.47 -1.74
C LYS C 23 -4.76 19.89 -3.16
N TRP C 24 -5.49 18.83 -3.38
CA TRP C 24 -5.52 18.22 -4.73
C TRP C 24 -6.51 18.99 -5.62
N ASP C 25 -6.20 19.14 -6.87
CA ASP C 25 -7.12 19.88 -7.79
C ASP C 25 -8.23 18.94 -8.27
N THR C 26 -8.19 18.54 -9.52
CA THR C 26 -9.22 17.63 -10.05
C THR C 26 -9.44 16.47 -9.08
N ALA C 27 -10.67 16.08 -8.87
CA ALA C 27 -10.96 14.96 -7.94
C ALA C 27 -10.80 13.63 -8.67
N ASN C 28 -10.29 12.63 -8.01
CA ASN C 28 -10.11 11.31 -8.67
C ASN C 28 -11.43 10.54 -8.66
N ASN C 29 -12.28 10.78 -9.63
CA ASN C 29 -13.59 10.08 -9.68
C ASN C 29 -13.43 8.65 -10.24
N PRO C 30 -12.51 8.42 -11.15
CA PRO C 30 -12.30 7.07 -11.75
C PRO C 30 -11.28 6.24 -10.96
N LEU C 31 -11.55 4.98 -10.78
CA LEU C 31 -10.59 4.12 -10.03
C LEU C 31 -10.19 4.81 -8.73
N TYR C 32 -10.88 4.55 -7.65
CA TYR C 32 -10.53 5.20 -6.36
C TYR C 32 -9.14 4.75 -5.93
N LYS C 33 -8.13 5.28 -6.56
CA LYS C 33 -6.72 4.92 -6.21
C LYS C 33 -6.26 5.71 -4.98
N GLU C 34 -5.44 5.11 -4.15
CA GLU C 34 -4.95 5.84 -2.94
C GLU C 34 -3.75 5.10 -2.32
N ALA C 35 -2.55 5.59 -2.53
CA ALA C 35 -1.35 4.94 -1.95
C ALA C 35 -1.62 4.55 -0.49
N THR C 36 -0.77 3.76 0.08
CA THR C 36 -0.97 3.34 1.50
C THR C 36 0.39 2.92 2.07
N SER C 37 1.23 3.87 2.34
CA SER C 37 2.59 3.53 2.88
C SER C 37 2.55 3.42 4.40
N THR C 38 3.50 2.74 4.97
CA THR C 38 3.54 2.58 6.45
C THR C 38 4.95 2.14 6.88
N PHE C 39 5.32 2.39 8.10
CA PHE C 39 6.68 2.00 8.57
C PHE C 39 6.60 1.47 10.00
N THR C 40 7.31 0.41 10.30
CA THR C 40 7.28 -0.16 11.67
C THR C 40 5.82 -0.38 12.10
N ASN C 41 5.62 -0.94 13.27
CA ASN C 41 4.23 -1.18 13.76
C ASN C 41 3.69 0.09 14.42
N ILE C 42 2.40 0.22 14.50
CA ILE C 42 1.82 1.43 15.15
C ILE C 42 1.87 1.27 16.66
N THR C 43 1.78 2.36 17.39
CA THR C 43 1.82 2.27 18.88
C THR C 43 0.62 1.45 19.37
N TYR C 44 -0.54 1.74 18.86
CA TYR C 44 -1.75 0.98 19.30
C TYR C 44 -1.68 -0.46 18.78
N ARG C 45 -0.73 -1.23 19.24
CA ARG C 45 -0.62 -2.64 18.76
C ARG C 45 -1.83 -3.44 19.24
N GLY C 46 -1.60 -4.47 20.01
CA GLY C 46 -2.74 -5.30 20.50
C GLY C 46 -3.74 -4.41 21.25
N THR C 47 -4.91 -4.24 20.72
CA THR C 47 -5.92 -3.37 21.40
C THR C 47 -6.45 -4.09 22.64
N GLY A 1 17.06 -5.73 -1.84
CA GLY A 1 15.80 -6.09 -2.54
C GLY A 1 14.72 -6.45 -1.51
N GLY A 2 13.93 -7.44 -1.79
CA GLY A 2 12.85 -7.87 -0.84
C GLY A 2 11.56 -8.14 -1.61
N ALA A 3 11.33 -7.42 -2.70
CA ALA A 3 10.09 -7.66 -3.50
C ALA A 3 9.91 -9.17 -3.69
N HIS A 4 10.95 -9.92 -3.49
CA HIS A 4 10.85 -11.41 -3.63
C HIS A 4 10.58 -11.99 -2.24
N LYS A 5 11.23 -11.45 -1.25
CA LYS A 5 11.02 -11.93 0.14
C LYS A 5 9.68 -11.38 0.63
N VAL A 6 8.83 -10.98 -0.28
CA VAL A 6 7.52 -10.42 0.13
C VAL A 6 6.56 -11.56 0.50
N ARG A 7 5.57 -11.26 1.29
CA ARG A 7 4.55 -12.28 1.67
C ARG A 7 3.19 -11.62 1.52
N ALA A 8 2.23 -12.28 0.95
CA ALA A 8 0.90 -11.65 0.79
C ALA A 8 -0.18 -12.72 0.66
N GLY A 9 -1.12 -12.71 1.55
CA GLY A 9 -2.21 -13.73 1.48
C GLY A 9 -3.34 -13.32 2.43
N GLY A 10 -4.51 -13.84 2.24
CA GLY A 10 -5.64 -13.46 3.14
C GLY A 10 -6.97 -13.90 2.52
N PRO A 11 -8.00 -13.92 3.32
CA PRO A 11 -9.35 -14.31 2.86
C PRO A 11 -10.02 -13.19 2.04
N GLY A 12 -9.41 -12.03 2.03
CA GLY A 12 -10.00 -10.89 1.26
C GLY A 12 -9.30 -10.75 -0.09
N LEU A 13 -8.05 -11.13 -0.18
CA LEU A 13 -7.33 -10.99 -1.49
C LEU A 13 -7.95 -11.96 -2.50
N GLU A 14 -8.58 -13.00 -2.04
CA GLU A 14 -9.21 -13.95 -2.99
C GLU A 14 -10.56 -13.38 -3.45
N ARG A 15 -11.26 -12.75 -2.55
CA ARG A 15 -12.58 -12.14 -2.90
C ARG A 15 -13.15 -11.49 -1.63
N ALA A 16 -14.26 -10.84 -1.74
CA ALA A 16 -14.84 -10.19 -0.53
C ALA A 16 -16.29 -9.82 -0.79
N GLU A 17 -16.83 -8.90 -0.05
CA GLU A 17 -18.25 -8.49 -0.23
C GLU A 17 -18.33 -6.97 -0.36
N ALA A 18 -19.27 -6.50 -1.11
CA ALA A 18 -19.45 -5.03 -1.30
C ALA A 18 -19.86 -4.42 0.05
N GLY A 19 -19.28 -3.32 0.43
CA GLY A 19 -19.66 -2.68 1.72
C GLY A 19 -19.19 -3.55 2.89
N VAL A 20 -18.13 -4.31 2.71
CA VAL A 20 -17.61 -5.19 3.81
C VAL A 20 -16.09 -5.06 3.90
N PRO A 21 -15.53 -4.71 5.06
CA PRO A 21 -14.06 -4.57 5.22
C PRO A 21 -13.25 -5.67 4.53
N ALA A 22 -12.60 -5.37 3.44
CA ALA A 22 -11.78 -6.43 2.77
C ALA A 22 -10.46 -6.58 3.55
N GLU A 23 -10.29 -7.67 4.24
CA GLU A 23 -9.05 -7.86 5.05
C GLU A 23 -7.97 -8.58 4.24
N PHE A 24 -6.77 -8.56 4.75
CA PHE A 24 -5.64 -9.25 4.08
C PHE A 24 -4.40 -9.15 4.97
N SER A 25 -3.27 -9.61 4.51
CA SER A 25 -2.04 -9.53 5.35
C SER A 25 -0.79 -9.62 4.48
N ILE A 26 0.27 -9.02 4.93
CA ILE A 26 1.57 -9.06 4.20
C ILE A 26 2.68 -9.17 5.25
N TRP A 27 3.34 -10.30 5.31
CA TRP A 27 4.41 -10.51 6.36
C TRP A 27 5.80 -10.46 5.71
N THR A 28 6.54 -9.39 5.93
CA THR A 28 7.90 -9.33 5.34
C THR A 28 8.73 -8.25 6.01
N ARG A 29 8.32 -7.80 7.16
CA ARG A 29 9.10 -6.76 7.87
C ARG A 29 10.51 -7.29 8.12
N GLU A 30 10.71 -8.56 7.86
CA GLU A 30 12.06 -9.18 8.07
C GLU A 30 12.86 -9.10 6.77
N ALA A 31 12.23 -8.71 5.69
CA ALA A 31 12.96 -8.61 4.39
C ALA A 31 14.21 -7.75 4.58
N GLY A 32 14.35 -7.14 5.73
CA GLY A 32 15.55 -6.27 5.98
C GLY A 32 15.20 -4.82 5.66
N ALA A 33 16.18 -3.96 5.63
CA ALA A 33 15.91 -2.54 5.31
C ALA A 33 15.16 -2.44 3.98
N GLY A 34 14.52 -1.33 3.72
CA GLY A 34 13.76 -1.16 2.44
C GLY A 34 12.47 -0.39 2.70
N GLY A 35 12.03 0.39 1.74
CA GLY A 35 10.77 1.17 1.92
C GLY A 35 9.63 0.44 1.21
N LEU A 36 8.51 0.27 1.87
CA LEU A 36 7.35 -0.44 1.24
C LEU A 36 6.38 0.59 0.66
N ALA A 37 5.81 0.27 -0.48
CA ALA A 37 4.83 1.19 -1.13
C ALA A 37 3.73 0.34 -1.75
N ILE A 38 2.51 0.53 -1.36
CA ILE A 38 1.40 -0.29 -1.92
C ILE A 38 0.17 0.61 -1.95
N ALA A 39 -0.76 0.37 -2.83
CA ALA A 39 -1.97 1.24 -2.89
C ALA A 39 -3.23 0.41 -3.03
N VAL A 40 -4.30 0.85 -2.44
CA VAL A 40 -5.58 0.11 -2.56
C VAL A 40 -6.36 0.73 -3.72
N GLU A 41 -6.62 -0.05 -4.74
CA GLU A 41 -7.36 0.49 -5.92
C GLU A 41 -8.83 0.13 -5.77
N GLY A 42 -9.69 0.76 -6.51
CA GLY A 42 -11.12 0.41 -6.38
C GLY A 42 -11.99 1.48 -7.06
N PRO A 43 -13.06 1.11 -7.71
CA PRO A 43 -13.98 2.09 -8.37
C PRO A 43 -14.95 2.72 -7.37
N SER A 44 -14.68 2.60 -6.10
CA SER A 44 -15.59 3.18 -5.07
C SER A 44 -14.74 3.85 -3.98
N LYS A 45 -15.34 4.10 -2.85
CA LYS A 45 -14.60 4.72 -1.74
C LYS A 45 -13.54 3.73 -1.24
N ALA A 46 -13.04 3.94 -0.06
CA ALA A 46 -12.02 3.01 0.50
C ALA A 46 -11.57 3.54 1.87
N GLU A 47 -11.87 2.82 2.92
CA GLU A 47 -11.48 3.28 4.28
C GLU A 47 -10.14 2.65 4.69
N ILE A 48 -9.22 3.46 5.14
CA ILE A 48 -7.88 2.94 5.56
C ILE A 48 -7.86 2.77 7.08
N SER A 49 -7.60 1.58 7.56
CA SER A 49 -7.57 1.36 9.04
C SER A 49 -6.72 0.13 9.36
N PHE A 50 -5.77 0.27 10.26
CA PHE A 50 -4.90 -0.89 10.62
C PHE A 50 -5.46 -1.57 11.87
N GLU A 51 -5.19 -2.84 12.03
CA GLU A 51 -5.70 -3.58 13.21
C GLU A 51 -4.79 -4.78 13.49
N ASP A 52 -4.47 -5.02 14.74
CA ASP A 52 -3.59 -6.17 15.07
C ASP A 52 -4.41 -7.46 15.03
N ARG A 53 -3.77 -8.58 15.26
CA ARG A 53 -4.51 -9.88 15.24
C ARG A 53 -3.79 -10.88 16.15
N LYS A 54 -4.47 -11.90 16.57
CA LYS A 54 -3.83 -12.92 17.46
C LYS A 54 -2.51 -13.37 16.83
N ASP A 55 -2.38 -13.26 15.54
CA ASP A 55 -1.11 -13.68 14.88
C ASP A 55 -0.09 -12.54 14.98
N GLY A 56 -0.54 -11.34 15.15
CA GLY A 56 0.40 -10.19 15.26
C GLY A 56 0.79 -9.72 13.86
N SER A 57 0.53 -10.50 12.87
CA SER A 57 0.89 -10.10 11.47
C SER A 57 0.32 -8.70 11.19
N CYS A 58 0.76 -8.07 10.13
CA CYS A 58 0.24 -6.71 9.79
C CYS A 58 -0.98 -6.85 8.90
N GLY A 59 -2.13 -7.08 9.48
CA GLY A 59 -3.38 -7.23 8.66
C GLY A 59 -4.14 -5.91 8.62
N VAL A 60 -4.31 -5.35 7.45
CA VAL A 60 -5.06 -4.05 7.31
C VAL A 60 -6.39 -4.35 6.62
N ALA A 61 -7.38 -3.51 6.80
CA ALA A 61 -8.71 -3.77 6.16
C ALA A 61 -9.17 -2.56 5.35
N TYR A 62 -9.82 -2.81 4.24
CA TYR A 62 -10.33 -1.70 3.38
C TYR A 62 -11.78 -1.98 2.99
N VAL A 63 -12.68 -1.08 3.27
CA VAL A 63 -14.10 -1.31 2.91
C VAL A 63 -14.34 -0.78 1.49
N VAL A 64 -15.39 -1.25 0.84
CA VAL A 64 -15.67 -0.77 -0.54
C VAL A 64 -17.19 -0.73 -0.74
N GLN A 65 -17.69 0.15 -1.58
CA GLN A 65 -19.16 0.27 -1.78
C GLN A 65 -19.60 -0.26 -3.14
N GLU A 66 -18.73 -0.27 -4.09
CA GLU A 66 -19.14 -0.74 -5.46
C GLU A 66 -19.12 -2.28 -5.52
N PRO A 67 -20.24 -2.92 -5.79
CA PRO A 67 -20.27 -4.40 -5.91
C PRO A 67 -19.77 -4.84 -7.28
N GLY A 68 -18.82 -5.73 -7.35
CA GLY A 68 -18.31 -6.17 -8.68
C GLY A 68 -16.83 -6.52 -8.54
N ASP A 69 -16.03 -6.17 -9.51
CA ASP A 69 -14.58 -6.49 -9.45
C ASP A 69 -13.75 -5.25 -9.09
N TYR A 70 -13.30 -5.17 -7.86
CA TYR A 70 -12.45 -4.04 -7.42
C TYR A 70 -11.02 -4.57 -7.37
N GLU A 71 -10.05 -3.80 -6.94
CA GLU A 71 -8.66 -4.35 -6.96
C GLU A 71 -7.77 -3.65 -5.94
N VAL A 72 -6.83 -4.39 -5.39
CA VAL A 72 -5.89 -3.82 -4.38
C VAL A 72 -4.48 -3.89 -4.97
N SER A 73 -3.79 -2.78 -5.04
CA SER A 73 -2.42 -2.79 -5.63
C SER A 73 -1.42 -3.36 -4.63
N VAL A 74 -0.36 -3.94 -5.11
CA VAL A 74 0.68 -4.53 -4.21
C VAL A 74 2.05 -4.31 -4.85
N LYS A 75 2.81 -3.36 -4.36
CA LYS A 75 4.15 -3.07 -4.96
C LYS A 75 5.24 -3.02 -3.88
N PHE A 76 6.43 -3.42 -4.24
CA PHE A 76 7.58 -3.40 -3.30
C PHE A 76 8.54 -2.32 -3.76
N ASN A 77 8.75 -1.29 -2.97
CA ASN A 77 9.67 -0.20 -3.40
C ASN A 77 9.32 0.21 -4.85
N GLU A 78 8.06 0.09 -5.21
CA GLU A 78 7.60 0.44 -6.58
C GLU A 78 7.77 -0.74 -7.53
N GLU A 79 8.05 -1.92 -7.02
CA GLU A 79 8.23 -3.12 -7.89
C GLU A 79 7.00 -4.00 -7.77
N HIS A 80 6.17 -4.05 -8.78
CA HIS A 80 4.96 -4.90 -8.67
C HIS A 80 5.38 -6.33 -8.33
N ILE A 81 5.16 -6.74 -7.11
CA ILE A 81 5.57 -8.11 -6.71
C ILE A 81 5.04 -9.12 -7.73
N PRO A 82 5.74 -10.21 -7.95
CA PRO A 82 5.33 -11.25 -8.93
C PRO A 82 3.81 -11.47 -8.98
N ASP A 83 3.29 -11.77 -10.14
CA ASP A 83 1.82 -12.03 -10.29
C ASP A 83 1.00 -10.80 -9.90
N SER A 84 1.36 -9.63 -10.38
CA SER A 84 0.58 -8.39 -10.04
C SER A 84 -0.14 -7.89 -11.31
N PRO A 85 -1.23 -7.17 -11.17
CA PRO A 85 -1.84 -6.79 -9.86
C PRO A 85 -2.66 -7.95 -9.25
N PHE A 86 -3.12 -7.78 -8.03
CA PHE A 86 -3.92 -8.86 -7.38
C PHE A 86 -5.41 -8.61 -7.62
N VAL A 87 -6.03 -9.43 -8.43
CA VAL A 87 -7.50 -9.24 -8.69
C VAL A 87 -8.28 -9.72 -7.46
N VAL A 88 -9.36 -9.04 -7.14
CA VAL A 88 -10.15 -9.45 -5.93
C VAL A 88 -11.65 -9.21 -6.18
N PRO A 89 -12.33 -10.17 -6.76
CA PRO A 89 -13.80 -10.06 -7.05
C PRO A 89 -14.64 -9.84 -5.78
N VAL A 90 -15.37 -8.75 -5.68
CA VAL A 90 -16.22 -8.53 -4.46
C VAL A 90 -17.55 -9.25 -4.71
N ALA A 91 -17.88 -10.16 -3.83
CA ALA A 91 -19.15 -10.92 -3.98
C ALA A 91 -20.32 -10.07 -3.47
N SER A 92 -21.48 -10.66 -3.38
CA SER A 92 -22.67 -9.89 -2.89
C SER A 92 -22.82 -10.14 -1.38
N PRO A 93 -23.36 -9.20 -0.64
CA PRO A 93 -23.55 -9.34 0.83
C PRO A 93 -23.86 -10.78 1.24
N SER A 94 -23.20 -11.28 2.26
CA SER A 94 -23.45 -12.68 2.70
C SER A 94 -24.96 -12.91 2.76
N GLY A 95 -25.52 -13.46 1.72
CA GLY A 95 -26.98 -13.69 1.73
C GLY A 95 -27.45 -14.06 0.32
N TRP B 1 14.99 3.34 -0.64
CA TRP B 1 16.18 2.97 -1.46
C TRP B 1 15.70 2.23 -2.73
N LYS B 2 16.62 1.76 -3.52
CA LYS B 2 16.23 1.05 -4.77
C LYS B 2 15.37 1.95 -5.61
N VAL B 3 15.16 1.62 -6.86
CA VAL B 3 14.33 2.46 -7.76
C VAL B 3 13.15 3.02 -6.97
N GLY B 4 12.76 2.36 -5.95
CA GLY B 4 11.66 2.90 -5.14
C GLY B 4 11.99 4.34 -4.76
N PHE B 5 12.62 4.49 -3.62
CA PHE B 5 12.98 5.85 -3.05
C PHE B 5 12.48 7.08 -3.86
N PHE B 6 12.89 7.26 -5.10
CA PHE B 6 12.41 8.46 -5.88
C PHE B 6 11.09 8.14 -6.58
N LYS B 7 10.96 6.97 -7.15
CA LYS B 7 9.69 6.61 -7.81
C LYS B 7 8.83 5.95 -6.76
N ARG B 8 9.36 5.85 -5.59
CA ARG B 8 8.63 5.21 -4.48
C ARG B 8 7.48 6.12 -4.09
N ASN B 9 7.73 7.41 -4.01
CA ASN B 9 6.66 8.36 -3.63
C ASN B 9 5.55 8.34 -4.69
N ARG B 10 4.83 7.25 -4.77
CA ARG B 10 3.73 7.13 -5.78
C ARG B 10 4.30 7.32 -7.20
N PRO B 11 4.05 6.41 -8.13
CA PRO B 11 4.58 6.53 -9.51
C PRO B 11 4.51 7.99 -10.02
N PRO B 12 5.33 8.34 -10.98
CA PRO B 12 5.36 9.72 -11.54
C PRO B 12 4.12 10.03 -12.39
N LEU B 13 3.01 10.34 -11.75
CA LEU B 13 1.77 10.64 -12.51
C LEU B 13 1.90 12.05 -13.13
N GLU B 14 2.02 13.05 -12.31
CA GLU B 14 2.15 14.44 -12.84
C GLU B 14 3.59 14.67 -13.32
N GLU B 15 3.78 14.77 -14.60
CA GLU B 15 5.15 15.00 -15.14
C GLU B 15 5.58 16.44 -14.85
N ASP B 16 6.81 16.63 -14.43
CA ASP B 16 7.28 18.00 -14.14
C ASP B 16 8.81 18.00 -13.99
N ASP B 17 9.31 17.36 -12.98
CA ASP B 17 10.79 17.31 -12.78
C ASP B 17 11.14 16.16 -11.84
N GLU B 18 11.85 15.18 -12.33
CA GLU B 18 12.22 14.02 -11.46
C GLU B 18 12.94 14.55 -10.21
N GLU B 19 12.40 14.28 -9.05
CA GLU B 19 13.05 14.76 -7.79
C GLU B 19 14.16 13.78 -7.40
N GLY B 20 15.39 14.12 -7.67
CA GLY B 20 16.51 13.20 -7.30
C GLY B 20 17.81 13.71 -7.93
N GLU B 21 18.01 13.45 -9.19
CA GLU B 21 19.26 13.91 -9.86
C GLU B 21 19.12 13.73 -11.37
N LYS C 1 22.01 -3.53 5.15
CA LYS C 1 20.53 -3.68 5.18
C LYS C 1 20.01 -3.21 6.54
N LYS C 2 20.17 -1.94 6.85
CA LYS C 2 19.68 -1.42 8.15
C LYS C 2 19.79 0.11 8.16
N LYS C 3 19.59 0.73 7.03
CA LYS C 3 19.69 2.22 6.99
C LYS C 3 19.35 2.71 5.56
N ILE C 4 19.61 1.90 4.57
CA ILE C 4 19.32 2.33 3.18
C ILE C 4 17.91 2.94 3.10
N THR C 5 16.96 2.37 3.77
CA THR C 5 15.58 2.93 3.74
C THR C 5 15.52 4.17 4.62
N ILE C 6 16.11 4.10 5.78
CA ILE C 6 16.10 5.27 6.70
C ILE C 6 16.54 6.51 5.92
N HIS C 7 17.18 6.33 4.80
CA HIS C 7 17.62 7.50 3.99
C HIS C 7 16.39 8.12 3.32
N ASP C 8 15.70 7.36 2.51
CA ASP C 8 14.49 7.90 1.83
C ASP C 8 13.51 8.46 2.88
N ARG C 9 13.68 8.07 4.11
CA ARG C 9 12.77 8.56 5.18
C ARG C 9 12.70 10.09 5.16
N LYS C 10 13.73 10.74 5.63
CA LYS C 10 13.72 12.23 5.65
C LYS C 10 13.24 12.78 4.31
N GLU C 11 13.74 12.26 3.23
CA GLU C 11 13.30 12.75 1.89
C GLU C 11 11.78 12.81 1.87
N PHE C 12 11.16 11.88 2.50
CA PHE C 12 9.67 11.85 2.54
C PHE C 12 9.17 12.91 3.52
N ALA C 13 9.81 13.02 4.64
CA ALA C 13 9.39 14.03 5.65
C ALA C 13 9.41 15.42 5.01
N LYS C 14 10.38 15.69 4.19
CA LYS C 14 10.46 17.03 3.54
C LYS C 14 9.68 17.01 2.23
N PHE C 15 9.40 15.85 1.72
CA PHE C 15 8.63 15.78 0.45
C PHE C 15 7.31 16.51 0.66
N GLU C 16 6.91 16.70 1.88
CA GLU C 16 5.64 17.43 2.16
C GLU C 16 5.96 18.90 2.38
N GLU C 17 7.08 19.18 3.00
CA GLU C 17 7.46 20.59 3.19
C GLU C 17 7.99 21.10 1.87
N GLU C 18 8.24 20.18 0.98
CA GLU C 18 8.74 20.54 -0.37
C GLU C 18 7.58 21.10 -1.18
N ARG C 19 6.57 20.30 -1.41
CA ARG C 19 5.40 20.79 -2.17
C ARG C 19 4.49 21.57 -1.23
N ALA C 20 4.74 21.49 0.04
CA ALA C 20 3.90 22.23 1.03
C ALA C 20 2.42 21.99 0.71
N ARG C 21 1.85 20.93 1.22
CA ARG C 21 0.41 20.66 0.96
C ARG C 21 -0.14 19.71 2.03
N ALA C 22 -0.06 18.43 1.82
CA ALA C 22 -0.57 17.47 2.83
C ALA C 22 -0.04 16.07 2.54
N LYS C 23 0.10 15.25 3.54
CA LYS C 23 0.62 13.87 3.31
C LYS C 23 -0.54 12.95 2.92
N TRP C 24 -0.23 11.84 2.29
CA TRP C 24 -1.31 10.90 1.87
C TRP C 24 -2.41 11.66 1.15
N ASP C 25 -2.05 12.53 0.24
CA ASP C 25 -3.09 13.30 -0.49
C ASP C 25 -3.80 12.38 -1.50
N THR C 26 -4.95 12.77 -1.97
CA THR C 26 -5.68 11.93 -2.95
C THR C 26 -6.90 12.69 -3.46
N ALA C 27 -7.78 12.02 -4.17
CA ALA C 27 -8.99 12.71 -4.70
C ALA C 27 -10.08 11.66 -4.99
N ASN C 28 -11.25 12.11 -5.36
CA ASN C 28 -12.35 11.15 -5.65
C ASN C 28 -12.25 10.67 -7.10
N ASN C 29 -11.06 10.38 -7.57
CA ASN C 29 -10.89 9.92 -8.97
C ASN C 29 -11.63 8.58 -9.15
N PRO C 30 -12.10 8.27 -10.34
CA PRO C 30 -12.81 7.00 -10.61
C PRO C 30 -12.21 5.82 -9.83
N LEU C 31 -11.06 5.35 -10.22
CA LEU C 31 -10.43 4.21 -9.50
C LEU C 31 -9.54 4.74 -8.38
N TYR C 32 -9.78 4.34 -7.16
CA TYR C 32 -8.95 4.83 -6.04
C TYR C 32 -7.51 4.31 -6.21
N LYS C 33 -6.63 4.72 -5.35
CA LYS C 33 -5.20 4.28 -5.46
C LYS C 33 -4.37 4.88 -4.32
N GLU C 34 -4.94 5.04 -3.16
CA GLU C 34 -4.19 5.64 -2.01
C GLU C 34 -3.02 4.74 -1.62
N ALA C 35 -1.79 5.20 -1.80
CA ALA C 35 -0.60 4.39 -1.43
C ALA C 35 -0.76 3.91 0.02
N THR C 36 0.21 3.21 0.53
CA THR C 36 0.12 2.72 1.93
C THR C 36 1.53 2.49 2.46
N SER C 37 2.12 3.49 3.06
CA SER C 37 3.51 3.34 3.59
C SER C 37 3.52 2.28 4.70
N THR C 38 4.56 1.50 4.78
CA THR C 38 4.64 0.46 5.84
C THR C 38 6.12 0.11 6.08
N PHE C 39 6.56 0.23 7.31
CA PHE C 39 7.97 -0.09 7.62
C PHE C 39 8.18 -0.03 9.14
N THR C 40 8.05 1.13 9.72
CA THR C 40 8.24 1.25 11.20
C THR C 40 7.13 0.48 11.92
N ASN C 41 7.29 0.26 13.19
CA ASN C 41 6.25 -0.49 13.96
C ASN C 41 5.11 0.46 14.31
N ILE C 42 3.96 0.28 13.72
CA ILE C 42 2.80 1.16 14.02
C ILE C 42 2.53 1.14 15.53
N THR C 43 1.92 2.16 16.04
CA THR C 43 1.62 2.21 17.50
C THR C 43 0.77 1.00 17.89
N TYR C 44 -0.36 0.83 17.25
CA TYR C 44 -1.25 -0.31 17.58
C TYR C 44 -0.59 -1.62 17.10
N ARG C 45 0.66 -1.81 17.43
CA ARG C 45 1.36 -3.06 17.00
C ARG C 45 0.70 -4.26 17.65
N GLY C 46 1.43 -5.33 17.82
CA GLY C 46 0.83 -6.55 18.46
C GLY C 46 0.76 -6.35 19.97
N THR C 47 0.32 -7.34 20.68
CA THR C 47 0.22 -7.21 22.16
C THR C 47 1.56 -6.72 22.72
N GLY A 1 16.79 -5.70 -2.20
CA GLY A 1 15.65 -6.29 -2.96
C GLY A 1 14.83 -7.18 -2.02
N GLY A 2 14.02 -8.05 -2.58
CA GLY A 2 13.18 -8.96 -1.74
C GLY A 2 11.75 -8.99 -2.29
N ALA A 3 11.49 -8.27 -3.35
CA ALA A 3 10.12 -8.27 -3.93
C ALA A 3 9.69 -9.72 -4.14
N HIS A 4 10.62 -10.64 -4.08
CA HIS A 4 10.29 -12.08 -4.25
C HIS A 4 10.11 -12.70 -2.87
N LYS A 5 10.97 -12.35 -1.95
CA LYS A 5 10.86 -12.88 -0.57
C LYS A 5 9.79 -12.09 0.17
N VAL A 6 8.93 -11.43 -0.56
CA VAL A 6 7.85 -10.62 0.08
C VAL A 6 6.78 -11.55 0.67
N ARG A 7 6.16 -11.13 1.74
CA ARG A 7 5.08 -11.97 2.34
C ARG A 7 3.74 -11.47 1.80
N ALA A 8 2.91 -12.37 1.33
CA ALA A 8 1.59 -11.92 0.77
C ALA A 8 0.53 -13.00 1.02
N GLY A 9 -0.54 -12.63 1.67
CA GLY A 9 -1.62 -13.62 1.94
C GLY A 9 -2.73 -12.93 2.74
N GLY A 10 -3.94 -13.44 2.68
CA GLY A 10 -5.05 -12.80 3.42
C GLY A 10 -6.39 -13.12 2.76
N PRO A 11 -7.47 -12.96 3.48
CA PRO A 11 -8.83 -13.23 2.96
C PRO A 11 -9.29 -12.11 2.01
N GLY A 12 -8.57 -11.03 1.96
CA GLY A 12 -8.96 -9.89 1.07
C GLY A 12 -8.23 -10.03 -0.26
N LEU A 13 -7.04 -10.59 -0.25
CA LEU A 13 -6.30 -10.75 -1.53
C LEU A 13 -7.04 -11.74 -2.42
N GLU A 14 -7.86 -12.58 -1.84
CA GLU A 14 -8.62 -13.58 -2.65
C GLU A 14 -9.99 -12.99 -3.02
N ARG A 15 -10.61 -12.30 -2.11
CA ARG A 15 -11.94 -11.67 -2.38
C ARG A 15 -12.43 -11.00 -1.10
N ALA A 16 -13.55 -10.35 -1.14
CA ALA A 16 -14.06 -9.67 0.08
C ALA A 16 -15.53 -9.35 -0.10
N GLU A 17 -16.04 -8.43 0.67
CA GLU A 17 -17.48 -8.05 0.56
C GLU A 17 -17.60 -6.53 0.42
N ALA A 18 -18.56 -6.09 -0.31
CA ALA A 18 -18.78 -4.63 -0.50
C ALA A 18 -19.19 -4.03 0.85
N GLY A 19 -18.78 -2.84 1.14
CA GLY A 19 -19.16 -2.21 2.45
C GLY A 19 -18.63 -3.07 3.62
N VAL A 20 -17.55 -3.78 3.42
CA VAL A 20 -16.99 -4.63 4.52
C VAL A 20 -15.46 -4.47 4.56
N PRO A 21 -14.88 -4.09 5.69
CA PRO A 21 -13.40 -3.92 5.81
C PRO A 21 -12.59 -5.03 5.12
N ALA A 22 -12.02 -4.75 3.98
CA ALA A 22 -11.20 -5.78 3.29
C ALA A 22 -9.82 -5.82 3.96
N GLU A 23 -9.46 -6.94 4.54
CA GLU A 23 -8.14 -7.05 5.25
C GLU A 23 -7.12 -7.85 4.43
N PHE A 24 -5.89 -7.79 4.83
CA PHE A 24 -4.82 -8.59 4.14
C PHE A 24 -3.49 -8.40 4.86
N SER A 25 -2.58 -9.31 4.64
CA SER A 25 -1.23 -9.23 5.31
C SER A 25 -0.13 -9.14 4.26
N ILE A 26 0.70 -8.14 4.36
CA ILE A 26 1.83 -7.96 3.40
C ILE A 26 3.05 -7.51 4.21
N TRP A 27 3.86 -8.44 4.63
CA TRP A 27 5.07 -8.10 5.45
C TRP A 27 6.33 -8.25 4.61
N THR A 28 7.27 -7.35 4.77
CA THR A 28 8.53 -7.43 3.98
C THR A 28 9.67 -6.82 4.79
N ARG A 29 9.44 -6.56 6.05
CA ARG A 29 10.53 -5.97 6.88
C ARG A 29 11.67 -6.97 7.00
N GLU A 30 11.36 -8.24 7.03
CA GLU A 30 12.45 -9.26 7.14
C GLU A 30 13.08 -9.48 5.76
N ALA A 31 12.31 -9.39 4.72
CA ALA A 31 12.87 -9.59 3.35
C ALA A 31 14.08 -8.66 3.16
N GLY A 32 14.16 -7.61 3.94
CA GLY A 32 15.31 -6.67 3.82
C GLY A 32 14.83 -5.24 4.07
N ALA A 33 15.74 -4.31 4.15
CA ALA A 33 15.33 -2.90 4.39
C ALA A 33 14.57 -2.36 3.17
N GLY A 34 13.75 -1.37 3.36
CA GLY A 34 12.97 -0.79 2.22
C GLY A 34 11.54 -0.51 2.66
N GLY A 35 10.91 0.48 2.07
CA GLY A 35 9.50 0.81 2.46
C GLY A 35 8.52 0.10 1.50
N LEU A 36 7.31 -0.11 1.94
CA LEU A 36 6.31 -0.78 1.07
C LEU A 36 5.49 0.26 0.30
N ALA A 37 5.17 -0.01 -0.93
CA ALA A 37 4.36 0.96 -1.74
C ALA A 37 3.46 0.16 -2.67
N ILE A 38 2.20 0.50 -2.75
CA ILE A 38 1.29 -0.26 -3.64
C ILE A 38 0.28 0.70 -4.24
N ALA A 39 -0.34 0.31 -5.33
CA ALA A 39 -1.35 1.18 -5.97
C ALA A 39 -2.73 0.56 -5.74
N VAL A 40 -3.59 1.23 -5.02
CA VAL A 40 -4.94 0.64 -4.77
C VAL A 40 -5.88 1.10 -5.86
N GLU A 41 -6.22 0.19 -6.74
CA GLU A 41 -7.14 0.51 -7.87
C GLU A 41 -8.52 -0.03 -7.54
N GLY A 42 -9.52 0.73 -7.78
CA GLY A 42 -10.88 0.25 -7.47
C GLY A 42 -11.94 1.21 -8.04
N PRO A 43 -13.10 0.72 -8.37
CA PRO A 43 -14.21 1.56 -8.91
C PRO A 43 -14.89 2.40 -7.81
N SER A 44 -14.42 2.30 -6.59
CA SER A 44 -15.03 3.08 -5.47
C SER A 44 -13.93 3.78 -4.68
N LYS A 45 -14.25 4.18 -3.48
CA LYS A 45 -13.26 4.83 -2.59
C LYS A 45 -12.57 3.73 -1.79
N ALA A 46 -11.91 4.07 -0.72
CA ALA A 46 -11.24 3.03 0.09
C ALA A 46 -10.51 3.71 1.27
N GLU A 47 -10.94 3.43 2.46
CA GLU A 47 -10.31 4.06 3.66
C GLU A 47 -9.13 3.19 4.10
N ILE A 48 -7.93 3.66 3.90
CA ILE A 48 -6.74 2.86 4.30
C ILE A 48 -6.50 2.99 5.81
N SER A 49 -6.13 1.93 6.46
CA SER A 49 -5.89 2.00 7.93
C SER A 49 -5.09 0.78 8.38
N PHE A 50 -4.00 0.99 9.08
CA PHE A 50 -3.18 -0.16 9.56
C PHE A 50 -3.80 -0.72 10.85
N GLU A 51 -4.22 -1.96 10.82
CA GLU A 51 -4.82 -2.57 12.04
C GLU A 51 -3.74 -3.23 12.89
N ASP A 52 -3.83 -3.10 14.18
CA ASP A 52 -2.80 -3.72 15.08
C ASP A 52 -3.32 -5.07 15.57
N ARG A 53 -2.51 -6.10 15.47
CA ARG A 53 -2.94 -7.46 15.93
C ARG A 53 -2.26 -7.79 17.26
N LYS A 54 -2.68 -8.83 17.92
CA LYS A 54 -2.05 -9.20 19.21
C LYS A 54 -0.56 -9.49 18.99
N ASP A 55 -0.25 -10.19 17.94
CA ASP A 55 1.19 -10.50 17.66
C ASP A 55 1.89 -9.25 17.12
N GLY A 56 1.12 -8.26 16.72
CA GLY A 56 1.74 -7.02 16.19
C GLY A 56 2.09 -7.22 14.70
N SER A 57 1.36 -8.05 14.02
CA SER A 57 1.65 -8.28 12.58
C SER A 57 1.64 -6.95 11.83
N CYS A 58 1.63 -6.99 10.52
CA CYS A 58 1.62 -5.71 9.73
C CYS A 58 0.69 -5.87 8.53
N GLY A 59 -0.59 -5.99 8.77
CA GLY A 59 -1.57 -6.14 7.65
C GLY A 59 -2.46 -4.90 7.58
N VAL A 60 -2.60 -4.33 6.42
CA VAL A 60 -3.45 -3.12 6.26
C VAL A 60 -4.84 -3.55 5.82
N ALA A 61 -5.83 -2.74 6.06
CA ALA A 61 -7.23 -3.12 5.66
C ALA A 61 -7.98 -1.88 5.18
N TYR A 62 -9.09 -2.07 4.52
CA TYR A 62 -9.85 -0.90 4.01
C TYR A 62 -11.29 -1.32 3.67
N VAL A 63 -12.21 -0.38 3.71
CA VAL A 63 -13.63 -0.69 3.37
C VAL A 63 -13.93 -0.22 1.95
N VAL A 64 -15.00 -0.71 1.36
CA VAL A 64 -15.35 -0.28 -0.02
C VAL A 64 -16.87 -0.18 -0.15
N GLN A 65 -17.35 0.61 -1.08
CA GLN A 65 -18.82 0.78 -1.26
C GLN A 65 -19.30 0.15 -2.57
N GLU A 66 -18.47 0.07 -3.56
CA GLU A 66 -18.92 -0.50 -4.87
C GLU A 66 -18.88 -2.03 -4.83
N PRO A 67 -20.00 -2.70 -4.97
CA PRO A 67 -20.04 -4.19 -4.99
C PRO A 67 -19.71 -4.72 -6.38
N GLY A 68 -18.76 -5.61 -6.51
CA GLY A 68 -18.42 -6.15 -7.86
C GLY A 68 -16.93 -6.51 -7.90
N ASP A 69 -16.29 -6.23 -9.00
CA ASP A 69 -14.84 -6.58 -9.12
C ASP A 69 -13.98 -5.44 -8.59
N TYR A 70 -13.35 -5.64 -7.45
CA TYR A 70 -12.45 -4.58 -6.88
C TYR A 70 -11.01 -4.92 -7.28
N GLU A 71 -10.06 -4.14 -6.86
CA GLU A 71 -8.65 -4.44 -7.25
C GLU A 71 -7.65 -3.81 -6.28
N VAL A 72 -6.55 -4.47 -6.07
CA VAL A 72 -5.47 -3.95 -5.17
C VAL A 72 -4.13 -4.23 -5.81
N SER A 73 -3.45 -3.23 -6.30
CA SER A 73 -2.13 -3.51 -6.92
C SER A 73 -1.12 -3.82 -5.81
N VAL A 74 -0.20 -4.72 -6.06
CA VAL A 74 0.81 -5.09 -5.02
C VAL A 74 2.20 -4.81 -5.57
N LYS A 75 2.86 -3.78 -5.10
CA LYS A 75 4.21 -3.44 -5.63
C LYS A 75 5.20 -3.24 -4.47
N PHE A 76 6.46 -3.41 -4.75
CA PHE A 76 7.51 -3.22 -3.70
C PHE A 76 8.73 -2.59 -4.37
N ASN A 77 9.17 -1.46 -3.90
CA ASN A 77 10.33 -0.80 -4.54
C ASN A 77 10.08 -0.69 -6.05
N GLU A 78 8.85 -0.45 -6.43
CA GLU A 78 8.51 -0.34 -7.87
C GLU A 78 8.73 -1.68 -8.58
N GLU A 79 8.46 -2.77 -7.91
CA GLU A 79 8.66 -4.12 -8.53
C GLU A 79 7.39 -4.96 -8.34
N HIS A 80 6.51 -4.94 -9.31
CA HIS A 80 5.27 -5.75 -9.20
C HIS A 80 5.64 -7.17 -8.76
N ILE A 81 5.34 -7.53 -7.55
CA ILE A 81 5.69 -8.89 -7.06
C ILE A 81 5.08 -9.95 -8.00
N PRO A 82 5.71 -11.09 -8.15
CA PRO A 82 5.21 -12.18 -9.04
C PRO A 82 3.69 -12.31 -9.01
N ASP A 83 3.14 -12.99 -9.98
CA ASP A 83 1.65 -13.18 -10.03
C ASP A 83 0.95 -11.83 -9.80
N SER A 84 1.45 -10.78 -10.39
CA SER A 84 0.81 -9.44 -10.21
C SER A 84 0.10 -9.03 -11.51
N PRO A 85 -0.92 -8.19 -11.44
CA PRO A 85 -1.44 -7.60 -10.17
C PRO A 85 -2.34 -8.58 -9.40
N PHE A 86 -2.52 -8.37 -8.12
CA PHE A 86 -3.40 -9.27 -7.32
C PHE A 86 -4.86 -8.85 -7.49
N VAL A 87 -5.66 -9.67 -8.09
CA VAL A 87 -7.10 -9.31 -8.28
C VAL A 87 -7.85 -9.56 -6.96
N VAL A 88 -8.92 -8.84 -6.73
CA VAL A 88 -9.68 -9.02 -5.46
C VAL A 88 -11.17 -8.76 -5.71
N PRO A 89 -11.89 -9.74 -6.20
CA PRO A 89 -13.34 -9.60 -6.48
C PRO A 89 -14.14 -9.39 -5.18
N VAL A 90 -14.97 -8.37 -5.10
CA VAL A 90 -15.75 -8.16 -3.85
C VAL A 90 -17.06 -8.94 -3.97
N ALA A 91 -17.28 -9.84 -3.05
CA ALA A 91 -18.52 -10.65 -3.08
C ALA A 91 -19.68 -9.84 -2.49
N SER A 92 -20.86 -10.39 -2.46
CA SER A 92 -22.01 -9.64 -1.89
C SER A 92 -22.09 -9.91 -0.39
N PRO A 93 -22.64 -9.00 0.38
CA PRO A 93 -22.78 -9.15 1.85
C PRO A 93 -22.99 -10.59 2.27
N SER A 94 -22.34 -11.03 3.32
CA SER A 94 -22.51 -12.44 3.78
C SER A 94 -24.00 -12.79 3.79
N GLY A 95 -24.47 -13.38 2.72
CA GLY A 95 -25.92 -13.72 2.67
C GLY A 95 -26.29 -14.16 1.26
N TRP B 1 14.04 -0.10 -0.42
CA TRP B 1 14.91 0.97 -0.96
C TRP B 1 15.32 0.64 -2.40
N LYS B 2 16.57 0.36 -2.64
CA LYS B 2 17.04 0.02 -4.02
C LYS B 2 16.35 0.91 -5.03
N VAL B 3 16.32 0.51 -6.29
CA VAL B 3 15.67 1.33 -7.34
C VAL B 3 14.43 2.01 -6.76
N GLY B 4 13.84 1.39 -5.79
CA GLY B 4 12.66 2.00 -5.17
C GLY B 4 12.96 3.45 -4.78
N PHE B 5 13.37 3.67 -3.56
CA PHE B 5 13.64 5.05 -2.99
C PHE B 5 13.31 6.23 -3.92
N PHE B 6 13.94 6.37 -5.06
CA PHE B 6 13.63 7.53 -5.97
C PHE B 6 12.48 7.17 -6.92
N LYS B 7 12.45 5.97 -7.44
CA LYS B 7 11.34 5.58 -8.35
C LYS B 7 10.27 4.98 -7.45
N ARG B 8 10.56 4.96 -6.18
CA ARG B 8 9.62 4.38 -5.22
C ARG B 8 8.44 5.34 -5.09
N ASN B 9 8.71 6.62 -4.99
CA ASN B 9 7.60 7.61 -4.87
C ASN B 9 6.60 7.38 -5.99
N ARG B 10 5.37 7.06 -5.66
CA ARG B 10 4.31 6.81 -6.70
C ARG B 10 4.52 7.72 -7.92
N PRO B 11 5.14 7.22 -8.97
CA PRO B 11 5.40 8.03 -10.20
C PRO B 11 4.25 7.92 -11.23
N PRO B 12 3.50 8.98 -11.45
CA PRO B 12 2.36 8.95 -12.43
C PRO B 12 2.77 8.27 -13.75
N LEU B 13 3.63 8.89 -14.51
CA LEU B 13 4.07 8.29 -15.80
C LEU B 13 5.46 8.83 -16.16
N GLU B 14 5.52 10.08 -16.54
CA GLU B 14 6.84 10.68 -16.91
C GLU B 14 7.60 9.73 -17.85
N GLU B 15 7.26 9.73 -19.11
CA GLU B 15 7.96 8.83 -20.06
C GLU B 15 9.47 9.05 -19.94
N ASP B 16 9.91 10.27 -19.99
CA ASP B 16 11.38 10.56 -19.89
C ASP B 16 11.58 11.99 -19.40
N ASP B 17 10.65 12.51 -18.64
CA ASP B 17 10.79 13.90 -18.14
C ASP B 17 11.73 13.91 -16.93
N GLU B 18 12.36 12.81 -16.64
CA GLU B 18 13.28 12.75 -15.48
C GLU B 18 14.23 11.56 -15.62
N GLU B 19 15.23 11.68 -16.46
CA GLU B 19 16.18 10.54 -16.64
C GLU B 19 17.11 10.45 -15.43
N GLY B 20 16.54 10.38 -14.25
CA GLY B 20 17.40 10.29 -13.03
C GLY B 20 18.03 11.65 -12.75
N GLU B 21 18.47 12.34 -13.77
CA GLU B 21 19.11 13.68 -13.56
C GLU B 21 18.94 14.52 -14.83
N LYS C 1 20.73 -4.04 6.18
CA LYS C 1 19.73 -4.77 5.36
C LYS C 1 18.39 -4.78 6.11
N LYS C 2 18.23 -3.89 7.05
CA LYS C 2 16.96 -3.84 7.83
C LYS C 2 16.94 -2.56 8.67
N LYS C 3 17.16 -1.43 8.05
CA LYS C 3 17.16 -0.16 8.82
C LYS C 3 16.95 1.02 7.85
N ILE C 4 17.14 0.81 6.58
CA ILE C 4 16.96 1.92 5.61
C ILE C 4 15.51 2.42 5.68
N THR C 5 14.56 1.53 5.70
CA THR C 5 13.13 1.97 5.78
C THR C 5 12.99 2.95 6.94
N ILE C 6 13.41 2.56 8.11
CA ILE C 6 13.31 3.46 9.29
C ILE C 6 13.85 4.84 8.92
N HIS C 7 14.99 4.90 8.27
CA HIS C 7 15.55 6.22 7.88
C HIS C 7 14.58 6.93 6.95
N ASP C 8 13.90 6.19 6.11
CA ASP C 8 12.92 6.82 5.17
C ASP C 8 11.66 7.19 5.93
N ARG C 9 11.45 6.62 7.09
CA ARG C 9 10.23 6.93 7.88
C ARG C 9 10.01 8.43 7.95
N LYS C 10 11.02 9.18 8.30
CA LYS C 10 10.86 10.65 8.41
C LYS C 10 10.82 11.28 7.02
N GLU C 11 11.76 10.95 6.18
CA GLU C 11 11.77 11.54 4.80
C GLU C 11 10.36 11.48 4.23
N PHE C 12 9.67 10.42 4.53
CA PHE C 12 8.28 10.27 4.05
C PHE C 12 7.37 11.15 4.90
N ALA C 13 7.51 11.07 6.19
CA ALA C 13 6.66 11.89 7.09
C ALA C 13 6.91 13.37 6.80
N LYS C 14 8.09 13.72 6.36
CA LYS C 14 8.40 15.15 6.06
C LYS C 14 8.01 15.46 4.62
N PHE C 15 8.36 14.60 3.71
CA PHE C 15 8.05 14.85 2.27
C PHE C 15 6.60 15.31 2.12
N GLU C 16 5.80 15.14 3.12
CA GLU C 16 4.38 15.59 3.04
C GLU C 16 4.29 16.98 3.65
N GLU C 17 5.03 17.20 4.68
CA GLU C 17 5.04 18.53 5.32
C GLU C 17 5.81 19.46 4.39
N GLU C 18 6.44 18.86 3.42
CA GLU C 18 7.22 19.64 2.43
C GLU C 18 6.24 20.20 1.40
N ARG C 19 5.54 19.34 0.71
CA ARG C 19 4.55 19.80 -0.29
C ARG C 19 3.25 20.17 0.42
N ALA C 20 3.15 19.84 1.67
CA ALA C 20 1.91 20.17 2.44
C ALA C 20 0.69 19.59 1.72
N ARG C 21 -0.49 20.00 2.09
CA ARG C 21 -1.71 19.47 1.41
C ARG C 21 -2.86 20.47 1.61
N ALA C 22 -4.07 20.01 1.51
CA ALA C 22 -5.23 20.93 1.69
C ALA C 22 -6.46 20.14 2.15
N LYS C 23 -7.59 20.77 2.22
CA LYS C 23 -8.82 20.05 2.67
C LYS C 23 -9.14 18.93 1.69
N TRP C 24 -10.31 18.36 1.78
CA TRP C 24 -10.68 17.26 0.85
C TRP C 24 -10.57 17.75 -0.59
N ASP C 25 -9.72 17.14 -1.39
CA ASP C 25 -9.57 17.58 -2.80
C ASP C 25 -10.86 17.26 -3.57
N THR C 26 -11.17 18.06 -4.56
CA THR C 26 -12.40 17.80 -5.35
C THR C 26 -12.50 16.32 -5.72
N ALA C 27 -13.65 15.74 -5.57
CA ALA C 27 -13.81 14.30 -5.91
C ALA C 27 -13.88 14.13 -7.43
N ASN C 28 -15.06 13.89 -7.95
CA ASN C 28 -15.19 13.73 -9.43
C ASN C 28 -14.11 12.79 -9.95
N ASN C 29 -13.80 11.76 -9.20
CA ASN C 29 -12.75 10.78 -9.62
C ASN C 29 -13.37 9.39 -9.81
N PRO C 30 -13.96 9.12 -10.95
CA PRO C 30 -14.59 7.80 -11.24
C PRO C 30 -13.69 6.62 -10.85
N LEU C 31 -12.64 6.39 -11.61
CA LEU C 31 -11.74 5.25 -11.28
C LEU C 31 -10.73 5.71 -10.21
N TYR C 32 -10.75 5.10 -9.06
CA TYR C 32 -9.80 5.51 -7.99
C TYR C 32 -8.41 4.92 -8.29
N LYS C 33 -7.44 5.23 -7.47
CA LYS C 33 -6.07 4.70 -7.70
C LYS C 33 -5.16 5.07 -6.53
N GLU C 34 -5.70 5.13 -5.34
CA GLU C 34 -4.85 5.49 -4.17
C GLU C 34 -3.66 4.54 -4.09
N ALA C 35 -2.90 4.58 -3.03
CA ALA C 35 -1.74 3.68 -2.90
C ALA C 35 -1.48 3.42 -1.42
N THR C 36 -0.41 2.74 -1.08
CA THR C 36 -0.10 2.48 0.36
C THR C 36 1.40 2.66 0.59
N SER C 37 1.86 3.89 0.59
CA SER C 37 3.32 4.15 0.80
C SER C 37 3.56 4.56 2.26
N THR C 38 4.02 3.65 3.08
CA THR C 38 4.26 3.99 4.51
C THR C 38 4.98 2.83 5.20
N PHE C 39 5.17 2.92 6.48
CA PHE C 39 5.86 1.82 7.22
C PHE C 39 5.73 2.04 8.72
N THR C 40 4.51 2.10 9.21
CA THR C 40 4.31 2.31 10.67
C THR C 40 2.88 1.92 11.04
N ASN C 41 2.71 1.23 12.14
CA ASN C 41 1.34 0.81 12.56
C ASN C 41 0.56 2.05 13.02
N ILE C 42 -0.73 1.93 13.16
CA ILE C 42 -1.55 3.09 13.61
C ILE C 42 -0.92 3.70 14.86
N THR C 43 -1.26 4.92 15.17
CA THR C 43 -0.69 5.57 16.38
C THR C 43 -0.83 4.63 17.58
N TYR C 44 -1.94 3.93 17.67
CA TYR C 44 -2.14 2.99 18.81
C TYR C 44 -1.31 1.73 18.59
N ARG C 45 -0.30 1.50 19.38
CA ARG C 45 0.53 0.29 19.21
C ARG C 45 -0.25 -0.94 19.70
N GLY C 46 0.31 -2.11 19.54
CA GLY C 46 -0.40 -3.34 20.00
C GLY C 46 -0.58 -3.29 21.52
N THR C 47 -1.35 -4.20 22.05
CA THR C 47 -1.56 -4.21 23.53
C THR C 47 -0.24 -4.48 24.24
N GLY A 1 17.06 -6.14 -2.37
CA GLY A 1 15.66 -6.29 -2.84
C GLY A 1 14.94 -7.33 -1.98
N GLY A 2 14.19 -8.21 -2.60
CA GLY A 2 13.45 -9.27 -1.84
C GLY A 2 12.02 -9.37 -2.37
N ALA A 3 11.70 -8.63 -3.40
CA ALA A 3 10.31 -8.70 -3.96
C ALA A 3 9.93 -10.17 -4.16
N HIS A 4 10.90 -11.05 -4.11
CA HIS A 4 10.62 -12.50 -4.29
C HIS A 4 10.37 -13.10 -2.91
N LYS A 5 11.16 -12.73 -1.94
CA LYS A 5 10.97 -13.26 -0.58
C LYS A 5 9.79 -12.52 0.06
N VAL A 6 8.95 -11.94 -0.76
CA VAL A 6 7.79 -11.19 -0.22
C VAL A 6 6.73 -12.16 0.32
N ARG A 7 6.02 -11.78 1.34
CA ARG A 7 4.94 -12.65 1.91
C ARG A 7 3.60 -12.11 1.42
N ALA A 8 2.67 -12.95 1.08
CA ALA A 8 1.35 -12.44 0.60
C ALA A 8 0.27 -13.49 0.86
N GLY A 9 -0.80 -13.09 1.50
CA GLY A 9 -1.90 -14.05 1.79
C GLY A 9 -2.89 -13.40 2.76
N GLY A 10 -4.10 -13.89 2.83
CA GLY A 10 -5.08 -13.29 3.75
C GLY A 10 -6.50 -13.69 3.36
N PRO A 11 -7.44 -13.50 4.24
CA PRO A 11 -8.87 -13.83 3.98
C PRO A 11 -9.54 -12.79 3.09
N GLY A 12 -8.94 -11.63 2.98
CA GLY A 12 -9.53 -10.54 2.14
C GLY A 12 -8.85 -10.53 0.78
N LEU A 13 -7.63 -11.00 0.71
CA LEU A 13 -6.91 -11.01 -0.60
C LEU A 13 -7.62 -12.00 -1.54
N GLU A 14 -8.34 -12.94 -0.97
CA GLU A 14 -9.07 -13.93 -1.81
C GLU A 14 -10.45 -13.37 -2.20
N ARG A 15 -11.12 -12.74 -1.28
CA ARG A 15 -12.47 -12.17 -1.58
C ARG A 15 -12.98 -11.45 -0.33
N ALA A 16 -14.12 -10.83 -0.41
CA ALA A 16 -14.65 -10.12 0.78
C ALA A 16 -16.09 -9.68 0.51
N GLU A 17 -16.58 -8.71 1.24
CA GLU A 17 -17.97 -8.23 1.04
C GLU A 17 -17.96 -6.72 0.77
N ALA A 18 -18.95 -6.25 0.08
CA ALA A 18 -19.04 -4.78 -0.22
C ALA A 18 -19.26 -4.03 1.09
N GLY A 19 -18.54 -2.97 1.31
CA GLY A 19 -18.72 -2.20 2.58
C GLY A 19 -18.11 -2.97 3.75
N VAL A 20 -17.10 -3.77 3.49
CA VAL A 20 -16.46 -4.56 4.59
C VAL A 20 -14.92 -4.45 4.48
N PRO A 21 -14.25 -3.99 5.51
CA PRO A 21 -12.76 -3.84 5.49
C PRO A 21 -12.05 -5.03 4.81
N ALA A 22 -11.53 -4.85 3.63
CA ALA A 22 -10.80 -5.97 2.96
C ALA A 22 -9.41 -6.09 3.60
N GLU A 23 -9.21 -7.06 4.44
CA GLU A 23 -7.90 -7.21 5.13
C GLU A 23 -6.96 -8.12 4.34
N PHE A 24 -5.73 -8.17 4.76
CA PHE A 24 -4.71 -9.04 4.12
C PHE A 24 -3.37 -8.84 4.81
N SER A 25 -2.42 -9.70 4.53
CA SER A 25 -1.06 -9.57 5.17
C SER A 25 0.03 -9.60 4.11
N ILE A 26 0.91 -8.64 4.15
CA ILE A 26 2.03 -8.58 3.16
C ILE A 26 3.29 -8.17 3.92
N TRP A 27 4.12 -9.12 4.27
CA TRP A 27 5.37 -8.81 5.02
C TRP A 27 6.52 -8.64 4.03
N THR A 28 7.37 -7.68 4.25
CA THR A 28 8.50 -7.45 3.33
C THR A 28 9.54 -6.55 4.00
N ARG A 29 9.43 -6.35 5.28
CA ARG A 29 10.41 -5.49 6.00
C ARG A 29 11.74 -6.24 6.11
N GLU A 30 11.71 -7.46 6.57
CA GLU A 30 12.98 -8.24 6.70
C GLU A 30 13.48 -8.61 5.30
N ALA A 31 12.57 -8.81 4.37
CA ALA A 31 13.00 -9.16 2.99
C ALA A 31 13.94 -8.08 2.45
N GLY A 32 14.12 -7.03 3.20
CA GLY A 32 15.02 -5.92 2.75
C GLY A 32 14.45 -4.58 3.22
N ALA A 33 15.22 -3.83 3.97
CA ALA A 33 14.72 -2.51 4.45
C ALA A 33 14.29 -1.67 3.25
N GLY A 34 13.49 -0.65 3.48
CA GLY A 34 13.04 0.22 2.35
C GLY A 34 11.60 0.66 2.58
N GLY A 35 11.08 1.51 1.73
CA GLY A 35 9.67 2.00 1.90
C GLY A 35 8.72 1.07 1.15
N LEU A 36 7.46 1.10 1.47
CA LEU A 36 6.46 0.22 0.79
C LEU A 36 5.81 0.99 -0.37
N ALA A 37 5.55 0.32 -1.45
CA ALA A 37 4.91 0.99 -2.63
C ALA A 37 3.86 0.02 -3.18
N ILE A 38 2.61 0.30 -2.99
CA ILE A 38 1.54 -0.62 -3.47
C ILE A 38 0.45 0.22 -4.11
N ALA A 39 -0.34 -0.36 -4.96
CA ALA A 39 -1.43 0.42 -5.63
C ALA A 39 -2.77 -0.24 -5.27
N VAL A 40 -3.59 0.42 -4.50
CA VAL A 40 -4.90 -0.18 -4.14
C VAL A 40 -5.93 0.30 -5.16
N GLU A 41 -6.36 -0.60 -6.01
CA GLU A 41 -7.33 -0.24 -7.06
C GLU A 41 -8.73 -0.65 -6.61
N GLY A 42 -9.72 -0.04 -7.17
CA GLY A 42 -11.12 -0.38 -6.79
C GLY A 42 -12.08 0.63 -7.47
N PRO A 43 -13.24 0.21 -7.90
CA PRO A 43 -14.22 1.12 -8.56
C PRO A 43 -15.06 1.92 -7.54
N SER A 44 -14.63 1.96 -6.29
CA SER A 44 -15.41 2.70 -5.26
C SER A 44 -14.42 3.44 -4.36
N LYS A 45 -14.91 3.94 -3.26
CA LYS A 45 -14.03 4.66 -2.32
C LYS A 45 -12.92 3.68 -1.87
N ALA A 46 -12.27 3.99 -0.77
CA ALA A 46 -11.19 3.09 -0.28
C ALA A 46 -10.59 3.72 0.98
N GLU A 47 -10.74 3.08 2.10
CA GLU A 47 -10.20 3.63 3.38
C GLU A 47 -8.81 3.05 3.65
N ILE A 48 -7.79 3.86 3.48
CA ILE A 48 -6.41 3.37 3.74
C ILE A 48 -6.11 3.43 5.24
N SER A 49 -5.79 2.31 5.83
CA SER A 49 -5.50 2.30 7.30
C SER A 49 -4.77 1.01 7.67
N PHE A 50 -3.94 1.05 8.68
CA PHE A 50 -3.21 -0.17 9.11
C PHE A 50 -3.96 -0.84 10.26
N GLU A 51 -3.60 -2.05 10.61
CA GLU A 51 -4.30 -2.75 11.73
C GLU A 51 -3.31 -3.64 12.47
N ASP A 52 -3.33 -3.60 13.78
CA ASP A 52 -2.39 -4.45 14.57
C ASP A 52 -3.11 -5.72 15.03
N ARG A 53 -2.65 -6.86 14.60
CA ARG A 53 -3.31 -8.13 15.00
C ARG A 53 -2.79 -8.57 16.38
N LYS A 54 -3.38 -9.58 16.96
CA LYS A 54 -2.92 -10.06 18.29
C LYS A 54 -1.39 -10.21 18.27
N ASP A 55 -0.89 -10.97 17.35
CA ASP A 55 0.58 -11.18 17.26
C ASP A 55 1.25 -9.90 16.74
N GLY A 56 0.47 -8.92 16.37
CA GLY A 56 1.07 -7.65 15.86
C GLY A 56 1.47 -7.82 14.40
N SER A 57 0.81 -8.68 13.68
CA SER A 57 1.16 -8.90 12.25
C SER A 57 1.28 -7.55 11.54
N CYS A 58 1.67 -7.55 10.29
CA CYS A 58 1.81 -6.29 9.51
C CYS A 58 0.91 -6.32 8.28
N GLY A 59 -0.39 -6.30 8.49
CA GLY A 59 -1.35 -6.34 7.35
C GLY A 59 -2.14 -5.02 7.30
N VAL A 60 -2.52 -4.60 6.11
CA VAL A 60 -3.29 -3.32 5.98
C VAL A 60 -4.76 -3.65 5.65
N ALA A 61 -5.66 -2.74 5.93
CA ALA A 61 -7.12 -2.99 5.66
C ALA A 61 -7.67 -1.92 4.71
N TYR A 62 -8.65 -2.29 3.92
CA TYR A 62 -9.25 -1.31 2.96
C TYR A 62 -10.74 -1.60 2.81
N VAL A 63 -11.58 -0.62 3.03
CA VAL A 63 -13.05 -0.83 2.88
C VAL A 63 -13.47 -0.44 1.47
N VAL A 64 -14.58 -0.95 1.00
CA VAL A 64 -15.04 -0.61 -0.38
C VAL A 64 -16.58 -0.58 -0.37
N GLN A 65 -17.18 0.22 -1.21
CA GLN A 65 -18.68 0.34 -1.24
C GLN A 65 -19.28 -0.29 -2.49
N GLU A 66 -18.52 -0.40 -3.53
CA GLU A 66 -19.09 -0.96 -4.79
C GLU A 66 -19.11 -2.50 -4.74
N PRO A 67 -20.26 -3.13 -4.82
CA PRO A 67 -20.34 -4.61 -4.82
C PRO A 67 -19.99 -5.18 -6.19
N GLY A 68 -19.08 -6.10 -6.28
CA GLY A 68 -18.72 -6.66 -7.60
C GLY A 68 -17.27 -7.14 -7.57
N ASP A 69 -16.54 -6.93 -8.64
CA ASP A 69 -15.11 -7.37 -8.69
C ASP A 69 -14.18 -6.17 -8.61
N TYR A 70 -13.57 -5.96 -7.47
CA TYR A 70 -12.60 -4.84 -7.31
C TYR A 70 -11.19 -5.45 -7.36
N GLU A 71 -10.14 -4.68 -7.20
CA GLU A 71 -8.79 -5.31 -7.31
C GLU A 71 -7.75 -4.50 -6.54
N VAL A 72 -6.86 -5.19 -5.85
CA VAL A 72 -5.79 -4.51 -5.07
C VAL A 72 -4.43 -4.84 -5.69
N SER A 73 -3.77 -3.86 -6.26
CA SER A 73 -2.44 -4.14 -6.87
C SER A 73 -1.39 -4.26 -5.76
N VAL A 74 -0.20 -4.69 -6.08
CA VAL A 74 0.87 -4.82 -5.03
C VAL A 74 2.23 -4.54 -5.65
N LYS A 75 3.11 -3.88 -4.92
CA LYS A 75 4.45 -3.57 -5.47
C LYS A 75 5.47 -3.43 -4.32
N PHE A 76 6.71 -3.73 -4.60
CA PHE A 76 7.78 -3.60 -3.57
C PHE A 76 8.96 -2.87 -4.21
N ASN A 77 9.39 -1.78 -3.64
CA ASN A 77 10.52 -1.01 -4.25
C ASN A 77 10.19 -0.75 -5.72
N GLU A 78 8.92 -0.74 -6.05
CA GLU A 78 8.49 -0.50 -7.46
C GLU A 78 8.74 -1.76 -8.28
N GLU A 79 8.51 -2.92 -7.70
CA GLU A 79 8.73 -4.20 -8.42
C GLU A 79 7.51 -5.11 -8.26
N HIS A 80 6.57 -5.03 -9.17
CA HIS A 80 5.36 -5.90 -9.09
C HIS A 80 5.80 -7.33 -8.76
N ILE A 81 5.51 -7.80 -7.58
CA ILE A 81 5.93 -9.18 -7.21
C ILE A 81 5.29 -10.19 -8.18
N PRO A 82 5.94 -11.30 -8.46
CA PRO A 82 5.38 -12.33 -9.40
C PRO A 82 3.88 -12.61 -9.17
N ASP A 83 3.30 -13.39 -10.04
CA ASP A 83 1.85 -13.77 -9.92
C ASP A 83 0.94 -12.53 -9.97
N SER A 84 1.18 -11.53 -9.17
CA SER A 84 0.31 -10.33 -9.19
C SER A 84 0.05 -9.89 -10.65
N PRO A 85 -0.95 -9.05 -10.88
CA PRO A 85 -1.85 -8.47 -9.82
C PRO A 85 -2.87 -9.51 -9.30
N PHE A 86 -3.35 -9.34 -8.08
CA PHE A 86 -4.32 -10.31 -7.50
C PHE A 86 -5.75 -9.78 -7.61
N VAL A 87 -6.63 -10.56 -8.16
CA VAL A 87 -8.06 -10.14 -8.26
C VAL A 87 -8.71 -10.44 -6.91
N VAL A 88 -9.73 -9.70 -6.54
CA VAL A 88 -10.39 -9.94 -5.23
C VAL A 88 -11.90 -9.70 -5.36
N PRO A 89 -12.66 -10.70 -5.76
CA PRO A 89 -14.14 -10.58 -5.92
C PRO A 89 -14.85 -10.21 -4.62
N VAL A 90 -15.53 -9.07 -4.58
CA VAL A 90 -16.26 -8.71 -3.32
C VAL A 90 -17.63 -9.39 -3.38
N ALA A 91 -17.89 -10.23 -2.41
CA ALA A 91 -19.19 -10.95 -2.38
C ALA A 91 -20.28 -10.00 -1.88
N SER A 92 -21.51 -10.45 -1.84
CA SER A 92 -22.60 -9.57 -1.35
C SER A 92 -22.73 -9.69 0.18
N PRO A 93 -23.19 -8.66 0.85
CA PRO A 93 -23.36 -8.67 2.32
C PRO A 93 -23.75 -10.05 2.85
N SER A 94 -23.33 -10.38 4.05
CA SER A 94 -23.71 -11.70 4.61
C SER A 94 -25.21 -11.92 4.41
N GLY A 95 -25.59 -12.59 3.37
CA GLY A 95 -27.04 -12.81 3.13
C GLY A 95 -27.24 -13.39 1.74
N TRP B 1 13.56 0.31 -0.83
CA TRP B 1 14.54 1.26 -1.41
C TRP B 1 15.05 0.70 -2.74
N LYS B 2 16.33 0.45 -2.86
CA LYS B 2 16.87 -0.08 -4.15
C LYS B 2 16.29 0.72 -5.29
N VAL B 3 16.23 0.18 -6.48
CA VAL B 3 15.66 0.95 -7.62
C VAL B 3 14.42 1.68 -7.13
N GLY B 4 13.82 1.20 -6.10
CA GLY B 4 12.64 1.89 -5.57
C GLY B 4 12.96 3.38 -5.36
N PHE B 5 13.39 3.71 -4.18
CA PHE B 5 13.70 5.14 -3.77
C PHE B 5 13.45 6.22 -4.86
N PHE B 6 14.10 6.18 -6.00
CA PHE B 6 13.86 7.23 -7.04
C PHE B 6 12.70 6.82 -7.96
N LYS B 7 12.60 5.56 -8.30
CA LYS B 7 11.46 5.13 -9.15
C LYS B 7 10.35 4.72 -8.20
N ARG B 8 10.65 4.80 -6.93
CA ARG B 8 9.67 4.42 -5.92
C ARG B 8 8.55 5.45 -5.91
N ASN B 9 8.91 6.71 -6.03
CA ASN B 9 7.86 7.78 -6.02
C ASN B 9 6.67 7.37 -6.88
N ARG B 10 5.67 6.78 -6.26
CA ARG B 10 4.47 6.33 -7.03
C ARG B 10 4.04 7.43 -8.02
N PRO B 11 3.63 8.58 -7.55
CA PRO B 11 3.20 9.71 -8.43
C PRO B 11 4.36 10.21 -9.31
N PRO B 12 4.05 10.93 -10.35
CA PRO B 12 5.08 11.48 -11.28
C PRO B 12 5.84 12.68 -10.66
N LEU B 13 6.76 12.41 -9.79
CA LEU B 13 7.53 13.52 -9.14
C LEU B 13 8.67 13.96 -10.08
N GLU B 14 8.35 14.35 -11.28
CA GLU B 14 9.42 14.79 -12.23
C GLU B 14 9.67 16.29 -12.06
N GLU B 15 10.48 16.66 -11.11
CA GLU B 15 10.77 18.10 -10.90
C GLU B 15 11.92 18.25 -9.88
N ASP B 16 11.89 17.48 -8.82
CA ASP B 16 12.97 17.59 -7.81
C ASP B 16 14.27 17.05 -8.39
N ASP B 17 15.38 17.30 -7.73
CA ASP B 17 16.69 16.80 -8.25
C ASP B 17 16.69 15.28 -8.25
N GLU B 18 16.63 14.67 -9.40
CA GLU B 18 16.63 13.19 -9.46
C GLU B 18 16.86 12.73 -10.91
N GLU B 19 18.05 12.86 -11.39
CA GLU B 19 18.34 12.43 -12.80
C GLU B 19 18.50 10.91 -12.84
N GLY B 20 19.27 10.42 -13.78
CA GLY B 20 19.47 8.94 -13.88
C GLY B 20 20.23 8.62 -15.17
N GLU B 21 19.52 8.57 -16.28
CA GLU B 21 20.20 8.25 -17.57
C GLU B 21 19.22 8.47 -18.73
N LYS C 1 19.61 -4.83 6.63
CA LYS C 1 18.30 -5.01 5.94
C LYS C 1 17.17 -4.68 6.92
N LYS C 2 17.40 -3.78 7.84
CA LYS C 2 16.34 -3.42 8.82
C LYS C 2 16.60 -2.02 9.36
N LYS C 3 16.43 -1.00 8.56
CA LYS C 3 16.68 0.38 9.06
C LYS C 3 16.33 1.40 7.97
N ILE C 4 16.60 1.08 6.73
CA ILE C 4 16.30 2.05 5.63
C ILE C 4 14.79 2.36 5.63
N THR C 5 13.97 1.37 5.82
CA THR C 5 12.50 1.61 5.82
C THR C 5 12.19 2.77 6.77
N ILE C 6 12.78 2.78 7.93
CA ILE C 6 12.53 3.87 8.90
C ILE C 6 12.95 5.22 8.29
N HIS C 7 14.14 5.31 7.79
CA HIS C 7 14.60 6.59 7.18
C HIS C 7 13.55 7.08 6.19
N ASP C 8 12.95 6.19 5.44
CA ASP C 8 11.93 6.63 4.45
C ASP C 8 10.70 7.15 5.18
N ARG C 9 10.31 6.51 6.25
CA ARG C 9 9.12 6.97 7.01
C ARG C 9 9.18 8.48 7.22
N LYS C 10 10.35 9.03 7.36
CA LYS C 10 10.48 10.49 7.57
C LYS C 10 10.34 11.23 6.23
N GLU C 11 10.53 10.56 5.13
CA GLU C 11 10.41 11.26 3.82
C GLU C 11 9.07 11.98 3.76
N PHE C 12 8.07 11.41 4.35
CA PHE C 12 6.72 12.05 4.35
C PHE C 12 6.69 13.14 5.42
N ALA C 13 7.29 12.87 6.55
CA ALA C 13 7.31 13.87 7.65
C ALA C 13 8.00 15.15 7.18
N LYS C 14 9.00 15.04 6.34
CA LYS C 14 9.72 16.26 5.86
C LYS C 14 9.09 16.75 4.55
N PHE C 15 8.50 15.88 3.79
CA PHE C 15 7.88 16.33 2.52
C PHE C 15 6.80 17.35 2.81
N GLU C 16 6.41 17.47 4.04
CA GLU C 16 5.35 18.48 4.41
C GLU C 16 6.06 19.74 4.86
N GLU C 17 7.14 19.57 5.56
CA GLU C 17 7.92 20.74 6.01
C GLU C 17 8.60 21.32 4.79
N GLU C 18 8.56 20.57 3.72
CA GLU C 18 9.16 21.01 2.45
C GLU C 18 8.22 22.00 1.77
N ARG C 19 7.02 21.56 1.48
CA ARG C 19 6.04 22.46 0.83
C ARG C 19 5.32 23.27 1.92
N ALA C 20 5.53 22.91 3.16
CA ALA C 20 4.87 23.63 4.28
C ALA C 20 3.37 23.31 4.26
N ARG C 21 2.88 22.67 5.28
CA ARG C 21 1.43 22.34 5.32
C ARG C 21 1.04 21.59 4.04
N ALA C 22 -0.15 21.08 3.98
CA ALA C 22 -0.59 20.34 2.77
C ALA C 22 -2.12 20.34 2.70
N LYS C 23 -2.67 20.31 1.51
CA LYS C 23 -4.16 20.31 1.36
C LYS C 23 -4.67 18.87 1.34
N TRP C 24 -5.95 18.67 1.49
CA TRP C 24 -6.50 17.30 1.47
C TRP C 24 -6.66 16.82 0.02
N ASP C 25 -6.83 15.54 -0.19
CA ASP C 25 -6.97 15.02 -1.57
C ASP C 25 -8.41 15.25 -2.04
N THR C 26 -8.62 15.31 -3.33
CA THR C 26 -10.00 15.52 -3.86
C THR C 26 -9.98 15.39 -5.39
N ALA C 27 -9.03 14.67 -5.92
CA ALA C 27 -8.96 14.50 -7.41
C ALA C 27 -10.15 13.68 -7.88
N ASN C 28 -11.03 14.28 -8.65
CA ASN C 28 -12.22 13.53 -9.16
C ASN C 28 -11.82 12.72 -10.39
N ASN C 29 -10.80 11.91 -10.28
CA ASN C 29 -10.36 11.08 -11.44
C ASN C 29 -11.23 9.81 -11.51
N PRO C 30 -11.41 9.26 -12.69
CA PRO C 30 -12.22 8.01 -12.86
C PRO C 30 -11.53 6.79 -12.24
N LEU C 31 -12.23 5.70 -12.10
CA LEU C 31 -11.60 4.49 -11.49
C LEU C 31 -10.95 4.88 -10.17
N TYR C 32 -11.62 4.68 -9.07
CA TYR C 32 -11.02 5.04 -7.75
C TYR C 32 -9.77 4.18 -7.52
N LYS C 33 -8.77 4.73 -6.91
CA LYS C 33 -7.53 3.96 -6.65
C LYS C 33 -6.56 4.80 -5.81
N GLU C 34 -5.46 4.22 -5.41
CA GLU C 34 -4.47 4.97 -4.59
C GLU C 34 -3.27 4.05 -4.32
N ALA C 35 -2.40 4.43 -3.42
CA ALA C 35 -1.22 3.57 -3.12
C ALA C 35 -0.78 3.83 -1.69
N THR C 36 -0.03 2.92 -1.10
CA THR C 36 0.43 3.13 0.29
C THR C 36 1.80 3.79 0.27
N SER C 37 1.95 4.94 0.88
CA SER C 37 3.27 5.64 0.89
C SER C 37 4.09 5.19 2.09
N THR C 38 5.34 4.86 1.89
CA THR C 38 6.18 4.42 3.03
C THR C 38 5.46 3.31 3.81
N PHE C 39 5.90 3.06 5.01
CA PHE C 39 5.23 1.99 5.83
C PHE C 39 3.96 2.55 6.46
N THR C 40 3.89 3.84 6.65
CA THR C 40 2.68 4.45 7.26
C THR C 40 2.40 3.76 8.60
N ASN C 41 3.18 4.06 9.61
CA ASN C 41 2.95 3.43 10.94
C ASN C 41 1.79 4.14 11.65
N ILE C 42 0.82 3.39 12.10
CA ILE C 42 -0.34 4.02 12.80
C ILE C 42 0.11 4.50 14.18
N THR C 43 -0.51 5.52 14.70
CA THR C 43 -0.13 6.04 16.05
C THR C 43 -0.05 4.87 17.03
N TYR C 44 -1.08 4.07 17.11
CA TYR C 44 -1.05 2.92 18.05
C TYR C 44 0.03 1.92 17.63
N ARG C 45 1.22 2.07 18.13
CA ARG C 45 2.32 1.13 17.75
C ARG C 45 1.86 -0.31 18.02
N GLY C 46 2.61 -1.27 17.54
CA GLY C 46 2.22 -2.69 17.78
C GLY C 46 2.54 -3.08 19.22
N THR C 47 3.80 -3.31 19.52
CA THR C 47 4.18 -3.69 20.90
C THR C 47 4.09 -2.46 21.81
N GLY A 1 16.18 -5.68 -3.37
CA GLY A 1 14.94 -6.19 -4.03
C GLY A 1 14.03 -6.83 -2.99
N GLY A 2 13.87 -8.12 -3.02
CA GLY A 2 12.99 -8.80 -2.03
C GLY A 2 11.57 -8.92 -2.58
N ALA A 3 11.29 -8.23 -3.67
CA ALA A 3 9.92 -8.33 -4.26
C ALA A 3 9.55 -9.79 -4.43
N HIS A 4 10.53 -10.66 -4.32
CA HIS A 4 10.27 -12.12 -4.47
C HIS A 4 10.10 -12.72 -3.08
N LYS A 5 10.88 -12.25 -2.15
CA LYS A 5 10.78 -12.76 -0.76
C LYS A 5 9.55 -12.14 -0.11
N VAL A 6 8.70 -11.57 -0.91
CA VAL A 6 7.48 -10.92 -0.38
C VAL A 6 6.42 -11.98 -0.04
N ARG A 7 5.70 -11.81 1.04
CA ARG A 7 4.64 -12.79 1.38
C ARG A 7 3.33 -12.25 0.83
N ALA A 8 2.77 -12.89 -0.16
CA ALA A 8 1.47 -12.39 -0.75
C ALA A 8 0.33 -13.28 -0.29
N GLY A 9 -0.64 -12.71 0.39
CA GLY A 9 -1.78 -13.53 0.85
C GLY A 9 -2.71 -12.69 1.73
N GLY A 10 -3.85 -13.23 2.08
CA GLY A 10 -4.82 -12.47 2.92
C GLY A 10 -6.24 -12.83 2.50
N PRO A 11 -7.19 -12.68 3.38
CA PRO A 11 -8.62 -12.99 3.07
C PRO A 11 -9.20 -12.00 2.05
N GLY A 12 -8.46 -10.97 1.75
CA GLY A 12 -8.94 -9.95 0.78
C GLY A 12 -8.32 -10.23 -0.60
N LEU A 13 -7.17 -10.84 -0.64
CA LEU A 13 -6.54 -11.12 -1.96
C LEU A 13 -7.41 -12.14 -2.69
N GLU A 14 -8.27 -12.83 -1.97
CA GLU A 14 -9.16 -13.84 -2.61
C GLU A 14 -10.53 -13.22 -2.88
N ARG A 15 -11.04 -12.48 -1.92
CA ARG A 15 -12.38 -11.83 -2.10
C ARG A 15 -12.72 -11.07 -0.82
N ALA A 16 -13.82 -10.37 -0.81
CA ALA A 16 -14.19 -9.61 0.42
C ALA A 16 -15.66 -9.22 0.33
N GLU A 17 -16.07 -8.23 1.08
CA GLU A 17 -17.51 -7.81 1.06
C GLU A 17 -17.60 -6.29 0.87
N ALA A 18 -18.60 -5.87 0.18
CA ALA A 18 -18.81 -4.41 -0.06
C ALA A 18 -19.16 -3.76 1.28
N GLY A 19 -18.73 -2.55 1.50
CA GLY A 19 -19.07 -1.86 2.79
C GLY A 19 -18.54 -2.69 3.98
N VAL A 20 -17.48 -3.44 3.77
CA VAL A 20 -16.92 -4.27 4.89
C VAL A 20 -15.37 -4.17 4.88
N PRO A 21 -14.75 -3.76 5.97
CA PRO A 21 -13.26 -3.65 6.03
C PRO A 21 -12.54 -4.82 5.34
N ALA A 22 -12.07 -4.61 4.14
CA ALA A 22 -11.34 -5.70 3.43
C ALA A 22 -9.91 -5.75 3.97
N GLU A 23 -9.46 -6.90 4.43
CA GLU A 23 -8.08 -7.00 4.99
C GLU A 23 -7.15 -7.69 3.99
N PHE A 24 -5.87 -7.54 4.19
CA PHE A 24 -4.87 -8.18 3.30
C PHE A 24 -3.57 -8.37 4.09
N SER A 25 -2.69 -9.26 3.65
CA SER A 25 -1.41 -9.47 4.40
C SER A 25 -0.23 -9.44 3.42
N ILE A 26 0.69 -8.55 3.64
CA ILE A 26 1.89 -8.44 2.75
C ILE A 26 3.12 -8.26 3.63
N TRP A 27 3.72 -9.35 4.05
CA TRP A 27 4.92 -9.26 4.94
C TRP A 27 6.19 -9.48 4.14
N THR A 28 7.22 -8.74 4.43
CA THR A 28 8.50 -8.90 3.70
C THR A 28 9.66 -8.51 4.61
N ARG A 29 9.40 -8.39 5.89
CA ARG A 29 10.49 -8.00 6.84
C ARG A 29 11.71 -8.91 6.60
N GLU A 30 11.51 -10.03 5.98
CA GLU A 30 12.66 -10.94 5.72
C GLU A 30 13.55 -10.34 4.62
N ALA A 31 13.00 -9.48 3.80
CA ALA A 31 13.81 -8.86 2.73
C ALA A 31 14.79 -7.86 3.34
N GLY A 32 14.31 -7.03 4.23
CA GLY A 32 15.21 -6.01 4.88
C GLY A 32 14.52 -4.64 4.87
N ALA A 33 15.18 -3.63 5.34
CA ALA A 33 14.56 -2.27 5.34
C ALA A 33 14.11 -1.90 3.94
N GLY A 34 13.25 -0.93 3.82
CA GLY A 34 12.76 -0.53 2.46
C GLY A 34 11.36 0.07 2.56
N GLY A 35 10.93 0.78 1.56
CA GLY A 35 9.56 1.39 1.60
C GLY A 35 8.57 0.46 0.92
N LEU A 36 7.60 0.00 1.66
CA LEU A 36 6.57 -0.92 1.07
C LEU A 36 5.43 -0.08 0.49
N ALA A 37 4.91 -0.46 -0.65
CA ALA A 37 3.79 0.32 -1.24
C ALA A 37 2.82 -0.66 -1.89
N ILE A 38 1.60 -0.26 -2.07
CA ILE A 38 0.61 -1.15 -2.72
C ILE A 38 -0.31 -0.24 -3.49
N ALA A 39 -0.69 -0.61 -4.67
CA ALA A 39 -1.58 0.26 -5.48
C ALA A 39 -3.01 -0.22 -5.32
N VAL A 40 -3.83 0.56 -4.66
CA VAL A 40 -5.24 0.13 -4.46
C VAL A 40 -6.10 0.72 -5.58
N GLU A 41 -6.51 -0.12 -6.50
CA GLU A 41 -7.38 0.33 -7.63
C GLU A 41 -8.77 -0.23 -7.41
N GLY A 42 -9.76 0.54 -7.69
CA GLY A 42 -11.13 0.03 -7.49
C GLY A 42 -12.17 1.04 -8.01
N PRO A 43 -13.37 0.59 -8.25
CA PRO A 43 -14.49 1.45 -8.74
C PRO A 43 -15.13 2.30 -7.63
N SER A 44 -14.58 2.28 -6.43
CA SER A 44 -15.17 3.08 -5.31
C SER A 44 -14.04 3.74 -4.53
N LYS A 45 -14.38 4.33 -3.43
CA LYS A 45 -13.36 4.98 -2.57
C LYS A 45 -12.62 3.87 -1.82
N ALA A 46 -11.91 4.20 -0.79
CA ALA A 46 -11.18 3.15 -0.02
C ALA A 46 -10.39 3.83 1.10
N GLU A 47 -10.73 3.55 2.33
CA GLU A 47 -10.00 4.18 3.48
C GLU A 47 -8.82 3.30 3.85
N ILE A 48 -7.62 3.79 3.67
CA ILE A 48 -6.41 2.99 4.02
C ILE A 48 -6.17 3.03 5.52
N SER A 49 -5.89 1.90 6.12
CA SER A 49 -5.63 1.88 7.58
C SER A 49 -4.90 0.59 7.96
N PHE A 50 -3.79 0.70 8.63
CA PHE A 50 -3.02 -0.52 9.01
C PHE A 50 -3.59 -1.09 10.31
N GLU A 51 -3.43 -2.37 10.53
CA GLU A 51 -3.97 -2.99 11.79
C GLU A 51 -3.00 -4.07 12.28
N ASP A 52 -2.71 -4.07 13.56
CA ASP A 52 -1.77 -5.09 14.11
C ASP A 52 -2.56 -6.34 14.51
N ARG A 53 -1.88 -7.35 14.98
CA ARG A 53 -2.59 -8.60 15.38
C ARG A 53 -1.81 -9.29 16.51
N LYS A 54 -2.45 -10.14 17.25
CA LYS A 54 -1.76 -10.85 18.36
C LYS A 54 -0.43 -11.42 17.85
N ASP A 55 -0.41 -11.89 16.65
CA ASP A 55 0.86 -12.47 16.09
C ASP A 55 1.82 -11.33 15.72
N GLY A 56 1.32 -10.12 15.66
CA GLY A 56 2.20 -8.97 15.31
C GLY A 56 2.44 -8.96 13.79
N SER A 57 1.52 -9.48 13.04
CA SER A 57 1.69 -9.49 11.56
C SER A 57 1.69 -8.06 11.02
N CYS A 58 1.75 -7.89 9.72
CA CYS A 58 1.75 -6.52 9.13
C CYS A 58 0.86 -6.51 7.88
N GLY A 59 -0.44 -6.52 8.06
CA GLY A 59 -1.37 -6.51 6.89
C GLY A 59 -2.18 -5.23 6.87
N VAL A 60 -2.40 -4.67 5.71
CA VAL A 60 -3.20 -3.41 5.59
C VAL A 60 -4.66 -3.77 5.32
N ALA A 61 -5.57 -2.88 5.63
CA ALA A 61 -7.02 -3.19 5.39
C ALA A 61 -7.77 -1.90 5.06
N TYR A 62 -8.89 -2.01 4.40
CA TYR A 62 -9.68 -0.80 4.06
C TYR A 62 -11.14 -1.18 3.76
N VAL A 63 -12.01 -0.22 3.72
CA VAL A 63 -13.46 -0.50 3.44
C VAL A 63 -13.81 -0.06 2.02
N VAL A 64 -14.90 -0.54 1.47
CA VAL A 64 -15.30 -0.14 0.09
C VAL A 64 -16.83 0.00 0.03
N GLN A 65 -17.33 0.76 -0.90
CA GLN A 65 -18.81 0.97 -1.02
C GLN A 65 -19.36 0.33 -2.28
N GLU A 66 -18.57 0.18 -3.30
CA GLU A 66 -19.10 -0.42 -4.56
C GLU A 66 -19.09 -1.96 -4.48
N PRO A 67 -20.24 -2.61 -4.54
CA PRO A 67 -20.29 -4.09 -4.49
C PRO A 67 -20.07 -4.69 -5.90
N GLY A 68 -19.16 -5.62 -6.04
CA GLY A 68 -18.91 -6.22 -7.38
C GLY A 68 -17.44 -6.61 -7.50
N ASP A 69 -16.86 -6.39 -8.65
CA ASP A 69 -15.44 -6.76 -8.85
C ASP A 69 -14.51 -5.63 -8.39
N TYR A 70 -13.82 -5.84 -7.30
CA TYR A 70 -12.87 -4.80 -6.80
C TYR A 70 -11.48 -5.13 -7.33
N GLU A 71 -10.48 -4.39 -6.96
CA GLU A 71 -9.12 -4.68 -7.48
C GLU A 71 -8.06 -4.18 -6.49
N VAL A 72 -6.95 -4.87 -6.42
CA VAL A 72 -5.85 -4.46 -5.49
C VAL A 72 -4.52 -4.63 -6.20
N SER A 73 -3.99 -3.59 -6.80
CA SER A 73 -2.69 -3.74 -7.48
C SER A 73 -1.58 -3.74 -6.43
N VAL A 74 -0.73 -4.74 -6.44
CA VAL A 74 0.36 -4.82 -5.44
C VAL A 74 1.67 -4.39 -6.09
N LYS A 75 2.50 -3.67 -5.39
CA LYS A 75 3.77 -3.21 -6.00
C LYS A 75 4.84 -2.98 -4.92
N PHE A 76 5.96 -3.61 -5.08
CA PHE A 76 7.09 -3.43 -4.12
C PHE A 76 8.19 -2.65 -4.85
N ASN A 77 8.64 -1.57 -4.28
CA ASN A 77 9.67 -0.76 -4.98
C ASN A 77 9.17 -0.45 -6.40
N GLU A 78 7.89 -0.30 -6.55
CA GLU A 78 7.29 -0.01 -7.88
C GLU A 78 7.49 -1.21 -8.82
N GLU A 79 7.43 -2.41 -8.29
CA GLU A 79 7.62 -3.63 -9.13
C GLU A 79 6.48 -4.61 -8.87
N HIS A 80 5.50 -4.64 -9.72
CA HIS A 80 4.36 -5.59 -9.53
C HIS A 80 4.95 -6.98 -9.24
N ILE A 81 4.86 -7.42 -8.01
CA ILE A 81 5.42 -8.75 -7.66
C ILE A 81 4.82 -9.83 -8.59
N PRO A 82 5.55 -10.88 -8.87
CA PRO A 82 5.07 -11.98 -9.77
C PRO A 82 3.59 -12.34 -9.55
N ASP A 83 3.07 -13.20 -10.41
CA ASP A 83 1.65 -13.66 -10.31
C ASP A 83 0.67 -12.49 -10.39
N SER A 84 0.81 -11.50 -9.55
CA SER A 84 -0.14 -10.35 -9.59
C SER A 84 -0.08 -9.69 -10.97
N PRO A 85 -0.89 -8.68 -11.25
CA PRO A 85 -1.89 -8.07 -10.30
C PRO A 85 -2.95 -9.07 -9.79
N PHE A 86 -3.24 -9.03 -8.52
CA PHE A 86 -4.24 -9.97 -7.94
C PHE A 86 -5.65 -9.39 -8.04
N VAL A 87 -6.61 -10.21 -8.38
CA VAL A 87 -8.02 -9.73 -8.47
C VAL A 87 -8.69 -9.94 -7.11
N VAL A 88 -9.70 -9.17 -6.79
CA VAL A 88 -10.38 -9.33 -5.47
C VAL A 88 -11.88 -9.08 -5.62
N PRO A 89 -12.62 -10.07 -6.04
CA PRO A 89 -14.10 -9.94 -6.20
C PRO A 89 -14.79 -9.64 -4.87
N VAL A 90 -15.47 -8.53 -4.75
CA VAL A 90 -16.14 -8.21 -3.45
C VAL A 90 -17.50 -8.93 -3.43
N ALA A 91 -17.68 -9.78 -2.46
CA ALA A 91 -18.96 -10.54 -2.35
C ALA A 91 -20.01 -9.64 -1.68
N SER A 92 -21.21 -10.15 -1.51
CA SER A 92 -22.28 -9.33 -0.88
C SER A 92 -22.23 -9.53 0.64
N PRO A 93 -22.66 -8.56 1.40
CA PRO A 93 -22.67 -8.65 2.89
C PRO A 93 -22.91 -10.06 3.39
N SER A 94 -22.20 -10.48 4.41
CA SER A 94 -22.40 -11.86 4.95
C SER A 94 -23.89 -12.13 5.08
N GLY A 95 -24.48 -12.75 4.10
CA GLY A 95 -25.93 -13.02 4.18
C GLY A 95 -26.44 -13.51 2.82
N TRP B 1 16.90 -0.47 0.61
CA TRP B 1 17.31 0.59 -0.34
C TRP B 1 17.05 0.10 -1.77
N LYS B 2 18.00 -0.56 -2.38
CA LYS B 2 17.87 -1.09 -3.79
C LYS B 2 17.01 -0.19 -4.66
N VAL B 3 16.63 -0.69 -5.81
CA VAL B 3 15.81 0.13 -6.75
C VAL B 3 14.73 0.83 -5.95
N GLY B 4 14.42 0.33 -4.81
CA GLY B 4 13.40 0.99 -3.99
C GLY B 4 13.73 2.48 -3.86
N PHE B 5 14.48 2.82 -2.85
CA PHE B 5 14.85 4.26 -2.55
C PHE B 5 14.28 5.31 -3.54
N PHE B 6 14.64 5.30 -4.80
CA PHE B 6 14.09 6.33 -5.75
C PHE B 6 12.75 5.89 -6.35
N LYS B 7 12.61 4.64 -6.72
CA LYS B 7 11.33 4.19 -7.29
C LYS B 7 10.48 3.75 -6.11
N ARG B 8 11.07 3.84 -4.96
CA ARG B 8 10.36 3.43 -3.74
C ARG B 8 9.20 4.39 -3.54
N ASN B 9 9.45 5.67 -3.63
CA ASN B 9 8.36 6.66 -3.46
C ASN B 9 7.30 6.45 -4.55
N ARG B 10 6.13 5.97 -4.18
CA ARG B 10 5.07 5.73 -5.20
C ARG B 10 4.98 6.94 -6.15
N PRO B 11 4.76 8.13 -5.63
CA PRO B 11 4.66 9.35 -6.49
C PRO B 11 5.67 9.33 -7.66
N PRO B 12 5.39 10.06 -8.71
CA PRO B 12 6.30 10.10 -9.90
C PRO B 12 7.58 10.89 -9.62
N LEU B 13 8.27 11.29 -10.65
CA LEU B 13 9.54 12.07 -10.44
C LEU B 13 9.20 13.41 -9.78
N GLU B 14 9.81 13.70 -8.67
CA GLU B 14 9.54 15.00 -7.98
C GLU B 14 10.28 16.13 -8.69
N GLU B 15 11.57 16.22 -8.47
CA GLU B 15 12.36 17.30 -9.13
C GLU B 15 13.85 16.98 -9.02
N ASP B 16 14.20 16.01 -8.23
CA ASP B 16 15.64 15.65 -8.08
C ASP B 16 16.10 14.88 -9.31
N ASP B 17 17.10 15.38 -10.00
CA ASP B 17 17.59 14.68 -11.22
C ASP B 17 18.54 13.55 -10.81
N GLU B 18 18.47 12.43 -11.47
CA GLU B 18 19.37 11.29 -11.11
C GLU B 18 19.24 10.19 -12.17
N GLU B 19 18.07 9.65 -12.33
CA GLU B 19 17.89 8.57 -13.35
C GLU B 19 18.92 7.47 -13.12
N GLY B 20 18.83 6.76 -12.03
CA GLY B 20 19.81 5.67 -11.76
C GLY B 20 19.58 4.51 -12.73
N GLU B 21 18.49 3.79 -12.57
CA GLU B 21 18.21 2.65 -13.48
C GLU B 21 19.45 1.74 -13.55
N LYS C 1 20.33 -0.30 2.87
CA LYS C 1 19.28 -1.33 3.10
C LYS C 1 19.16 -1.61 4.60
N LYS C 2 18.98 -0.58 5.38
CA LYS C 2 18.86 -0.78 6.86
C LYS C 2 18.46 0.55 7.51
N LYS C 3 18.34 1.58 6.73
CA LYS C 3 17.95 2.91 7.30
C LYS C 3 17.17 3.70 6.25
N ILE C 4 17.07 3.20 5.05
CA ILE C 4 16.32 3.94 4.00
C ILE C 4 14.90 4.22 4.48
N THR C 5 14.26 3.24 5.07
CA THR C 5 12.86 3.45 5.56
C THR C 5 12.90 4.31 6.82
N ILE C 6 13.74 3.99 7.76
CA ILE C 6 13.82 4.79 9.01
C ILE C 6 14.31 6.20 8.67
N HIS C 7 15.15 6.32 7.68
CA HIS C 7 15.66 7.67 7.29
C HIS C 7 14.54 8.50 6.69
N ASP C 8 13.84 7.97 5.73
CA ASP C 8 12.72 8.73 5.09
C ASP C 8 11.52 8.77 6.04
N ARG C 9 11.51 7.91 7.02
CA ARG C 9 10.36 7.90 7.97
C ARG C 9 10.04 9.31 8.43
N LYS C 10 11.02 10.05 8.86
CA LYS C 10 10.75 11.45 9.32
C LYS C 10 10.55 12.36 8.11
N GLU C 11 11.45 12.32 7.17
CA GLU C 11 11.29 13.18 5.96
C GLU C 11 9.86 13.04 5.44
N PHE C 12 9.33 11.86 5.57
CA PHE C 12 7.94 11.62 5.12
C PHE C 12 6.97 12.30 6.08
N ALA C 13 7.28 12.25 7.35
CA ALA C 13 6.39 12.88 8.36
C ALA C 13 6.17 14.36 8.03
N LYS C 14 7.22 15.07 7.70
CA LYS C 14 7.06 16.52 7.39
C LYS C 14 6.67 16.70 5.92
N PHE C 15 7.00 15.75 5.08
CA PHE C 15 6.64 15.90 3.64
C PHE C 15 5.13 16.08 3.50
N GLU C 16 4.39 15.78 4.55
CA GLU C 16 2.91 15.95 4.49
C GLU C 16 2.57 17.33 5.05
N GLU C 17 3.31 17.77 6.03
CA GLU C 17 3.07 19.12 6.59
C GLU C 17 3.59 20.11 5.56
N GLU C 18 4.33 19.61 4.62
CA GLU C 18 4.89 20.47 3.54
C GLU C 18 3.78 20.73 2.52
N ARG C 19 3.25 19.69 1.94
CA ARG C 19 2.16 19.87 0.94
C ARG C 19 0.83 19.97 1.68
N ALA C 20 0.84 19.74 2.97
CA ALA C 20 -0.42 19.82 3.76
C ALA C 20 -1.37 18.71 3.31
N ARG C 21 -1.74 17.83 4.20
CA ARG C 21 -2.66 16.73 3.84
C ARG C 21 -4.08 17.26 3.70
N ALA C 22 -5.08 16.43 3.90
CA ALA C 22 -6.49 16.90 3.77
C ALA C 22 -6.71 17.45 2.36
N LYS C 23 -7.94 17.48 1.92
CA LYS C 23 -8.23 17.99 0.55
C LYS C 23 -9.74 18.17 0.38
N TRP C 24 -10.19 18.42 -0.82
CA TRP C 24 -11.65 18.61 -1.04
C TRP C 24 -11.93 18.75 -2.54
N ASP C 25 -10.99 19.29 -3.27
CA ASP C 25 -11.19 19.46 -4.74
C ASP C 25 -11.00 18.11 -5.44
N THR C 26 -11.95 17.70 -6.24
CA THR C 26 -11.82 16.40 -6.95
C THR C 26 -12.98 16.25 -7.94
N ALA C 27 -12.67 15.97 -9.18
CA ALA C 27 -13.76 15.81 -10.20
C ALA C 27 -14.27 14.37 -10.17
N ASN C 28 -14.90 13.93 -11.23
CA ASN C 28 -15.42 12.54 -11.26
C ASN C 28 -14.26 11.56 -11.50
N ASN C 29 -14.03 10.66 -10.58
CA ASN C 29 -12.91 9.67 -10.74
C ASN C 29 -13.48 8.25 -10.80
N PRO C 30 -13.91 7.81 -11.95
CA PRO C 30 -14.50 6.45 -12.13
C PRO C 30 -13.63 5.36 -11.48
N LEU C 31 -12.49 5.06 -12.06
CA LEU C 31 -11.60 4.02 -11.47
C LEU C 31 -10.63 4.68 -10.50
N TYR C 32 -10.72 4.35 -9.23
CA TYR C 32 -9.80 4.96 -8.24
C TYR C 32 -8.38 4.43 -8.48
N LYS C 33 -7.45 4.80 -7.65
CA LYS C 33 -6.06 4.33 -7.84
C LYS C 33 -5.22 4.65 -6.61
N GLU C 34 -5.83 4.84 -5.49
CA GLU C 34 -5.04 5.15 -4.26
C GLU C 34 -3.95 4.10 -4.10
N ALA C 35 -2.95 4.37 -3.30
CA ALA C 35 -1.85 3.36 -3.12
C ALA C 35 -1.25 3.58 -1.73
N THR C 36 -0.07 3.05 -1.48
CA THR C 36 0.55 3.24 -0.14
C THR C 36 2.05 3.51 -0.31
N SER C 37 2.72 3.91 0.73
CA SER C 37 4.19 4.18 0.60
C SER C 37 4.83 4.19 2.00
N THR C 38 5.99 3.61 2.13
CA THR C 38 6.68 3.58 3.45
C THR C 38 5.84 2.77 4.44
N PHE C 39 5.64 3.31 5.62
CA PHE C 39 4.82 2.57 6.63
C PHE C 39 4.42 3.54 7.75
N THR C 40 3.15 3.81 7.89
CA THR C 40 2.69 4.74 8.94
C THR C 40 3.29 4.31 10.29
N ASN C 41 3.53 3.05 10.47
CA ASN C 41 4.11 2.58 11.77
C ASN C 41 3.27 3.11 12.92
N ILE C 42 2.21 2.41 13.26
CA ILE C 42 1.34 2.87 14.38
C ILE C 42 2.20 3.10 15.63
N THR C 43 1.74 3.94 16.52
CA THR C 43 2.52 4.20 17.76
C THR C 43 2.71 2.90 18.54
N TYR C 44 1.70 2.06 18.56
CA TYR C 44 1.82 0.77 19.30
C TYR C 44 2.79 -0.17 18.57
N ARG C 45 3.67 0.37 17.77
CA ARG C 45 4.66 -0.49 17.05
C ARG C 45 3.91 -1.64 16.37
N GLY C 46 4.62 -2.65 15.95
CA GLY C 46 3.96 -3.80 15.27
C GLY C 46 5.01 -4.63 14.54
N THR C 47 5.92 -5.24 15.26
CA THR C 47 6.97 -6.06 14.59
C THR C 47 7.59 -7.00 15.61
N GLY A 1 17.05 -5.87 -1.91
CA GLY A 1 15.66 -6.01 -2.45
C GLY A 1 14.95 -7.15 -1.73
N GLY A 2 14.24 -7.98 -2.46
CA GLY A 2 13.52 -9.13 -1.83
C GLY A 2 12.10 -9.23 -2.41
N ALA A 3 11.81 -8.48 -3.45
CA ALA A 3 10.45 -8.55 -4.05
C ALA A 3 10.07 -10.01 -4.27
N HIS A 4 11.03 -10.90 -4.21
CA HIS A 4 10.73 -12.34 -4.41
C HIS A 4 10.53 -13.00 -3.05
N LYS A 5 11.39 -12.69 -2.10
CA LYS A 5 11.24 -13.27 -0.74
C LYS A 5 10.10 -12.56 -0.02
N VAL A 6 9.24 -11.93 -0.77
CA VAL A 6 8.11 -11.19 -0.14
C VAL A 6 7.03 -12.17 0.31
N ARG A 7 6.23 -11.77 1.26
CA ARG A 7 5.11 -12.64 1.75
C ARG A 7 3.80 -12.00 1.32
N ALA A 8 2.86 -12.77 0.82
CA ALA A 8 1.56 -12.16 0.39
C ALA A 8 0.45 -13.20 0.53
N GLY A 9 -0.54 -12.90 1.32
CA GLY A 9 -1.67 -13.84 1.50
C GLY A 9 -2.71 -13.20 2.42
N GLY A 10 -3.92 -13.66 2.37
CA GLY A 10 -4.97 -13.06 3.24
C GLY A 10 -6.36 -13.48 2.75
N PRO A 11 -7.34 -13.45 3.62
CA PRO A 11 -8.73 -13.81 3.25
C PRO A 11 -9.43 -12.64 2.55
N GLY A 12 -8.81 -11.48 2.55
CA GLY A 12 -9.42 -10.28 1.91
C GLY A 12 -8.84 -10.07 0.51
N LEU A 13 -7.57 -10.36 0.31
CA LEU A 13 -6.98 -10.14 -1.05
C LEU A 13 -7.61 -11.14 -2.03
N GLU A 14 -8.13 -12.23 -1.55
CA GLU A 14 -8.77 -13.22 -2.47
C GLU A 14 -10.14 -12.68 -2.86
N ARG A 15 -10.81 -12.06 -1.94
CA ARG A 15 -12.16 -11.49 -2.20
C ARG A 15 -12.70 -10.89 -0.89
N ALA A 16 -13.84 -10.28 -0.93
CA ALA A 16 -14.38 -9.68 0.32
C ALA A 16 -15.81 -9.22 0.07
N GLU A 17 -16.31 -8.33 0.90
CA GLU A 17 -17.71 -7.83 0.74
C GLU A 17 -17.68 -6.30 0.61
N ALA A 18 -18.64 -5.76 -0.06
CA ALA A 18 -18.70 -4.28 -0.22
C ALA A 18 -18.94 -3.63 1.15
N GLY A 19 -18.22 -2.60 1.46
CA GLY A 19 -18.41 -1.93 2.78
C GLY A 19 -17.83 -2.80 3.90
N VAL A 20 -16.83 -3.59 3.61
CA VAL A 20 -16.22 -4.48 4.65
C VAL A 20 -14.68 -4.37 4.58
N PRO A 21 -14.02 -3.96 5.65
CA PRO A 21 -12.53 -3.82 5.66
C PRO A 21 -11.83 -5.00 4.97
N ALA A 22 -11.28 -4.78 3.81
CA ALA A 22 -10.56 -5.89 3.12
C ALA A 22 -9.18 -6.05 3.78
N GLU A 23 -9.04 -7.03 4.62
CA GLU A 23 -7.74 -7.23 5.34
C GLU A 23 -6.80 -8.14 4.54
N PHE A 24 -5.57 -8.23 4.99
CA PHE A 24 -4.57 -9.12 4.33
C PHE A 24 -3.24 -8.98 5.07
N SER A 25 -2.22 -9.68 4.61
CA SER A 25 -0.88 -9.60 5.28
C SER A 25 0.22 -9.59 4.22
N ILE A 26 1.15 -8.69 4.36
CA ILE A 26 2.29 -8.61 3.39
C ILE A 26 3.56 -8.32 4.19
N TRP A 27 4.32 -9.35 4.46
CA TRP A 27 5.58 -9.16 5.25
C TRP A 27 6.75 -9.00 4.29
N THR A 28 7.67 -8.12 4.61
CA THR A 28 8.83 -7.90 3.71
C THR A 28 9.94 -7.19 4.48
N ARG A 29 9.80 -7.07 5.78
CA ARG A 29 10.85 -6.38 6.58
C ARG A 29 12.08 -7.29 6.66
N GLU A 30 11.87 -8.58 6.83
CA GLU A 30 13.03 -9.51 6.91
C GLU A 30 13.59 -9.75 5.51
N ALA A 31 12.74 -9.76 4.52
CA ALA A 31 13.23 -9.99 3.13
C ALA A 31 14.22 -8.89 2.75
N GLY A 32 14.30 -7.85 3.54
CA GLY A 32 15.24 -6.74 3.24
C GLY A 32 14.62 -5.41 3.67
N ALA A 33 15.38 -4.57 4.30
CA ALA A 33 14.83 -3.25 4.74
C ALA A 33 14.26 -2.50 3.53
N GLY A 34 13.43 -1.51 3.76
CA GLY A 34 12.84 -0.75 2.62
C GLY A 34 11.44 -0.30 2.98
N GLY A 35 10.92 0.70 2.30
CA GLY A 35 9.56 1.21 2.62
C GLY A 35 8.54 0.49 1.74
N LEU A 36 7.27 0.58 2.10
CA LEU A 36 6.21 -0.10 1.30
C LEU A 36 5.64 0.90 0.28
N ALA A 37 5.36 0.44 -0.91
CA ALA A 37 4.78 1.33 -1.96
C ALA A 37 3.82 0.50 -2.81
N ILE A 38 2.56 0.84 -2.82
CA ILE A 38 1.59 0.03 -3.64
C ILE A 38 0.56 0.97 -4.22
N ALA A 39 -0.11 0.54 -5.24
CA ALA A 39 -1.17 1.38 -5.87
C ALA A 39 -2.52 0.83 -5.43
N VAL A 40 -3.30 1.59 -4.70
CA VAL A 40 -4.62 1.06 -4.25
C VAL A 40 -5.66 1.42 -5.31
N GLU A 41 -6.08 0.43 -6.03
CA GLU A 41 -7.09 0.64 -7.11
C GLU A 41 -8.44 0.17 -6.59
N GLY A 42 -9.47 0.71 -7.11
CA GLY A 42 -10.82 0.30 -6.67
C GLY A 42 -11.86 1.25 -7.28
N PRO A 43 -12.98 0.76 -7.74
CA PRO A 43 -14.04 1.63 -8.32
C PRO A 43 -14.76 2.46 -7.24
N SER A 44 -14.17 2.54 -6.07
CA SER A 44 -14.79 3.33 -4.97
C SER A 44 -13.70 4.01 -4.16
N LYS A 45 -14.05 4.52 -3.03
CA LYS A 45 -13.06 5.17 -2.15
C LYS A 45 -12.19 4.08 -1.51
N ALA A 46 -11.53 4.37 -0.44
CA ALA A 46 -10.68 3.35 0.21
C ALA A 46 -10.01 3.97 1.45
N GLU A 47 -10.34 3.49 2.62
CA GLU A 47 -9.73 4.04 3.86
C GLU A 47 -8.39 3.36 4.12
N ILE A 48 -7.35 4.15 4.27
CA ILE A 48 -6.00 3.57 4.54
C ILE A 48 -5.74 3.54 6.05
N SER A 49 -5.62 2.38 6.63
CA SER A 49 -5.37 2.30 8.09
C SER A 49 -4.59 1.02 8.41
N PHE A 50 -3.49 1.14 9.09
CA PHE A 50 -2.68 -0.06 9.43
C PHE A 50 -3.25 -0.71 10.70
N GLU A 51 -2.93 -1.95 10.96
CA GLU A 51 -3.47 -2.62 12.17
C GLU A 51 -2.55 -3.79 12.56
N ASP A 52 -2.23 -3.90 13.82
CA ASP A 52 -1.35 -5.02 14.28
C ASP A 52 -2.21 -6.15 14.82
N ARG A 53 -1.61 -7.25 15.23
CA ARG A 53 -2.39 -8.40 15.77
C ARG A 53 -1.67 -8.99 16.97
N LYS A 54 -2.34 -9.80 17.74
CA LYS A 54 -1.69 -10.41 18.93
C LYS A 54 -0.32 -11.00 18.53
N ASP A 55 -0.21 -11.50 17.34
CA ASP A 55 1.09 -12.07 16.90
C ASP A 55 2.03 -10.95 16.48
N GLY A 56 1.56 -9.73 16.48
CA GLY A 56 2.43 -8.59 16.08
C GLY A 56 2.71 -8.66 14.58
N SER A 57 1.86 -9.31 13.83
CA SER A 57 2.07 -9.42 12.36
C SER A 57 2.15 -8.01 11.77
N CYS A 58 2.18 -7.91 10.46
CA CYS A 58 2.26 -6.57 9.80
C CYS A 58 1.34 -6.55 8.58
N GLY A 59 0.04 -6.47 8.80
CA GLY A 59 -0.93 -6.45 7.65
C GLY A 59 -1.66 -5.11 7.64
N VAL A 60 -2.31 -4.80 6.55
CA VAL A 60 -3.07 -3.51 6.44
C VAL A 60 -4.45 -3.81 5.87
N ALA A 61 -5.42 -2.96 6.10
CA ALA A 61 -6.80 -3.23 5.59
C ALA A 61 -7.34 -2.02 4.82
N TYR A 62 -8.31 -2.26 3.96
CA TYR A 62 -8.92 -1.15 3.17
C TYR A 62 -10.42 -1.41 3.02
N VAL A 63 -11.24 -0.44 3.36
CA VAL A 63 -12.72 -0.64 3.22
C VAL A 63 -13.13 -0.17 1.82
N VAL A 64 -14.25 -0.62 1.33
CA VAL A 64 -14.70 -0.19 -0.03
C VAL A 64 -16.24 -0.11 -0.03
N GLN A 65 -16.81 0.74 -0.83
CA GLN A 65 -18.30 0.89 -0.86
C GLN A 65 -18.91 0.38 -2.16
N GLU A 66 -18.15 0.33 -3.21
CA GLU A 66 -18.71 -0.13 -4.50
C GLU A 66 -18.73 -1.66 -4.58
N PRO A 67 -19.89 -2.28 -4.70
CA PRO A 67 -19.97 -3.76 -4.81
C PRO A 67 -19.61 -4.22 -6.22
N GLY A 68 -18.67 -5.12 -6.37
CA GLY A 68 -18.32 -5.58 -7.74
C GLY A 68 -16.85 -6.00 -7.79
N ASP A 69 -16.17 -5.69 -8.86
CA ASP A 69 -14.74 -6.08 -8.98
C ASP A 69 -13.83 -4.97 -8.45
N TYR A 70 -13.23 -5.18 -7.31
CA TYR A 70 -12.31 -4.18 -6.71
C TYR A 70 -10.90 -4.81 -6.73
N GLU A 71 -9.84 -4.03 -6.73
CA GLU A 71 -8.48 -4.66 -6.81
C GLU A 71 -7.41 -3.81 -6.12
N VAL A 72 -6.43 -4.43 -5.53
CA VAL A 72 -5.32 -3.69 -4.84
C VAL A 72 -4.01 -4.02 -5.53
N SER A 73 -3.31 -3.03 -6.01
CA SER A 73 -2.00 -3.31 -6.67
C SER A 73 -0.96 -3.57 -5.59
N VAL A 74 0.01 -4.41 -5.85
CA VAL A 74 1.07 -4.72 -4.83
C VAL A 74 2.45 -4.49 -5.43
N LYS A 75 3.23 -3.59 -4.88
CA LYS A 75 4.59 -3.31 -5.42
C LYS A 75 5.59 -3.20 -4.28
N PHE A 76 6.70 -3.86 -4.38
CA PHE A 76 7.75 -3.78 -3.32
C PHE A 76 8.88 -2.91 -3.86
N ASN A 77 8.91 -1.65 -3.50
CA ASN A 77 9.97 -0.75 -4.03
C ASN A 77 9.76 -0.60 -5.54
N GLU A 78 8.54 -0.41 -5.96
CA GLU A 78 8.24 -0.24 -7.42
C GLU A 78 8.53 -1.56 -8.16
N GLU A 79 8.31 -2.68 -7.54
CA GLU A 79 8.56 -4.00 -8.20
C GLU A 79 7.35 -4.92 -8.03
N HIS A 80 6.40 -4.84 -8.92
CA HIS A 80 5.19 -5.71 -8.83
C HIS A 80 5.64 -7.14 -8.50
N ILE A 81 5.34 -7.61 -7.31
CA ILE A 81 5.76 -8.97 -6.93
C ILE A 81 5.03 -10.01 -7.82
N PRO A 82 5.68 -11.09 -8.20
CA PRO A 82 5.05 -12.13 -9.07
C PRO A 82 3.61 -12.49 -8.64
N ASP A 83 2.96 -13.33 -9.40
CA ASP A 83 1.57 -13.75 -9.04
C ASP A 83 0.67 -12.53 -8.82
N SER A 84 1.02 -11.39 -9.37
CA SER A 84 0.16 -10.18 -9.19
C SER A 84 0.07 -9.43 -10.53
N PRO A 85 -0.70 -8.36 -10.63
CA PRO A 85 -1.53 -7.76 -9.52
C PRO A 85 -2.60 -8.72 -8.97
N PHE A 86 -2.89 -8.64 -7.70
CA PHE A 86 -3.90 -9.55 -7.10
C PHE A 86 -5.31 -8.97 -7.27
N VAL A 87 -6.09 -9.57 -8.13
CA VAL A 87 -7.48 -9.07 -8.32
C VAL A 87 -8.29 -9.45 -7.07
N VAL A 88 -9.02 -8.53 -6.51
CA VAL A 88 -9.81 -8.82 -5.27
C VAL A 88 -11.29 -8.53 -5.51
N PRO A 89 -12.01 -9.47 -6.07
CA PRO A 89 -13.47 -9.30 -6.34
C PRO A 89 -14.28 -9.13 -5.04
N VAL A 90 -15.04 -8.07 -4.92
CA VAL A 90 -15.84 -7.89 -3.66
C VAL A 90 -17.19 -8.59 -3.85
N ALA A 91 -17.50 -9.49 -2.96
CA ALA A 91 -18.79 -10.22 -3.05
C ALA A 91 -19.90 -9.35 -2.47
N SER A 92 -21.11 -9.83 -2.46
CA SER A 92 -22.25 -9.03 -1.91
C SER A 92 -22.39 -9.34 -0.42
N PRO A 93 -22.91 -8.42 0.35
CA PRO A 93 -23.11 -8.61 1.82
C PRO A 93 -23.43 -10.06 2.18
N SER A 94 -22.81 -10.57 3.22
CA SER A 94 -23.08 -11.98 3.62
C SER A 94 -24.59 -12.23 3.62
N GLY A 95 -25.11 -12.74 2.54
CA GLY A 95 -26.57 -12.98 2.48
C GLY A 95 -26.98 -13.32 1.04
N TRP B 1 13.41 0.15 0.00
CA TRP B 1 14.25 1.20 -0.64
C TRP B 1 14.81 0.63 -1.96
N LYS B 2 16.06 0.89 -2.25
CA LYS B 2 16.65 0.37 -3.51
C LYS B 2 15.74 0.72 -4.67
N VAL B 3 16.13 0.33 -5.86
CA VAL B 3 15.34 0.62 -7.11
C VAL B 3 14.12 1.52 -6.82
N GLY B 4 13.18 1.05 -6.07
CA GLY B 4 12.02 1.92 -5.75
C GLY B 4 12.49 3.32 -5.32
N PHE B 5 12.78 3.48 -4.06
CA PHE B 5 13.23 4.79 -3.45
C PHE B 5 13.13 6.02 -4.40
N PHE B 6 13.92 6.10 -5.45
CA PHE B 6 13.84 7.28 -6.36
C PHE B 6 12.69 7.12 -7.37
N LYS B 7 12.45 5.93 -7.86
CA LYS B 7 11.32 5.72 -8.80
C LYS B 7 10.13 5.31 -7.95
N ARG B 8 10.40 5.04 -6.71
CA ARG B 8 9.33 4.61 -5.80
C ARG B 8 8.27 5.72 -5.75
N ASN B 9 8.70 6.96 -5.80
CA ASN B 9 7.73 8.10 -5.75
C ASN B 9 6.52 7.78 -6.64
N ARG B 10 5.45 7.33 -6.05
CA ARG B 10 4.23 6.98 -6.85
C ARG B 10 3.97 8.05 -7.94
N PRO B 11 3.80 9.32 -7.60
CA PRO B 11 3.57 10.38 -8.63
C PRO B 11 4.67 10.39 -9.70
N PRO B 12 4.43 11.05 -10.80
CA PRO B 12 5.42 11.14 -11.92
C PRO B 12 6.61 12.04 -11.56
N LEU B 13 7.35 12.48 -12.54
CA LEU B 13 8.51 13.36 -12.25
C LEU B 13 8.02 14.78 -11.96
N GLU B 14 8.31 15.29 -10.80
CA GLU B 14 7.86 16.68 -10.45
C GLU B 14 8.53 17.12 -9.15
N GLU B 15 9.14 16.22 -8.45
CA GLU B 15 9.82 16.60 -7.18
C GLU B 15 10.96 17.57 -7.48
N ASP B 16 11.21 18.49 -6.59
CA ASP B 16 12.31 19.47 -6.82
C ASP B 16 13.66 18.82 -6.53
N ASP B 17 14.65 19.06 -7.35
CA ASP B 17 15.98 18.45 -7.12
C ASP B 17 15.83 16.94 -6.94
N GLU B 18 15.85 16.20 -8.01
CA GLU B 18 15.70 14.72 -7.91
C GLU B 18 16.83 14.16 -7.03
N GLU B 19 16.53 13.87 -5.79
CA GLU B 19 17.59 13.32 -4.89
C GLU B 19 17.97 11.92 -5.35
N GLY B 20 18.39 11.78 -6.58
CA GLY B 20 18.77 10.43 -7.08
C GLY B 20 20.18 10.08 -6.57
N GLU B 21 20.35 10.04 -5.27
CA GLU B 21 21.69 9.71 -4.72
C GLU B 21 21.53 9.27 -3.26
N LYS C 1 19.63 -5.35 7.22
CA LYS C 1 18.38 -5.67 6.46
C LYS C 1 17.17 -5.40 7.35
N LYS C 2 17.18 -4.32 8.07
CA LYS C 2 16.03 -4.00 8.97
C LYS C 2 16.23 -2.62 9.59
N LYS C 3 16.43 -1.61 8.77
CA LYS C 3 16.64 -0.25 9.30
C LYS C 3 16.28 0.78 8.22
N ILE C 4 16.60 0.50 6.99
CA ILE C 4 16.27 1.47 5.90
C ILE C 4 14.75 1.68 5.84
N THR C 5 13.99 0.66 6.14
CA THR C 5 12.51 0.81 6.12
C THR C 5 12.12 2.01 7.00
N ILE C 6 12.57 2.02 8.21
CA ILE C 6 12.24 3.15 9.12
C ILE C 6 12.51 4.47 8.41
N HIS C 7 13.61 4.57 7.71
CA HIS C 7 13.92 5.84 6.99
C HIS C 7 12.72 6.26 6.16
N ASP C 8 11.88 5.33 5.78
CA ASP C 8 10.68 5.68 4.96
C ASP C 8 9.54 6.11 5.88
N ARG C 9 9.73 6.03 7.17
CA ARG C 9 8.65 6.43 8.11
C ARG C 9 8.55 7.96 8.13
N LYS C 10 9.66 8.64 8.04
CA LYS C 10 9.62 10.13 8.07
C LYS C 10 9.44 10.69 6.66
N GLU C 11 9.77 9.94 5.65
CA GLU C 11 9.61 10.45 4.26
C GLU C 11 8.12 10.76 4.04
N PHE C 12 7.28 10.06 4.75
CA PHE C 12 5.82 10.28 4.61
C PHE C 12 5.43 11.58 5.33
N ALA C 13 5.91 11.75 6.53
CA ALA C 13 5.57 12.98 7.30
C ALA C 13 5.89 14.23 6.46
N LYS C 14 6.94 14.18 5.70
CA LYS C 14 7.31 15.37 4.86
C LYS C 14 6.57 15.30 3.52
N PHE C 15 6.60 14.18 2.88
CA PHE C 15 5.93 14.04 1.56
C PHE C 15 4.53 14.67 1.60
N GLU C 16 4.03 14.94 2.78
CA GLU C 16 2.68 15.57 2.88
C GLU C 16 2.85 17.09 2.95
N GLU C 17 3.90 17.52 3.60
CA GLU C 17 4.15 18.97 3.69
C GLU C 17 4.71 19.41 2.34
N GLU C 18 5.05 18.44 1.55
CA GLU C 18 5.60 18.71 0.20
C GLU C 18 4.43 19.02 -0.74
N ARG C 19 3.55 18.07 -0.91
CA ARG C 19 2.37 18.30 -1.80
C ARG C 19 1.29 19.04 -1.00
N ALA C 20 1.48 19.19 0.28
CA ALA C 20 0.46 19.90 1.10
C ALA C 20 -0.86 19.13 1.05
N ARG C 21 -1.19 18.43 2.10
CA ARG C 21 -2.47 17.65 2.12
C ARG C 21 -3.61 18.54 1.62
N ALA C 22 -3.66 19.75 2.09
CA ALA C 22 -4.75 20.68 1.66
C ALA C 22 -4.90 20.61 0.14
N LYS C 23 -6.04 21.01 -0.36
CA LYS C 23 -6.26 20.97 -1.84
C LYS C 23 -6.06 19.54 -2.36
N TRP C 24 -6.57 19.23 -3.51
CA TRP C 24 -6.41 17.86 -4.07
C TRP C 24 -6.53 17.90 -5.60
N ASP C 25 -5.74 17.14 -6.29
CA ASP C 25 -5.81 17.15 -7.78
C ASP C 25 -6.99 16.27 -8.23
N THR C 26 -7.70 16.70 -9.25
CA THR C 26 -8.86 15.91 -9.74
C THR C 26 -8.45 14.43 -9.89
N ALA C 27 -8.92 13.58 -9.01
CA ALA C 27 -8.56 12.14 -9.10
C ALA C 27 -9.60 11.31 -8.37
N ASN C 28 -10.66 11.93 -7.90
CA ASN C 28 -11.71 11.17 -7.17
C ASN C 28 -12.63 10.48 -8.19
N ASN C 29 -12.22 10.41 -9.42
CA ASN C 29 -13.06 9.75 -10.46
C ASN C 29 -13.44 8.34 -9.98
N PRO C 30 -14.57 7.83 -10.42
CA PRO C 30 -15.03 6.47 -10.01
C PRO C 30 -13.88 5.48 -9.86
N LEU C 31 -12.94 5.51 -10.77
CA LEU C 31 -11.78 4.56 -10.69
C LEU C 31 -10.71 5.17 -9.78
N TYR C 32 -10.74 4.87 -8.52
CA TYR C 32 -9.71 5.43 -7.59
C TYR C 32 -8.35 4.84 -7.93
N LYS C 33 -7.32 5.27 -7.26
CA LYS C 33 -5.96 4.74 -7.54
C LYS C 33 -4.96 5.26 -6.49
N GLU C 34 -5.39 5.42 -5.27
CA GLU C 34 -4.45 5.90 -4.22
C GLU C 34 -3.22 5.00 -4.18
N ALA C 35 -2.36 5.16 -3.20
CA ALA C 35 -1.16 4.30 -3.13
C ALA C 35 -0.60 4.35 -1.70
N THR C 36 0.15 3.35 -1.31
CA THR C 36 0.72 3.36 0.07
C THR C 36 2.11 4.00 0.04
N SER C 37 2.58 4.47 1.17
CA SER C 37 3.92 5.10 1.20
C SER C 37 4.34 5.36 2.66
N THR C 38 4.54 4.32 3.42
CA THR C 38 4.94 4.51 4.84
C THR C 38 5.40 3.19 5.43
N PHE C 39 5.02 2.89 6.64
CA PHE C 39 5.43 1.60 7.27
C PHE C 39 4.71 1.43 8.60
N THR C 40 3.40 1.40 8.59
CA THR C 40 2.64 1.24 9.86
C THR C 40 3.00 2.36 10.83
N ASN C 41 2.18 2.60 11.81
CA ASN C 41 2.48 3.68 12.80
C ASN C 41 1.79 3.36 14.12
N ILE C 42 0.51 3.09 14.09
CA ILE C 42 -0.22 2.77 15.35
C ILE C 42 0.40 1.52 15.99
N THR C 43 0.97 1.67 17.16
CA THR C 43 1.59 0.49 17.83
C THR C 43 0.49 -0.42 18.38
N TYR C 44 -0.61 0.15 18.80
CA TYR C 44 -1.71 -0.69 19.33
C TYR C 44 -1.18 -1.58 20.46
N ARG C 45 -0.75 -0.99 21.55
CA ARG C 45 -0.21 -1.80 22.68
C ARG C 45 0.85 -2.77 22.15
N GLY C 46 0.66 -4.04 22.38
CA GLY C 46 1.66 -5.04 21.88
C GLY C 46 2.90 -5.00 22.77
N THR C 47 2.95 -5.81 23.79
CA THR C 47 4.14 -5.80 24.69
C THR C 47 4.17 -7.11 25.48
#